data_6J0C
#
_entry.id   6J0C
#
_entity_poly.entity_id   1
_entity_poly.type   'polypeptide(L)'
_entity_poly.pdbx_seq_one_letter_code
;MTTVTSYPGVYIEELNSLALSVSNSATAVPVFAVDEQNQYISEDNAIRINSWMDYLNLIGNFNNEDKLDVSVRAYFANGG
GYCYLVKTTSLEKIIPTLDDVTLLVAAGEDIKTTVDVLCQPGKGLFAVFDGPETELTINGAEEAKQAYTATPFAAVYYPW
LKADWANIDIPPSAVMAGVYASVDLSRGVWKAPANVALKGGLEPKFLVTDELQGEYNTGRAINMIRNFSNTGTTVWGART
LEDKDNWRYVPVRRLFNSVERDIKRAMSFAMFEPNNQPTWERVRAAISNYLYSLWQQGGLAGSKEEDAYFVQIGKGITMT
QEQIDAGQMIVKVGLAAVRPAEFIILQFTQDVEQR
;
_entity_poly.pdbx_strand_id   A,B,C,D,E,F,a,b,c,d,e,f
#
# COMPACT_ATOMS: atom_id res chain seq x y z
N THR A 2 -35.97 -27.93 -56.22
CA THR A 2 -35.18 -29.15 -56.03
C THR A 2 -36.07 -30.38 -56.06
N THR A 3 -36.60 -30.75 -54.90
CA THR A 3 -37.46 -31.91 -54.77
C THR A 3 -38.92 -31.47 -54.67
N VAL A 4 -39.80 -32.23 -55.32
CA VAL A 4 -41.23 -31.99 -55.24
C VAL A 4 -41.85 -33.19 -54.52
N THR A 5 -42.76 -32.91 -53.60
CA THR A 5 -43.39 -33.95 -52.79
C THR A 5 -44.87 -33.98 -53.17
N SER A 6 -45.27 -35.02 -53.89
CA SER A 6 -46.64 -35.14 -54.38
C SER A 6 -47.44 -36.19 -53.64
N TYR A 7 -46.93 -37.41 -53.55
CA TYR A 7 -47.63 -38.52 -52.93
C TYR A 7 -46.93 -38.91 -51.64
N PRO A 8 -47.65 -39.48 -50.66
CA PRO A 8 -47.00 -39.95 -49.44
C PRO A 8 -46.16 -41.18 -49.72
N GLY A 9 -44.88 -41.11 -49.35
CA GLY A 9 -43.97 -42.18 -49.65
C GLY A 9 -42.56 -41.79 -49.22
N VAL A 10 -41.60 -42.60 -49.66
CA VAL A 10 -40.20 -42.38 -49.34
C VAL A 10 -39.50 -41.88 -50.59
N TYR A 11 -38.88 -40.71 -50.49
CA TYR A 11 -38.21 -40.08 -51.62
C TYR A 11 -36.70 -40.15 -51.41
N ILE A 12 -36.00 -40.77 -52.34
CA ILE A 12 -34.55 -40.79 -52.34
C ILE A 12 -34.07 -39.74 -53.33
N GLU A 13 -33.32 -38.76 -52.87
CA GLU A 13 -32.65 -37.83 -53.75
C GLU A 13 -31.21 -37.69 -53.29
N GLU A 14 -30.29 -37.78 -54.24
CA GLU A 14 -28.87 -37.80 -53.93
C GLU A 14 -28.27 -36.47 -54.35
N LEU A 15 -28.13 -35.55 -53.39
CA LEU A 15 -27.43 -34.31 -53.64
C LEU A 15 -25.94 -34.56 -53.45
N ASN A 16 -25.14 -34.12 -54.40
CA ASN A 16 -23.70 -34.35 -54.36
C ASN A 16 -23.00 -33.05 -54.69
N SER A 17 -21.96 -32.73 -53.91
CA SER A 17 -21.18 -31.53 -54.13
C SER A 17 -20.35 -31.66 -55.41
N LEU A 18 -19.79 -30.54 -55.84
CA LEU A 18 -18.93 -30.51 -57.01
C LEU A 18 -17.63 -31.23 -56.69
N ALA A 19 -17.44 -32.42 -57.25
CA ALA A 19 -16.22 -33.18 -57.07
C ALA A 19 -15.26 -32.82 -58.20
N LEU A 20 -14.15 -32.18 -57.84
CA LEU A 20 -13.21 -31.66 -58.81
C LEU A 20 -11.82 -32.18 -58.49
N SER A 21 -11.19 -32.83 -59.45
CA SER A 21 -9.82 -33.30 -59.29
C SER A 21 -9.09 -33.09 -60.60
N VAL A 22 -7.78 -32.95 -60.51
CA VAL A 22 -6.93 -32.57 -61.64
C VAL A 22 -6.11 -33.79 -62.06
N SER A 23 -6.24 -34.17 -63.32
CA SER A 23 -5.57 -35.34 -63.86
C SER A 23 -4.36 -34.90 -64.68
N ASN A 24 -3.23 -35.57 -64.45
CA ASN A 24 -2.00 -35.28 -65.18
C ASN A 24 -1.71 -36.46 -66.10
N SER A 25 -1.72 -36.22 -67.41
CA SER A 25 -1.49 -37.29 -68.36
C SER A 25 -1.01 -36.70 -69.68
N ALA A 26 -0.23 -37.51 -70.41
CA ALA A 26 0.24 -37.23 -71.77
C ALA A 26 1.05 -35.93 -71.83
N THR A 27 2.19 -35.94 -71.15
CA THR A 27 3.02 -34.75 -71.07
C THR A 27 3.72 -34.47 -72.40
N ALA A 28 4.30 -35.49 -73.02
CA ALA A 28 5.04 -35.33 -74.26
C ALA A 28 4.60 -36.39 -75.27
N VAL A 29 3.58 -36.06 -76.05
CA VAL A 29 3.09 -36.89 -77.15
C VAL A 29 3.31 -36.10 -78.43
N PRO A 30 4.22 -36.53 -79.30
CA PRO A 30 4.60 -35.71 -80.45
C PRO A 30 3.78 -36.03 -81.69
N VAL A 31 3.89 -35.15 -82.67
CA VAL A 31 3.40 -35.39 -84.02
C VAL A 31 4.59 -35.23 -84.95
N PHE A 32 4.57 -35.95 -86.06
CA PHE A 32 5.67 -35.90 -87.02
C PHE A 32 5.14 -35.40 -88.34
N ALA A 33 5.59 -34.21 -88.73
CA ALA A 33 5.30 -33.70 -90.06
C ALA A 33 6.06 -34.55 -91.06
N VAL A 34 5.35 -35.47 -91.72
CA VAL A 34 6.03 -36.38 -92.63
C VAL A 34 6.45 -35.64 -93.90
N ASP A 35 7.34 -36.27 -94.65
CA ASP A 35 7.74 -35.75 -95.94
C ASP A 35 6.56 -35.79 -96.90
N GLU A 36 6.46 -34.77 -97.75
CA GLU A 36 5.34 -34.67 -98.67
C GLU A 36 5.40 -35.76 -99.74
N GLN A 37 6.60 -36.24 -100.06
CA GLN A 37 6.77 -37.26 -101.08
C GLN A 37 6.39 -38.65 -100.61
N ASN A 38 6.33 -38.89 -99.29
CA ASN A 38 6.05 -40.21 -98.75
C ASN A 38 4.62 -40.61 -99.07
N GLN A 39 4.47 -41.60 -99.96
CA GLN A 39 3.17 -41.97 -100.50
C GLN A 39 2.35 -42.82 -99.55
N TYR A 40 2.93 -43.27 -98.43
CA TYR A 40 2.22 -44.22 -97.58
C TYR A 40 1.33 -43.54 -96.56
N ILE A 41 1.65 -42.30 -96.18
CA ILE A 41 0.75 -41.53 -95.32
C ILE A 41 -0.44 -41.08 -96.16
N SER A 42 -1.64 -41.36 -95.66
CA SER A 42 -2.84 -40.95 -96.36
C SER A 42 -3.01 -39.44 -96.26
N GLU A 43 -3.68 -38.88 -97.27
CA GLU A 43 -3.83 -37.44 -97.37
C GLU A 43 -4.84 -36.94 -96.34
N ASP A 44 -4.40 -36.01 -95.49
CA ASP A 44 -5.22 -35.31 -94.48
C ASP A 44 -5.87 -36.27 -93.49
N ASN A 45 -5.05 -37.12 -92.88
CA ASN A 45 -5.52 -38.02 -91.83
C ASN A 45 -4.37 -38.31 -90.89
N ALA A 46 -4.58 -38.05 -89.61
CA ALA A 46 -3.56 -38.28 -88.58
C ALA A 46 -3.49 -39.77 -88.28
N ILE A 47 -2.70 -40.48 -89.09
CA ILE A 47 -2.52 -41.90 -88.87
C ILE A 47 -1.61 -42.09 -87.65
N ARG A 48 -2.09 -42.85 -86.68
CA ARG A 48 -1.48 -42.92 -85.36
C ARG A 48 -0.79 -44.26 -85.17
N ILE A 49 0.46 -44.22 -84.70
CA ILE A 49 1.24 -45.42 -84.48
C ILE A 49 1.65 -45.50 -83.02
N ASN A 50 1.75 -46.72 -82.50
CA ASN A 50 2.06 -46.94 -81.09
C ASN A 50 3.50 -47.39 -80.87
N SER A 51 3.95 -48.40 -81.61
CA SER A 51 5.29 -48.93 -81.47
C SER A 51 5.85 -49.21 -82.86
N TRP A 52 7.11 -49.64 -82.91
CA TRP A 52 7.74 -49.82 -84.21
C TRP A 52 7.24 -51.07 -84.91
N MET A 53 6.86 -52.10 -84.16
CA MET A 53 6.17 -53.23 -84.77
C MET A 53 4.77 -52.84 -85.22
N ASP A 54 4.16 -51.87 -84.54
CA ASP A 54 2.88 -51.34 -85.00
C ASP A 54 3.06 -50.45 -86.20
N TYR A 55 4.16 -49.72 -86.27
CA TYR A 55 4.45 -48.89 -87.43
C TYR A 55 4.85 -49.73 -88.63
N LEU A 56 5.44 -50.90 -88.39
CA LEU A 56 5.93 -51.74 -89.47
C LEU A 56 4.82 -52.41 -90.28
N ASN A 57 3.58 -52.37 -89.81
CA ASN A 57 2.47 -52.85 -90.62
C ASN A 57 2.09 -51.86 -91.71
N LEU A 58 2.41 -50.58 -91.53
CA LEU A 58 2.27 -49.62 -92.61
C LEU A 58 3.22 -49.95 -93.75
N ILE A 59 4.50 -50.12 -93.43
CA ILE A 59 5.53 -50.46 -94.41
C ILE A 59 6.43 -51.53 -93.79
N GLY A 60 6.53 -52.69 -94.46
CA GLY A 60 7.26 -53.81 -93.89
C GLY A 60 8.76 -53.76 -94.07
N ASN A 61 9.25 -52.97 -95.02
CA ASN A 61 10.67 -52.93 -95.36
C ASN A 61 11.13 -51.48 -95.32
N PHE A 62 12.30 -51.22 -95.92
CA PHE A 62 12.78 -49.87 -96.29
C PHE A 62 13.04 -49.01 -95.06
N ASN A 63 13.73 -49.60 -94.08
CA ASN A 63 14.22 -48.85 -92.93
C ASN A 63 15.43 -47.98 -93.27
N ASN A 64 16.00 -48.16 -94.46
CA ASN A 64 17.36 -47.71 -94.76
C ASN A 64 17.45 -46.25 -95.21
N GLU A 65 16.58 -45.79 -96.10
CA GLU A 65 16.89 -44.61 -96.89
C GLU A 65 16.08 -43.37 -96.56
N ASP A 66 14.75 -43.44 -96.59
CA ASP A 66 13.94 -42.23 -96.56
C ASP A 66 13.94 -41.58 -95.18
N LYS A 67 14.01 -40.24 -95.16
CA LYS A 67 14.37 -39.51 -93.96
C LYS A 67 13.28 -39.52 -92.90
N LEU A 68 12.01 -39.70 -93.28
CA LEU A 68 10.98 -39.91 -92.29
C LEU A 68 11.09 -41.30 -91.66
N ASP A 69 11.39 -42.30 -92.49
CA ASP A 69 11.43 -43.69 -92.04
C ASP A 69 12.56 -43.93 -91.07
N VAL A 70 13.69 -43.25 -91.27
CA VAL A 70 14.80 -43.37 -90.32
C VAL A 70 14.48 -42.64 -89.03
N SER A 71 13.74 -41.52 -89.12
CA SER A 71 13.51 -40.66 -87.97
C SER A 71 12.60 -41.32 -86.95
N VAL A 72 11.52 -41.96 -87.40
CA VAL A 72 10.60 -42.60 -86.47
C VAL A 72 11.20 -43.87 -85.90
N ARG A 73 12.16 -44.49 -86.62
CA ARG A 73 12.91 -45.61 -86.04
C ARG A 73 13.84 -45.11 -84.95
N ALA A 74 14.49 -43.97 -85.18
CA ALA A 74 15.35 -43.38 -84.16
C ALA A 74 14.54 -42.79 -83.01
N TYR A 75 13.27 -42.46 -83.24
CA TYR A 75 12.44 -41.91 -82.19
C TYR A 75 12.05 -42.98 -81.18
N PHE A 76 11.63 -44.15 -81.67
CA PHE A 76 11.23 -45.22 -80.76
C PHE A 76 12.40 -45.84 -80.03
N ALA A 77 13.62 -45.72 -80.56
CA ALA A 77 14.78 -46.29 -79.90
C ALA A 77 15.16 -45.48 -78.67
N ASN A 78 15.07 -44.14 -78.76
CA ASN A 78 15.43 -43.30 -77.63
C ASN A 78 14.39 -43.38 -76.52
N GLY A 79 13.17 -42.93 -76.82
CA GLY A 79 12.12 -42.90 -75.82
C GLY A 79 10.85 -43.50 -76.37
N GLY A 80 10.01 -43.94 -75.44
CA GLY A 80 8.76 -44.59 -75.79
C GLY A 80 7.61 -43.60 -75.79
N GLY A 81 6.80 -43.67 -76.84
CA GLY A 81 5.61 -42.86 -76.92
C GLY A 81 4.80 -43.29 -78.12
N TYR A 82 3.65 -42.64 -78.28
CA TYR A 82 2.82 -42.80 -79.47
C TYR A 82 2.75 -41.48 -80.20
N CYS A 83 2.88 -41.51 -81.51
CA CYS A 83 2.96 -40.29 -82.30
C CYS A 83 2.04 -40.38 -83.51
N TYR A 84 1.49 -39.24 -83.87
CA TYR A 84 0.68 -39.14 -85.07
C TYR A 84 1.57 -38.75 -86.24
N LEU A 85 1.18 -39.16 -87.44
CA LEU A 85 1.93 -38.86 -88.66
C LEU A 85 1.01 -38.11 -89.61
N VAL A 86 1.35 -36.86 -89.91
CA VAL A 86 0.55 -36.03 -90.80
C VAL A 86 1.45 -35.47 -91.88
N LYS A 87 0.86 -35.19 -93.04
CA LYS A 87 1.61 -34.52 -94.09
C LYS A 87 1.69 -33.04 -93.78
N THR A 88 2.81 -32.43 -94.21
CA THR A 88 3.05 -31.02 -93.91
C THR A 88 2.18 -30.08 -94.74
N THR A 89 1.54 -30.57 -95.80
CA THR A 89 0.62 -29.75 -96.55
C THR A 89 -0.62 -29.42 -95.74
N SER A 90 -1.20 -30.43 -95.10
CA SER A 90 -2.38 -30.27 -94.25
C SER A 90 -2.02 -30.28 -92.78
N LEU A 91 -0.90 -29.67 -92.42
CA LEU A 91 -0.45 -29.71 -91.03
C LEU A 91 -1.28 -28.77 -90.16
N GLU A 92 -1.66 -27.62 -90.70
CA GLU A 92 -2.43 -26.65 -89.91
C GLU A 92 -3.90 -27.01 -89.79
N LYS A 93 -4.38 -27.98 -90.56
CA LYS A 93 -5.79 -28.36 -90.53
C LYS A 93 -6.08 -29.49 -89.57
N ILE A 94 -5.09 -30.34 -89.30
CA ILE A 94 -5.32 -31.54 -88.49
C ILE A 94 -5.01 -31.30 -87.02
N ILE A 95 -3.95 -30.53 -86.75
CA ILE A 95 -3.48 -30.36 -85.37
C ILE A 95 -4.48 -29.69 -84.43
N PRO A 96 -5.26 -28.66 -84.82
CA PRO A 96 -6.26 -28.13 -83.86
C PRO A 96 -7.35 -29.12 -83.48
N THR A 97 -7.73 -30.04 -84.35
CA THR A 97 -8.74 -31.05 -84.01
C THR A 97 -8.08 -32.37 -83.61
N LEU A 98 -7.24 -32.31 -82.58
CA LEU A 98 -6.59 -33.51 -82.06
C LEU A 98 -6.55 -33.44 -80.54
N ASP A 99 -6.48 -34.63 -79.93
CA ASP A 99 -6.69 -34.73 -78.48
C ASP A 99 -5.50 -34.20 -77.70
N ASP A 100 -4.34 -34.82 -77.84
CA ASP A 100 -3.14 -34.43 -77.11
C ASP A 100 -1.98 -34.46 -78.10
N VAL A 101 -1.72 -33.32 -78.72
CA VAL A 101 -0.52 -33.13 -79.53
C VAL A 101 0.19 -31.93 -78.93
N THR A 102 1.34 -32.18 -78.31
CA THR A 102 2.04 -31.17 -77.56
C THR A 102 3.47 -30.94 -78.00
N LEU A 103 3.99 -31.73 -78.93
CA LEU A 103 5.30 -31.47 -79.53
C LEU A 103 5.13 -31.58 -81.05
N LEU A 104 4.95 -30.44 -81.70
CA LEU A 104 4.92 -30.42 -83.16
C LEU A 104 6.36 -30.57 -83.64
N VAL A 105 6.74 -31.79 -83.99
CA VAL A 105 8.13 -32.14 -84.25
C VAL A 105 8.35 -32.22 -85.74
N ALA A 106 9.28 -31.41 -86.24
CA ALA A 106 9.63 -31.38 -87.65
C ALA A 106 10.71 -32.44 -87.91
N ALA A 107 10.36 -33.47 -88.66
CA ALA A 107 11.36 -34.49 -89.03
C ALA A 107 12.10 -34.08 -90.31
N GLY A 108 12.75 -32.92 -90.23
CA GLY A 108 13.49 -32.36 -91.35
C GLY A 108 12.61 -31.97 -92.52
N GLU A 109 11.72 -30.99 -92.33
CA GLU A 109 10.76 -30.66 -93.36
C GLU A 109 10.55 -29.15 -93.56
N ASP A 110 11.20 -28.29 -92.78
CA ASP A 110 11.18 -26.83 -92.92
C ASP A 110 9.74 -26.28 -92.79
N ILE A 111 9.19 -26.41 -91.60
CA ILE A 111 7.79 -26.06 -91.36
C ILE A 111 7.67 -24.88 -90.39
N LYS A 112 8.64 -23.97 -90.43
CA LYS A 112 8.67 -22.84 -89.50
C LYS A 112 7.46 -21.94 -89.63
N THR A 113 6.98 -21.74 -90.87
CA THR A 113 5.81 -20.89 -91.08
C THR A 113 4.55 -21.53 -90.53
N THR A 114 4.43 -22.85 -90.62
CA THR A 114 3.26 -23.55 -90.11
C THR A 114 3.22 -23.54 -88.59
N VAL A 115 4.40 -23.59 -87.95
CA VAL A 115 4.47 -23.56 -86.49
C VAL A 115 4.00 -22.21 -85.96
N ASP A 116 4.40 -21.12 -86.62
CA ASP A 116 4.03 -19.78 -86.15
C ASP A 116 2.54 -19.52 -86.30
N VAL A 117 1.93 -20.05 -87.36
CA VAL A 117 0.48 -19.95 -87.52
C VAL A 117 -0.24 -20.77 -86.46
N LEU A 118 0.34 -21.91 -86.07
CA LEU A 118 -0.36 -22.87 -85.23
C LEU A 118 -0.46 -22.42 -83.78
N CYS A 119 0.68 -22.21 -83.11
CA CYS A 119 0.69 -22.05 -81.67
C CYS A 119 0.58 -20.57 -81.30
N GLN A 120 -0.59 -20.18 -80.82
CA GLN A 120 -0.80 -18.93 -80.10
C GLN A 120 -0.30 -19.10 -78.68
N PRO A 121 -0.23 -18.02 -77.88
CA PRO A 121 0.08 -18.19 -76.45
C PRO A 121 -0.96 -18.99 -75.66
N GLY A 122 -2.18 -19.14 -76.16
CA GLY A 122 -3.19 -19.85 -75.39
C GLY A 122 -3.20 -21.35 -75.58
N LYS A 123 -2.81 -21.83 -76.77
CA LYS A 123 -2.97 -23.24 -77.10
C LYS A 123 -1.96 -24.12 -76.37
N GLY A 124 -0.68 -23.78 -76.47
CA GLY A 124 0.36 -24.63 -75.95
C GLY A 124 1.16 -25.25 -77.07
N LEU A 125 1.49 -26.54 -76.94
CA LEU A 125 2.19 -27.36 -77.92
C LEU A 125 3.53 -26.74 -78.35
N PHE A 126 4.45 -26.75 -77.38
CA PHE A 126 5.84 -26.42 -77.61
C PHE A 126 6.43 -27.28 -78.71
N ALA A 127 6.97 -26.65 -79.76
CA ALA A 127 7.29 -27.32 -81.01
C ALA A 127 8.79 -27.24 -81.28
N VAL A 128 9.48 -28.37 -81.25
CA VAL A 128 10.92 -28.39 -81.44
C VAL A 128 11.25 -28.30 -82.94
N PHE A 129 12.46 -27.86 -83.23
CA PHE A 129 12.97 -27.70 -84.58
C PHE A 129 14.23 -28.53 -84.76
N ASP A 130 14.77 -28.50 -85.98
CA ASP A 130 16.03 -29.13 -86.30
C ASP A 130 17.02 -28.08 -86.76
N GLY A 131 18.28 -28.28 -86.43
CA GLY A 131 19.31 -27.34 -86.81
C GLY A 131 19.69 -27.46 -88.26
N PRO A 132 20.52 -26.53 -88.71
CA PRO A 132 20.98 -26.58 -90.10
C PRO A 132 21.97 -27.73 -90.30
N GLU A 133 21.77 -28.49 -91.37
CA GLU A 133 22.58 -29.69 -91.56
C GLU A 133 23.99 -29.37 -92.03
N THR A 134 24.24 -28.15 -92.46
CA THR A 134 25.56 -27.77 -92.94
C THR A 134 26.47 -27.40 -91.77
N GLU A 135 27.69 -27.01 -92.12
CA GLU A 135 28.69 -26.61 -91.13
C GLU A 135 28.35 -25.25 -90.56
N LEU A 136 28.52 -25.08 -89.24
CA LEU A 136 28.40 -23.79 -88.59
C LEU A 136 29.76 -23.39 -88.04
N THR A 137 30.38 -22.40 -88.66
CA THR A 137 31.60 -21.83 -88.11
C THR A 137 31.26 -20.84 -87.01
N ILE A 138 32.29 -20.36 -86.33
CA ILE A 138 32.07 -19.52 -85.16
C ILE A 138 31.82 -18.06 -85.57
N ASN A 139 32.51 -17.57 -86.60
CA ASN A 139 32.34 -16.20 -87.05
C ASN A 139 31.18 -16.03 -88.02
N GLY A 140 30.52 -17.13 -88.41
CA GLY A 140 29.31 -17.03 -89.20
C GLY A 140 28.08 -17.21 -88.34
N ALA A 141 28.17 -16.76 -87.09
CA ALA A 141 27.09 -16.95 -86.13
C ALA A 141 25.94 -15.98 -86.34
N GLU A 142 26.22 -14.79 -86.87
CA GLU A 142 25.18 -13.78 -87.04
C GLU A 142 24.22 -14.12 -88.17
N GLU A 143 24.65 -14.93 -89.13
CA GLU A 143 23.79 -15.30 -90.25
C GLU A 143 23.06 -16.62 -90.02
N ALA A 144 23.67 -17.55 -89.29
CA ALA A 144 23.04 -18.84 -89.06
C ALA A 144 21.86 -18.73 -88.10
N LYS A 145 21.85 -17.74 -87.23
CA LYS A 145 20.70 -17.48 -86.37
C LYS A 145 19.59 -16.73 -87.08
N GLN A 146 19.85 -16.19 -88.28
CA GLN A 146 18.90 -15.28 -88.91
C GLN A 146 17.71 -16.02 -89.49
N ALA A 147 17.87 -17.30 -89.83
CA ALA A 147 16.79 -18.05 -90.46
C ALA A 147 15.66 -18.34 -89.48
N TYR A 148 15.99 -18.63 -88.22
CA TYR A 148 14.97 -18.86 -87.22
C TYR A 148 14.48 -17.54 -86.65
N THR A 149 13.17 -17.45 -86.43
CA THR A 149 12.55 -16.26 -85.86
C THR A 149 12.26 -16.52 -84.39
N ALA A 150 12.61 -15.56 -83.54
CA ALA A 150 12.57 -15.74 -82.09
C ALA A 150 11.14 -15.87 -81.59
N THR A 151 10.79 -17.05 -81.11
CA THR A 151 9.51 -17.33 -80.49
C THR A 151 9.78 -18.24 -79.30
N PRO A 152 9.07 -18.05 -78.18
CA PRO A 152 9.33 -18.88 -77.00
C PRO A 152 8.72 -20.27 -77.03
N PHE A 153 8.22 -20.74 -78.17
CA PHE A 153 7.65 -22.07 -78.32
C PHE A 153 8.50 -22.94 -79.24
N ALA A 154 9.82 -22.82 -79.17
CA ALA A 154 10.65 -23.58 -80.09
C ALA A 154 11.98 -23.93 -79.44
N ALA A 155 12.70 -24.83 -80.10
CA ALA A 155 14.03 -25.23 -79.67
C ALA A 155 14.76 -25.79 -80.88
N VAL A 156 16.03 -25.40 -81.04
CA VAL A 156 16.83 -25.82 -82.18
C VAL A 156 17.99 -26.64 -81.67
N TYR A 157 18.34 -27.71 -82.38
CA TYR A 157 19.41 -28.61 -81.99
C TYR A 157 20.36 -28.77 -83.16
N TYR A 158 21.63 -28.38 -82.98
CA TYR A 158 22.48 -28.13 -84.15
C TYR A 158 22.91 -29.39 -84.90
N PRO A 159 23.69 -30.31 -84.33
CA PRO A 159 24.34 -31.28 -85.22
C PRO A 159 23.38 -32.39 -85.65
N TRP A 160 23.18 -32.50 -86.96
CA TRP A 160 22.44 -33.63 -87.50
C TRP A 160 23.19 -34.90 -87.17
N LEU A 161 22.45 -35.94 -86.82
CA LEU A 161 23.07 -37.13 -86.28
C LEU A 161 23.26 -38.19 -87.36
N LYS A 162 24.28 -39.00 -87.18
CA LYS A 162 24.65 -40.04 -88.11
C LYS A 162 24.74 -41.35 -87.36
N ALA A 163 24.05 -42.38 -87.85
CA ALA A 163 24.00 -43.65 -87.17
C ALA A 163 24.62 -44.74 -88.05
N ASP A 164 24.81 -45.91 -87.45
CA ASP A 164 25.36 -47.05 -88.17
C ASP A 164 24.33 -47.61 -89.16
N TRP A 165 23.20 -48.06 -88.64
CA TRP A 165 22.07 -48.42 -89.49
C TRP A 165 21.52 -47.18 -90.16
N ALA A 166 20.99 -47.38 -91.38
CA ALA A 166 20.28 -46.36 -92.16
C ALA A 166 21.16 -45.12 -92.41
N ASN A 167 22.14 -45.34 -93.30
CA ASN A 167 23.28 -44.46 -93.51
C ASN A 167 22.94 -43.02 -93.91
N ILE A 168 21.68 -42.69 -94.21
CA ILE A 168 21.31 -41.29 -94.39
C ILE A 168 21.35 -40.58 -93.04
N ASP A 169 21.45 -39.24 -93.10
CA ASP A 169 21.60 -38.44 -91.90
C ASP A 169 20.27 -38.32 -91.17
N ILE A 170 20.27 -38.71 -89.89
CA ILE A 170 19.07 -38.58 -89.07
C ILE A 170 18.92 -37.11 -88.65
N PRO A 171 17.73 -36.53 -88.75
CA PRO A 171 17.54 -35.19 -88.22
C PRO A 171 17.55 -35.20 -86.70
N PRO A 172 18.05 -34.15 -86.07
CA PRO A 172 18.14 -34.15 -84.60
C PRO A 172 16.83 -33.88 -83.91
N SER A 173 15.83 -33.40 -84.62
CA SER A 173 14.58 -33.02 -83.98
C SER A 173 13.74 -34.23 -83.61
N ALA A 174 13.75 -35.26 -84.46
CA ALA A 174 13.02 -36.48 -84.12
C ALA A 174 13.74 -37.28 -83.06
N VAL A 175 15.07 -37.17 -83.01
CA VAL A 175 15.83 -37.85 -81.97
C VAL A 175 15.56 -37.22 -80.62
N MET A 176 15.62 -35.89 -80.56
CA MET A 176 15.36 -35.15 -79.33
C MET A 176 13.90 -35.22 -78.90
N ALA A 177 12.99 -35.54 -79.83
CA ALA A 177 11.59 -35.71 -79.47
C ALA A 177 11.39 -36.92 -78.57
N GLY A 178 12.20 -37.97 -78.75
CA GLY A 178 12.08 -39.13 -77.89
C GLY A 178 12.69 -38.93 -76.52
N VAL A 179 13.71 -38.07 -76.43
CA VAL A 179 14.34 -37.80 -75.14
C VAL A 179 13.41 -36.99 -74.26
N TYR A 180 12.55 -36.15 -74.87
CA TYR A 180 11.56 -35.39 -74.11
C TYR A 180 10.57 -36.32 -73.42
N ALA A 181 9.98 -37.26 -74.17
CA ALA A 181 9.05 -38.20 -73.58
C ALA A 181 9.72 -39.20 -72.65
N SER A 182 11.04 -39.40 -72.78
CA SER A 182 11.75 -40.27 -71.85
C SER A 182 12.09 -39.55 -70.56
N VAL A 183 12.41 -38.26 -70.63
CA VAL A 183 12.71 -37.50 -69.43
C VAL A 183 11.45 -37.15 -68.66
N ASP A 184 10.39 -36.73 -69.39
CA ASP A 184 9.13 -36.37 -68.74
C ASP A 184 8.45 -37.56 -68.09
N LEU A 185 8.72 -38.77 -68.56
CA LEU A 185 8.19 -39.95 -67.90
C LEU A 185 9.03 -40.34 -66.69
N SER A 186 10.36 -40.27 -66.83
CA SER A 186 11.23 -40.80 -65.79
C SER A 186 11.37 -39.85 -64.61
N ARG A 187 11.68 -38.58 -64.87
CA ARG A 187 11.94 -37.61 -63.81
C ARG A 187 10.99 -36.44 -63.82
N GLY A 188 9.89 -36.52 -64.56
CA GLY A 188 8.92 -35.45 -64.57
C GLY A 188 9.21 -34.41 -65.65
N VAL A 189 8.26 -33.48 -65.78
CA VAL A 189 8.35 -32.50 -66.86
C VAL A 189 9.29 -31.36 -66.50
N TRP A 190 9.40 -31.01 -65.21
CA TRP A 190 10.16 -29.83 -64.81
C TRP A 190 11.67 -30.03 -64.90
N LYS A 191 12.15 -31.28 -64.96
CA LYS A 191 13.57 -31.50 -65.12
C LYS A 191 13.96 -31.22 -66.57
N ALA A 192 15.10 -30.57 -66.75
CA ALA A 192 15.51 -30.11 -68.06
C ALA A 192 15.90 -31.30 -68.94
N PRO A 193 15.45 -31.32 -70.20
CA PRO A 193 15.73 -32.48 -71.07
C PRO A 193 17.16 -32.59 -71.56
N ALA A 194 18.08 -31.73 -71.11
CA ALA A 194 19.48 -31.89 -71.46
C ALA A 194 20.16 -32.83 -70.47
N ASN A 195 21.43 -33.13 -70.75
CA ASN A 195 22.30 -33.98 -69.94
C ASN A 195 21.72 -35.39 -69.78
N VAL A 196 21.33 -35.96 -70.91
CA VAL A 196 20.84 -37.34 -70.96
C VAL A 196 21.45 -38.00 -72.20
N ALA A 197 22.10 -39.15 -71.99
CA ALA A 197 22.74 -39.86 -73.09
C ALA A 197 21.69 -40.43 -74.04
N LEU A 198 22.01 -40.43 -75.32
CA LEU A 198 21.10 -40.94 -76.34
C LEU A 198 21.20 -42.46 -76.39
N LYS A 199 20.09 -43.14 -76.12
CA LYS A 199 20.12 -44.60 -75.97
C LYS A 199 20.31 -45.31 -77.30
N GLY A 200 19.92 -44.67 -78.39
CA GLY A 200 20.25 -45.22 -79.70
C GLY A 200 21.74 -45.10 -79.98
N GLY A 201 22.22 -45.94 -80.89
CA GLY A 201 23.64 -46.01 -81.14
C GLY A 201 24.16 -44.98 -82.14
N LEU A 202 23.68 -43.75 -82.04
CA LEU A 202 23.94 -42.73 -83.06
C LEU A 202 24.81 -41.63 -82.49
N GLU A 203 25.83 -41.23 -83.27
CA GLU A 203 26.86 -40.23 -83.01
C GLU A 203 26.58 -38.95 -83.77
N PRO A 204 27.04 -37.80 -83.27
CA PRO A 204 26.88 -36.56 -84.03
C PRO A 204 27.80 -36.55 -85.23
N LYS A 205 27.26 -36.08 -86.36
CA LYS A 205 28.04 -36.01 -87.59
C LYS A 205 29.06 -34.88 -87.54
N PHE A 206 28.79 -33.83 -86.79
CA PHE A 206 29.68 -32.68 -86.65
C PHE A 206 30.13 -32.57 -85.20
N LEU A 207 31.44 -32.53 -84.99
CA LEU A 207 31.97 -32.40 -83.64
C LEU A 207 31.81 -30.97 -83.16
N VAL A 208 31.65 -30.81 -81.85
CA VAL A 208 31.29 -29.54 -81.24
C VAL A 208 32.47 -29.04 -80.42
N THR A 209 33.03 -27.90 -80.83
CA THR A 209 34.00 -27.20 -80.01
C THR A 209 33.27 -26.46 -78.90
N ASP A 210 33.93 -26.35 -77.76
CA ASP A 210 33.31 -25.69 -76.61
C ASP A 210 33.24 -24.17 -76.82
N GLU A 211 34.22 -23.59 -77.52
CA GLU A 211 34.14 -22.19 -77.85
C GLU A 211 33.10 -21.92 -78.92
N LEU A 212 32.80 -22.93 -79.74
CA LEU A 212 31.74 -22.79 -80.74
C LEU A 212 30.38 -22.71 -80.09
N GLN A 213 30.19 -23.39 -78.95
CA GLN A 213 28.94 -23.28 -78.21
C GLN A 213 28.83 -21.98 -77.44
N GLY A 214 29.91 -21.22 -77.31
CA GLY A 214 29.87 -20.01 -76.51
C GLY A 214 29.06 -18.90 -77.17
N GLU A 215 29.29 -18.67 -78.46
CA GLU A 215 28.59 -17.61 -79.17
C GLU A 215 27.33 -18.09 -79.86
N TYR A 216 26.98 -19.36 -79.75
CA TYR A 216 25.70 -19.85 -80.24
C TYR A 216 24.66 -20.00 -79.15
N ASN A 217 25.07 -20.23 -77.91
CA ASN A 217 24.13 -20.39 -76.81
C ASN A 217 23.86 -19.05 -76.13
N THR A 218 23.48 -18.07 -76.94
CA THR A 218 23.03 -16.78 -76.46
C THR A 218 22.12 -16.18 -77.52
N GLY A 219 21.35 -15.18 -77.12
CA GLY A 219 20.33 -14.65 -78.02
C GLY A 219 19.25 -15.71 -78.23
N ARG A 220 18.74 -15.77 -79.45
CA ARG A 220 17.90 -16.92 -79.81
C ARG A 220 18.83 -18.12 -79.97
N ALA A 221 18.96 -18.89 -78.91
CA ALA A 221 20.01 -19.88 -78.78
C ALA A 221 19.72 -21.11 -79.62
N ILE A 222 20.80 -21.76 -80.05
CA ILE A 222 20.74 -23.07 -80.68
C ILE A 222 21.40 -24.05 -79.72
N ASN A 223 20.60 -24.96 -79.17
CA ASN A 223 21.15 -26.03 -78.34
C ASN A 223 22.01 -26.94 -79.19
N MET A 224 23.03 -27.53 -78.57
CA MET A 224 24.02 -28.30 -79.32
C MET A 224 24.19 -29.66 -78.68
N ILE A 225 24.08 -30.71 -79.49
CA ILE A 225 24.34 -32.07 -79.03
C ILE A 225 25.85 -32.30 -79.05
N ARG A 226 26.43 -32.57 -77.90
CA ARG A 226 27.87 -32.70 -77.78
C ARG A 226 28.21 -34.05 -77.19
N ASN A 227 29.21 -34.71 -77.76
CA ASN A 227 29.66 -36.01 -77.26
C ASN A 227 30.98 -35.86 -76.51
N PHE A 228 30.99 -36.32 -75.27
CA PHE A 228 32.22 -36.40 -74.50
C PHE A 228 32.29 -37.75 -73.83
N SER A 229 33.45 -38.03 -73.22
CA SER A 229 33.86 -39.41 -72.94
C SER A 229 33.14 -40.05 -71.78
N ASN A 230 32.58 -39.27 -70.85
CA ASN A 230 32.02 -39.87 -69.64
C ASN A 230 30.69 -40.55 -69.93
N THR A 231 29.79 -39.88 -70.64
CA THR A 231 28.45 -40.37 -70.83
C THR A 231 28.10 -40.64 -72.29
N GLY A 232 29.03 -40.43 -73.21
CA GLY A 232 28.73 -40.60 -74.61
C GLY A 232 28.10 -39.35 -75.20
N THR A 233 27.36 -39.56 -76.28
CA THR A 233 26.70 -38.46 -76.99
C THR A 233 25.50 -37.99 -76.20
N THR A 234 25.60 -36.80 -75.61
CA THR A 234 24.54 -36.26 -74.78
C THR A 234 24.02 -34.96 -75.37
N VAL A 235 22.77 -34.67 -75.06
CA VAL A 235 22.21 -33.36 -75.39
C VAL A 235 22.69 -32.37 -74.33
N TRP A 236 22.99 -31.15 -74.76
CA TRP A 236 23.69 -30.21 -73.89
C TRP A 236 23.06 -28.83 -73.91
N GLY A 237 21.77 -28.73 -74.20
CA GLY A 237 21.11 -27.44 -74.19
C GLY A 237 19.67 -27.52 -73.77
N ALA A 238 19.28 -26.67 -72.82
CA ALA A 238 17.89 -26.59 -72.38
C ALA A 238 17.27 -25.24 -72.73
N ARG A 239 17.98 -24.39 -73.45
CA ARG A 239 17.43 -23.08 -73.80
C ARG A 239 16.50 -23.19 -74.99
N THR A 240 15.49 -22.33 -74.99
CA THR A 240 14.57 -22.21 -76.10
C THR A 240 15.08 -21.14 -77.06
N LEU A 241 14.24 -20.73 -78.00
CA LEU A 241 14.61 -19.72 -78.98
C LEU A 241 14.37 -18.29 -78.51
N GLU A 242 14.16 -18.08 -77.20
CA GLU A 242 13.84 -16.76 -76.69
C GLU A 242 14.84 -16.39 -75.60
N ASP A 243 15.38 -15.18 -75.68
CA ASP A 243 16.32 -14.67 -74.69
C ASP A 243 15.63 -13.54 -73.93
N LYS A 244 14.89 -13.89 -72.89
CA LYS A 244 14.52 -12.94 -71.85
C LYS A 244 14.45 -13.69 -70.54
N ASP A 245 14.16 -12.97 -69.46
CA ASP A 245 14.28 -13.55 -68.13
C ASP A 245 13.16 -14.54 -67.83
N ASN A 246 11.98 -14.35 -68.43
CA ASN A 246 10.82 -15.15 -68.07
C ASN A 246 10.88 -16.55 -68.66
N TRP A 247 11.02 -16.64 -69.98
CA TRP A 247 10.76 -17.88 -70.70
C TRP A 247 12.02 -18.40 -71.36
N ARG A 248 13.11 -18.49 -70.60
CA ARG A 248 14.40 -18.79 -71.18
C ARG A 248 14.61 -20.29 -71.43
N TYR A 249 13.87 -21.16 -70.75
CA TYR A 249 14.23 -22.57 -70.71
C TYR A 249 13.08 -23.46 -71.17
N VAL A 250 13.42 -24.52 -71.89
CA VAL A 250 12.41 -25.52 -72.25
C VAL A 250 11.86 -26.33 -71.07
N PRO A 251 12.51 -26.46 -69.89
CA PRO A 251 11.71 -26.95 -68.76
C PRO A 251 10.77 -25.91 -68.17
N VAL A 252 11.17 -24.65 -68.14
CA VAL A 252 10.29 -23.62 -67.59
C VAL A 252 9.19 -23.25 -68.58
N ARG A 253 9.33 -23.62 -69.84
CA ARG A 253 8.25 -23.40 -70.80
C ARG A 253 7.29 -24.58 -70.80
N ARG A 254 7.82 -25.80 -70.80
CA ARG A 254 6.95 -26.96 -70.88
C ARG A 254 6.33 -27.34 -69.55
N LEU A 255 6.74 -26.73 -68.45
CA LEU A 255 5.95 -26.89 -67.22
C LEU A 255 4.70 -26.03 -67.29
N PHE A 256 4.81 -24.83 -67.84
CA PHE A 256 3.64 -23.99 -68.04
C PHE A 256 2.79 -24.41 -69.22
N ASN A 257 3.12 -25.49 -69.91
CA ASN A 257 2.18 -26.09 -70.85
C ASN A 257 1.38 -27.19 -70.17
N SER A 258 2.05 -28.06 -69.43
CA SER A 258 1.39 -29.20 -68.80
C SER A 258 0.61 -28.82 -67.56
N VAL A 259 0.83 -27.65 -66.97
CA VAL A 259 -0.06 -27.21 -65.91
C VAL A 259 -1.28 -26.50 -66.48
N GLU A 260 -1.10 -25.77 -67.57
CA GLU A 260 -2.17 -25.05 -68.24
C GLU A 260 -2.96 -25.92 -69.19
N ARG A 261 -2.70 -27.22 -69.19
CA ARG A 261 -3.53 -28.17 -69.90
C ARG A 261 -4.15 -29.21 -68.98
N ASP A 262 -3.53 -29.49 -67.84
CA ASP A 262 -4.15 -30.37 -66.85
C ASP A 262 -5.26 -29.67 -66.11
N ILE A 263 -5.14 -28.35 -65.91
CA ILE A 263 -6.21 -27.61 -65.25
C ILE A 263 -7.34 -27.33 -66.23
N LYS A 264 -7.03 -27.11 -67.51
CA LYS A 264 -8.07 -26.81 -68.50
C LYS A 264 -8.97 -28.01 -68.76
N ARG A 265 -8.45 -29.23 -68.58
CA ARG A 265 -9.34 -30.38 -68.65
C ARG A 265 -10.19 -30.52 -67.39
N ALA A 266 -9.68 -30.06 -66.25
CA ALA A 266 -10.48 -30.10 -65.03
C ALA A 266 -11.53 -29.01 -65.01
N MET A 267 -11.30 -27.90 -65.71
CA MET A 267 -12.28 -26.84 -65.75
C MET A 267 -13.48 -27.16 -66.64
N SER A 268 -13.39 -28.21 -67.46
CA SER A 268 -14.56 -28.62 -68.22
C SER A 268 -15.61 -29.28 -67.33
N PHE A 269 -15.22 -29.82 -66.19
CA PHE A 269 -16.21 -30.41 -65.28
C PHE A 269 -16.95 -29.34 -64.50
N ALA A 270 -16.29 -28.23 -64.18
CA ALA A 270 -16.90 -27.11 -63.47
C ALA A 270 -17.25 -25.99 -64.42
N MET A 271 -17.74 -26.34 -65.61
CA MET A 271 -17.89 -25.35 -66.67
C MET A 271 -19.08 -24.44 -66.42
N PHE A 272 -20.30 -25.00 -66.45
CA PHE A 272 -21.49 -24.20 -66.29
C PHE A 272 -22.02 -24.19 -64.86
N GLU A 273 -21.16 -24.46 -63.89
CA GLU A 273 -21.58 -24.40 -62.50
C GLU A 273 -21.81 -22.94 -62.09
N PRO A 274 -22.84 -22.67 -61.31
CA PRO A 274 -23.09 -21.28 -60.89
C PRO A 274 -22.05 -20.81 -59.90
N ASN A 275 -21.43 -19.67 -60.17
CA ASN A 275 -20.28 -19.24 -59.38
C ASN A 275 -20.75 -18.41 -58.18
N ASN A 276 -20.63 -18.99 -57.00
CA ASN A 276 -20.79 -18.26 -55.76
C ASN A 276 -19.74 -18.80 -54.79
N GLN A 277 -19.92 -18.48 -53.51
CA GLN A 277 -18.97 -18.94 -52.50
C GLN A 277 -18.87 -20.46 -52.34
N PRO A 278 -19.92 -21.29 -52.50
CA PRO A 278 -19.67 -22.73 -52.50
C PRO A 278 -18.92 -23.24 -53.72
N THR A 279 -19.05 -22.60 -54.88
CA THR A 279 -18.43 -23.16 -56.08
C THR A 279 -16.94 -22.87 -56.14
N TRP A 280 -16.55 -21.61 -56.02
CA TRP A 280 -15.13 -21.29 -56.13
C TRP A 280 -14.35 -21.54 -54.85
N GLU A 281 -14.91 -22.28 -53.90
CA GLU A 281 -14.11 -22.90 -52.86
C GLU A 281 -13.66 -24.30 -53.28
N ARG A 282 -14.49 -24.99 -54.08
CA ARG A 282 -14.07 -26.26 -54.63
C ARG A 282 -13.01 -26.08 -55.71
N VAL A 283 -13.15 -25.04 -56.53
CA VAL A 283 -12.19 -24.81 -57.61
C VAL A 283 -10.86 -24.31 -57.05
N ARG A 284 -10.90 -23.54 -55.98
CA ARG A 284 -9.67 -23.10 -55.34
C ARG A 284 -8.97 -24.26 -54.64
N ALA A 285 -9.74 -25.12 -53.96
CA ALA A 285 -9.12 -26.22 -53.23
C ALA A 285 -8.67 -27.35 -54.13
N ALA A 286 -9.24 -27.48 -55.33
CA ALA A 286 -8.81 -28.56 -56.22
C ALA A 286 -7.59 -28.17 -57.02
N ILE A 287 -7.48 -26.89 -57.39
CA ILE A 287 -6.30 -26.43 -58.10
C ILE A 287 -5.10 -26.35 -57.16
N SER A 288 -5.33 -25.90 -55.92
CA SER A 288 -4.24 -25.73 -54.98
C SER A 288 -3.68 -27.06 -54.51
N ASN A 289 -4.43 -28.15 -54.63
CA ASN A 289 -3.87 -29.45 -54.30
C ASN A 289 -3.00 -29.97 -55.44
N TYR A 290 -3.28 -29.57 -56.67
CA TYR A 290 -2.41 -29.93 -57.78
C TYR A 290 -1.09 -29.18 -57.69
N LEU A 291 -1.15 -27.89 -57.39
CA LEU A 291 0.06 -27.09 -57.24
C LEU A 291 0.80 -27.39 -55.95
N TYR A 292 0.16 -28.09 -55.01
CA TYR A 292 0.88 -28.57 -53.83
C TYR A 292 1.59 -29.87 -54.14
N SER A 293 1.01 -30.70 -55.00
CA SER A 293 1.64 -31.98 -55.34
C SER A 293 2.87 -31.78 -56.19
N LEU A 294 2.90 -30.73 -57.00
CA LEU A 294 4.13 -30.41 -57.73
C LEU A 294 5.20 -29.87 -56.80
N TRP A 295 4.80 -29.19 -55.74
CA TRP A 295 5.78 -28.62 -54.83
C TRP A 295 6.43 -29.69 -53.96
N GLN A 296 5.69 -30.73 -53.60
CA GLN A 296 6.29 -31.82 -52.84
C GLN A 296 7.19 -32.67 -53.70
N GLN A 297 6.96 -32.70 -55.02
CA GLN A 297 7.87 -33.37 -55.93
C GLN A 297 9.08 -32.54 -56.28
N GLY A 298 9.14 -31.29 -55.84
CA GLY A 298 10.27 -30.43 -56.13
C GLY A 298 10.19 -29.70 -57.45
N GLY A 299 9.02 -29.66 -58.08
CA GLY A 299 8.89 -28.96 -59.34
C GLY A 299 8.81 -27.46 -59.21
N LEU A 300 8.45 -26.96 -58.04
CA LEU A 300 8.35 -25.52 -57.79
C LEU A 300 9.35 -25.11 -56.73
N ALA A 301 9.99 -23.97 -56.96
CA ALA A 301 10.96 -23.46 -56.01
C ALA A 301 10.25 -22.83 -54.81
N GLY A 302 11.03 -22.46 -53.81
CA GLY A 302 10.49 -21.81 -52.64
C GLY A 302 10.64 -22.66 -51.39
N SER A 303 10.59 -21.98 -50.25
CA SER A 303 10.82 -22.65 -48.97
C SER A 303 9.55 -23.29 -48.43
N LYS A 304 8.46 -22.54 -48.35
CA LYS A 304 7.17 -23.09 -47.93
C LYS A 304 6.11 -22.74 -48.95
N GLU A 305 4.93 -23.35 -48.79
CA GLU A 305 3.92 -23.35 -49.84
C GLU A 305 3.25 -22.00 -50.06
N GLU A 306 3.41 -21.06 -49.13
CA GLU A 306 2.90 -19.72 -49.35
C GLU A 306 3.72 -18.96 -50.38
N ASP A 307 4.95 -19.40 -50.64
CA ASP A 307 5.84 -18.75 -51.59
C ASP A 307 5.92 -19.48 -52.92
N ALA A 308 5.66 -20.79 -52.95
CA ALA A 308 5.79 -21.54 -54.19
C ALA A 308 4.67 -21.24 -55.17
N TYR A 309 3.47 -20.95 -54.68
CA TYR A 309 2.31 -20.75 -55.54
C TYR A 309 1.27 -19.95 -54.78
N PHE A 310 0.28 -19.46 -55.52
CA PHE A 310 -0.90 -18.86 -54.92
C PHE A 310 -2.05 -18.93 -55.92
N VAL A 311 -3.25 -19.16 -55.43
CA VAL A 311 -4.46 -19.21 -56.24
C VAL A 311 -5.51 -18.35 -55.58
N GLN A 312 -6.20 -17.53 -56.38
CA GLN A 312 -7.11 -16.53 -55.86
C GLN A 312 -8.39 -16.51 -56.69
N ILE A 313 -9.48 -17.00 -56.12
CA ILE A 313 -10.81 -16.77 -56.68
C ILE A 313 -11.65 -16.11 -55.59
N GLY A 314 -12.57 -15.27 -56.02
CA GLY A 314 -13.51 -14.65 -55.10
C GLY A 314 -14.01 -13.32 -55.59
N LYS A 315 -15.25 -13.00 -55.22
CA LYS A 315 -15.81 -11.68 -55.45
C LYS A 315 -15.03 -10.65 -54.65
N GLY A 316 -14.63 -9.57 -55.31
CA GLY A 316 -13.60 -8.75 -54.71
C GLY A 316 -12.23 -9.01 -55.31
N ILE A 317 -11.48 -9.91 -54.66
CA ILE A 317 -10.05 -10.20 -54.83
C ILE A 317 -9.57 -10.25 -56.28
N THR A 318 -10.24 -11.01 -57.13
CA THR A 318 -9.79 -11.13 -58.50
C THR A 318 -10.78 -10.58 -59.52
N MET A 319 -12.08 -10.72 -59.29
CA MET A 319 -13.09 -10.24 -60.20
C MET A 319 -14.03 -9.31 -59.46
N THR A 320 -14.61 -8.37 -60.19
CA THR A 320 -15.53 -7.42 -59.59
C THR A 320 -16.95 -7.96 -59.72
N GLN A 321 -17.93 -7.17 -59.30
CA GLN A 321 -19.31 -7.62 -59.35
C GLN A 321 -19.86 -7.61 -60.78
N GLU A 322 -19.46 -6.63 -61.57
CA GLU A 322 -19.98 -6.50 -62.93
C GLU A 322 -19.48 -7.60 -63.85
N GLN A 323 -18.34 -8.22 -63.54
CA GLN A 323 -17.87 -9.35 -64.33
C GLN A 323 -18.60 -10.63 -63.96
N ILE A 324 -19.11 -10.72 -62.74
CA ILE A 324 -19.96 -11.85 -62.36
C ILE A 324 -21.28 -11.77 -63.12
N ASP A 325 -21.81 -10.57 -63.31
CA ASP A 325 -23.06 -10.38 -64.04
C ASP A 325 -22.91 -10.69 -65.52
N ALA A 326 -21.71 -10.63 -66.08
CA ALA A 326 -21.46 -11.12 -67.42
C ALA A 326 -21.13 -12.60 -67.44
N GLY A 327 -21.02 -13.23 -66.29
CA GLY A 327 -20.81 -14.66 -66.20
C GLY A 327 -19.42 -15.12 -66.59
N GLN A 328 -18.39 -14.50 -66.00
CA GLN A 328 -17.02 -14.93 -66.25
C GLN A 328 -16.24 -14.87 -64.94
N MET A 329 -15.93 -16.03 -64.38
CA MET A 329 -15.10 -16.04 -63.18
C MET A 329 -13.63 -16.22 -63.54
N ILE A 330 -12.79 -15.52 -62.79
CA ILE A 330 -11.38 -15.31 -63.13
C ILE A 330 -10.52 -15.98 -62.07
N VAL A 331 -9.59 -16.81 -62.50
CA VAL A 331 -8.68 -17.53 -61.61
C VAL A 331 -7.27 -17.04 -61.88
N LYS A 332 -6.63 -16.50 -60.84
CA LYS A 332 -5.23 -16.13 -60.90
C LYS A 332 -4.40 -17.24 -60.29
N VAL A 333 -3.40 -17.73 -61.01
CA VAL A 333 -2.57 -18.83 -60.58
C VAL A 333 -1.12 -18.41 -60.71
N GLY A 334 -0.35 -18.50 -59.63
CA GLY A 334 1.06 -18.18 -59.64
C GLY A 334 1.90 -19.46 -59.57
N LEU A 335 2.99 -19.47 -60.30
CA LEU A 335 3.91 -20.60 -60.29
C LEU A 335 5.35 -20.08 -60.27
N ALA A 336 6.19 -20.72 -59.47
CA ALA A 336 7.62 -20.44 -59.44
C ALA A 336 8.33 -21.69 -59.91
N ALA A 337 8.46 -21.84 -61.22
CA ALA A 337 9.04 -23.04 -61.77
C ALA A 337 10.55 -23.01 -61.63
N VAL A 338 11.14 -24.16 -61.36
CA VAL A 338 12.57 -24.25 -61.18
C VAL A 338 13.26 -24.19 -62.53
N ARG A 339 14.42 -23.58 -62.55
CA ARG A 339 15.19 -23.46 -63.77
C ARG A 339 16.47 -24.25 -63.64
N PRO A 340 17.00 -24.85 -64.70
CA PRO A 340 18.16 -25.73 -64.54
C PRO A 340 19.43 -24.96 -64.27
N ALA A 341 20.41 -25.68 -63.73
CA ALA A 341 21.72 -25.12 -63.43
C ALA A 341 22.53 -25.09 -64.71
N GLU A 342 22.39 -24.01 -65.48
CA GLU A 342 23.09 -23.95 -66.75
C GLU A 342 24.57 -23.72 -66.58
N PHE A 343 24.97 -22.90 -65.60
CA PHE A 343 26.37 -22.54 -65.39
C PHE A 343 26.68 -22.69 -63.91
N ILE A 344 27.09 -23.87 -63.47
CA ILE A 344 27.45 -24.06 -62.08
C ILE A 344 28.86 -23.52 -61.87
N ILE A 345 29.00 -22.51 -61.02
CA ILE A 345 30.29 -21.88 -60.78
C ILE A 345 30.73 -22.19 -59.36
N LEU A 346 32.05 -22.23 -59.17
CA LEU A 346 32.65 -22.67 -57.93
C LEU A 346 33.68 -21.65 -57.50
N GLN A 347 33.51 -21.09 -56.32
CA GLN A 347 34.38 -20.03 -55.81
C GLN A 347 35.20 -20.59 -54.65
N PHE A 348 36.51 -20.54 -54.79
CA PHE A 348 37.41 -21.15 -53.82
C PHE A 348 38.20 -20.10 -53.07
N THR A 349 38.01 -20.05 -51.76
CA THR A 349 38.66 -19.09 -50.89
C THR A 349 39.60 -19.83 -49.98
N GLN A 350 40.66 -19.15 -49.56
CA GLN A 350 41.56 -19.69 -48.55
C GLN A 350 41.31 -19.08 -47.18
N ASP A 351 40.19 -18.38 -47.01
CA ASP A 351 39.82 -17.75 -45.74
C ASP A 351 38.68 -18.55 -45.14
N VAL A 352 39.00 -19.45 -44.23
CA VAL A 352 38.03 -20.37 -43.66
C VAL A 352 37.49 -19.92 -42.32
N GLU A 353 38.23 -19.09 -41.58
CA GLU A 353 37.71 -18.48 -40.36
C GLU A 353 36.94 -17.21 -40.65
N GLN A 354 37.12 -16.65 -41.85
CA GLN A 354 36.35 -15.48 -42.26
C GLN A 354 34.90 -15.87 -42.54
N ARG A 355 34.69 -16.95 -43.28
CA ARG A 355 33.38 -17.49 -43.68
C ARG A 355 32.49 -16.48 -44.39
N THR B 2 -69.50 -18.69 7.24
CA THR B 2 -69.08 -20.09 7.17
C THR B 2 -69.72 -20.91 8.28
N THR B 3 -69.09 -20.92 9.44
CA THR B 3 -69.58 -21.67 10.59
C THR B 3 -70.21 -20.72 11.60
N VAL B 4 -71.32 -21.16 12.19
CA VAL B 4 -71.99 -20.42 13.24
C VAL B 4 -71.87 -21.22 14.52
N THR B 5 -71.55 -20.53 15.61
CA THR B 5 -71.34 -21.17 16.90
C THR B 5 -72.45 -20.69 17.83
N SER B 6 -73.39 -21.59 18.13
CA SER B 6 -74.55 -21.25 18.94
C SER B 6 -74.48 -21.85 20.34
N TYR B 7 -74.27 -23.16 20.44
CA TYR B 7 -74.26 -23.85 21.72
C TYR B 7 -72.84 -24.34 22.03
N PRO B 8 -72.50 -24.49 23.30
CA PRO B 8 -71.17 -25.03 23.62
C PRO B 8 -71.09 -26.51 23.29
N GLY B 9 -70.10 -26.87 22.50
CA GLY B 9 -69.97 -28.23 22.02
C GLY B 9 -68.82 -28.34 21.05
N VAL B 10 -68.75 -29.48 20.38
CA VAL B 10 -67.71 -29.76 19.41
C VAL B 10 -68.33 -29.68 18.01
N TYR B 11 -67.77 -28.83 17.17
CA TYR B 11 -68.29 -28.62 15.82
C TYR B 11 -67.31 -29.19 14.82
N ILE B 12 -67.77 -30.14 14.01
CA ILE B 12 -66.99 -30.68 12.91
C ILE B 12 -67.45 -30.00 11.63
N GLU B 13 -66.54 -29.32 10.97
CA GLU B 13 -66.82 -28.79 9.64
C GLU B 13 -65.65 -29.14 8.73
N GLU B 14 -65.95 -29.66 7.56
CA GLU B 14 -64.93 -30.17 6.65
C GLU B 14 -64.81 -29.20 5.49
N LEU B 15 -63.83 -28.30 5.57
CA LEU B 15 -63.52 -27.44 4.45
C LEU B 15 -62.57 -28.20 3.52
N ASN B 16 -62.90 -28.19 2.23
CA ASN B 16 -62.11 -28.92 1.25
C ASN B 16 -61.86 -28.01 0.06
N SER B 17 -60.62 -28.01 -0.41
CA SER B 17 -60.24 -27.22 -1.58
C SER B 17 -60.88 -27.78 -2.84
N LEU B 18 -60.81 -26.98 -3.91
CA LEU B 18 -61.33 -27.41 -5.20
C LEU B 18 -60.43 -28.51 -5.76
N ALA B 19 -60.95 -29.73 -5.78
CA ALA B 19 -60.23 -30.87 -6.33
C ALA B 19 -60.61 -31.00 -7.79
N LEU B 20 -59.64 -30.78 -8.68
CA LEU B 20 -59.89 -30.75 -10.10
C LEU B 20 -58.92 -31.70 -10.79
N SER B 21 -59.47 -32.65 -11.56
CA SER B 21 -58.66 -33.56 -12.35
C SER B 21 -59.33 -33.77 -13.69
N VAL B 22 -58.53 -34.12 -14.68
CA VAL B 22 -58.98 -34.20 -16.07
C VAL B 22 -59.02 -35.66 -16.47
N SER B 23 -60.20 -36.11 -16.91
CA SER B 23 -60.43 -37.50 -17.29
C SER B 23 -60.41 -37.62 -18.81
N ASN B 24 -59.69 -38.62 -19.31
CA ASN B 24 -59.60 -38.89 -20.74
C ASN B 24 -60.34 -40.19 -21.03
N SER B 25 -61.42 -40.09 -21.81
CA SER B 25 -62.22 -41.27 -22.11
C SER B 25 -62.99 -41.04 -23.40
N ALA B 26 -63.27 -42.15 -24.09
CA ALA B 26 -64.13 -42.22 -25.29
C ALA B 26 -63.60 -41.32 -26.40
N THR B 27 -62.41 -41.67 -26.89
CA THR B 27 -61.77 -40.87 -27.92
C THR B 27 -62.47 -41.01 -29.26
N ALA B 28 -62.79 -42.23 -29.66
CA ALA B 28 -63.42 -42.49 -30.97
C ALA B 28 -64.61 -43.41 -30.79
N VAL B 29 -65.77 -42.82 -30.55
CA VAL B 29 -67.05 -43.51 -30.47
C VAL B 29 -67.91 -43.01 -31.62
N PRO B 30 -68.19 -43.83 -32.62
CA PRO B 30 -68.86 -43.35 -33.83
C PRO B 30 -70.38 -43.48 -33.75
N VAL B 31 -71.03 -42.80 -34.69
CA VAL B 31 -72.45 -42.99 -34.95
C VAL B 31 -72.57 -43.37 -36.42
N PHE B 32 -73.59 -44.16 -36.75
CA PHE B 32 -73.80 -44.62 -38.11
C PHE B 32 -75.13 -44.09 -38.61
N ALA B 33 -75.08 -43.21 -39.59
CA ALA B 33 -76.29 -42.77 -40.26
C ALA B 33 -76.81 -43.94 -41.07
N VAL B 34 -77.85 -44.60 -40.57
CA VAL B 34 -78.35 -45.79 -41.24
C VAL B 34 -79.10 -45.39 -42.50
N ASP B 35 -79.32 -46.39 -43.35
CA ASP B 35 -80.12 -46.18 -44.55
C ASP B 35 -81.55 -45.90 -44.15
N GLU B 36 -82.20 -45.01 -44.91
CA GLU B 36 -83.57 -44.61 -44.58
C GLU B 36 -84.56 -45.74 -44.82
N GLN B 37 -84.23 -46.67 -45.72
CA GLN B 37 -85.11 -47.77 -46.04
C GLN B 37 -85.08 -48.88 -44.98
N ASN B 38 -84.05 -48.93 -44.15
CA ASN B 38 -83.89 -49.99 -43.15
C ASN B 38 -84.98 -49.88 -42.09
N GLN B 39 -85.92 -50.82 -42.11
CA GLN B 39 -87.10 -50.76 -41.28
C GLN B 39 -86.85 -51.14 -39.82
N TYR B 40 -85.67 -51.65 -39.49
CA TYR B 40 -85.44 -52.18 -38.16
C TYR B 40 -84.99 -51.11 -37.18
N ILE B 41 -84.35 -50.04 -37.67
CA ILE B 41 -84.03 -48.92 -36.80
C ILE B 41 -85.31 -48.15 -36.51
N SER B 42 -85.58 -47.92 -35.22
CA SER B 42 -86.76 -47.17 -34.84
C SER B 42 -86.60 -45.70 -35.22
N GLU B 43 -87.73 -45.04 -35.45
CA GLU B 43 -87.72 -43.66 -35.91
C GLU B 43 -87.35 -42.72 -34.76
N ASP B 44 -86.29 -41.93 -34.98
CA ASP B 44 -85.82 -40.88 -34.07
C ASP B 44 -85.44 -41.42 -32.69
N ASN B 45 -84.60 -42.45 -32.68
CA ASN B 45 -84.08 -42.99 -31.43
C ASN B 45 -82.71 -43.58 -31.70
N ALA B 46 -81.71 -43.12 -30.94
CA ALA B 46 -80.34 -43.60 -31.08
C ALA B 46 -80.22 -44.97 -30.42
N ILE B 47 -80.56 -46.00 -31.20
CA ILE B 47 -80.43 -47.36 -30.70
C ILE B 47 -78.95 -47.73 -30.67
N ARG B 48 -78.48 -48.16 -29.50
CA ARG B 48 -77.06 -48.30 -29.23
C ARG B 48 -76.69 -49.78 -29.17
N ILE B 49 -75.63 -50.15 -29.87
CA ILE B 49 -75.16 -51.53 -29.92
C ILE B 49 -73.73 -51.58 -29.40
N ASN B 50 -73.38 -52.69 -28.76
CA ASN B 50 -72.06 -52.86 -28.16
C ASN B 50 -71.16 -53.78 -28.96
N SER B 51 -71.65 -54.96 -29.34
CA SER B 51 -70.87 -55.93 -30.09
C SER B 51 -71.77 -56.54 -31.16
N TRP B 52 -71.18 -57.40 -31.99
CA TRP B 52 -71.95 -57.94 -33.10
C TRP B 52 -72.95 -58.99 -32.64
N MET B 53 -72.64 -59.72 -31.58
CA MET B 53 -73.66 -60.58 -30.98
C MET B 53 -74.74 -59.75 -30.29
N ASP B 54 -74.40 -58.55 -29.82
CA ASP B 54 -75.39 -57.65 -29.27
C ASP B 54 -76.21 -57.01 -30.39
N TYR B 55 -75.57 -56.76 -31.54
CA TYR B 55 -76.30 -56.22 -32.68
C TYR B 55 -77.18 -57.27 -33.33
N LEU B 56 -76.80 -58.55 -33.21
CA LEU B 56 -77.55 -59.61 -33.87
C LEU B 56 -78.89 -59.91 -33.21
N ASN B 57 -79.16 -59.36 -32.03
CA ASN B 57 -80.49 -59.49 -31.46
C ASN B 57 -81.48 -58.56 -32.11
N LEU B 58 -81.01 -57.48 -32.73
CA LEU B 58 -81.88 -56.65 -33.55
C LEU B 58 -82.37 -57.43 -34.77
N ILE B 59 -81.43 -58.02 -35.51
CA ILE B 59 -81.73 -58.81 -36.69
C ILE B 59 -80.86 -60.06 -36.65
N GLY B 60 -81.50 -61.24 -36.66
CA GLY B 60 -80.76 -62.49 -36.51
C GLY B 60 -80.10 -63.01 -37.77
N ASN B 61 -80.54 -62.55 -38.94
CA ASN B 61 -80.05 -63.07 -40.21
C ASN B 61 -79.60 -61.90 -41.08
N PHE B 62 -79.45 -62.16 -42.38
CA PHE B 62 -79.34 -61.13 -43.43
C PHE B 62 -78.07 -60.29 -43.27
N ASN B 63 -76.95 -60.98 -43.05
CA ASN B 63 -75.64 -60.35 -43.08
C ASN B 63 -75.18 -60.02 -44.50
N ASN B 64 -75.88 -60.52 -45.52
CA ASN B 64 -75.36 -60.63 -46.87
C ASN B 64 -75.50 -59.38 -47.71
N GLU B 65 -76.67 -58.73 -47.69
CA GLU B 65 -77.02 -57.83 -48.80
C GLU B 65 -77.04 -56.36 -48.45
N ASP B 66 -77.78 -55.94 -47.42
CA ASP B 66 -78.05 -54.52 -47.24
C ASP B 66 -76.82 -53.77 -46.73
N LYS B 67 -76.62 -52.56 -47.25
CA LYS B 67 -75.34 -51.89 -47.15
C LYS B 67 -75.04 -51.37 -45.75
N LEU B 68 -76.06 -51.12 -44.93
CA LEU B 68 -75.81 -50.83 -43.52
C LEU B 68 -75.39 -52.09 -42.78
N ASP B 69 -76.04 -53.21 -43.08
CA ASP B 69 -75.81 -54.46 -42.36
C ASP B 69 -74.40 -54.99 -42.61
N VAL B 70 -73.88 -54.80 -43.82
CA VAL B 70 -72.52 -55.21 -44.12
C VAL B 70 -71.53 -54.28 -43.44
N SER B 71 -71.87 -52.99 -43.33
CA SER B 71 -70.93 -51.99 -42.85
C SER B 71 -70.64 -52.16 -41.36
N VAL B 72 -71.67 -52.40 -40.56
CA VAL B 72 -71.46 -52.55 -39.12
C VAL B 72 -70.81 -53.90 -38.81
N ARG B 73 -70.97 -54.89 -39.69
CA ARG B 73 -70.21 -56.13 -39.54
C ARG B 73 -68.74 -55.90 -39.85
N ALA B 74 -68.45 -55.11 -40.88
CA ALA B 74 -67.08 -54.76 -41.19
C ALA B 74 -66.48 -53.80 -40.18
N TYR B 75 -67.32 -53.05 -39.46
CA TYR B 75 -66.82 -52.12 -38.46
C TYR B 75 -66.32 -52.86 -37.23
N PHE B 76 -67.08 -53.85 -36.75
CA PHE B 76 -66.66 -54.60 -35.57
C PHE B 76 -65.49 -55.52 -35.84
N ALA B 77 -65.28 -55.91 -37.10
CA ALA B 77 -64.16 -56.79 -37.42
C ALA B 77 -62.84 -56.04 -37.33
N ASN B 78 -62.80 -54.79 -37.79
CA ASN B 78 -61.56 -54.02 -37.78
C ASN B 78 -61.21 -53.59 -36.36
N GLY B 79 -62.07 -52.76 -35.75
CA GLY B 79 -61.79 -52.24 -34.43
C GLY B 79 -63.00 -52.38 -33.54
N GLY B 80 -62.73 -52.39 -32.23
CA GLY B 80 -63.76 -52.57 -31.23
C GLY B 80 -64.27 -51.23 -30.73
N GLY B 81 -65.58 -51.11 -30.66
CA GLY B 81 -66.20 -49.94 -30.08
C GLY B 81 -67.69 -50.17 -29.96
N TYR B 82 -68.36 -49.17 -29.41
CA TYR B 82 -69.82 -49.14 -29.37
C TYR B 82 -70.31 -47.97 -30.19
N CYS B 83 -71.35 -48.20 -30.99
CA CYS B 83 -71.81 -47.18 -31.91
C CYS B 83 -73.33 -47.05 -31.82
N TYR B 84 -73.80 -45.83 -32.03
CA TYR B 84 -75.23 -45.56 -32.10
C TYR B 84 -75.68 -45.66 -33.55
N LEU B 85 -76.94 -46.04 -33.74
CA LEU B 85 -77.51 -46.15 -35.07
C LEU B 85 -78.72 -45.23 -35.17
N VAL B 86 -78.64 -44.23 -36.04
CA VAL B 86 -79.72 -43.27 -36.21
C VAL B 86 -80.08 -43.19 -37.68
N LYS B 87 -81.33 -42.84 -37.96
CA LYS B 87 -81.74 -42.61 -39.33
C LYS B 87 -81.26 -41.23 -39.78
N THR B 88 -80.94 -41.13 -41.07
CA THR B 88 -80.40 -39.89 -41.61
C THR B 88 -81.44 -38.78 -41.73
N THR B 89 -82.73 -39.13 -41.65
CA THR B 89 -83.77 -38.10 -41.66
C THR B 89 -83.71 -37.26 -40.39
N SER B 90 -83.60 -37.91 -39.24
CA SER B 90 -83.51 -37.23 -37.94
C SER B 90 -82.09 -37.21 -37.41
N LEU B 91 -81.11 -37.04 -38.30
CA LEU B 91 -79.72 -37.08 -37.87
C LEU B 91 -79.33 -35.82 -37.12
N GLU B 92 -79.85 -34.67 -37.54
CA GLU B 92 -79.48 -33.42 -36.88
C GLU B 92 -80.23 -33.19 -35.57
N LYS B 93 -81.24 -34.00 -35.27
CA LYS B 93 -82.02 -33.82 -34.05
C LYS B 93 -81.50 -34.66 -32.89
N ILE B 94 -80.84 -35.78 -33.18
CA ILE B 94 -80.43 -36.72 -32.14
C ILE B 94 -79.00 -36.45 -31.67
N ILE B 95 -78.12 -36.09 -32.60
CA ILE B 95 -76.69 -35.97 -32.28
C ILE B 95 -76.36 -34.88 -31.26
N PRO B 96 -76.99 -33.68 -31.26
CA PRO B 96 -76.67 -32.73 -30.18
C PRO B 96 -77.05 -33.20 -28.78
N THR B 97 -78.09 -34.00 -28.62
CA THR B 97 -78.47 -34.53 -27.31
C THR B 97 -77.93 -35.95 -27.10
N LEU B 98 -76.61 -36.09 -27.22
CA LEU B 98 -75.96 -37.38 -26.99
C LEU B 98 -74.67 -37.17 -26.23
N ASP B 99 -74.26 -38.23 -25.52
CA ASP B 99 -73.17 -38.09 -24.54
C ASP B 99 -71.82 -37.95 -25.22
N ASP B 100 -71.38 -38.97 -25.95
CA ASP B 100 -70.08 -38.96 -26.62
C ASP B 100 -70.28 -39.52 -28.02
N VAL B 101 -70.54 -38.64 -28.97
CA VAL B 101 -70.55 -38.98 -30.37
C VAL B 101 -69.52 -38.07 -31.02
N THR B 102 -68.42 -38.66 -31.48
CA THR B 102 -67.29 -37.89 -31.97
C THR B 102 -66.86 -38.25 -33.38
N LEU B 103 -67.45 -39.28 -33.99
CA LEU B 103 -67.23 -39.58 -35.40
C LEU B 103 -68.60 -39.77 -36.05
N LEU B 104 -69.11 -38.73 -36.68
CA LEU B 104 -70.35 -38.86 -37.45
C LEU B 104 -69.99 -39.58 -38.74
N VAL B 105 -70.22 -40.89 -38.77
CA VAL B 105 -69.73 -41.74 -39.85
C VAL B 105 -70.87 -42.05 -40.80
N ALA B 106 -70.68 -41.70 -42.07
CA ALA B 106 -71.67 -41.96 -43.10
C ALA B 106 -71.43 -43.35 -43.67
N ALA B 107 -72.37 -44.26 -43.45
CA ALA B 107 -72.26 -45.61 -44.02
C ALA B 107 -72.88 -45.64 -45.43
N GLY B 108 -72.33 -44.80 -46.30
CA GLY B 108 -72.80 -44.67 -47.67
C GLY B 108 -74.21 -44.12 -47.78
N GLU B 109 -74.41 -42.87 -47.36
CA GLU B 109 -75.75 -42.31 -47.30
C GLU B 109 -75.86 -40.87 -47.80
N ASP B 110 -74.76 -40.22 -48.19
CA ASP B 110 -74.71 -38.88 -48.77
C ASP B 110 -75.32 -37.84 -47.81
N ILE B 111 -74.63 -37.62 -46.71
CA ILE B 111 -75.13 -36.76 -45.64
C ILE B 111 -74.26 -35.53 -45.45
N LYS B 112 -73.67 -35.04 -46.55
CA LYS B 112 -72.74 -33.92 -46.48
C LYS B 112 -73.41 -32.65 -45.96
N THR B 113 -74.66 -32.41 -46.33
CA THR B 113 -75.38 -31.23 -45.87
C THR B 113 -75.66 -31.29 -44.37
N THR B 114 -75.96 -32.50 -43.86
CA THR B 114 -76.25 -32.64 -42.44
C THR B 114 -74.99 -32.47 -41.59
N VAL B 115 -73.83 -32.86 -42.12
CA VAL B 115 -72.58 -32.71 -41.40
C VAL B 115 -72.23 -31.23 -41.25
N ASP B 116 -72.43 -30.45 -42.30
CA ASP B 116 -72.08 -29.02 -42.27
C ASP B 116 -72.98 -28.25 -41.29
N VAL B 117 -74.25 -28.64 -41.21
CA VAL B 117 -75.15 -28.01 -40.24
C VAL B 117 -74.76 -28.41 -38.82
N LEU B 118 -74.25 -29.63 -38.64
CA LEU B 118 -74.04 -30.17 -37.30
C LEU B 118 -72.82 -29.55 -36.62
N CYS B 119 -71.63 -29.72 -37.19
CA CYS B 119 -70.40 -29.41 -36.47
C CYS B 119 -69.97 -27.97 -36.73
N GLN B 120 -70.16 -27.13 -35.73
CA GLN B 120 -69.53 -25.82 -35.64
C GLN B 120 -68.09 -26.00 -35.19
N PRO B 121 -67.26 -24.95 -35.21
CA PRO B 121 -65.92 -25.07 -34.61
C PRO B 121 -65.90 -25.33 -33.10
N GLY B 122 -67.00 -25.08 -32.39
CA GLY B 122 -66.99 -25.29 -30.95
C GLY B 122 -67.33 -26.69 -30.49
N LYS B 123 -68.16 -27.40 -31.27
CA LYS B 123 -68.68 -28.68 -30.80
C LYS B 123 -67.64 -29.78 -30.85
N GLY B 124 -67.00 -29.95 -32.01
CA GLY B 124 -66.10 -31.07 -32.21
C GLY B 124 -66.67 -32.05 -33.21
N LEU B 125 -66.54 -33.34 -32.90
CA LEU B 125 -67.08 -34.47 -33.67
C LEU B 125 -66.63 -34.43 -35.14
N PHE B 126 -65.34 -34.67 -35.31
CA PHE B 126 -64.75 -34.90 -36.63
C PHE B 126 -65.46 -36.04 -37.34
N ALA B 127 -65.97 -35.76 -38.54
CA ALA B 127 -66.91 -36.63 -39.22
C ALA B 127 -66.33 -37.13 -40.54
N VAL B 128 -66.06 -38.43 -40.62
CA VAL B 128 -65.45 -38.99 -41.82
C VAL B 128 -66.51 -39.19 -42.90
N PHE B 129 -66.04 -39.27 -44.15
CA PHE B 129 -66.89 -39.44 -45.32
C PHE B 129 -66.45 -40.69 -46.08
N ASP B 130 -67.17 -40.99 -47.15
CA ASP B 130 -66.84 -42.08 -48.05
C ASP B 130 -66.58 -41.52 -49.44
N GLY B 131 -65.65 -42.13 -50.15
CA GLY B 131 -65.30 -41.68 -51.47
C GLY B 131 -66.33 -42.08 -52.49
N PRO B 132 -66.16 -41.57 -53.71
CA PRO B 132 -67.08 -41.94 -54.80
C PRO B 132 -66.83 -43.37 -55.23
N GLU B 133 -67.92 -44.13 -55.38
CA GLU B 133 -67.79 -45.55 -55.66
C GLU B 133 -67.39 -45.82 -57.10
N THR B 134 -67.47 -44.83 -57.98
CA THR B 134 -67.12 -45.03 -59.37
C THR B 134 -65.61 -44.88 -59.57
N GLU B 135 -65.19 -45.00 -60.82
CA GLU B 135 -63.79 -44.90 -61.19
C GLU B 135 -63.33 -43.45 -61.12
N LEU B 136 -62.13 -43.23 -60.60
CA LEU B 136 -61.50 -41.91 -60.63
C LEU B 136 -60.26 -41.98 -61.51
N THR B 137 -60.33 -41.36 -62.68
CA THR B 137 -59.15 -41.22 -63.51
C THR B 137 -58.30 -40.07 -63.01
N ILE B 138 -57.12 -39.92 -63.62
CA ILE B 138 -56.17 -38.94 -63.12
C ILE B 138 -56.47 -37.55 -63.68
N ASN B 139 -56.90 -37.46 -64.94
CA ASN B 139 -57.21 -36.18 -65.55
C ASN B 139 -58.63 -35.71 -65.26
N GLY B 140 -59.43 -36.51 -64.57
CA GLY B 140 -60.73 -36.06 -64.11
C GLY B 140 -60.69 -35.68 -62.64
N ALA B 141 -59.55 -35.16 -62.20
CA ALA B 141 -59.35 -34.84 -60.80
C ALA B 141 -60.04 -33.55 -60.39
N GLU B 142 -60.19 -32.61 -61.32
CA GLU B 142 -60.77 -31.32 -60.98
C GLU B 142 -62.27 -31.39 -60.75
N GLU B 143 -62.95 -32.41 -61.29
CA GLU B 143 -64.38 -32.55 -61.11
C GLU B 143 -64.73 -33.47 -59.95
N ALA B 144 -63.90 -34.48 -59.68
CA ALA B 144 -64.20 -35.42 -58.61
C ALA B 144 -64.02 -34.79 -57.23
N LYS B 145 -63.17 -33.76 -57.12
CA LYS B 145 -63.05 -33.02 -55.88
C LYS B 145 -64.16 -32.00 -55.69
N GLN B 146 -64.95 -31.73 -56.72
CA GLN B 146 -65.88 -30.60 -56.68
C GLN B 146 -67.09 -30.91 -55.81
N ALA B 147 -67.43 -32.20 -55.66
CA ALA B 147 -68.63 -32.56 -54.91
C ALA B 147 -68.45 -32.30 -53.41
N TYR B 148 -67.26 -32.56 -52.88
CA TYR B 148 -67.00 -32.29 -51.48
C TYR B 148 -66.64 -30.83 -51.28
N THR B 149 -67.14 -30.25 -50.20
CA THR B 149 -66.85 -28.86 -49.85
C THR B 149 -65.82 -28.83 -48.75
N ALA B 150 -64.81 -27.97 -48.90
CA ALA B 150 -63.63 -27.98 -48.03
C ALA B 150 -64.00 -27.51 -46.63
N THR B 151 -63.92 -28.44 -45.66
CA THR B 151 -64.14 -28.15 -44.27
C THR B 151 -63.09 -28.96 -43.50
N PRO B 152 -62.53 -28.42 -42.42
CA PRO B 152 -61.49 -29.14 -41.68
C PRO B 152 -62.00 -30.21 -40.73
N PHE B 153 -63.28 -30.58 -40.80
CA PHE B 153 -63.86 -31.62 -39.96
C PHE B 153 -64.27 -32.84 -40.78
N ALA B 154 -63.50 -33.20 -41.80
CA ALA B 154 -63.91 -34.31 -42.64
C ALA B 154 -62.70 -35.05 -43.16
N ALA B 155 -62.95 -36.21 -43.75
CA ALA B 155 -61.93 -37.03 -44.38
C ALA B 155 -62.61 -37.93 -45.38
N VAL B 156 -62.03 -38.05 -46.57
CA VAL B 156 -62.59 -38.86 -47.66
C VAL B 156 -61.62 -39.99 -47.95
N TYR B 157 -62.17 -41.19 -48.22
CA TYR B 157 -61.37 -42.37 -48.48
C TYR B 157 -61.86 -42.99 -49.78
N TYR B 158 -60.97 -43.07 -50.80
CA TYR B 158 -61.47 -43.28 -52.15
C TYR B 158 -62.01 -44.67 -52.43
N PRO B 159 -61.22 -45.76 -52.38
CA PRO B 159 -61.73 -46.99 -53.00
C PRO B 159 -62.72 -47.71 -52.10
N TRP B 160 -63.95 -47.87 -52.62
CA TRP B 160 -64.93 -48.70 -51.94
C TRP B 160 -64.40 -50.13 -51.87
N LEU B 161 -64.62 -50.77 -50.73
CA LEU B 161 -63.97 -52.05 -50.48
C LEU B 161 -64.89 -53.20 -50.83
N LYS B 162 -64.29 -54.32 -51.21
CA LYS B 162 -65.00 -55.51 -51.61
C LYS B 162 -64.46 -56.68 -50.80
N ALA B 163 -65.37 -57.42 -50.16
CA ALA B 163 -64.99 -58.52 -49.30
C ALA B 163 -65.50 -59.83 -49.84
N ASP B 164 -65.03 -60.92 -49.24
CA ASP B 164 -65.48 -62.25 -49.64
C ASP B 164 -66.92 -62.50 -49.19
N TRP B 165 -67.15 -62.44 -47.89
CA TRP B 165 -68.50 -62.45 -47.35
C TRP B 165 -69.22 -61.18 -47.74
N ALA B 166 -70.53 -61.30 -47.93
CA ALA B 166 -71.46 -60.18 -48.17
C ALA B 166 -71.05 -59.40 -49.43
N ASN B 167 -71.29 -60.04 -50.57
CA ASN B 167 -70.76 -59.67 -51.89
C ASN B 167 -71.11 -58.26 -52.36
N ILE B 168 -71.99 -57.53 -51.67
CA ILE B 168 -72.17 -56.12 -52.00
C ILE B 168 -70.94 -55.32 -51.58
N ASP B 169 -70.78 -54.14 -52.16
CA ASP B 169 -69.61 -53.32 -51.91
C ASP B 169 -69.69 -52.65 -50.56
N ILE B 170 -68.68 -52.86 -49.72
CA ILE B 170 -68.62 -52.21 -48.42
C ILE B 170 -68.19 -50.77 -48.61
N PRO B 171 -68.84 -49.80 -47.97
CA PRO B 171 -68.33 -48.43 -48.03
C PRO B 171 -67.07 -48.29 -47.21
N PRO B 172 -66.15 -47.42 -47.63
CA PRO B 172 -64.87 -47.31 -46.91
C PRO B 172 -64.96 -46.50 -45.64
N SER B 173 -66.04 -45.76 -45.45
CA SER B 173 -66.14 -44.89 -44.29
C SER B 173 -66.41 -45.66 -43.01
N ALA B 174 -67.24 -46.71 -43.10
CA ALA B 174 -67.50 -47.53 -41.92
C ALA B 174 -66.31 -48.43 -41.60
N VAL B 175 -65.54 -48.81 -42.62
CA VAL B 175 -64.34 -49.60 -42.40
C VAL B 175 -63.28 -48.77 -41.70
N MET B 176 -63.05 -47.55 -42.19
CA MET B 176 -62.08 -46.65 -41.59
C MET B 176 -62.52 -46.12 -40.24
N ALA B 177 -63.82 -46.18 -39.93
CA ALA B 177 -64.29 -45.80 -38.60
C ALA B 177 -63.78 -46.75 -37.52
N GLY B 178 -63.63 -48.03 -37.86
CA GLY B 178 -63.11 -48.96 -36.89
C GLY B 178 -61.61 -48.86 -36.69
N VAL B 179 -60.88 -48.43 -37.71
CA VAL B 179 -59.44 -48.27 -37.60
C VAL B 179 -59.11 -47.09 -36.71
N TYR B 180 -59.98 -46.07 -36.69
CA TYR B 180 -59.79 -44.92 -35.81
C TYR B 180 -59.85 -45.34 -34.35
N ALA B 181 -60.90 -46.07 -33.97
CA ALA B 181 -61.03 -46.54 -32.59
C ALA B 181 -59.99 -47.60 -32.25
N SER B 182 -59.42 -48.28 -33.24
CA SER B 182 -58.37 -49.25 -32.96
C SER B 182 -57.02 -48.57 -32.79
N VAL B 183 -56.76 -47.51 -33.53
CA VAL B 183 -55.50 -46.79 -33.39
C VAL B 183 -55.51 -45.91 -32.15
N ASP B 184 -56.63 -45.22 -31.88
CA ASP B 184 -56.72 -44.35 -30.71
C ASP B 184 -56.67 -45.13 -29.41
N LEU B 185 -57.08 -46.40 -29.43
CA LEU B 185 -56.94 -47.23 -28.25
C LEU B 185 -55.52 -47.77 -28.10
N SER B 186 -54.92 -48.20 -29.20
CA SER B 186 -53.64 -48.91 -29.12
C SER B 186 -52.47 -47.95 -28.93
N ARG B 187 -52.38 -46.91 -29.77
CA ARG B 187 -51.23 -46.02 -29.75
C ARG B 187 -51.62 -44.57 -29.44
N GLY B 188 -52.84 -44.32 -28.99
CA GLY B 188 -53.25 -42.98 -28.64
C GLY B 188 -53.87 -42.25 -29.81
N VAL B 189 -54.38 -41.06 -29.51
CA VAL B 189 -55.12 -40.28 -30.51
C VAL B 189 -54.18 -39.54 -31.45
N TRP B 190 -53.01 -39.11 -30.97
CA TRP B 190 -52.12 -38.27 -31.76
C TRP B 190 -51.42 -39.03 -32.88
N LYS B 191 -51.35 -40.35 -32.82
CA LYS B 191 -50.76 -41.10 -33.91
C LYS B 191 -51.72 -41.13 -35.08
N ALA B 192 -51.18 -40.96 -36.29
CA ALA B 192 -52.01 -40.84 -37.47
C ALA B 192 -52.67 -42.17 -37.81
N PRO B 193 -53.96 -42.16 -38.14
CA PRO B 193 -54.67 -43.43 -38.40
C PRO B 193 -54.32 -44.10 -39.71
N ALA B 194 -53.36 -43.60 -40.48
CA ALA B 194 -52.91 -44.30 -41.67
C ALA B 194 -51.83 -45.31 -41.31
N ASN B 195 -51.42 -46.07 -42.32
CA ASN B 195 -50.37 -47.09 -42.23
C ASN B 195 -50.71 -48.17 -41.20
N VAL B 196 -51.93 -48.69 -41.30
CA VAL B 196 -52.40 -49.77 -40.45
C VAL B 196 -53.18 -50.74 -41.34
N ALA B 197 -52.80 -52.02 -41.31
CA ALA B 197 -53.46 -53.02 -42.12
C ALA B 197 -54.88 -53.27 -41.64
N LEU B 198 -55.77 -53.53 -42.57
CA LEU B 198 -57.18 -53.78 -42.24
C LEU B 198 -57.33 -55.22 -41.80
N LYS B 199 -57.79 -55.43 -40.55
CA LYS B 199 -57.81 -56.75 -39.97
C LYS B 199 -58.90 -57.63 -40.57
N GLY B 200 -59.96 -57.02 -41.11
CA GLY B 200 -60.92 -57.78 -41.85
C GLY B 200 -60.35 -58.25 -43.18
N GLY B 201 -60.95 -59.30 -43.73
CA GLY B 201 -60.40 -59.91 -44.92
C GLY B 201 -60.84 -59.26 -46.22
N LEU B 202 -60.87 -57.93 -46.27
CA LEU B 202 -61.47 -57.20 -47.37
C LEU B 202 -60.39 -56.43 -48.12
N GLU B 203 -60.45 -56.52 -49.47
CA GLU B 203 -59.56 -55.95 -50.47
C GLU B 203 -60.20 -54.74 -51.14
N PRO B 204 -59.40 -53.79 -51.64
CA PRO B 204 -59.99 -52.67 -52.38
C PRO B 204 -60.49 -53.13 -53.73
N LYS B 205 -61.67 -52.61 -54.10
CA LYS B 205 -62.27 -52.96 -55.38
C LYS B 205 -61.54 -52.29 -56.53
N PHE B 206 -60.95 -51.13 -56.30
CA PHE B 206 -60.21 -50.40 -57.32
C PHE B 206 -58.75 -50.29 -56.93
N LEU B 207 -57.87 -50.71 -57.82
CA LEU B 207 -56.45 -50.65 -57.55
C LEU B 207 -55.95 -49.21 -57.68
N VAL B 208 -54.93 -48.88 -56.91
CA VAL B 208 -54.47 -47.50 -56.78
C VAL B 208 -53.09 -47.37 -57.41
N THR B 209 -53.00 -46.58 -58.46
CA THR B 209 -51.72 -46.20 -59.03
C THR B 209 -51.09 -45.14 -58.13
N ASP B 210 -49.77 -45.14 -58.06
CA ASP B 210 -49.06 -44.18 -57.22
C ASP B 210 -49.11 -42.78 -57.82
N GLU B 211 -49.09 -42.68 -59.15
CA GLU B 211 -49.25 -41.37 -59.78
C GLU B 211 -50.67 -40.87 -59.67
N LEU B 212 -51.64 -41.78 -59.51
CA LEU B 212 -53.03 -41.38 -59.30
C LEU B 212 -53.20 -40.72 -57.93
N GLN B 213 -52.43 -41.16 -56.94
CA GLN B 213 -52.48 -40.53 -55.64
C GLN B 213 -51.73 -39.20 -55.59
N GLY B 214 -50.96 -38.88 -56.63
CA GLY B 214 -50.18 -37.66 -56.61
C GLY B 214 -51.04 -36.42 -56.75
N GLU B 215 -51.96 -36.42 -57.70
CA GLU B 215 -52.80 -35.26 -57.94
C GLU B 215 -54.11 -35.31 -57.17
N TYR B 216 -54.35 -36.35 -56.40
CA TYR B 216 -55.51 -36.39 -55.51
C TYR B 216 -55.18 -36.03 -54.07
N ASN B 217 -53.95 -36.26 -53.64
CA ASN B 217 -53.56 -35.95 -52.27
C ASN B 217 -52.97 -34.54 -52.18
N THR B 218 -53.74 -33.58 -52.69
CA THR B 218 -53.43 -32.16 -52.56
C THR B 218 -54.74 -31.39 -52.66
N GLY B 219 -54.70 -30.14 -52.22
CA GLY B 219 -55.94 -29.38 -52.12
C GLY B 219 -56.81 -29.98 -51.04
N ARG B 220 -58.12 -29.99 -51.27
CA ARG B 220 -59.01 -30.78 -50.43
C ARG B 220 -58.78 -32.24 -50.78
N ALA B 221 -57.90 -32.88 -50.02
CA ALA B 221 -57.35 -34.18 -50.39
C ALA B 221 -58.35 -35.30 -50.17
N ILE B 222 -58.21 -36.34 -50.99
CA ILE B 222 -58.92 -37.59 -50.82
C ILE B 222 -57.87 -38.64 -50.44
N ASN B 223 -57.95 -39.13 -49.20
CA ASN B 223 -57.08 -40.23 -48.79
C ASN B 223 -57.44 -41.49 -49.56
N MET B 224 -56.44 -42.33 -49.79
CA MET B 224 -56.62 -43.48 -50.66
C MET B 224 -56.15 -44.73 -49.96
N ILE B 225 -57.01 -45.75 -49.92
CA ILE B 225 -56.64 -47.05 -49.38
C ILE B 225 -55.89 -47.81 -50.46
N ARG B 226 -54.63 -48.16 -50.17
CA ARG B 226 -53.77 -48.79 -51.16
C ARG B 226 -53.25 -50.10 -50.61
N ASN B 227 -53.28 -51.14 -51.44
CA ASN B 227 -52.77 -52.45 -51.04
C ASN B 227 -51.42 -52.71 -51.68
N PHE B 228 -50.43 -53.02 -50.86
CA PHE B 228 -49.14 -53.45 -51.36
C PHE B 228 -48.68 -54.66 -50.55
N SER B 229 -47.59 -55.28 -51.00
CA SER B 229 -47.29 -56.66 -50.67
C SER B 229 -46.78 -56.87 -49.25
N ASN B 230 -46.22 -55.85 -48.61
CA ASN B 230 -45.57 -56.06 -47.32
C ASN B 230 -46.62 -56.24 -46.22
N THR B 231 -47.61 -55.37 -46.17
CA THR B 231 -48.56 -55.35 -45.07
C THR B 231 -49.99 -55.63 -45.49
N GLY B 232 -50.23 -55.87 -46.76
CA GLY B 232 -51.59 -56.08 -47.24
C GLY B 232 -52.27 -54.75 -47.52
N THR B 233 -53.61 -54.79 -47.46
CA THR B 233 -54.42 -53.61 -47.75
C THR B 233 -54.34 -52.64 -46.58
N THR B 234 -53.67 -51.52 -46.78
CA THR B 234 -53.47 -50.54 -45.72
C THR B 234 -54.11 -49.22 -46.11
N VAL B 235 -54.49 -48.45 -45.11
CA VAL B 235 -54.89 -47.08 -45.34
C VAL B 235 -53.64 -46.22 -45.48
N TRP B 236 -53.69 -45.25 -46.39
CA TRP B 236 -52.49 -44.55 -46.79
C TRP B 236 -52.69 -43.03 -46.83
N GLY B 237 -53.60 -42.51 -46.04
CA GLY B 237 -53.80 -41.07 -46.01
C GLY B 237 -54.24 -40.58 -44.65
N ALA B 238 -53.56 -39.54 -44.15
CA ALA B 238 -53.92 -38.91 -42.89
C ALA B 238 -54.38 -37.48 -43.09
N ARG B 239 -54.52 -37.02 -44.33
CA ARG B 239 -54.94 -35.66 -44.58
C ARG B 239 -56.46 -35.53 -44.48
N THR B 240 -56.90 -34.38 -44.01
CA THR B 240 -58.31 -34.05 -43.97
C THR B 240 -58.71 -33.34 -45.26
N LEU B 241 -59.90 -32.76 -45.27
CA LEU B 241 -60.40 -32.07 -46.46
C LEU B 241 -59.97 -30.61 -46.52
N GLU B 242 -58.97 -30.19 -45.76
CA GLU B 242 -58.55 -28.81 -45.71
C GLU B 242 -57.07 -28.71 -46.02
N ASP B 243 -56.70 -27.80 -46.91
CA ASP B 243 -55.31 -27.56 -47.27
C ASP B 243 -54.92 -26.18 -46.75
N LYS B 244 -54.49 -26.13 -45.50
CA LYS B 244 -53.71 -25.00 -45.00
C LYS B 244 -52.73 -25.54 -43.97
N ASP B 245 -51.91 -24.64 -43.43
CA ASP B 245 -50.81 -25.08 -42.59
C ASP B 245 -51.27 -25.56 -41.22
N ASN B 246 -52.38 -25.01 -40.72
CA ASN B 246 -52.80 -25.29 -39.35
C ASN B 246 -53.43 -26.67 -39.21
N TRP B 247 -54.46 -26.94 -40.00
CA TRP B 247 -55.35 -28.07 -39.74
C TRP B 247 -55.28 -29.09 -40.86
N ARG B 248 -54.08 -29.48 -41.25
CA ARG B 248 -53.90 -30.30 -42.43
C ARG B 248 -54.16 -31.78 -42.18
N TYR B 249 -54.10 -32.25 -40.94
CA TYR B 249 -54.03 -33.67 -40.66
C TYR B 249 -55.14 -34.12 -39.72
N VAL B 250 -55.68 -35.31 -39.97
CA VAL B 250 -56.63 -35.91 -39.04
C VAL B 250 -56.03 -36.32 -37.70
N PRO B 251 -54.72 -36.56 -37.51
CA PRO B 251 -54.27 -36.60 -36.11
C PRO B 251 -54.15 -35.23 -35.46
N VAL B 252 -53.76 -34.20 -36.20
CA VAL B 252 -53.65 -32.87 -35.61
C VAL B 252 -55.03 -32.23 -35.44
N ARG B 253 -56.06 -32.76 -36.09
CA ARG B 253 -57.41 -32.27 -35.86
C ARG B 253 -58.06 -33.00 -34.71
N ARG B 254 -57.92 -34.33 -34.67
CA ARG B 254 -58.60 -35.09 -33.63
C ARG B 254 -57.86 -35.07 -32.30
N LEU B 255 -56.65 -34.53 -32.24
CA LEU B 255 -56.06 -34.26 -30.93
C LEU B 255 -56.70 -33.02 -30.33
N PHE B 256 -56.95 -32.01 -31.14
CA PHE B 256 -57.65 -30.82 -30.67
C PHE B 256 -59.15 -31.03 -30.49
N ASN B 257 -59.67 -32.23 -30.73
CA ASN B 257 -61.02 -32.53 -30.31
C ASN B 257 -61.02 -33.18 -28.93
N SER B 258 -60.14 -34.15 -28.73
CA SER B 258 -60.11 -34.89 -27.48
C SER B 258 -59.43 -34.14 -26.35
N VAL B 259 -58.70 -33.07 -26.63
CA VAL B 259 -58.23 -32.21 -25.54
C VAL B 259 -59.28 -31.18 -25.17
N GLU B 260 -60.01 -30.68 -26.16
CA GLU B 260 -61.07 -29.70 -25.97
C GLU B 260 -62.39 -30.32 -25.57
N ARG B 261 -62.40 -31.61 -25.29
CA ARG B 261 -63.55 -32.27 -24.70
C ARG B 261 -63.22 -32.89 -23.35
N ASP B 262 -61.97 -33.27 -23.11
CA ASP B 262 -61.59 -33.74 -21.80
C ASP B 262 -61.48 -32.60 -20.81
N ILE B 263 -61.10 -31.41 -21.27
CA ILE B 263 -61.03 -30.27 -20.37
C ILE B 263 -62.43 -29.70 -20.13
N LYS B 264 -63.31 -29.73 -21.14
CA LYS B 264 -64.65 -29.19 -20.99
C LYS B 264 -65.49 -30.00 -20.01
N ARG B 265 -65.21 -31.30 -19.86
CA ARG B 265 -65.88 -32.04 -18.81
C ARG B 265 -65.30 -31.73 -17.45
N ALA B 266 -64.02 -31.36 -17.37
CA ALA B 266 -63.43 -30.98 -16.10
C ALA B 266 -63.86 -29.58 -15.68
N MET B 267 -64.18 -28.72 -16.65
CA MET B 267 -64.63 -27.38 -16.31
C MET B 267 -66.04 -27.34 -15.76
N SER B 268 -66.80 -28.43 -15.88
CA SER B 268 -68.12 -28.46 -15.25
C SER B 268 -68.02 -28.58 -13.74
N PHE B 269 -66.91 -29.11 -13.21
CA PHE B 269 -66.75 -29.18 -11.77
C PHE B 269 -66.37 -27.85 -11.16
N ALA B 270 -65.63 -27.03 -11.90
CA ALA B 270 -65.23 -25.70 -11.46
C ALA B 270 -66.08 -24.63 -12.12
N MET B 271 -67.38 -24.91 -12.26
CA MET B 271 -68.23 -24.05 -13.08
C MET B 271 -68.56 -22.76 -12.36
N PHE B 272 -69.30 -22.83 -11.26
CA PHE B 272 -69.72 -21.62 -10.56
C PHE B 272 -68.81 -21.28 -9.39
N GLU B 273 -67.57 -21.72 -9.41
CA GLU B 273 -66.63 -21.37 -8.38
C GLU B 273 -66.24 -19.91 -8.51
N PRO B 274 -66.10 -19.18 -7.40
CA PRO B 274 -65.73 -17.75 -7.49
C PRO B 274 -64.28 -17.60 -7.91
N ASN B 275 -64.04 -16.81 -8.95
CA ASN B 275 -62.72 -16.75 -9.55
C ASN B 275 -61.88 -15.68 -8.86
N ASN B 276 -60.89 -16.14 -8.10
CA ASN B 276 -59.86 -15.27 -7.57
C ASN B 276 -58.55 -16.03 -7.65
N GLN B 277 -57.54 -15.54 -6.94
CA GLN B 277 -56.23 -16.20 -6.95
C GLN B 277 -56.22 -17.63 -6.38
N PRO B 278 -57.01 -18.02 -5.37
CA PRO B 278 -57.05 -19.46 -5.04
C PRO B 278 -57.72 -20.33 -6.08
N THR B 279 -58.69 -19.82 -6.84
CA THR B 279 -59.43 -20.69 -7.75
C THR B 279 -58.64 -20.97 -9.02
N TRP B 280 -58.17 -19.94 -9.72
CA TRP B 280 -57.48 -20.19 -10.98
C TRP B 280 -56.02 -20.57 -10.79
N GLU B 281 -55.60 -20.93 -9.58
CA GLU B 281 -54.38 -21.69 -9.40
C GLU B 281 -54.66 -23.18 -9.45
N ARG B 282 -55.84 -23.60 -9.00
CA ARG B 282 -56.23 -25.00 -9.16
C ARG B 282 -56.53 -25.34 -10.61
N VAL B 283 -57.17 -24.42 -11.33
CA VAL B 283 -57.54 -24.67 -12.72
C VAL B 283 -56.31 -24.63 -13.61
N ARG B 284 -55.34 -23.78 -13.28
CA ARG B 284 -54.09 -23.77 -14.04
C ARG B 284 -53.27 -25.02 -13.77
N ALA B 285 -53.21 -25.46 -12.52
CA ALA B 285 -52.38 -26.62 -12.18
C ALA B 285 -53.03 -27.94 -12.60
N ALA B 286 -54.35 -27.98 -12.76
CA ALA B 286 -55.00 -29.22 -13.17
C ALA B 286 -54.96 -29.39 -14.68
N ILE B 287 -55.06 -28.29 -15.43
CA ILE B 287 -54.98 -28.38 -16.87
C ILE B 287 -53.53 -28.63 -17.30
N SER B 288 -52.57 -28.00 -16.62
CA SER B 288 -51.18 -28.15 -17.01
C SER B 288 -50.63 -29.54 -16.70
N ASN B 289 -51.27 -30.27 -15.79
CA ASN B 289 -50.84 -31.65 -15.57
C ASN B 289 -51.39 -32.57 -16.65
N TYR B 290 -52.52 -32.23 -17.25
CA TYR B 290 -53.01 -33.00 -18.38
C TYR B 290 -52.15 -32.79 -19.61
N LEU B 291 -51.78 -31.54 -19.87
CA LEU B 291 -50.92 -31.21 -21.00
C LEU B 291 -49.48 -31.63 -20.75
N TYR B 292 -49.11 -31.93 -19.51
CA TYR B 292 -47.80 -32.52 -19.25
C TYR B 292 -47.81 -34.02 -19.49
N SER B 293 -48.94 -34.67 -19.20
CA SER B 293 -49.04 -36.11 -19.39
C SER B 293 -49.07 -36.48 -20.87
N LEU B 294 -49.60 -35.60 -21.72
CA LEU B 294 -49.52 -35.84 -23.14
C LEU B 294 -48.11 -35.63 -23.66
N TRP B 295 -47.35 -34.72 -23.03
CA TRP B 295 -46.00 -34.46 -23.49
C TRP B 295 -45.05 -35.61 -23.13
N GLN B 296 -45.27 -36.26 -21.98
CA GLN B 296 -44.44 -37.39 -21.63
C GLN B 296 -44.78 -38.61 -22.49
N GLN B 297 -45.99 -38.69 -23.00
CA GLN B 297 -46.35 -39.75 -23.94
C GLN B 297 -45.90 -39.46 -25.36
N GLY B 298 -45.35 -38.27 -25.62
CA GLY B 298 -44.89 -37.93 -26.94
C GLY B 298 -45.95 -37.37 -27.87
N GLY B 299 -47.10 -36.97 -27.33
CA GLY B 299 -48.14 -36.40 -28.17
C GLY B 299 -47.90 -34.98 -28.58
N LEU B 300 -47.06 -34.26 -27.85
CA LEU B 300 -46.74 -32.87 -28.16
C LEU B 300 -45.27 -32.73 -28.50
N ALA B 301 -44.97 -31.95 -29.53
CA ALA B 301 -43.60 -31.73 -29.93
C ALA B 301 -42.91 -30.76 -28.98
N GLY B 302 -41.62 -30.59 -29.17
CA GLY B 302 -40.85 -29.66 -28.36
C GLY B 302 -39.82 -30.37 -27.50
N SER B 303 -38.81 -29.60 -27.09
CA SER B 303 -37.71 -30.15 -26.32
C SER B 303 -38.02 -30.24 -24.84
N LYS B 304 -38.45 -29.13 -24.23
CA LYS B 304 -38.85 -29.13 -22.84
C LYS B 304 -40.24 -28.53 -22.71
N GLU B 305 -40.80 -28.64 -21.51
CA GLU B 305 -42.23 -28.39 -21.30
C GLU B 305 -42.60 -26.91 -21.40
N GLU B 306 -41.63 -26.00 -21.36
CA GLU B 306 -41.94 -24.60 -21.59
C GLU B 306 -42.27 -24.31 -23.04
N ASP B 307 -41.88 -25.20 -23.96
CA ASP B 307 -42.13 -25.03 -25.37
C ASP B 307 -43.28 -25.87 -25.89
N ALA B 308 -43.59 -26.98 -25.23
CA ALA B 308 -44.64 -27.87 -25.73
C ALA B 308 -46.03 -27.28 -25.51
N TYR B 309 -46.23 -26.52 -24.44
CA TYR B 309 -47.55 -26.01 -24.10
C TYR B 309 -47.38 -24.81 -23.19
N PHE B 310 -48.47 -24.06 -23.01
CA PHE B 310 -48.54 -23.01 -22.01
C PHE B 310 -49.99 -22.77 -21.66
N VAL B 311 -50.25 -22.48 -20.39
CA VAL B 311 -51.59 -22.17 -19.90
C VAL B 311 -51.51 -20.92 -19.05
N GLN B 312 -52.45 -20.00 -19.26
CA GLN B 312 -52.38 -18.68 -18.64
C GLN B 312 -53.76 -18.29 -18.13
N ILE B 313 -53.93 -18.28 -16.81
CA ILE B 313 -55.08 -17.64 -16.19
C ILE B 313 -54.56 -16.60 -15.21
N GLY B 314 -55.31 -15.53 -15.04
CA GLY B 314 -54.97 -14.52 -14.05
C GLY B 314 -55.50 -13.16 -14.43
N LYS B 315 -55.82 -12.37 -13.40
CA LYS B 315 -56.17 -10.98 -13.57
C LYS B 315 -54.96 -10.22 -14.11
N GLY B 316 -55.16 -9.45 -15.17
CA GLY B 316 -54.01 -9.00 -15.92
C GLY B 316 -53.81 -9.80 -17.19
N ILE B 317 -52.96 -10.84 -17.08
CA ILE B 317 -52.38 -11.64 -18.16
C ILE B 317 -53.33 -12.03 -19.29
N THR B 318 -54.49 -12.59 -18.96
CA THR B 318 -55.41 -13.00 -20.00
C THR B 318 -56.73 -12.24 -20.00
N MET B 319 -57.25 -11.86 -18.83
CA MET B 319 -58.50 -11.14 -18.74
C MET B 319 -58.28 -9.86 -17.95
N THR B 320 -59.09 -8.86 -18.26
CA THR B 320 -58.98 -7.59 -17.58
C THR B 320 -59.90 -7.58 -16.37
N GLN B 321 -60.00 -6.44 -15.69
CA GLN B 321 -60.82 -6.36 -14.49
C GLN B 321 -62.31 -6.31 -14.86
N GLU B 322 -62.66 -5.62 -15.95
CA GLU B 322 -64.05 -5.47 -16.33
C GLU B 322 -64.67 -6.76 -16.80
N GLN B 323 -63.87 -7.71 -17.29
CA GLN B 323 -64.40 -9.01 -17.65
C GLN B 323 -64.65 -9.89 -16.44
N ILE B 324 -63.91 -9.65 -15.34
CA ILE B 324 -64.18 -10.35 -14.09
C ILE B 324 -65.52 -9.88 -13.52
N ASP B 325 -65.82 -8.58 -13.67
CA ASP B 325 -67.08 -8.04 -13.18
C ASP B 325 -68.28 -8.53 -13.97
N ALA B 326 -68.07 -8.99 -15.20
CA ALA B 326 -69.13 -9.67 -15.95
C ALA B 326 -69.14 -11.16 -15.68
N GLY B 327 -68.19 -11.66 -14.90
CA GLY B 327 -68.17 -13.05 -14.50
C GLY B 327 -67.79 -14.02 -15.60
N GLN B 328 -66.69 -13.77 -16.29
CA GLN B 328 -66.20 -14.70 -17.31
C GLN B 328 -64.68 -14.78 -17.21
N MET B 329 -64.18 -15.91 -16.72
CA MET B 329 -62.75 -16.10 -16.69
C MET B 329 -62.28 -16.83 -17.94
N ILE B 330 -61.11 -16.42 -18.44
CA ILE B 330 -60.61 -16.78 -19.76
C ILE B 330 -59.34 -17.60 -19.60
N VAL B 331 -59.30 -18.75 -20.24
CA VAL B 331 -58.16 -19.66 -20.19
C VAL B 331 -57.56 -19.74 -21.58
N LYS B 332 -56.29 -19.37 -21.70
CA LYS B 332 -55.54 -19.54 -22.95
C LYS B 332 -54.71 -20.80 -22.83
N VAL B 333 -54.84 -21.70 -23.80
CA VAL B 333 -54.15 -22.99 -23.80
C VAL B 333 -53.44 -23.15 -25.14
N GLY B 334 -52.14 -23.39 -25.09
CA GLY B 334 -51.35 -23.61 -26.29
C GLY B 334 -50.98 -25.09 -26.42
N LEU B 335 -51.01 -25.59 -27.65
CA LEU B 335 -50.64 -26.96 -27.92
C LEU B 335 -49.80 -27.01 -29.19
N ALA B 336 -48.75 -27.82 -29.18
CA ALA B 336 -47.92 -28.07 -30.35
C ALA B 336 -48.08 -29.55 -30.68
N ALA B 337 -49.13 -29.87 -31.43
CA ALA B 337 -49.40 -31.26 -31.74
C ALA B 337 -48.46 -31.76 -32.82
N VAL B 338 -48.07 -33.02 -32.70
CA VAL B 338 -47.15 -33.61 -33.66
C VAL B 338 -47.90 -33.94 -34.93
N ARG B 339 -47.22 -33.80 -36.05
CA ARG B 339 -47.82 -34.11 -37.33
C ARG B 339 -47.10 -35.29 -37.95
N PRO B 340 -47.79 -36.15 -38.70
CA PRO B 340 -47.14 -37.37 -39.17
C PRO B 340 -46.14 -37.10 -40.29
N ALA B 341 -45.24 -38.06 -40.47
CA ALA B 341 -44.21 -37.99 -41.51
C ALA B 341 -44.84 -38.40 -42.83
N GLU B 342 -45.44 -37.44 -43.53
CA GLU B 342 -46.12 -37.76 -44.76
C GLU B 342 -45.15 -38.08 -45.88
N PHE B 343 -44.02 -37.36 -45.95
CA PHE B 343 -43.06 -37.52 -47.03
C PHE B 343 -41.66 -37.61 -46.42
N ILE B 344 -41.23 -38.81 -46.07
CA ILE B 344 -39.88 -38.97 -45.52
C ILE B 344 -38.89 -38.96 -46.67
N ILE B 345 -37.98 -37.99 -46.69
CA ILE B 345 -37.02 -37.86 -47.76
C ILE B 345 -35.63 -38.15 -47.22
N LEU B 346 -34.78 -38.64 -48.11
CA LEU B 346 -33.46 -39.15 -47.73
C LEU B 346 -32.43 -38.54 -48.66
N GLN B 347 -31.48 -37.82 -48.10
CA GLN B 347 -30.46 -37.12 -48.87
C GLN B 347 -29.11 -37.80 -48.66
N PHE B 348 -28.51 -38.25 -49.75
CA PHE B 348 -27.30 -39.05 -49.69
C PHE B 348 -26.14 -38.27 -50.27
N THR B 349 -25.14 -38.03 -49.43
CA THR B 349 -23.95 -37.28 -49.81
C THR B 349 -22.76 -38.22 -49.76
N GLN B 350 -21.76 -37.92 -50.60
CA GLN B 350 -20.50 -38.64 -50.53
C GLN B 350 -19.42 -37.83 -49.83
N ASP B 351 -19.80 -36.76 -49.14
CA ASP B 351 -18.87 -35.92 -48.41
C ASP B 351 -19.07 -36.17 -46.92
N VAL B 352 -18.24 -37.03 -46.35
CA VAL B 352 -18.39 -37.46 -44.97
C VAL B 352 -17.50 -36.70 -44.01
N GLU B 353 -16.40 -36.12 -44.47
CA GLU B 353 -15.60 -35.24 -43.64
C GLU B 353 -16.10 -33.82 -43.67
N GLN B 354 -16.94 -33.49 -44.66
CA GLN B 354 -17.56 -32.18 -44.71
C GLN B 354 -18.61 -32.03 -43.62
N ARG B 355 -19.47 -33.03 -43.47
CA ARG B 355 -20.57 -33.10 -42.49
C ARG B 355 -21.52 -31.90 -42.57
N THR C 2 -33.47 9.00 63.51
CA THR C 2 -33.44 7.54 63.67
C THR C 2 -32.96 7.15 65.05
N THR C 3 -31.65 7.02 65.20
CA THR C 3 -31.04 6.63 66.46
C THR C 3 -30.44 7.86 67.14
N VAL C 4 -30.58 7.91 68.46
CA VAL C 4 -29.98 8.96 69.27
C VAL C 4 -28.93 8.31 70.16
N THR C 5 -27.77 8.95 70.25
CA THR C 5 -26.65 8.42 71.03
C THR C 5 -26.42 9.37 72.20
N SER C 6 -26.78 8.92 73.39
CA SER C 6 -26.68 9.74 74.59
C SER C 6 -25.55 9.31 75.52
N TYR C 7 -25.50 8.04 75.89
CA TYR C 7 -24.51 7.54 76.81
C TYR C 7 -23.55 6.60 76.09
N PRO C 8 -22.32 6.47 76.56
CA PRO C 8 -21.39 5.51 75.94
C PRO C 8 -21.80 4.08 76.23
N GLY C 9 -21.97 3.31 75.17
CA GLY C 9 -22.46 1.95 75.32
C GLY C 9 -22.66 1.32 73.96
N VAL C 10 -23.33 0.17 73.96
CA VAL C 10 -23.61 -0.58 72.75
C VAL C 10 -25.09 -0.43 72.44
N TYR C 11 -25.40 0.08 71.25
CA TYR C 11 -26.78 0.31 70.83
C TYR C 11 -27.16 -0.70 69.77
N ILE C 12 -28.20 -1.48 70.02
CA ILE C 12 -28.75 -2.39 69.04
C ILE C 12 -29.99 -1.73 68.45
N GLU C 13 -29.98 -1.50 67.15
CA GLU C 13 -31.18 -1.07 66.45
C GLU C 13 -31.34 -1.91 65.21
N GLU C 14 -32.54 -2.41 64.99
CA GLU C 14 -32.82 -3.35 63.92
C GLU C 14 -33.61 -2.61 62.84
N LEU C 15 -32.91 -2.14 61.82
CA LEU C 15 -33.58 -1.59 60.65
C LEU C 15 -33.94 -2.72 59.72
N ASN C 16 -35.19 -2.74 59.27
CA ASN C 16 -35.67 -3.80 58.40
C ASN C 16 -36.42 -3.18 57.23
N SER C 17 -36.16 -3.69 56.04
CA SER C 17 -36.82 -3.23 54.84
C SER C 17 -38.30 -3.64 54.84
N LEU C 18 -39.05 -3.06 53.93
CA LEU C 18 -40.46 -3.39 53.77
C LEU C 18 -40.58 -4.80 53.21
N ALA C 19 -41.00 -5.74 54.02
CA ALA C 19 -41.21 -7.12 53.59
C ALA C 19 -42.65 -7.26 53.15
N LEU C 20 -42.85 -7.51 51.86
CA LEU C 20 -44.17 -7.54 51.26
C LEU C 20 -44.34 -8.85 50.51
N SER C 21 -45.38 -9.60 50.84
CA SER C 21 -45.70 -10.82 50.15
C SER C 21 -47.21 -10.92 50.01
N VAL C 22 -47.66 -11.64 48.99
CA VAL C 22 -49.06 -11.71 48.62
C VAL C 22 -49.60 -13.08 48.96
N SER C 23 -50.64 -13.11 49.78
CA SER C 23 -51.25 -14.34 50.26
C SER C 23 -52.51 -14.63 49.46
N ASN C 24 -52.67 -15.88 49.01
CA ASN C 24 -53.84 -16.32 48.28
C ASN C 24 -54.64 -17.27 49.17
N SER C 25 -55.86 -16.87 49.52
CA SER C 25 -56.67 -17.70 50.39
C SER C 25 -58.14 -17.34 50.21
N ALA C 26 -59.00 -18.34 50.46
CA ALA C 26 -60.46 -18.22 50.47
C ALA C 26 -61.00 -17.71 49.14
N THR C 27 -60.82 -18.52 48.11
CA THR C 27 -61.23 -18.12 46.77
C THR C 27 -62.75 -18.14 46.62
N ALA C 28 -63.41 -19.20 47.11
CA ALA C 28 -64.86 -19.34 46.97
C ALA C 28 -65.46 -19.74 48.32
N VAL C 29 -65.81 -18.74 49.11
CA VAL C 29 -66.51 -18.91 50.38
C VAL C 29 -67.88 -18.25 50.23
N PRO C 30 -68.96 -19.02 50.20
CA PRO C 30 -70.27 -18.45 49.87
C PRO C 30 -71.03 -18.00 51.12
N VAL C 31 -72.10 -17.24 50.87
CA VAL C 31 -73.09 -16.93 51.87
C VAL C 31 -74.44 -17.39 51.31
N PHE C 32 -75.34 -17.78 52.19
CA PHE C 32 -76.64 -18.28 51.78
C PHE C 32 -77.71 -17.37 52.33
N ALA C 33 -78.40 -16.67 51.45
CA ALA C 33 -79.57 -15.89 51.84
C ALA C 33 -80.66 -16.87 52.23
N VAL C 34 -80.87 -17.04 53.53
CA VAL C 34 -81.83 -18.03 53.99
C VAL C 34 -83.25 -17.53 53.72
N ASP C 35 -84.20 -18.46 53.79
CA ASP C 35 -85.60 -18.11 53.68
C ASP C 35 -86.01 -17.27 54.88
N GLU C 36 -86.89 -16.29 54.65
CA GLU C 36 -87.30 -15.38 55.71
C GLU C 36 -88.15 -16.10 56.75
N GLN C 37 -88.85 -17.16 56.35
CA GLN C 37 -89.71 -17.90 57.26
C GLN C 37 -88.94 -18.82 58.21
N ASN C 38 -87.69 -19.16 57.88
CA ASN C 38 -86.90 -20.08 58.69
C ASN C 38 -86.59 -19.46 60.04
N GLN C 39 -87.21 -20.00 61.09
CA GLN C 39 -87.15 -19.42 62.43
C GLN C 39 -85.84 -19.70 63.15
N TYR C 40 -84.99 -20.57 62.61
CA TYR C 40 -83.81 -21.00 63.35
C TYR C 40 -82.63 -20.08 63.15
N ILE C 41 -82.57 -19.38 62.01
CA ILE C 41 -81.55 -18.36 61.82
C ILE C 41 -81.90 -17.15 62.68
N SER C 42 -80.95 -16.70 63.48
CA SER C 42 -81.18 -15.53 64.32
C SER C 42 -81.23 -14.27 63.46
N GLU C 43 -81.96 -13.28 63.95
CA GLU C 43 -82.18 -12.05 63.21
C GLU C 43 -80.91 -11.20 63.20
N ASP C 44 -80.43 -10.89 61.99
CA ASP C 44 -79.30 -9.99 61.73
C ASP C 44 -78.01 -10.47 62.39
N ASN C 45 -77.66 -11.73 62.12
CA ASN C 45 -76.41 -12.29 62.60
C ASN C 45 -75.95 -13.36 61.63
N ALA C 46 -74.73 -13.22 61.12
CA ALA C 46 -74.17 -14.19 60.17
C ALA C 46 -73.72 -15.42 60.94
N ILE C 47 -74.67 -16.33 61.15
CA ILE C 47 -74.34 -17.58 61.82
C ILE C 47 -73.55 -18.47 60.84
N ARG C 48 -72.38 -18.91 61.27
CA ARG C 48 -71.41 -19.53 60.39
C ARG C 48 -71.33 -21.02 60.68
N ILE C 49 -71.38 -21.83 59.63
CA ILE C 49 -71.34 -23.28 59.75
C ILE C 49 -70.14 -23.80 58.95
N ASN C 50 -69.54 -24.88 59.44
CA ASN C 50 -68.35 -25.46 58.83
C ASN C 50 -68.65 -26.72 58.04
N SER C 51 -69.36 -27.67 58.65
CA SER C 51 -69.68 -28.93 58.00
C SER C 51 -71.12 -29.28 58.33
N TRP C 52 -71.61 -30.38 57.75
CA TRP C 52 -73.02 -30.72 57.93
C TRP C 52 -73.28 -31.27 59.32
N MET C 53 -72.31 -31.95 59.92
CA MET C 53 -72.45 -32.31 61.33
C MET C 53 -72.38 -31.07 62.22
N ASP C 54 -71.65 -30.04 61.78
CA ASP C 54 -71.63 -28.78 62.50
C ASP C 54 -72.93 -28.02 62.29
N TYR C 55 -73.52 -28.13 61.10
CA TYR C 55 -74.79 -27.49 60.83
C TYR C 55 -75.93 -28.21 61.54
N LEU C 56 -75.78 -29.52 61.78
CA LEU C 56 -76.85 -30.31 62.38
C LEU C 56 -77.07 -30.01 63.86
N ASN C 57 -76.15 -29.28 64.50
CA ASN C 57 -76.40 -28.85 65.87
C ASN C 57 -77.38 -27.69 65.94
N LEU C 58 -77.52 -26.93 64.85
CA LEU C 58 -78.58 -25.93 64.77
C LEU C 58 -79.94 -26.61 64.76
N ILE C 59 -80.13 -27.58 63.87
CA ILE C 59 -81.36 -28.34 63.74
C ILE C 59 -81.01 -29.80 63.55
N GLY C 60 -81.50 -30.66 64.46
CA GLY C 60 -81.12 -32.06 64.44
C GLY C 60 -81.88 -32.92 63.45
N ASN C 61 -83.03 -32.47 62.99
CA ASN C 61 -83.90 -33.27 62.13
C ASN C 61 -84.24 -32.44 60.89
N PHE C 62 -85.27 -32.88 60.16
CA PHE C 62 -85.98 -32.07 59.14
C PHE C 62 -85.07 -31.75 57.95
N ASN C 63 -84.36 -32.77 57.48
CA ASN C 63 -83.61 -32.68 56.23
C ASN C 63 -84.51 -32.70 55.00
N ASN C 64 -85.79 -33.01 55.17
CA ASN C 64 -86.64 -33.46 54.08
C ASN C 64 -87.29 -32.32 53.28
N GLU C 65 -87.83 -31.30 53.94
CA GLU C 65 -88.83 -30.46 53.29
C GLU C 65 -88.39 -29.04 52.95
N ASP C 66 -87.88 -28.28 53.91
CA ASP C 66 -87.70 -26.84 53.70
C ASP C 66 -86.52 -26.56 52.77
N LYS C 67 -86.72 -25.57 51.89
CA LYS C 67 -85.86 -25.40 50.73
C LYS C 67 -84.47 -24.89 51.08
N LEU C 68 -84.31 -24.19 52.19
CA LEU C 68 -82.97 -23.86 52.65
C LEU C 68 -82.26 -25.10 53.20
N ASP C 69 -82.99 -25.94 53.93
CA ASP C 69 -82.42 -27.09 54.60
C ASP C 69 -81.93 -28.13 53.60
N VAL C 70 -82.64 -28.28 52.49
CA VAL C 70 -82.21 -29.18 51.43
C VAL C 70 -80.99 -28.61 50.71
N SER C 71 -80.94 -27.28 50.56
CA SER C 71 -79.92 -26.65 49.74
C SER C 71 -78.54 -26.75 50.38
N VAL C 72 -78.45 -26.52 51.69
CA VAL C 72 -77.16 -26.58 52.36
C VAL C 72 -76.71 -28.02 52.52
N ARG C 73 -77.64 -28.97 52.52
CA ARG C 73 -77.25 -30.38 52.48
C ARG C 73 -76.69 -30.74 51.12
N ALA C 74 -77.30 -30.24 50.05
CA ALA C 74 -76.79 -30.45 48.71
C ALA C 74 -75.50 -29.68 48.46
N TYR C 75 -75.28 -28.60 49.21
CA TYR C 75 -74.06 -27.82 49.03
C TYR C 75 -72.84 -28.54 49.58
N PHE C 76 -72.97 -29.13 50.77
CA PHE C 76 -71.84 -29.84 51.37
C PHE C 76 -71.54 -31.15 50.66
N ALA C 77 -72.52 -31.73 49.97
CA ALA C 77 -72.29 -32.98 49.28
C ALA C 77 -71.43 -32.77 48.04
N ASN C 78 -71.64 -31.67 47.31
CA ASN C 78 -70.88 -31.42 46.10
C ASN C 78 -69.46 -30.99 46.44
N GLY C 79 -69.31 -29.86 47.11
CA GLY C 79 -68.00 -29.33 47.42
C GLY C 79 -67.92 -28.92 48.87
N GLY C 80 -66.69 -28.89 49.37
CA GLY C 80 -66.43 -28.56 50.76
C GLY C 80 -66.12 -27.09 50.93
N GLY C 81 -66.76 -26.49 51.92
CA GLY C 81 -66.47 -25.11 52.28
C GLY C 81 -67.20 -24.77 53.56
N TYR C 82 -66.99 -23.53 54.01
CA TYR C 82 -67.73 -22.97 55.12
C TYR C 82 -68.55 -21.80 54.63
N CYS C 83 -69.79 -21.71 55.07
CA CYS C 83 -70.70 -20.70 54.55
C CYS C 83 -71.42 -20.01 55.70
N TYR C 84 -71.71 -18.73 55.50
CA TYR C 84 -72.50 -17.98 56.46
C TYR C 84 -73.97 -18.05 56.06
N LEU C 85 -74.85 -17.96 57.04
CA LEU C 85 -76.29 -18.00 56.81
C LEU C 85 -76.90 -16.72 57.33
N VAL C 86 -77.47 -15.92 56.44
CA VAL C 86 -78.09 -14.66 56.81
C VAL C 86 -79.50 -14.62 56.27
N LYS C 87 -80.36 -13.86 56.94
CA LYS C 87 -81.70 -13.65 56.42
C LYS C 87 -81.66 -12.59 55.31
N THR C 88 -82.55 -12.75 54.34
CA THR C 88 -82.57 -11.86 53.19
C THR C 88 -83.10 -10.48 53.51
N THR C 89 -83.76 -10.31 54.66
CA THR C 89 -84.21 -8.98 55.08
C THR C 89 -83.02 -8.08 55.41
N SER C 90 -82.07 -8.61 56.19
CA SER C 90 -80.87 -7.87 56.56
C SER C 90 -79.67 -8.32 55.76
N LEU C 91 -79.85 -8.61 54.47
CA LEU C 91 -78.76 -9.12 53.67
C LEU C 91 -77.77 -8.01 53.31
N GLU C 92 -78.26 -6.80 53.06
CA GLU C 92 -77.38 -5.70 52.69
C GLU C 92 -76.65 -5.09 53.88
N LYS C 93 -77.04 -5.43 55.10
CA LYS C 93 -76.42 -4.85 56.28
C LYS C 93 -75.27 -5.69 56.82
N ILE C 94 -75.29 -7.00 56.57
CA ILE C 94 -74.31 -7.91 57.17
C ILE C 94 -73.12 -8.13 56.24
N ILE C 95 -73.39 -8.22 54.93
CA ILE C 95 -72.33 -8.59 53.97
C ILE C 95 -71.18 -7.59 53.88
N PRO C 96 -71.37 -6.26 53.92
CA PRO C 96 -70.19 -5.38 53.92
C PRO C 96 -69.27 -5.52 55.13
N THR C 97 -69.80 -5.87 56.30
CA THR C 97 -68.96 -6.08 57.48
C THR C 97 -68.67 -7.56 57.70
N LEU C 98 -68.08 -8.19 56.69
CA LEU C 98 -67.68 -9.60 56.79
C LEU C 98 -66.32 -9.79 56.13
N ASP C 99 -65.63 -10.84 56.58
CA ASP C 99 -64.22 -11.02 56.25
C ASP C 99 -64.04 -11.45 54.79
N ASP C 100 -64.54 -12.63 54.45
CA ASP C 100 -64.40 -13.17 53.10
C ASP C 100 -65.74 -13.77 52.70
N VAL C 101 -66.56 -12.96 52.06
CA VAL C 101 -67.78 -13.42 51.43
C VAL C 101 -67.68 -13.03 49.97
N THR C 102 -67.53 -14.03 49.10
CA THR C 102 -67.25 -13.78 47.71
C THR C 102 -68.23 -14.42 46.75
N LEU C 103 -69.18 -15.22 47.23
CA LEU C 103 -70.27 -15.74 46.42
C LEU C 103 -71.57 -15.49 47.18
N LEU C 104 -72.26 -14.40 46.85
CA LEU C 104 -73.58 -14.15 47.42
C LEU C 104 -74.54 -15.09 46.71
N VAL C 105 -74.84 -16.21 47.34
CA VAL C 105 -75.59 -17.30 46.70
C VAL C 105 -77.02 -17.27 47.17
N ALA C 106 -77.94 -17.15 46.22
CA ALA C 106 -79.37 -17.14 46.51
C ALA C 106 -79.88 -18.57 46.53
N ALA C 107 -80.30 -19.06 47.69
CA ALA C 107 -80.88 -20.39 47.78
C ALA C 107 -82.38 -20.34 47.52
N GLY C 108 -82.72 -19.86 46.32
CA GLY C 108 -84.10 -19.73 45.90
C GLY C 108 -84.89 -18.71 46.70
N GLU C 109 -84.49 -17.44 46.63
CA GLU C 109 -85.11 -16.42 47.47
C GLU C 109 -85.41 -15.10 46.77
N ASP C 110 -85.07 -14.96 45.49
CA ASP C 110 -85.38 -13.78 44.64
C ASP C 110 -84.79 -12.49 45.24
N ILE C 111 -83.46 -12.44 45.24
CA ILE C 111 -82.75 -11.34 45.88
C ILE C 111 -81.97 -10.50 44.87
N LYS C 112 -82.52 -10.38 43.65
CA LYS C 112 -81.83 -9.68 42.57
C LYS C 112 -81.61 -8.20 42.89
N THR C 113 -82.57 -7.58 43.57
CA THR C 113 -82.42 -6.16 43.93
C THR C 113 -81.34 -5.96 44.97
N THR C 114 -81.21 -6.90 45.92
CA THR C 114 -80.20 -6.78 46.95
C THR C 114 -78.79 -6.98 46.39
N VAL C 115 -78.66 -7.83 45.37
CA VAL C 115 -77.36 -8.07 44.75
C VAL C 115 -76.86 -6.82 44.03
N ASP C 116 -77.77 -6.13 43.32
CA ASP C 116 -77.39 -4.95 42.56
C ASP C 116 -76.98 -3.80 43.48
N VAL C 117 -77.62 -3.67 44.64
CA VAL C 117 -77.23 -2.67 45.62
C VAL C 117 -75.88 -3.02 46.23
N LEU C 118 -75.59 -4.31 46.39
CA LEU C 118 -74.43 -4.75 47.13
C LEU C 118 -73.13 -4.56 46.36
N CYS C 119 -72.99 -5.20 45.21
CA CYS C 119 -71.70 -5.29 44.54
C CYS C 119 -71.52 -4.15 43.56
N GLN C 120 -70.68 -3.19 43.94
CA GLN C 120 -70.11 -2.20 43.02
C GLN C 120 -68.98 -2.86 42.24
N PRO C 121 -68.44 -2.18 41.21
CA PRO C 121 -67.22 -2.73 40.57
C PRO C 121 -65.99 -2.81 41.47
N GLY C 122 -65.95 -2.10 42.59
CA GLY C 122 -64.77 -2.14 43.43
C GLY C 122 -64.74 -3.26 44.44
N LYS C 123 -65.91 -3.69 44.92
CA LYS C 123 -65.94 -4.64 46.04
C LYS C 123 -65.56 -6.04 45.61
N GLY C 124 -66.19 -6.56 44.56
CA GLY C 124 -66.02 -7.94 44.18
C GLY C 124 -67.26 -8.74 44.44
N LEU C 125 -67.09 -9.96 44.97
CA LEU C 125 -68.16 -10.88 45.38
C LEU C 125 -69.14 -11.16 44.24
N PHE C 126 -68.62 -11.88 43.25
CA PHE C 126 -69.41 -12.45 42.17
C PHE C 126 -70.53 -13.32 42.74
N ALA C 127 -71.78 -13.01 42.37
CA ALA C 127 -72.95 -13.54 43.05
C ALA C 127 -73.79 -14.36 42.08
N VAL C 128 -73.87 -15.67 42.30
CA VAL C 128 -74.61 -16.53 41.39
C VAL C 128 -76.11 -16.45 41.69
N PHE C 129 -76.90 -16.82 40.69
CA PHE C 129 -78.36 -16.80 40.76
C PHE C 129 -78.91 -18.20 40.49
N ASP C 130 -80.22 -18.32 40.56
CA ASP C 130 -80.92 -19.55 40.22
C ASP C 130 -81.87 -19.28 39.08
N GLY C 131 -82.04 -20.26 38.20
CA GLY C 131 -82.89 -20.11 37.06
C GLY C 131 -84.36 -20.22 37.43
N PRO C 132 -85.22 -19.95 36.45
CA PRO C 132 -86.66 -20.07 36.71
C PRO C 132 -87.06 -21.54 36.81
N GLU C 133 -87.85 -21.85 37.84
CA GLU C 133 -88.19 -23.24 38.11
C GLU C 133 -89.21 -23.79 37.12
N THR C 134 -89.87 -22.94 36.36
CA THR C 134 -90.87 -23.39 35.40
C THR C 134 -90.20 -23.84 34.09
N GLU C 135 -91.05 -24.24 33.15
CA GLU C 135 -90.58 -24.70 31.84
C GLU C 135 -90.11 -23.51 31.01
N LEU C 136 -89.00 -23.69 30.30
CA LEU C 136 -88.54 -22.72 29.32
C LEU C 136 -88.61 -23.33 27.94
N THR C 137 -89.56 -22.86 27.13
CA THR C 137 -89.61 -23.25 25.73
C THR C 137 -88.60 -22.44 24.93
N ILE C 138 -88.44 -22.81 23.65
CA ILE C 138 -87.41 -22.18 22.85
C ILE C 138 -87.88 -20.86 22.27
N ASN C 139 -89.15 -20.75 21.88
CA ASN C 139 -89.68 -19.51 21.32
C ASN C 139 -90.15 -18.53 22.38
N GLY C 140 -90.09 -18.90 23.66
CA GLY C 140 -90.36 -17.97 24.74
C GLY C 140 -89.07 -17.46 25.35
N ALA C 141 -88.02 -17.37 24.53
CA ALA C 141 -86.71 -16.99 25.02
C ALA C 141 -86.58 -15.50 25.30
N GLU C 142 -87.33 -14.67 24.57
CA GLU C 142 -87.21 -13.23 24.72
C GLU C 142 -87.84 -12.73 26.01
N GLU C 143 -88.77 -13.48 26.59
CA GLU C 143 -89.40 -13.06 27.84
C GLU C 143 -88.73 -13.66 29.07
N ALA C 144 -88.17 -14.87 28.94
CA ALA C 144 -87.55 -15.51 30.10
C ALA C 144 -86.23 -14.84 30.46
N LYS C 145 -85.56 -14.20 29.52
CA LYS C 145 -84.37 -13.42 29.81
C LYS C 145 -84.69 -12.05 30.40
N GLN C 146 -85.95 -11.61 30.34
CA GLN C 146 -86.28 -10.24 30.66
C GLN C 146 -86.24 -9.98 32.16
N ALA C 147 -86.45 -11.03 32.97
CA ALA C 147 -86.50 -10.85 34.41
C ALA C 147 -85.13 -10.51 34.99
N TYR C 148 -84.08 -11.12 34.47
CA TYR C 148 -82.73 -10.82 34.93
C TYR C 148 -82.21 -9.58 34.22
N THR C 149 -81.51 -8.74 34.98
CA THR C 149 -80.91 -7.52 34.44
C THR C 149 -79.42 -7.77 34.24
N ALA C 150 -78.91 -7.36 33.09
CA ALA C 150 -77.55 -7.69 32.67
C ALA C 150 -76.52 -6.98 33.52
N THR C 151 -75.77 -7.76 34.31
CA THR C 151 -74.69 -7.27 35.13
C THR C 151 -73.59 -8.31 35.05
N PRO C 152 -72.32 -7.91 35.00
CA PRO C 152 -71.23 -8.88 34.87
C PRO C 152 -70.84 -9.57 36.17
N PHE C 153 -71.62 -9.44 37.24
CA PHE C 153 -71.35 -10.11 38.50
C PHE C 153 -72.39 -11.17 38.82
N ALA C 154 -72.86 -11.90 37.82
CA ALA C 154 -73.93 -12.86 38.08
C ALA C 154 -73.80 -14.05 37.14
N ALA C 155 -74.56 -15.10 37.45
CA ALA C 155 -74.63 -16.30 36.63
C ALA C 155 -75.94 -16.99 36.94
N VAL C 156 -76.63 -17.45 35.90
CA VAL C 156 -77.93 -18.09 36.03
C VAL C 156 -77.80 -19.53 35.55
N TYR C 157 -78.44 -20.46 36.26
CA TYR C 157 -78.38 -21.88 35.94
C TYR C 157 -79.79 -22.41 35.84
N TYR C 158 -80.17 -22.91 34.65
CA TYR C 158 -81.60 -23.08 34.36
C TYR C 158 -82.29 -24.20 35.14
N PRO C 159 -81.95 -25.48 34.96
CA PRO C 159 -82.88 -26.50 35.45
C PRO C 159 -82.75 -26.70 36.96
N TRP C 160 -83.85 -26.46 37.67
CA TRP C 160 -83.90 -26.80 39.08
C TRP C 160 -83.72 -28.29 39.24
N LEU C 161 -82.97 -28.69 40.25
CA LEU C 161 -82.56 -30.08 40.36
C LEU C 161 -83.48 -30.85 41.30
N LYS C 162 -83.60 -32.13 41.04
CA LYS C 162 -84.46 -33.03 41.79
C LYS C 162 -83.62 -34.21 42.25
N ALA C 163 -83.67 -34.50 43.54
CA ALA C 163 -82.86 -35.56 44.12
C ALA C 163 -83.75 -36.64 44.70
N ASP C 164 -83.12 -37.75 45.06
CA ASP C 164 -83.85 -38.87 45.67
C ASP C 164 -84.27 -38.52 47.10
N TRP C 165 -83.29 -38.24 47.96
CA TRP C 165 -83.58 -37.70 49.27
C TRP C 165 -84.15 -36.30 49.15
N ALA C 166 -85.03 -35.95 50.09
CA ALA C 166 -85.59 -34.60 50.25
C ALA C 166 -86.33 -34.15 48.98
N ASN C 167 -87.49 -34.80 48.78
CA ASN C 167 -88.25 -34.78 47.53
C ASN C 167 -88.68 -33.41 47.03
N ILE C 168 -88.50 -32.33 47.80
CA ILE C 168 -88.71 -30.99 47.25
C ILE C 168 -87.60 -30.66 46.26
N ASP C 169 -87.86 -29.69 45.39
CA ASP C 169 -86.93 -29.34 44.33
C ASP C 169 -85.77 -28.54 44.88
N ILE C 170 -84.56 -29.02 44.65
CA ILE C 170 -83.35 -28.30 45.07
C ILE C 170 -83.12 -27.14 44.10
N PRO C 171 -82.82 -25.94 44.58
CA PRO C 171 -82.44 -24.87 43.67
C PRO C 171 -81.06 -25.12 43.11
N PRO C 172 -80.81 -24.70 41.86
CA PRO C 172 -79.52 -24.98 41.24
C PRO C 172 -78.41 -24.07 41.70
N SER C 173 -78.74 -22.97 42.36
CA SER C 173 -77.72 -22.00 42.73
C SER C 173 -76.90 -22.48 43.92
N ALA C 174 -77.54 -23.15 44.87
CA ALA C 174 -76.79 -23.69 46.00
C ALA C 174 -75.98 -24.92 45.60
N VAL C 175 -76.46 -25.66 44.62
CA VAL C 175 -75.72 -26.81 44.10
C VAL C 175 -74.47 -26.36 43.37
N MET C 176 -74.62 -25.37 42.49
CA MET C 176 -73.50 -24.83 41.74
C MET C 176 -72.54 -24.04 42.62
N ALA C 177 -72.99 -23.59 43.79
CA ALA C 177 -72.09 -22.91 44.72
C ALA C 177 -71.02 -23.85 45.26
N GLY C 178 -71.36 -25.13 45.43
CA GLY C 178 -70.38 -26.09 45.91
C GLY C 178 -69.39 -26.51 44.85
N VAL C 179 -69.81 -26.49 43.58
CA VAL C 179 -68.93 -26.87 42.48
C VAL C 179 -67.87 -25.79 42.27
N TYR C 180 -68.21 -24.53 42.58
CA TYR C 180 -67.24 -23.44 42.49
C TYR C 180 -66.09 -23.65 43.48
N ALA C 181 -66.42 -23.90 44.74
CA ALA C 181 -65.39 -24.14 45.75
C ALA C 181 -64.67 -25.46 45.55
N SER C 182 -65.27 -26.41 44.83
CA SER C 182 -64.59 -27.66 44.53
C SER C 182 -63.64 -27.50 43.35
N VAL C 183 -64.00 -26.69 42.36
CA VAL C 183 -63.13 -26.48 41.22
C VAL C 183 -61.99 -25.53 41.58
N ASP C 184 -62.29 -24.46 42.32
CA ASP C 184 -61.26 -23.49 42.70
C ASP C 184 -60.24 -24.09 43.65
N LEU C 185 -60.62 -25.12 44.40
CA LEU C 185 -59.65 -25.80 45.25
C LEU C 185 -58.83 -26.80 44.45
N SER C 186 -59.47 -27.55 43.55
CA SER C 186 -58.80 -28.66 42.89
C SER C 186 -57.91 -28.18 41.75
N ARG C 187 -58.44 -27.35 40.85
CA ARG C 187 -57.69 -26.93 39.67
C ARG C 187 -57.48 -25.43 39.59
N GLY C 188 -57.73 -24.70 40.66
CA GLY C 188 -57.51 -23.28 40.68
C GLY C 188 -58.73 -22.49 40.25
N VAL C 189 -58.62 -21.18 40.37
CA VAL C 189 -59.76 -20.30 40.12
C VAL C 189 -59.95 -20.06 38.62
N TRP C 190 -58.88 -20.04 37.84
CA TRP C 190 -58.96 -19.67 36.43
C TRP C 190 -59.60 -20.75 35.57
N LYS C 191 -59.67 -21.98 36.03
CA LYS C 191 -60.35 -23.02 35.27
C LYS C 191 -61.86 -22.82 35.37
N ALA C 192 -62.54 -22.99 34.25
CA ALA C 192 -63.97 -22.70 34.20
C ALA C 192 -64.76 -23.73 35.00
N PRO C 193 -65.73 -23.28 35.80
CA PRO C 193 -66.47 -24.22 36.67
C PRO C 193 -67.46 -25.11 35.94
N ALA C 194 -67.53 -25.09 34.61
CA ALA C 194 -68.36 -26.02 33.88
C ALA C 194 -67.59 -27.31 33.63
N ASN C 195 -68.31 -28.28 33.04
CA ASN C 195 -67.79 -29.61 32.66
C ASN C 195 -67.23 -30.36 33.88
N VAL C 196 -68.04 -30.39 34.94
CA VAL C 196 -67.71 -31.13 36.15
C VAL C 196 -68.97 -31.85 36.61
N ALA C 197 -68.88 -33.15 36.80
CA ALA C 197 -70.04 -33.93 37.22
C ALA C 197 -70.42 -33.60 38.66
N LEU C 198 -71.72 -33.60 38.93
CA LEU C 198 -72.22 -33.28 40.26
C LEU C 198 -72.11 -34.52 41.15
N LYS C 199 -71.33 -34.39 42.24
CA LYS C 199 -71.01 -35.56 43.06
C LYS C 199 -72.20 -36.02 43.89
N GLY C 200 -73.14 -35.14 44.17
CA GLY C 200 -74.37 -35.57 44.78
C GLY C 200 -75.23 -36.34 43.81
N GLY C 201 -76.13 -37.15 44.35
CA GLY C 201 -76.90 -38.05 43.50
C GLY C 201 -78.15 -37.44 42.90
N LEU C 202 -78.05 -36.20 42.42
CA LEU C 202 -79.21 -35.42 42.01
C LEU C 202 -79.17 -35.19 40.51
N GLU C 203 -80.34 -35.39 39.85
CA GLU C 203 -80.63 -35.31 38.44
C GLU C 203 -81.39 -34.03 38.12
N PRO C 204 -81.27 -33.49 36.90
CA PRO C 204 -82.08 -32.33 36.54
C PRO C 204 -83.53 -32.70 36.36
N LYS C 205 -84.40 -31.84 36.86
CA LYS C 205 -85.84 -32.08 36.77
C LYS C 205 -86.34 -31.85 35.34
N PHE C 206 -85.69 -30.97 34.60
CA PHE C 206 -86.07 -30.67 33.22
C PHE C 206 -84.93 -31.07 32.28
N LEU C 207 -85.25 -31.88 31.28
CA LEU C 207 -84.25 -32.31 30.32
C LEU C 207 -83.95 -31.18 29.36
N VAL C 208 -82.71 -31.15 28.87
CA VAL C 208 -82.18 -30.04 28.09
C VAL C 208 -81.97 -30.50 26.66
N THR C 209 -82.71 -29.91 25.74
CA THR C 209 -82.43 -30.09 24.32
C THR C 209 -81.24 -29.23 23.93
N ASP C 210 -80.46 -29.72 22.96
CA ASP C 210 -79.27 -28.99 22.55
C ASP C 210 -79.63 -27.75 21.74
N GLU C 211 -80.73 -27.82 20.98
CA GLU C 211 -81.19 -26.62 20.28
C GLU C 211 -81.80 -25.61 21.23
N LEU C 212 -82.29 -26.09 22.39
CA LEU C 212 -82.81 -25.19 23.40
C LEU C 212 -81.69 -24.36 24.04
N GLN C 213 -80.50 -24.94 24.15
CA GLN C 213 -79.36 -24.20 24.66
C GLN C 213 -78.78 -23.25 23.63
N GLY C 214 -79.19 -23.35 22.36
CA GLY C 214 -78.60 -22.49 21.34
C GLY C 214 -79.04 -21.06 21.46
N GLU C 215 -80.34 -20.82 21.65
CA GLU C 215 -80.85 -19.47 21.75
C GLU C 215 -80.92 -18.95 23.16
N TYR C 216 -80.52 -19.75 24.15
CA TYR C 216 -80.41 -19.25 25.51
C TYR C 216 -79.00 -18.89 25.91
N ASN C 217 -77.99 -19.50 25.29
CA ASN C 217 -76.60 -19.21 25.63
C ASN C 217 -76.05 -18.11 24.72
N THR C 218 -76.77 -16.99 24.67
CA THR C 218 -76.33 -15.79 23.99
C THR C 218 -77.03 -14.62 24.64
N GLY C 219 -76.51 -13.42 24.40
CA GLY C 219 -76.99 -12.25 25.12
C GLY C 219 -76.63 -12.36 26.59
N ARG C 220 -77.53 -11.92 27.45
CA ARG C 220 -77.39 -12.24 28.87
C ARG C 220 -77.73 -13.71 29.04
N ALA C 221 -76.70 -14.55 29.02
CA ALA C 221 -76.86 -15.98 28.87
C ALA C 221 -77.34 -16.63 30.16
N ILE C 222 -78.08 -17.73 29.99
CA ILE C 222 -78.45 -18.62 31.08
C ILE C 222 -77.70 -19.91 30.87
N ASN C 223 -76.76 -20.22 31.77
CA ASN C 223 -76.08 -21.49 31.73
C ASN C 223 -77.06 -22.61 32.04
N MET C 224 -76.81 -23.79 31.47
CA MET C 224 -77.78 -24.87 31.55
C MET C 224 -77.07 -26.14 32.04
N ILE C 225 -77.62 -26.74 33.08
CA ILE C 225 -77.13 -28.03 33.56
C ILE C 225 -77.71 -29.14 32.69
N ARG C 226 -76.84 -29.87 32.02
CA ARG C 226 -77.27 -30.88 31.06
C ARG C 226 -76.69 -32.23 31.45
N ASN C 227 -77.51 -33.27 31.40
CA ASN C 227 -77.06 -34.62 31.70
C ASN C 227 -76.90 -35.43 30.42
N PHE C 228 -75.71 -35.98 30.22
CA PHE C 228 -75.49 -36.92 29.13
C PHE C 228 -74.70 -38.11 29.67
N SER C 229 -74.57 -39.13 28.81
CA SER C 229 -74.29 -40.48 29.27
C SER C 229 -72.86 -40.70 29.73
N ASN C 230 -71.90 -39.90 29.27
CA ASN C 230 -70.50 -40.19 29.56
C ASN C 230 -70.15 -39.86 31.01
N THR C 231 -70.54 -38.69 31.48
CA THR C 231 -70.13 -38.20 32.77
C THR C 231 -71.29 -37.97 33.74
N GLY C 232 -72.52 -38.25 33.32
CA GLY C 232 -73.66 -37.99 34.17
C GLY C 232 -74.11 -36.55 34.06
N THR C 233 -74.79 -36.09 35.10
CA THR C 233 -75.32 -34.74 35.14
C THR C 233 -74.19 -33.75 35.36
N THR C 234 -73.86 -32.97 34.34
CA THR C 234 -72.77 -32.02 34.41
C THR C 234 -73.28 -30.61 34.19
N VAL C 235 -72.56 -29.65 34.74
CA VAL C 235 -72.81 -28.26 34.43
C VAL C 235 -72.17 -27.95 33.09
N TRP C 236 -72.83 -27.12 32.28
CA TRP C 236 -72.44 -26.96 30.89
C TRP C 236 -72.40 -25.49 30.47
N GLY C 237 -72.17 -24.58 31.41
CA GLY C 237 -72.08 -23.19 31.05
C GLY C 237 -71.13 -22.41 31.92
N ALA C 238 -70.23 -21.65 31.30
CA ALA C 238 -69.30 -20.80 32.02
C ALA C 238 -69.55 -19.33 31.76
N ARG C 239 -70.60 -19.00 31.02
CA ARG C 239 -70.89 -17.61 30.71
C ARG C 239 -71.60 -16.93 31.88
N THR C 240 -71.32 -15.65 32.04
CA THR C 240 -71.99 -14.82 33.02
C THR C 240 -73.20 -14.16 32.37
N LEU C 241 -73.79 -13.18 33.04
CA LEU C 241 -74.97 -12.48 32.54
C LEU C 241 -74.63 -11.31 31.64
N GLU C 242 -73.40 -11.21 31.15
CA GLU C 242 -72.98 -10.07 30.36
C GLU C 242 -72.42 -10.56 29.02
N ASP C 243 -72.87 -9.94 27.94
CA ASP C 243 -72.39 -10.27 26.59
C ASP C 243 -71.59 -9.09 26.07
N LYS C 244 -70.30 -9.07 26.40
CA LYS C 244 -69.34 -8.26 25.67
C LYS C 244 -68.01 -8.99 25.68
N ASP C 245 -67.02 -8.41 25.02
CA ASP C 245 -65.78 -9.13 24.79
C ASP C 245 -64.93 -9.25 26.06
N ASN C 246 -65.06 -8.29 26.97
CA ASN C 246 -64.16 -8.24 28.12
C ASN C 246 -64.54 -9.28 29.18
N TRP C 247 -65.79 -9.24 29.64
CA TRP C 247 -66.18 -9.92 30.87
C TRP C 247 -67.19 -11.00 30.58
N ARG C 248 -66.92 -11.86 29.60
CA ARG C 248 -67.90 -12.80 29.13
C ARG C 248 -68.01 -14.05 30.00
N TYR C 249 -66.99 -14.38 30.79
CA TYR C 249 -66.89 -15.68 31.41
C TYR C 249 -66.75 -15.59 32.92
N VAL C 250 -67.39 -16.52 33.62
CA VAL C 250 -67.20 -16.62 35.07
C VAL C 250 -65.80 -17.08 35.49
N PRO C 251 -64.96 -17.76 34.68
CA PRO C 251 -63.55 -17.81 35.10
C PRO C 251 -62.79 -16.52 34.87
N VAL C 252 -63.09 -15.79 33.80
CA VAL C 252 -62.38 -14.53 33.56
C VAL C 252 -62.90 -13.42 34.45
N ARG C 253 -64.06 -13.60 35.08
CA ARG C 253 -64.54 -12.63 36.05
C ARG C 253 -64.01 -12.94 37.44
N ARG C 254 -64.05 -14.21 37.84
CA ARG C 254 -63.64 -14.56 39.18
C ARG C 254 -62.13 -14.67 39.33
N LEU C 255 -61.36 -14.62 38.25
CA LEU C 255 -59.93 -14.44 38.41
C LEU C 255 -59.61 -13.00 38.77
N PHE C 256 -60.32 -12.04 38.16
CA PHE C 256 -60.16 -10.64 38.51
C PHE C 256 -60.85 -10.27 39.81
N ASN C 257 -61.45 -11.21 40.52
CA ASN C 257 -61.86 -10.95 41.88
C ASN C 257 -60.79 -11.40 42.85
N SER C 258 -60.26 -12.60 42.65
CA SER C 258 -59.29 -13.16 43.57
C SER C 258 -57.89 -12.59 43.39
N VAL C 259 -57.60 -11.90 42.30
CA VAL C 259 -56.34 -11.16 42.21
C VAL C 259 -56.49 -9.79 42.84
N GLU C 260 -57.65 -9.16 42.67
CA GLU C 260 -57.94 -7.84 43.22
C GLU C 260 -58.39 -7.90 44.67
N ARG C 261 -58.31 -9.05 45.30
CA ARG C 261 -58.51 -9.17 46.73
C ARG C 261 -57.28 -9.72 47.44
N ASP C 262 -56.45 -10.50 46.75
CA ASP C 262 -55.20 -10.94 47.34
C ASP C 262 -54.18 -9.82 47.38
N ILE C 263 -54.23 -8.91 46.40
CA ILE C 263 -53.31 -7.79 46.42
C ILE C 263 -53.79 -6.72 47.41
N LYS C 264 -55.11 -6.54 47.54
CA LYS C 264 -55.65 -5.53 48.44
C LYS C 264 -55.38 -5.87 49.90
N ARG C 265 -55.24 -7.15 50.24
CA ARG C 265 -54.81 -7.48 51.59
C ARG C 265 -53.32 -7.25 51.77
N ALA C 266 -52.53 -7.38 50.70
CA ALA C 266 -51.11 -7.10 50.80
C ALA C 266 -50.83 -5.61 50.84
N MET C 267 -51.71 -4.79 50.26
CA MET C 267 -51.51 -3.36 50.29
C MET C 267 -51.81 -2.74 51.65
N SER C 268 -52.45 -3.48 52.56
CA SER C 268 -52.62 -2.96 53.90
C SER C 268 -51.32 -2.95 54.69
N PHE C 269 -50.36 -3.78 54.33
CA PHE C 269 -49.07 -3.76 55.01
C PHE C 269 -48.21 -2.59 54.56
N ALA C 270 -48.33 -2.19 53.30
CA ALA C 270 -47.59 -1.06 52.75
C ALA C 270 -48.48 0.16 52.66
N MET C 271 -49.33 0.37 53.66
CA MET C 271 -50.37 1.39 53.56
C MET C 271 -49.79 2.78 53.71
N PHE C 272 -49.28 3.10 54.90
CA PHE C 272 -48.78 4.45 55.16
C PHE C 272 -47.27 4.56 54.98
N GLU C 273 -46.69 3.69 54.18
CA GLU C 273 -45.26 3.78 53.89
C GLU C 273 -45.00 4.99 53.00
N PRO C 274 -43.91 5.73 53.22
CA PRO C 274 -43.62 6.89 52.38
C PRO C 274 -43.18 6.45 50.99
N ASN C 275 -43.83 6.99 49.96
CA ASN C 275 -43.61 6.51 48.61
C ASN C 275 -42.46 7.25 47.95
N ASN C 276 -41.35 6.56 47.78
CA ASN C 276 -40.24 7.03 46.97
C ASN C 276 -39.70 5.83 46.21
N GLN C 277 -38.51 5.99 45.64
CA GLN C 277 -37.89 4.90 44.89
C GLN C 277 -37.57 3.64 45.70
N PRO C 278 -37.20 3.68 46.99
CA PRO C 278 -37.11 2.41 47.72
C PRO C 278 -38.44 1.73 47.99
N THR C 279 -39.54 2.47 48.12
CA THR C 279 -40.80 1.85 48.51
C THR C 279 -41.48 1.15 47.34
N TRP C 280 -41.68 1.86 46.23
CA TRP C 280 -42.38 1.24 45.11
C TRP C 280 -41.48 0.38 44.24
N GLU C 281 -40.29 0.02 44.71
CA GLU C 281 -39.57 -1.10 44.16
C GLU C 281 -39.94 -2.39 44.89
N ARG C 282 -40.26 -2.30 46.17
CA ARG C 282 -40.75 -3.47 46.90
C ARG C 282 -42.16 -3.82 46.47
N VAL C 283 -43.01 -2.81 46.23
CA VAL C 283 -44.39 -3.06 45.85
C VAL C 283 -44.47 -3.58 44.42
N ARG C 284 -43.57 -3.11 43.55
CA ARG C 284 -43.53 -3.64 42.20
C ARG C 284 -43.01 -5.07 42.17
N ALA C 285 -41.98 -5.36 42.97
CA ALA C 285 -41.41 -6.70 42.94
C ALA C 285 -42.25 -7.72 43.68
N ALA C 286 -43.10 -7.29 44.61
CA ALA C 286 -43.92 -8.25 45.34
C ALA C 286 -45.19 -8.59 44.56
N ILE C 287 -45.74 -7.61 43.84
CA ILE C 287 -46.91 -7.88 43.02
C ILE C 287 -46.53 -8.69 41.79
N SER C 288 -45.38 -8.39 41.19
CA SER C 288 -44.96 -9.07 39.98
C SER C 288 -44.57 -10.51 40.23
N ASN C 289 -44.23 -10.87 41.47
CA ASN C 289 -43.99 -12.27 41.78
C ASN C 289 -45.29 -13.05 41.93
N TYR C 290 -46.36 -12.38 42.35
CA TYR C 290 -47.66 -13.03 42.40
C TYR C 290 -48.19 -13.28 41.01
N LEU C 291 -48.07 -12.28 40.13
CA LEU C 291 -48.50 -12.43 38.74
C LEU C 291 -47.57 -13.32 37.94
N TYR C 292 -46.37 -13.60 38.44
CA TYR C 292 -45.53 -14.59 37.80
C TYR C 292 -45.90 -16.00 38.23
N SER C 293 -46.34 -16.15 39.47
CA SER C 293 -46.72 -17.48 39.96
C SER C 293 -48.01 -17.96 39.33
N LEU C 294 -48.90 -17.04 38.96
CA LEU C 294 -50.09 -17.44 38.21
C LEU C 294 -49.74 -17.83 36.79
N TRP C 295 -48.70 -17.20 36.22
CA TRP C 295 -48.32 -17.51 34.85
C TRP C 295 -47.64 -18.87 34.74
N GLN C 296 -46.88 -19.26 35.75
CA GLN C 296 -46.27 -20.59 35.73
C GLN C 296 -47.30 -21.68 35.97
N GLN C 297 -48.40 -21.36 36.65
CA GLN C 297 -49.49 -22.31 36.80
C GLN C 297 -50.40 -22.36 35.59
N GLY C 298 -50.19 -21.49 34.60
CA GLY C 298 -51.01 -21.49 33.41
C GLY C 298 -52.28 -20.68 33.51
N GLY C 299 -52.42 -19.84 34.53
CA GLY C 299 -53.61 -19.02 34.66
C GLY C 299 -53.66 -17.84 33.74
N LEU C 300 -52.50 -17.40 33.22
CA LEU C 300 -52.44 -16.27 32.32
C LEU C 300 -51.92 -16.72 30.97
N ALA C 301 -52.52 -16.21 29.90
CA ALA C 301 -52.10 -16.55 28.56
C ALA C 301 -50.82 -15.81 28.19
N GLY C 302 -50.26 -16.14 27.04
CA GLY C 302 -49.08 -15.48 26.56
C GLY C 302 -47.88 -16.42 26.51
N SER C 303 -46.91 -16.04 25.69
CA SER C 303 -45.74 -16.87 25.46
C SER C 303 -44.67 -16.68 26.52
N LYS C 304 -44.27 -15.43 26.78
CA LYS C 304 -43.32 -15.13 27.84
C LYS C 304 -43.89 -14.05 28.73
N GLU C 305 -43.20 -13.81 29.86
CA GLU C 305 -43.76 -13.04 30.95
C GLU C 305 -43.88 -11.55 30.65
N GLU C 306 -43.22 -11.06 29.60
CA GLU C 306 -43.41 -9.67 29.20
C GLU C 306 -44.77 -9.44 28.56
N ASP C 307 -45.42 -10.50 28.10
CA ASP C 307 -46.72 -10.40 27.46
C ASP C 307 -47.87 -10.81 28.36
N ALA C 308 -47.62 -11.66 29.36
CA ALA C 308 -48.69 -12.15 30.21
C ALA C 308 -49.20 -11.07 31.17
N TYR C 309 -48.33 -10.18 31.62
CA TYR C 309 -48.68 -9.19 32.62
C TYR C 309 -47.70 -8.03 32.54
N PHE C 310 -48.05 -6.94 33.20
CA PHE C 310 -47.12 -5.83 33.41
C PHE C 310 -47.58 -5.04 34.62
N VAL C 311 -46.63 -4.54 35.39
CA VAL C 311 -46.90 -3.71 36.56
C VAL C 311 -46.01 -2.49 36.49
N GLN C 312 -46.58 -1.32 36.77
CA GLN C 312 -45.88 -0.05 36.57
C GLN C 312 -46.15 0.87 37.75
N ILE C 313 -45.14 1.08 38.59
CA ILE C 313 -45.16 2.16 39.56
C ILE C 313 -43.94 3.03 39.31
N GLY C 314 -44.07 4.31 39.58
CA GLY C 314 -42.95 5.22 39.49
C GLY C 314 -43.39 6.64 39.20
N LYS C 315 -42.61 7.59 39.70
CA LYS C 315 -42.79 9.00 39.36
C LYS C 315 -42.51 9.19 37.88
N GLY C 316 -43.41 9.88 37.18
CA GLY C 316 -43.36 9.79 35.74
C GLY C 316 -44.41 8.83 35.19
N ILE C 317 -43.98 7.58 34.99
CA ILE C 317 -44.67 6.49 34.26
C ILE C 317 -46.17 6.37 34.51
N THR C 318 -46.57 6.32 35.77
CA THR C 318 -47.99 6.16 36.06
C THR C 318 -48.60 7.34 36.79
N MET C 319 -47.86 8.00 37.67
CA MET C 319 -48.37 9.14 38.41
C MET C 319 -47.45 10.32 38.20
N THR C 320 -48.03 11.51 38.29
CA THR C 320 -47.24 12.73 38.10
C THR C 320 -46.73 13.20 39.46
N GLN C 321 -46.08 14.36 39.48
CA GLN C 321 -45.53 14.88 40.72
C GLN C 321 -46.62 15.42 41.63
N GLU C 322 -47.63 16.07 41.06
CA GLU C 322 -48.68 16.68 41.86
C GLU C 322 -49.57 15.66 42.55
N GLN C 323 -49.64 14.44 42.02
CA GLN C 323 -50.39 13.39 42.71
C GLN C 323 -49.60 12.80 43.87
N ILE C 324 -48.27 12.86 43.81
CA ILE C 324 -47.46 12.46 44.95
C ILE C 324 -47.65 13.45 46.09
N ASP C 325 -47.77 14.73 45.77
CA ASP C 325 -47.99 15.75 46.79
C ASP C 325 -49.34 15.65 47.46
N ALA C 326 -50.31 15.02 46.81
CA ALA C 326 -51.58 14.70 47.46
C ALA C 326 -51.53 13.35 48.16
N GLY C 327 -50.43 12.63 48.03
CA GLY C 327 -50.25 11.38 48.74
C GLY C 327 -51.07 10.23 48.21
N GLN C 328 -51.03 9.98 46.91
CA GLN C 328 -51.72 8.83 46.33
C GLN C 328 -50.83 8.21 45.26
N MET C 329 -50.29 7.04 45.55
CA MET C 329 -49.51 6.33 44.54
C MET C 329 -50.40 5.35 43.78
N ILE C 330 -50.13 5.25 42.48
CA ILE C 330 -51.00 4.60 41.52
C ILE C 330 -50.29 3.40 40.95
N VAL C 331 -50.94 2.24 40.99
CA VAL C 331 -50.38 1.00 40.47
C VAL C 331 -51.24 0.54 39.30
N LYS C 332 -50.62 0.41 38.13
CA LYS C 332 -51.27 -0.16 36.96
C LYS C 332 -50.87 -1.62 36.85
N VAL C 333 -51.86 -2.50 36.75
CA VAL C 333 -51.64 -3.94 36.70
C VAL C 333 -52.39 -4.49 35.49
N GLY C 334 -51.67 -5.19 34.62
CA GLY C 334 -52.28 -5.82 33.45
C GLY C 334 -52.36 -7.32 33.64
N LEU C 335 -53.46 -7.91 33.19
CA LEU C 335 -53.65 -9.35 33.24
C LEU C 335 -54.26 -9.84 31.95
N ALA C 336 -53.78 -10.97 31.46
CA ALA C 336 -54.34 -11.64 30.28
C ALA C 336 -54.88 -12.98 30.76
N ALA C 337 -56.10 -12.98 31.26
CA ALA C 337 -56.67 -14.18 31.82
C ALA C 337 -57.13 -15.11 30.71
N VAL C 338 -56.96 -16.41 30.93
CA VAL C 338 -57.33 -17.40 29.93
C VAL C 338 -58.84 -17.57 29.93
N ARG C 339 -59.39 -17.80 28.77
CA ARG C 339 -60.82 -18.00 28.64
C ARG C 339 -61.09 -19.42 28.20
N PRO C 340 -62.18 -20.05 28.62
CA PRO C 340 -62.37 -21.47 28.32
C PRO C 340 -62.73 -21.71 26.87
N ALA C 341 -62.52 -22.95 26.43
CA ALA C 341 -62.82 -23.36 25.07
C ALA C 341 -64.31 -23.66 24.99
N GLU C 342 -65.10 -22.62 24.71
CA GLU C 342 -66.54 -22.80 24.68
C GLU C 342 -66.99 -23.58 23.45
N PHE C 343 -66.36 -23.33 22.30
CA PHE C 343 -66.76 -23.96 21.04
C PHE C 343 -65.51 -24.47 20.34
N ILE C 344 -65.12 -25.71 20.64
CA ILE C 344 -63.96 -26.28 19.98
C ILE C 344 -64.39 -26.78 18.60
N ILE C 345 -63.80 -26.20 17.56
CA ILE C 345 -64.17 -26.55 16.18
C ILE C 345 -63.01 -27.27 15.53
N LEU C 346 -63.34 -28.14 14.58
CA LEU C 346 -62.38 -29.04 13.97
C LEU C 346 -62.53 -28.96 12.46
N GLN C 347 -61.46 -28.59 11.78
CA GLN C 347 -61.48 -28.39 10.33
C GLN C 347 -60.67 -29.49 9.68
N PHE C 348 -61.30 -30.25 8.80
CA PHE C 348 -60.69 -31.42 8.20
C PHE C 348 -60.47 -31.19 6.71
N THR C 349 -59.20 -31.24 6.32
CA THR C 349 -58.79 -31.04 4.95
C THR C 349 -58.21 -32.33 4.40
N GLN C 350 -58.34 -32.52 3.10
CA GLN C 350 -57.70 -33.63 2.42
C GLN C 350 -56.43 -33.20 1.70
N ASP C 351 -55.94 -32.00 1.97
CA ASP C 351 -54.72 -31.48 1.34
C ASP C 351 -53.63 -31.49 2.39
N VAL C 352 -52.81 -32.52 2.38
CA VAL C 352 -51.78 -32.71 3.40
C VAL C 352 -50.40 -32.23 2.96
N GLU C 353 -50.14 -32.15 1.66
CA GLU C 353 -48.90 -31.54 1.18
C GLU C 353 -49.04 -30.05 1.03
N GLN C 354 -50.28 -29.54 1.02
CA GLN C 354 -50.51 -28.11 0.98
C GLN C 354 -50.14 -27.46 2.31
N ARG C 355 -50.59 -28.06 3.41
CA ARG C 355 -50.37 -27.62 4.79
C ARG C 355 -50.81 -26.17 5.05
N THR D 2 36.15 27.43 56.39
CA THR D 2 36.12 26.10 56.98
C THR D 2 37.49 25.70 57.50
N THR D 3 38.31 25.12 56.63
CA THR D 3 39.65 24.69 56.99
C THR D 3 40.68 25.66 56.46
N VAL D 4 41.72 25.91 57.26
CA VAL D 4 42.83 26.75 56.85
C VAL D 4 44.07 25.86 56.78
N THR D 5 44.84 26.03 55.71
CA THR D 5 46.02 25.22 55.47
C THR D 5 47.23 26.13 55.58
N SER D 6 48.00 25.98 56.66
CA SER D 6 49.14 26.83 56.93
C SER D 6 50.46 26.12 56.72
N TYR D 7 50.65 24.97 57.36
CA TYR D 7 51.90 24.23 57.29
C TYR D 7 51.71 22.95 56.51
N PRO D 8 52.75 22.41 55.86
CA PRO D 8 52.61 21.13 55.18
C PRO D 8 52.47 19.99 56.17
N GLY D 9 51.40 19.22 56.01
CA GLY D 9 51.11 18.16 56.95
C GLY D 9 49.80 17.50 56.60
N VAL D 10 49.30 16.68 57.53
CA VAL D 10 48.05 15.97 57.36
C VAL D 10 47.01 16.62 58.27
N TYR D 11 45.91 17.06 57.68
CA TYR D 11 44.85 17.75 58.41
C TYR D 11 43.63 16.84 58.49
N ILE D 12 43.22 16.52 59.70
CA ILE D 12 41.98 15.79 59.93
C ILE D 12 40.90 16.78 60.31
N GLU D 13 39.85 16.85 59.52
CA GLU D 13 38.67 17.62 59.89
C GLU D 13 37.45 16.76 59.65
N GLU D 14 36.56 16.72 60.64
CA GLU D 14 35.40 15.83 60.61
C GLU D 14 34.17 16.68 60.36
N LEU D 15 33.74 16.76 59.10
CA LEU D 15 32.48 17.39 58.78
C LEU D 15 31.37 16.36 58.97
N ASN D 16 30.32 16.77 59.68
CA ASN D 16 29.21 15.86 59.97
C ASN D 16 27.91 16.59 59.68
N SER D 17 26.99 15.88 59.02
CA SER D 17 25.68 16.44 58.72
C SER D 17 24.85 16.59 59.98
N LEU D 18 23.74 17.31 59.85
CA LEU D 18 22.82 17.50 60.96
C LEU D 18 22.12 16.18 61.25
N ALA D 19 22.47 15.56 62.37
CA ALA D 19 21.84 14.31 62.78
C ALA D 19 20.67 14.67 63.70
N LEU D 20 19.46 14.36 63.24
CA LEU D 20 18.25 14.76 63.94
C LEU D 20 17.37 13.52 64.14
N SER D 21 17.01 13.25 65.39
CA SER D 21 16.11 12.16 65.70
C SER D 21 15.18 12.62 66.80
N VAL D 22 14.01 11.99 66.85
CA VAL D 22 12.93 12.42 67.74
C VAL D 22 12.77 11.38 68.83
N SER D 23 12.89 11.82 70.09
CA SER D 23 12.82 10.95 71.25
C SER D 23 11.44 11.06 71.89
N ASN D 24 10.85 9.92 72.21
CA ASN D 24 9.55 9.87 72.86
C ASN D 24 9.74 9.37 74.29
N SER D 25 9.44 10.22 75.27
CA SER D 25 9.63 9.85 76.66
C SER D 25 8.73 10.70 77.54
N ALA D 26 8.36 10.12 78.69
CA ALA D 26 7.61 10.77 79.77
C ALA D 26 6.27 11.31 79.28
N THR D 27 5.40 10.37 78.88
CA THR D 27 4.10 10.75 78.33
C THR D 27 3.17 11.27 79.41
N ALA D 28 3.10 10.58 80.55
CA ALA D 28 2.19 10.97 81.63
C ALA D 28 2.94 10.96 82.96
N VAL D 29 3.53 12.10 83.29
CA VAL D 29 4.19 12.35 84.56
C VAL D 29 3.41 13.43 85.29
N PRO D 30 2.72 13.12 86.37
CA PRO D 30 1.82 14.09 86.98
C PRO D 30 2.49 14.92 88.07
N VAL D 31 1.80 15.98 88.46
CA VAL D 31 2.13 16.75 89.65
C VAL D 31 0.90 16.75 90.54
N PHE D 32 1.10 16.82 91.85
CA PHE D 32 -0.01 16.79 92.79
C PHE D 32 -0.02 18.09 93.57
N ALA D 33 -1.04 18.89 93.36
CA ALA D 33 -1.25 20.08 94.17
C ALA D 33 -1.63 19.61 95.57
N VAL D 34 -0.67 19.67 96.49
CA VAL D 34 -0.92 19.17 97.83
C VAL D 34 -1.84 20.11 98.58
N ASP D 35 -2.40 19.60 99.68
CA ASP D 35 -3.21 20.44 100.56
C ASP D 35 -2.32 21.49 101.22
N GLU D 36 -2.89 22.69 101.39
CA GLU D 36 -2.12 23.80 101.95
C GLU D 36 -1.78 23.56 103.42
N GLN D 37 -2.61 22.78 104.11
CA GLN D 37 -2.40 22.52 105.53
C GLN D 37 -1.31 21.49 105.80
N ASN D 38 -0.95 20.68 104.80
CA ASN D 38 0.04 19.62 104.96
C ASN D 38 1.42 20.23 105.23
N GLN D 39 1.90 20.08 106.47
CA GLN D 39 3.12 20.74 106.92
C GLN D 39 4.39 20.07 106.43
N TYR D 40 4.29 18.90 105.80
CA TYR D 40 5.50 18.15 105.46
C TYR D 40 6.07 18.56 104.11
N ILE D 41 5.23 19.04 103.21
CA ILE D 41 5.74 19.60 101.97
C ILE D 41 6.40 20.93 102.25
N SER D 42 7.64 21.09 101.80
CA SER D 42 8.36 22.35 101.99
C SER D 42 7.76 23.43 101.11
N GLU D 43 7.89 24.67 101.56
CA GLU D 43 7.28 25.81 100.88
C GLU D 43 8.05 26.13 99.61
N ASP D 44 7.33 26.12 98.47
CA ASP D 44 7.83 26.51 97.15
C ASP D 44 9.02 25.65 96.70
N ASN D 45 8.84 24.33 96.76
CA ASN D 45 9.86 23.41 96.26
C ASN D 45 9.17 22.14 95.78
N ALA D 46 9.41 21.77 94.52
CA ALA D 46 8.81 20.57 93.95
C ALA D 46 9.55 19.35 94.46
N ILE D 47 9.11 18.88 95.63
CA ILE D 47 9.70 17.67 96.19
C ILE D 47 9.20 16.47 95.40
N ARG D 48 10.14 15.67 94.90
CA ARG D 48 9.86 14.65 93.91
C ARG D 48 9.97 13.27 94.55
N ILE D 49 8.96 12.42 94.32
CA ILE D 49 8.93 11.08 94.87
C ILE D 49 8.84 10.08 93.73
N ASN D 50 9.45 8.91 93.94
CA ASN D 50 9.51 7.88 92.91
C ASN D 50 8.54 6.73 93.17
N SER D 51 8.56 6.18 94.38
CA SER D 51 7.70 5.06 94.73
C SER D 51 7.16 5.30 96.13
N TRP D 52 6.28 4.40 96.59
CA TRP D 52 5.64 4.63 97.87
C TRP D 52 6.59 4.36 99.03
N MET D 53 7.54 3.44 98.87
CA MET D 53 8.60 3.32 99.86
C MET D 53 9.53 4.53 99.83
N ASP D 54 9.66 5.17 98.66
CA ASP D 54 10.43 6.40 98.58
C ASP D 54 9.64 7.57 99.17
N TYR D 55 8.32 7.54 99.02
CA TYR D 55 7.49 8.57 99.62
C TYR D 55 7.38 8.40 101.12
N LEU D 56 7.51 7.16 101.62
CA LEU D 56 7.34 6.89 103.03
C LEU D 56 8.50 7.40 103.89
N ASN D 57 9.61 7.81 103.28
CA ASN D 57 10.68 8.44 104.04
C ASN D 57 10.33 9.88 104.40
N LEU D 58 9.44 10.52 103.64
CA LEU D 58 8.92 11.82 104.04
C LEU D 58 8.11 11.70 105.32
N ILE D 59 7.14 10.77 105.33
CA ILE D 59 6.29 10.52 106.48
C ILE D 59 6.15 9.01 106.65
N GLY D 60 6.55 8.49 107.82
CA GLY D 60 6.57 7.05 108.03
C GLY D 60 5.24 6.43 108.38
N ASN D 61 4.29 7.22 108.85
CA ASN D 61 3.00 6.71 109.33
C ASN D 61 1.89 7.47 108.63
N PHE D 62 0.66 7.37 109.17
CA PHE D 62 -0.46 8.26 108.87
C PHE D 62 -0.94 8.09 107.42
N ASN D 63 -1.08 6.84 107.00
CA ASN D 63 -1.69 6.52 105.72
C ASN D 63 -3.21 6.70 105.75
N ASN D 64 -3.80 6.89 106.93
CA ASN D 64 -5.21 6.68 107.15
C ASN D 64 -6.09 7.88 106.80
N GLU D 65 -5.72 9.09 107.19
CA GLU D 65 -6.71 10.16 107.30
C GLU D 65 -6.58 11.27 106.26
N ASP D 66 -5.41 11.90 106.11
CA ASP D 66 -5.33 13.13 105.34
C ASP D 66 -5.44 12.87 103.85
N LYS D 67 -6.17 13.76 103.15
CA LYS D 67 -6.66 13.47 101.82
C LYS D 67 -5.56 13.47 100.76
N LEU D 68 -4.46 14.18 100.99
CA LEU D 68 -3.31 14.04 100.09
C LEU D 68 -2.63 12.70 100.31
N ASP D 69 -2.50 12.27 101.57
CA ASP D 69 -1.77 11.06 101.90
C ASP D 69 -2.47 9.83 101.37
N VAL D 70 -3.79 9.82 101.36
CA VAL D 70 -4.54 8.71 100.79
C VAL D 70 -4.43 8.72 99.28
N SER D 71 -4.38 9.91 98.67
CA SER D 71 -4.44 10.03 97.22
C SER D 71 -3.17 9.51 96.56
N VAL D 72 -2.01 9.83 97.11
CA VAL D 72 -0.77 9.38 96.50
C VAL D 72 -0.55 7.89 96.78
N ARG D 73 -1.16 7.35 97.83
CA ARG D 73 -1.14 5.91 98.04
C ARG D 73 -2.03 5.22 97.00
N ALA D 74 -3.19 5.80 96.72
CA ALA D 74 -4.06 5.27 95.68
C ALA D 74 -3.49 5.49 94.28
N TYR D 75 -2.61 6.48 94.12
CA TYR D 75 -2.02 6.74 92.81
C TYR D 75 -0.99 5.68 92.46
N PHE D 76 -0.13 5.30 93.40
CA PHE D 76 0.89 4.31 93.14
C PHE D 76 0.31 2.91 93.00
N ALA D 77 -0.86 2.67 93.58
CA ALA D 77 -1.47 1.34 93.49
C ALA D 77 -2.01 1.08 92.09
N ASN D 78 -2.61 2.10 91.46
CA ASN D 78 -3.17 1.93 90.13
C ASN D 78 -2.08 1.84 89.08
N GLY D 79 -1.31 2.91 88.92
CA GLY D 79 -0.28 2.94 87.90
C GLY D 79 1.02 3.45 88.47
N GLY D 80 2.10 3.08 87.79
CA GLY D 80 3.44 3.43 88.23
C GLY D 80 3.92 4.70 87.55
N GLY D 81 4.48 5.60 88.35
CA GLY D 81 5.08 6.80 87.82
C GLY D 81 5.80 7.53 88.92
N TYR D 82 6.44 8.63 88.56
CA TYR D 82 7.04 9.54 89.53
C TYR D 82 6.32 10.87 89.45
N CYS D 83 6.03 11.46 90.60
CA CYS D 83 5.23 12.67 90.65
C CYS D 83 5.87 13.69 91.57
N TYR D 84 5.70 14.96 91.22
CA TYR D 84 6.16 16.05 92.05
C TYR D 84 5.03 16.48 92.97
N LEU D 85 5.39 16.99 94.14
CA LEU D 85 4.42 17.45 95.12
C LEU D 85 4.68 18.92 95.41
N VAL D 86 3.72 19.77 95.07
CA VAL D 86 3.85 21.21 95.28
C VAL D 86 2.63 21.71 96.05
N LYS D 87 2.82 22.79 96.78
CA LYS D 87 1.69 23.43 97.44
C LYS D 87 0.91 24.26 96.43
N THR D 88 -0.40 24.34 96.65
CA THR D 88 -1.27 25.04 95.71
C THR D 88 -1.12 26.55 95.80
N THR D 89 -0.49 27.08 96.85
CA THR D 89 -0.25 28.51 96.93
C THR D 89 0.78 28.94 95.88
N SER D 90 1.87 28.20 95.77
CA SER D 90 2.92 28.47 94.79
C SER D 90 2.84 27.53 93.61
N LEU D 91 1.64 27.19 93.16
CA LEU D 91 1.50 26.23 92.08
C LEU D 91 1.86 26.86 90.74
N GLU D 92 1.52 28.13 90.53
CA GLU D 92 1.82 28.78 89.26
C GLU D 92 3.27 29.21 89.13
N LYS D 93 4.05 29.17 90.21
CA LYS D 93 5.44 29.61 90.16
C LYS D 93 6.40 28.46 89.88
N ILE D 94 6.03 27.24 90.24
CA ILE D 94 6.94 26.10 90.15
C ILE D 94 6.79 25.36 88.82
N ILE D 95 5.54 25.23 88.36
CA ILE D 95 5.27 24.40 87.17
C ILE D 95 5.92 24.89 85.88
N PRO D 96 6.00 26.19 85.56
CA PRO D 96 6.74 26.57 84.34
C PRO D 96 8.23 26.25 84.35
N THR D 97 8.88 26.24 85.52
CA THR D 97 10.30 25.87 85.59
C THR D 97 10.46 24.40 86.02
N LEU D 98 9.87 23.50 85.25
CA LEU D 98 9.99 22.07 85.52
C LEU D 98 10.16 21.31 84.21
N ASP D 99 10.79 20.14 84.31
CA ASP D 99 11.24 19.43 83.11
C ASP D 99 10.07 18.81 82.36
N ASP D 100 9.38 17.87 82.98
CA ASP D 100 8.27 17.16 82.34
C ASP D 100 7.14 17.06 83.37
N VAL D 101 6.26 18.04 83.35
CA VAL D 101 5.02 18.00 84.11
C VAL D 101 3.91 18.16 83.09
N THR D 102 3.14 17.10 82.88
CA THR D 102 2.15 17.07 81.82
C THR D 102 0.75 16.72 82.29
N LEU D 103 0.56 16.39 83.56
CA LEU D 103 -0.77 16.23 84.14
C LEU D 103 -0.80 17.02 85.43
N LEU D 104 -1.32 18.23 85.40
CA LEU D 104 -1.52 19.01 86.61
C LEU D 104 -2.74 18.43 87.31
N VAL D 105 -2.51 17.56 88.28
CA VAL D 105 -3.56 16.76 88.89
C VAL D 105 -3.94 17.37 90.23
N ALA D 106 -5.21 17.72 90.37
CA ALA D 106 -5.74 18.28 91.60
C ALA D 106 -6.17 17.14 92.52
N ALA D 107 -5.47 16.97 93.64
CA ALA D 107 -5.86 15.96 94.62
C ALA D 107 -6.89 16.52 95.61
N GLY D 108 -8.01 16.97 95.04
CA GLY D 108 -9.10 17.56 95.81
C GLY D 108 -8.73 18.87 96.47
N GLU D 109 -8.43 19.90 95.67
CA GLU D 109 -7.93 21.15 96.23
C GLU D 109 -8.54 22.41 95.60
N ASP D 110 -9.41 22.28 94.59
CA ASP D 110 -10.14 23.38 93.95
C ASP D 110 -9.17 24.42 93.35
N ILE D 111 -8.46 23.99 92.31
CA ILE D 111 -7.41 24.81 91.73
C ILE D 111 -7.74 25.19 90.28
N LYS D 112 -9.04 25.37 90.00
CA LYS D 112 -9.49 25.64 88.63
C LYS D 112 -8.93 26.96 88.10
N THR D 113 -8.80 27.98 88.97
CA THR D 113 -8.27 29.26 88.53
C THR D 113 -6.78 29.17 88.20
N THR D 114 -6.04 28.35 88.95
CA THR D 114 -4.61 28.21 88.70
C THR D 114 -4.35 27.43 87.41
N VAL D 115 -5.23 26.49 87.06
CA VAL D 115 -5.09 25.73 85.82
C VAL D 115 -5.28 26.63 84.61
N ASP D 116 -6.27 27.53 84.67
CA ASP D 116 -6.57 28.40 83.53
C ASP D 116 -5.44 29.40 83.30
N VAL D 117 -4.81 29.88 84.37
CA VAL D 117 -3.67 30.77 84.23
C VAL D 117 -2.46 30.01 83.66
N LEU D 118 -2.34 28.73 84.01
CA LEU D 118 -1.13 27.98 83.68
C LEU D 118 -1.06 27.61 82.20
N CYS D 119 -2.02 26.84 81.71
CA CYS D 119 -1.89 26.20 80.40
C CYS D 119 -2.49 27.09 79.32
N GLN D 120 -1.61 27.71 78.54
CA GLN D 120 -1.95 28.31 77.26
C GLN D 120 -2.08 27.21 76.21
N PRO D 121 -2.56 27.51 75.00
CA PRO D 121 -2.51 26.51 73.93
C PRO D 121 -1.11 26.07 73.52
N GLY D 122 -0.06 26.84 73.83
CA GLY D 122 1.27 26.45 73.39
C GLY D 122 2.00 25.52 74.32
N LYS D 123 1.72 25.59 75.63
CA LYS D 123 2.52 24.87 76.61
C LYS D 123 2.21 23.37 76.59
N GLY D 124 0.93 23.02 76.70
CA GLY D 124 0.56 21.63 76.85
C GLY D 124 0.00 21.37 78.24
N LEU D 125 0.40 20.24 78.83
CA LEU D 125 0.06 19.83 80.20
C LEU D 125 -1.45 19.80 80.43
N PHE D 126 -2.08 18.84 79.77
CA PHE D 126 -3.47 18.49 80.00
C PHE D 126 -3.71 18.16 81.47
N ALA D 127 -4.64 18.86 82.10
CA ALA D 127 -4.78 18.88 83.55
C ALA D 127 -6.13 18.32 83.98
N VAL D 128 -6.13 17.16 84.63
CA VAL D 128 -7.39 16.54 85.01
C VAL D 128 -7.94 17.20 86.28
N PHE D 129 -9.24 17.05 86.49
CA PHE D 129 -9.96 17.60 87.62
C PHE D 129 -10.65 16.47 88.39
N ASP D 130 -11.30 16.85 89.48
CA ASP D 130 -12.11 15.94 90.27
C ASP D 130 -13.55 16.42 90.27
N GLY D 131 -14.48 15.47 90.29
CA GLY D 131 -15.88 15.81 90.28
C GLY D 131 -16.36 16.28 91.62
N PRO D 132 -17.61 16.75 91.65
CA PRO D 132 -18.19 17.19 92.92
C PRO D 132 -18.49 15.99 93.82
N GLU D 133 -18.09 16.10 95.08
CA GLU D 133 -18.21 14.96 95.99
C GLU D 133 -19.64 14.72 96.44
N THR D 134 -20.54 15.68 96.22
CA THR D 134 -21.92 15.51 96.62
C THR D 134 -22.71 14.73 95.59
N GLU D 135 -24.00 14.56 95.86
CA GLU D 135 -24.89 13.83 94.96
C GLU D 135 -25.20 14.65 93.73
N LEU D 136 -25.22 14.00 92.57
CA LEU D 136 -25.67 14.64 91.33
C LEU D 136 -26.95 13.94 90.86
N THR D 137 -28.07 14.65 90.98
CA THR D 137 -29.31 14.15 90.41
C THR D 137 -29.35 14.45 88.92
N ILE D 138 -30.37 13.91 88.25
CA ILE D 138 -30.41 14.01 86.80
C ILE D 138 -30.99 15.36 86.36
N ASN D 139 -31.99 15.88 87.08
CA ASN D 139 -32.60 17.16 86.73
C ASN D 139 -31.85 18.34 87.29
N GLY D 140 -30.80 18.12 88.08
CA GLY D 140 -29.94 19.20 88.51
C GLY D 140 -28.66 19.25 87.69
N ALA D 141 -28.78 18.88 86.41
CA ALA D 141 -27.62 18.79 85.54
C ALA D 141 -27.15 20.15 85.05
N GLU D 142 -28.07 21.11 84.94
CA GLU D 142 -27.70 22.42 84.40
C GLU D 142 -26.90 23.26 85.39
N GLU D 143 -27.00 22.97 86.68
CA GLU D 143 -26.26 23.72 87.68
C GLU D 143 -24.94 23.04 88.04
N ALA D 144 -24.88 21.72 88.00
CA ALA D 144 -23.66 21.02 88.38
C ALA D 144 -22.57 21.19 87.33
N LYS D 145 -22.93 21.44 86.08
CA LYS D 145 -21.95 21.76 85.06
C LYS D 145 -21.47 23.20 85.12
N GLN D 146 -22.15 24.06 85.88
CA GLN D 146 -21.90 25.49 85.80
C GLN D 146 -20.59 25.87 86.49
N ALA D 147 -20.15 25.07 87.46
CA ALA D 147 -18.94 25.41 88.21
C ALA D 147 -17.69 25.28 87.36
N TYR D 148 -17.63 24.27 86.51
CA TYR D 148 -16.50 24.10 85.62
C TYR D 148 -16.65 24.98 84.39
N THR D 149 -15.55 25.58 83.95
CA THR D 149 -15.54 26.42 82.77
C THR D 149 -14.93 25.64 81.62
N ALA D 150 -15.58 25.70 80.46
CA ALA D 150 -15.24 24.85 79.33
C ALA D 150 -13.89 25.22 78.75
N THR D 151 -12.92 24.31 78.89
CA THR D 151 -11.59 24.46 78.33
C THR D 151 -11.19 23.08 77.83
N PRO D 152 -10.50 22.99 76.69
CA PRO D 152 -10.13 21.68 76.15
C PRO D 152 -8.92 21.04 76.79
N PHE D 153 -8.44 21.54 77.92
CA PHE D 153 -7.31 20.98 78.64
C PHE D 153 -7.72 20.41 79.99
N ALA D 154 -8.90 19.80 80.07
CA ALA D 154 -9.37 19.32 81.37
C ALA D 154 -10.22 18.08 81.20
N ALA D 155 -10.48 17.43 82.32
CA ALA D 155 -11.35 16.26 82.37
C ALA D 155 -11.88 16.13 83.79
N VAL D 156 -13.18 15.85 83.92
CA VAL D 156 -13.83 15.74 85.21
C VAL D 156 -14.33 14.31 85.38
N TYR D 157 -14.19 13.77 86.58
CA TYR D 157 -14.59 12.40 86.88
C TYR D 157 -15.49 12.41 88.09
N TYR D 158 -16.75 11.96 87.93
CA TYR D 158 -17.78 12.30 88.92
C TYR D 158 -17.63 11.60 90.26
N PRO D 159 -17.74 10.27 90.37
CA PRO D 159 -17.95 9.72 91.72
C PRO D 159 -16.64 9.65 92.51
N TRP D 160 -16.61 10.35 93.64
CA TRP D 160 -15.50 10.21 94.56
C TRP D 160 -15.44 8.78 95.06
N LEU D 161 -14.24 8.25 95.17
CA LEU D 161 -14.10 6.82 95.43
C LEU D 161 -13.89 6.56 96.90
N LYS D 162 -14.33 5.38 97.33
CA LYS D 162 -14.25 4.95 98.71
C LYS D 162 -13.56 3.60 98.76
N ALA D 163 -12.54 3.49 99.59
CA ALA D 163 -11.75 2.28 99.67
C ALA D 163 -11.86 1.66 101.06
N ASP D 164 -11.35 0.44 101.18
CA ASP D 164 -11.35 -0.26 102.46
C ASP D 164 -10.35 0.37 103.43
N TRP D 165 -9.09 0.36 103.05
CA TRP D 165 -8.07 1.11 103.78
C TRP D 165 -8.32 2.61 103.63
N ALA D 166 -7.97 3.36 104.68
CA ALA D 166 -7.98 4.82 104.71
C ALA D 166 -9.38 5.37 104.42
N ASN D 167 -10.26 5.18 105.43
CA ASN D 167 -11.71 5.34 105.33
C ASN D 167 -12.20 6.71 104.88
N ILE D 168 -11.33 7.72 104.77
CA ILE D 168 -11.75 8.97 104.14
C ILE D 168 -11.94 8.76 102.64
N ASP D 169 -12.69 9.67 102.03
CA ASP D 169 -13.04 9.53 100.62
C ASP D 169 -11.86 9.91 99.74
N ILE D 170 -11.47 9.00 98.86
CA ILE D 170 -10.38 9.26 97.92
C ILE D 170 -10.92 10.14 96.79
N PRO D 171 -10.22 11.20 96.39
CA PRO D 171 -10.65 11.95 95.23
C PRO D 171 -10.42 11.16 93.96
N PRO D 172 -11.28 11.32 92.95
CA PRO D 172 -11.14 10.51 91.73
C PRO D 172 -10.05 11.00 90.81
N SER D 173 -9.54 12.21 91.01
CA SER D 173 -8.57 12.77 90.09
C SER D 173 -7.20 12.16 90.28
N ALA D 174 -6.82 11.87 91.52
CA ALA D 174 -5.54 11.22 91.75
C ALA D 174 -5.58 9.76 91.37
N VAL D 175 -6.76 9.13 91.48
CA VAL D 175 -6.91 7.75 91.05
C VAL D 175 -6.80 7.63 89.55
N MET D 176 -7.50 8.50 88.83
CA MET D 176 -7.46 8.51 87.37
C MET D 176 -6.12 8.98 86.83
N ALA D 177 -5.33 9.69 87.64
CA ALA D 177 -3.99 10.09 87.21
C ALA D 177 -3.08 8.88 87.04
N GLY D 178 -3.27 7.85 87.85
CA GLY D 178 -2.45 6.65 87.70
C GLY D 178 -2.87 5.78 86.54
N VAL D 179 -4.14 5.82 86.17
CA VAL D 179 -4.62 5.03 85.04
C VAL D 179 -4.10 5.62 83.73
N TYR D 180 -3.88 6.93 83.70
CA TYR D 180 -3.31 7.57 82.52
C TYR D 180 -1.90 7.07 82.25
N ALA D 181 -1.04 7.09 83.28
CA ALA D 181 0.33 6.60 83.14
C ALA D 181 0.39 5.09 82.95
N SER D 182 -0.65 4.36 83.36
CA SER D 182 -0.67 2.92 83.14
C SER D 182 -1.14 2.58 81.73
N VAL D 183 -2.06 3.37 81.17
CA VAL D 183 -2.52 3.13 79.82
C VAL D 183 -1.50 3.61 78.80
N ASP D 184 -0.92 4.80 79.03
CA ASP D 184 0.07 5.36 78.11
C ASP D 184 1.34 4.53 78.07
N LEU D 185 1.65 3.81 79.13
CA LEU D 185 2.79 2.90 79.11
C LEU D 185 2.45 1.59 78.41
N SER D 186 1.26 1.05 78.69
CA SER D 186 0.95 -0.29 78.22
C SER D 186 0.53 -0.30 76.76
N ARG D 187 -0.41 0.55 76.37
CA ARG D 187 -0.95 0.54 75.01
C ARG D 187 -0.73 1.85 74.27
N GLY D 188 0.13 2.73 74.76
CA GLY D 188 0.42 3.97 74.09
C GLY D 188 -0.50 5.10 74.51
N VAL D 189 -0.18 6.29 74.01
CA VAL D 189 -0.92 7.47 74.41
C VAL D 189 -2.24 7.62 73.66
N TRP D 190 -2.31 7.15 72.42
CA TRP D 190 -3.49 7.38 71.60
C TRP D 190 -4.68 6.52 72.00
N LYS D 191 -4.47 5.45 72.75
CA LYS D 191 -5.60 4.67 73.24
C LYS D 191 -6.29 5.41 74.37
N ALA D 192 -7.62 5.38 74.36
CA ALA D 192 -8.40 6.17 75.29
C ALA D 192 -8.27 5.59 76.71
N PRO D 193 -8.06 6.44 77.71
CA PRO D 193 -7.86 5.95 79.07
C PRO D 193 -9.10 5.40 79.76
N ALA D 194 -10.24 5.32 79.09
CA ALA D 194 -11.41 4.68 79.67
C ALA D 194 -11.36 3.18 79.42
N ASN D 195 -12.34 2.47 80.00
CA ASN D 195 -12.53 1.02 79.88
C ASN D 195 -11.30 0.26 80.39
N VAL D 196 -10.86 0.63 81.58
CA VAL D 196 -9.75 -0.05 82.26
C VAL D 196 -10.13 -0.19 83.72
N ALA D 197 -10.08 -1.42 84.24
CA ALA D 197 -10.43 -1.66 85.64
C ALA D 197 -9.40 -1.05 86.58
N LEU D 198 -9.86 -0.55 87.71
CA LEU D 198 -8.98 0.07 88.68
C LEU D 198 -8.32 -1.02 89.52
N LYS D 199 -6.99 -1.07 89.48
CA LYS D 199 -6.27 -2.18 90.10
C LYS D 199 -6.27 -2.09 91.62
N GLY D 200 -6.43 -0.88 92.17
CA GLY D 200 -6.63 -0.76 93.59
C GLY D 200 -8.00 -1.29 93.99
N GLY D 201 -8.12 -1.64 95.27
CA GLY D 201 -9.35 -2.28 95.73
C GLY D 201 -10.45 -1.31 96.12
N LEU D 202 -10.66 -0.26 95.34
CA LEU D 202 -11.53 0.84 95.71
C LEU D 202 -12.74 0.88 94.80
N GLU D 203 -13.93 1.04 95.40
CA GLU D 203 -15.27 1.08 94.83
C GLU D 203 -15.79 2.52 94.76
N PRO D 204 -16.68 2.83 93.83
CA PRO D 204 -17.29 4.17 93.81
C PRO D 204 -18.26 4.32 94.96
N LYS D 205 -18.21 5.50 95.58
CA LYS D 205 -19.09 5.80 96.71
C LYS D 205 -20.52 6.04 96.24
N PHE D 206 -20.69 6.53 95.02
CA PHE D 206 -22.00 6.79 94.45
C PHE D 206 -22.23 5.92 93.24
N LEU D 207 -23.34 5.18 93.24
CA LEU D 207 -23.65 4.31 92.12
C LEU D 207 -24.16 5.14 90.94
N VAL D 208 -23.89 4.66 89.74
CA VAL D 208 -24.14 5.41 88.51
C VAL D 208 -25.26 4.75 87.74
N THR D 209 -26.37 5.46 87.60
CA THR D 209 -27.42 5.05 86.69
C THR D 209 -27.00 5.35 85.26
N ASP D 210 -27.45 4.51 84.33
CA ASP D 210 -27.08 4.71 82.93
C ASP D 210 -27.80 5.90 82.32
N GLU D 211 -29.03 6.16 82.76
CA GLU D 211 -29.74 7.36 82.30
C GLU D 211 -29.14 8.61 82.92
N LEU D 212 -28.50 8.48 84.08
CA LEU D 212 -27.83 9.61 84.70
C LEU D 212 -26.60 10.03 83.89
N GLN D 213 -25.94 9.07 83.25
CA GLN D 213 -24.81 9.40 82.39
C GLN D 213 -25.24 9.96 81.05
N GLY D 214 -26.53 9.87 80.72
CA GLY D 214 -26.97 10.33 79.41
C GLY D 214 -26.94 11.84 79.28
N GLU D 215 -27.46 12.55 80.28
CA GLU D 215 -27.50 14.01 80.22
C GLU D 215 -26.29 14.67 80.87
N TYR D 216 -25.34 13.88 81.37
CA TYR D 216 -24.09 14.45 81.85
C TYR D 216 -22.95 14.30 80.85
N ASN D 217 -23.00 13.31 79.98
CA ASN D 217 -21.94 13.10 78.99
C ASN D 217 -22.28 13.82 77.68
N THR D 218 -22.58 15.10 77.81
CA THR D 218 -22.76 15.98 76.67
C THR D 218 -22.46 17.40 77.13
N GLY D 219 -22.24 18.28 76.16
CA GLY D 219 -21.77 19.62 76.50
C GLY D 219 -20.36 19.53 77.05
N ARG D 220 -20.07 20.37 78.04
CA ARG D 220 -18.84 20.18 78.81
C ARG D 220 -19.06 18.96 79.70
N ALA D 221 -18.61 17.81 79.20
CA ALA D 221 -18.99 16.54 79.77
C ALA D 221 -18.26 16.24 81.07
N ILE D 222 -18.92 15.49 81.93
CA ILE D 222 -18.31 14.92 83.13
C ILE D 222 -18.22 13.41 82.91
N ASN D 223 -17.01 12.90 82.81
CA ASN D 223 -16.82 11.46 82.73
C ASN D 223 -17.22 10.82 84.05
N MET D 224 -17.70 9.58 83.98
CA MET D 224 -18.27 8.93 85.15
C MET D 224 -17.64 7.57 85.34
N ILE D 225 -17.13 7.31 86.54
CA ILE D 225 -16.61 6.00 86.89
C ILE D 225 -17.78 5.10 87.26
N ARG D 226 -17.97 4.02 86.52
CA ARG D 226 -19.11 3.15 86.69
C ARG D 226 -18.63 1.73 86.94
N ASN D 227 -19.24 1.07 87.91
CA ASN D 227 -18.90 -0.31 88.23
C ASN D 227 -19.98 -1.26 87.71
N PHE D 228 -19.57 -2.24 86.91
CA PHE D 228 -20.47 -3.29 86.49
C PHE D 228 -19.74 -4.62 86.61
N SER D 229 -20.50 -5.71 86.43
CA SER D 229 -20.11 -7.01 86.95
C SER D 229 -18.99 -7.70 86.19
N ASN D 230 -18.77 -7.35 84.92
CA ASN D 230 -17.81 -8.10 84.12
C ASN D 230 -16.38 -7.77 84.52
N THR D 231 -16.06 -6.49 84.65
CA THR D 231 -14.69 -6.05 84.85
C THR D 231 -14.49 -5.32 86.17
N GLY D 232 -15.52 -5.16 86.98
CA GLY D 232 -15.40 -4.41 88.20
C GLY D 232 -15.57 -2.92 87.97
N THR D 233 -15.00 -2.15 88.87
CA THR D 233 -15.11 -0.69 88.81
C THR D 233 -14.19 -0.16 87.71
N THR D 234 -14.78 0.32 86.62
CA THR D 234 -14.04 0.80 85.49
C THR D 234 -14.32 2.27 85.23
N VAL D 235 -13.36 2.94 84.65
CA VAL D 235 -13.60 4.29 84.16
C VAL D 235 -14.33 4.20 82.83
N TRP D 236 -15.27 5.12 82.61
CA TRP D 236 -16.20 4.98 81.50
C TRP D 236 -16.36 6.27 80.71
N GLY D 237 -15.36 7.14 80.71
CA GLY D 237 -15.44 8.36 79.95
C GLY D 237 -14.11 8.81 79.40
N ALA D 238 -14.06 9.11 78.11
CA ALA D 238 -12.86 9.64 77.48
C ALA D 238 -13.05 11.06 76.99
N ARG D 239 -14.18 11.68 77.28
CA ARG D 239 -14.44 13.04 76.82
C ARG D 239 -13.77 14.05 77.74
N THR D 240 -13.34 15.15 77.15
CA THR D 240 -12.78 16.26 77.89
C THR D 240 -13.90 17.25 78.22
N LEU D 241 -13.54 18.44 78.68
CA LEU D 241 -14.51 19.45 79.04
C LEU D 241 -14.94 20.33 77.86
N GLU D 242 -14.68 19.92 76.64
CA GLU D 242 -14.99 20.72 75.47
C GLU D 242 -15.85 19.93 74.52
N ASP D 243 -16.94 20.54 74.05
CA ASP D 243 -17.84 19.92 73.08
C ASP D 243 -17.71 20.66 71.75
N LYS D 244 -16.74 20.24 70.94
CA LYS D 244 -16.73 20.57 69.53
C LYS D 244 -16.10 19.39 68.80
N ASP D 245 -16.05 19.50 67.47
CA ASP D 245 -15.65 18.36 66.66
C ASP D 245 -14.17 18.08 66.75
N ASN D 246 -13.35 19.10 66.98
CA ASN D 246 -11.90 18.95 66.90
C ASN D 246 -11.34 18.25 68.14
N TRP D 247 -11.62 18.78 69.32
CA TRP D 247 -10.89 18.43 70.52
C TRP D 247 -11.80 17.77 71.53
N ARG D 248 -12.56 16.77 71.11
CA ARG D 248 -13.60 16.20 71.95
C ARG D 248 -13.08 15.18 72.96
N TYR D 249 -11.90 14.60 72.72
CA TYR D 249 -11.48 13.42 73.46
C TYR D 249 -10.13 13.62 74.13
N VAL D 250 -10.00 13.08 75.33
CA VAL D 250 -8.69 13.07 76.00
C VAL D 250 -7.65 12.17 75.34
N PRO D 251 -7.95 11.15 74.52
CA PRO D 251 -6.85 10.63 73.69
C PRO D 251 -6.49 11.52 72.52
N VAL D 252 -7.46 12.19 71.89
CA VAL D 252 -7.14 13.06 70.77
C VAL D 252 -6.53 14.38 71.24
N ARG D 253 -6.66 14.70 72.52
CA ARG D 253 -5.99 15.89 73.05
C ARG D 253 -4.59 15.54 73.53
N ARG D 254 -4.43 14.44 74.24
CA ARG D 254 -3.11 14.11 74.77
C ARG D 254 -2.19 13.46 73.75
N LEU D 255 -2.68 13.12 72.55
CA LEU D 255 -1.75 12.78 71.48
C LEU D 255 -1.12 14.03 70.91
N PHE D 256 -1.90 15.11 70.78
CA PHE D 256 -1.35 16.37 70.33
C PHE D 256 -0.59 17.11 71.42
N ASN D 257 -0.44 16.55 72.61
CA ASN D 257 0.51 17.08 73.56
C ASN D 257 1.85 16.37 73.44
N SER D 258 1.83 15.05 73.36
CA SER D 258 3.05 14.28 73.31
C SER D 258 3.73 14.28 71.95
N VAL D 259 3.04 14.69 70.89
CA VAL D 259 3.73 14.89 69.63
C VAL D 259 4.33 16.29 69.57
N GLU D 260 3.65 17.27 70.14
CA GLU D 260 4.10 18.65 70.18
C GLU D 260 5.06 18.93 71.31
N ARG D 261 5.50 17.91 72.00
CA ARG D 261 6.57 18.02 72.97
C ARG D 261 7.76 17.13 72.63
N ASP D 262 7.54 16.04 71.91
CA ASP D 262 8.66 15.23 71.44
C ASP D 262 9.37 15.90 70.27
N ILE D 263 8.63 16.65 69.46
CA ILE D 263 9.27 17.37 68.36
C ILE D 263 9.95 18.63 68.86
N LYS D 264 9.37 19.29 69.87
CA LYS D 264 9.96 20.52 70.40
C LYS D 264 11.29 20.27 71.11
N ARG D 265 11.49 19.08 71.66
CA ARG D 265 12.81 18.74 72.18
C ARG D 265 13.80 18.43 71.06
N ALA D 266 13.31 17.91 69.94
CA ALA D 266 14.19 17.65 68.81
C ALA D 266 14.55 18.94 68.07
N MET D 267 13.68 19.94 68.12
CA MET D 267 13.98 21.21 67.46
C MET D 267 15.03 22.03 68.20
N SER D 268 15.36 21.69 69.44
CA SER D 268 16.44 22.36 70.12
C SER D 268 17.80 21.99 69.54
N PHE D 269 17.92 20.83 68.92
CA PHE D 269 19.19 20.45 68.30
C PHE D 269 19.41 21.16 66.98
N ALA D 270 18.34 21.44 66.25
CA ALA D 270 18.40 22.16 64.98
C ALA D 270 17.99 23.60 65.16
N MET D 271 18.40 24.22 66.26
CA MET D 271 17.87 25.52 66.63
C MET D 271 18.48 26.63 65.77
N PHE D 272 19.78 26.86 65.89
CA PHE D 272 20.42 27.95 65.17
C PHE D 272 21.09 27.48 63.89
N GLU D 273 20.64 26.37 63.33
CA GLU D 273 21.17 25.90 62.07
C GLU D 273 20.70 26.82 60.94
N PRO D 274 21.56 27.13 59.97
CA PRO D 274 21.15 28.01 58.87
C PRO D 274 20.17 27.30 57.94
N ASN D 275 19.03 27.93 57.69
CA ASN D 275 17.95 27.24 56.97
C ASN D 275 18.12 27.44 55.46
N ASN D 276 18.49 26.37 54.78
CA ASN D 276 18.46 26.32 53.33
C ASN D 276 17.97 24.93 52.95
N GLN D 277 18.16 24.58 51.68
CA GLN D 277 17.74 23.27 51.20
C GLN D 277 18.44 22.07 51.86
N PRO D 278 19.73 22.12 52.26
CA PRO D 278 20.23 20.98 53.04
C PRO D 278 19.67 20.87 54.45
N THR D 279 19.28 21.98 55.08
CA THR D 279 18.86 21.90 56.47
C THR D 279 17.43 21.38 56.61
N TRP D 280 16.47 21.99 55.91
CA TRP D 280 15.10 21.56 56.07
C TRP D 280 14.74 20.34 55.23
N GLU D 281 15.74 19.62 54.71
CA GLU D 281 15.53 18.25 54.28
C GLU D 281 15.79 17.28 55.41
N ARG D 282 16.71 17.62 56.31
CA ARG D 282 16.91 16.80 57.50
C ARG D 282 15.75 16.95 58.47
N VAL D 283 15.23 18.16 58.62
CA VAL D 283 14.13 18.40 59.55
C VAL D 283 12.84 17.79 59.03
N ARG D 284 12.64 17.80 57.71
CA ARG D 284 11.47 17.15 57.15
C ARG D 284 11.57 15.64 57.26
N ALA D 285 12.74 15.08 57.01
CA ALA D 285 12.89 13.62 57.04
C ALA D 285 12.93 13.07 58.46
N ALA D 286 13.31 13.88 59.45
CA ALA D 286 13.35 13.37 60.81
C ALA D 286 11.98 13.45 61.48
N ILE D 287 11.20 14.46 61.15
CA ILE D 287 9.85 14.57 61.70
C ILE D 287 8.94 13.54 61.04
N SER D 288 9.10 13.34 59.73
CA SER D 288 8.22 12.41 59.01
C SER D 288 8.47 10.96 59.37
N ASN D 289 9.65 10.65 59.92
CA ASN D 289 9.87 9.30 60.40
C ASN D 289 9.22 9.08 61.76
N TYR D 290 9.07 10.13 62.55
CA TYR D 290 8.34 10.00 63.81
C TYR D 290 6.85 9.82 63.55
N LEU D 291 6.31 10.60 62.62
CA LEU D 291 4.90 10.47 62.26
C LEU D 291 4.62 9.23 61.44
N TYR D 292 5.65 8.58 60.91
CA TYR D 292 5.46 7.29 60.27
C TYR D 292 5.46 6.18 61.30
N SER D 293 6.23 6.33 62.37
CA SER D 293 6.29 5.30 63.40
C SER D 293 5.01 5.25 64.21
N LEU D 294 4.33 6.39 64.36
CA LEU D 294 3.02 6.37 64.99
C LEU D 294 1.98 5.73 64.10
N TRP D 295 2.13 5.86 62.79
CA TRP D 295 1.15 5.30 61.87
C TRP D 295 1.27 3.78 61.79
N GLN D 296 2.49 3.24 61.90
CA GLN D 296 2.64 1.79 61.91
C GLN D 296 2.16 1.19 63.22
N GLN D 297 2.17 1.96 64.31
CA GLN D 297 1.60 1.50 65.56
C GLN D 297 0.09 1.66 65.62
N GLY D 298 -0.52 2.28 64.61
CA GLY D 298 -1.95 2.46 64.59
C GLY D 298 -2.45 3.67 65.32
N GLY D 299 -1.58 4.62 65.65
CA GLY D 299 -2.02 5.82 66.34
C GLY D 299 -2.68 6.84 65.45
N LEU D 300 -2.44 6.76 64.13
CA LEU D 300 -3.03 7.69 63.18
C LEU D 300 -3.94 6.93 62.22
N ALA D 301 -5.08 7.51 61.93
CA ALA D 301 -6.02 6.89 61.00
C ALA D 301 -5.55 7.07 59.56
N GLY D 302 -6.25 6.43 58.65
CA GLY D 302 -5.94 6.56 57.24
C GLY D 302 -5.45 5.24 56.65
N SER D 303 -5.57 5.16 55.32
CA SER D 303 -5.24 3.93 54.61
C SER D 303 -3.74 3.83 54.30
N LYS D 304 -3.18 4.87 53.68
CA LYS D 304 -1.75 4.91 53.43
C LYS D 304 -1.17 6.22 53.95
N GLU D 305 0.16 6.30 53.94
CA GLU D 305 0.86 7.34 54.68
C GLU D 305 0.71 8.73 54.07
N GLU D 306 0.26 8.83 52.82
CA GLU D 306 -0.01 10.14 52.24
C GLU D 306 -1.26 10.77 52.85
N ASP D 307 -2.11 9.98 53.48
CA ASP D 307 -3.34 10.49 54.08
C ASP D 307 -3.25 10.62 55.59
N ALA D 308 -2.38 9.86 56.25
CA ALA D 308 -2.30 9.89 57.71
C ALA D 308 -1.65 11.17 58.20
N TYR D 309 -0.70 11.72 57.47
CA TYR D 309 0.05 12.88 57.91
C TYR D 309 0.67 13.58 56.71
N PHE D 310 1.15 14.79 56.93
CA PHE D 310 1.94 15.50 55.93
C PHE D 310 2.80 16.54 56.65
N VAL D 311 4.02 16.72 56.15
CA VAL D 311 4.94 17.71 56.69
C VAL D 311 5.52 18.51 55.53
N GLN D 312 5.56 19.83 55.69
CA GLN D 312 5.93 20.72 54.59
C GLN D 312 6.88 21.80 55.09
N ILE D 313 8.14 21.72 54.70
CA ILE D 313 9.07 22.83 54.85
C ILE D 313 9.61 23.16 53.47
N GLY D 314 9.91 24.42 53.25
CA GLY D 314 10.55 24.84 52.02
C GLY D 314 10.22 26.28 51.67
N LYS D 315 11.18 26.93 51.01
CA LYS D 315 10.96 28.26 50.45
C LYS D 315 9.91 28.17 49.36
N GLY D 316 8.91 29.05 49.42
CA GLY D 316 7.72 28.81 48.65
C GLY D 316 6.60 28.24 49.49
N ILE D 317 6.51 26.90 49.52
CA ILE D 317 5.41 26.08 50.03
C ILE D 317 4.80 26.54 51.35
N THR D 318 5.63 26.77 52.36
CA THR D 318 5.08 27.17 53.65
C THR D 318 5.50 28.58 54.08
N MET D 319 6.71 29.01 53.76
CA MET D 319 7.19 30.33 54.14
C MET D 319 7.65 31.07 52.88
N THR D 320 7.55 32.39 52.93
CA THR D 320 7.96 33.20 51.81
C THR D 320 9.41 33.59 51.97
N GLN D 321 9.91 34.43 51.06
CA GLN D 321 11.32 34.83 51.13
C GLN D 321 11.55 35.84 52.24
N GLU D 322 10.60 36.74 52.47
CA GLU D 322 10.78 37.79 53.47
C GLU D 322 10.76 37.24 54.90
N GLN D 323 10.14 36.08 55.11
CA GLN D 323 10.19 35.46 56.43
C GLN D 323 11.51 34.76 56.68
N ILE D 324 12.18 34.31 55.61
CA ILE D 324 13.53 33.77 55.75
C ILE D 324 14.50 34.86 56.15
N ASP D 325 14.31 36.07 55.60
CA ASP D 325 15.17 37.20 55.94
C ASP D 325 14.98 37.67 57.38
N ALA D 326 13.84 37.38 57.99
CA ALA D 326 13.66 37.62 59.41
C ALA D 326 14.11 36.43 60.25
N GLY D 327 14.52 35.34 59.60
CA GLY D 327 15.07 34.20 60.30
C GLY D 327 14.05 33.38 61.07
N GLN D 328 12.96 32.99 60.42
CA GLN D 328 11.97 32.12 61.06
C GLN D 328 11.48 31.10 60.03
N MET D 329 11.89 29.85 60.20
CA MET D 329 11.37 28.81 59.32
C MET D 329 10.15 28.15 59.93
N ILE D 330 9.19 27.82 59.08
CA ILE D 330 7.84 27.43 59.46
C ILE D 330 7.62 25.99 59.04
N VAL D 331 7.16 25.16 59.98
CA VAL D 331 6.88 23.76 59.73
C VAL D 331 5.39 23.53 59.91
N LYS D 332 4.74 23.05 58.86
CA LYS D 332 3.34 22.64 58.94
C LYS D 332 3.29 21.13 59.10
N VAL D 333 2.58 20.67 60.12
CA VAL D 333 2.48 19.25 60.44
C VAL D 333 1.02 18.88 60.56
N GLY D 334 0.58 17.89 59.81
CA GLY D 334 -0.79 17.40 59.87
C GLY D 334 -0.84 16.06 60.58
N LEU D 335 -1.88 15.87 61.38
CA LEU D 335 -2.11 14.62 62.09
C LEU D 335 -3.58 14.25 62.03
N ALA D 336 -3.86 12.98 61.81
CA ALA D 336 -5.21 12.44 61.85
C ALA D 336 -5.26 11.46 63.00
N ALA D 337 -5.49 11.96 64.20
CA ALA D 337 -5.47 11.11 65.37
C ALA D 337 -6.76 10.30 65.45
N VAL D 338 -6.63 9.07 65.92
CA VAL D 338 -7.78 8.18 66.02
C VAL D 338 -8.61 8.58 67.24
N ARG D 339 -9.91 8.44 67.11
CA ARG D 339 -10.80 8.76 68.20
C ARG D 339 -11.48 7.49 68.69
N PRO D 340 -11.79 7.36 69.97
CA PRO D 340 -12.31 6.09 70.47
C PRO D 340 -13.75 5.84 70.04
N ALA D 341 -14.14 4.57 70.10
CA ALA D 341 -15.49 4.15 69.75
C ALA D 341 -16.39 4.42 70.94
N GLU D 342 -16.93 5.64 71.01
CA GLU D 342 -17.74 5.99 72.17
C GLU D 342 -19.10 5.31 72.12
N PHE D 343 -19.70 5.19 70.93
CA PHE D 343 -21.03 4.61 70.78
C PHE D 343 -21.01 3.61 69.65
N ILE D 344 -20.69 2.35 69.96
CA ILE D 344 -20.69 1.32 68.93
C ILE D 344 -22.13 0.88 68.69
N ILE D 345 -22.63 1.08 67.47
CA ILE D 345 -24.00 0.75 67.14
C ILE D 345 -24.01 -0.42 66.17
N LEU D 346 -25.08 -1.20 66.22
CA LEU D 346 -25.18 -2.46 65.50
C LEU D 346 -26.51 -2.48 64.77
N GLN D 347 -26.46 -2.61 63.45
CA GLN D 347 -27.66 -2.57 62.61
C GLN D 347 -27.89 -3.96 62.04
N PHE D 348 -29.06 -4.52 62.32
CA PHE D 348 -29.37 -5.89 61.97
C PHE D 348 -30.46 -5.93 60.91
N THR D 349 -30.12 -6.48 59.76
CA THR D 349 -31.02 -6.58 58.63
C THR D 349 -31.32 -8.04 58.38
N GLN D 350 -32.50 -8.31 57.83
CA GLN D 350 -32.83 -9.65 57.39
C GLN D 350 -32.72 -9.80 55.88
N ASP D 351 -32.08 -8.84 55.21
CA ASP D 351 -31.89 -8.87 53.77
C ASP D 351 -30.42 -9.16 53.50
N VAL D 352 -30.12 -10.42 53.24
CA VAL D 352 -28.74 -10.87 53.09
C VAL D 352 -28.31 -10.97 51.63
N GLU D 353 -29.24 -11.14 50.70
CA GLU D 353 -28.91 -11.08 49.28
C GLU D 353 -28.94 -9.66 48.76
N GLN D 354 -29.55 -8.75 49.50
CA GLN D 354 -29.54 -7.34 49.14
C GLN D 354 -28.17 -6.73 49.34
N ARG D 355 -27.56 -7.00 50.50
CA ARG D 355 -26.23 -6.52 50.92
C ARG D 355 -26.09 -5.00 50.85
N THR E 2 69.68 18.15 -7.06
CA THR E 2 70.01 17.00 -6.23
C THR E 2 71.13 16.19 -6.84
N THR E 3 70.78 15.26 -7.72
CA THR E 3 71.75 14.40 -8.38
C THR E 3 71.97 14.87 -9.81
N VAL E 4 73.22 14.80 -10.25
CA VAL E 4 73.58 15.12 -11.63
C VAL E 4 74.08 13.85 -12.28
N THR E 5 73.61 13.60 -13.50
CA THR E 5 73.96 12.39 -14.24
C THR E 5 74.80 12.80 -15.43
N SER E 6 76.10 12.50 -15.37
CA SER E 6 77.04 12.90 -16.40
C SER E 6 77.49 11.73 -17.26
N TYR E 7 77.99 10.67 -16.64
CA TYR E 7 78.52 9.52 -17.36
C TYR E 7 77.61 8.32 -17.17
N PRO E 8 77.58 7.38 -18.11
CA PRO E 8 76.78 6.17 -17.91
C PRO E 8 77.40 5.27 -16.85
N GLY E 9 76.61 4.94 -15.84
CA GLY E 9 77.11 4.16 -14.73
C GLY E 9 76.05 4.00 -13.68
N VAL E 10 76.46 3.54 -12.51
CA VAL E 10 75.56 3.31 -11.38
C VAL E 10 75.83 4.39 -10.35
N TYR E 11 74.80 5.14 -9.99
CA TYR E 11 74.92 6.24 -9.04
C TYR E 11 74.23 5.85 -7.74
N ILE E 12 74.99 5.85 -6.65
CA ILE E 12 74.43 5.64 -5.32
C ILE E 12 74.29 6.99 -4.66
N GLU E 13 73.06 7.36 -4.31
CA GLU E 13 72.83 8.54 -3.50
C GLU E 13 71.87 8.17 -2.39
N GLU E 14 72.20 8.56 -1.17
CA GLU E 14 71.46 8.17 0.02
C GLU E 14 70.69 9.38 0.51
N LEU E 15 69.42 9.47 0.13
CA LEU E 15 68.54 10.48 0.69
C LEU E 15 67.99 9.97 2.00
N ASN E 16 68.07 10.79 3.04
CA ASN E 16 67.61 10.41 4.37
C ASN E 16 66.75 11.52 4.94
N SER E 17 65.63 11.14 5.53
CA SER E 17 64.73 12.09 6.17
C SER E 17 65.36 12.68 7.42
N LEU E 18 64.74 13.73 7.93
CA LEU E 18 65.20 14.37 9.16
C LEU E 18 64.91 13.44 10.33
N ALA E 19 65.96 12.85 10.90
CA ALA E 19 65.83 11.98 12.06
C ALA E 19 66.00 12.83 13.30
N LEU E 20 64.93 12.95 14.09
CA LEU E 20 64.91 13.83 15.24
C LEU E 20 64.46 13.03 16.45
N SER E 21 65.28 13.05 17.50
CA SER E 21 64.94 12.41 18.76
C SER E 21 65.41 13.29 19.90
N VAL E 22 64.75 13.15 21.04
CA VAL E 22 64.96 14.04 22.18
C VAL E 22 65.67 13.25 23.27
N SER E 23 66.83 13.75 23.68
CA SER E 23 67.66 13.09 24.69
C SER E 23 67.47 13.77 26.03
N ASN E 24 67.29 12.97 27.08
CA ASN E 24 67.14 13.48 28.44
C ASN E 24 68.38 13.10 29.24
N SER E 25 69.13 14.10 29.68
CA SER E 25 70.35 13.84 30.42
C SER E 25 70.70 15.04 31.27
N ALA E 26 71.39 14.77 32.38
CA ALA E 26 71.97 15.76 33.30
C ALA E 26 70.89 16.69 33.86
N THR E 27 69.99 16.11 34.64
CA THR E 27 68.88 16.87 35.19
C THR E 27 69.35 17.82 36.29
N ALA E 28 70.18 17.33 37.21
CA ALA E 28 70.63 18.14 38.34
C ALA E 28 72.14 18.00 38.49
N VAL E 29 72.87 18.88 37.81
CA VAL E 29 74.32 18.98 37.90
C VAL E 29 74.63 20.36 38.49
N PRO E 30 75.13 20.44 39.71
CA PRO E 30 75.26 21.74 40.38
C PRO E 30 76.63 22.37 40.14
N VAL E 31 76.71 23.65 40.49
CA VAL E 31 77.97 24.37 40.60
C VAL E 31 78.05 24.92 42.01
N PHE E 32 79.26 25.04 42.54
CA PHE E 32 79.46 25.52 43.90
C PHE E 32 80.25 26.81 43.85
N ALA E 33 79.62 27.91 44.23
CA ALA E 33 80.33 29.17 44.39
C ALA E 33 81.24 29.03 45.60
N VAL E 34 82.52 28.83 45.35
CA VAL E 34 83.45 28.60 46.44
C VAL E 34 83.69 29.90 47.21
N ASP E 35 84.25 29.76 48.40
CA ASP E 35 84.65 30.91 49.19
C ASP E 35 85.79 31.63 48.48
N GLU E 36 85.78 32.96 48.57
CA GLU E 36 86.79 33.76 47.88
C GLU E 36 88.16 33.59 48.51
N GLN E 37 88.21 33.24 49.80
CA GLN E 37 89.48 33.08 50.49
C GLN E 37 90.16 31.75 50.18
N ASN E 38 89.43 30.77 49.66
CA ASN E 38 89.98 29.44 49.39
C ASN E 38 91.01 29.52 48.26
N GLN E 39 92.28 29.34 48.62
CA GLN E 39 93.39 29.56 47.70
C GLN E 39 93.59 28.41 46.71
N TYR E 40 92.88 27.30 46.88
CA TYR E 40 93.16 26.13 46.05
C TYR E 40 92.39 26.15 44.74
N ILE E 41 91.24 26.82 44.71
CA ILE E 41 90.52 27.00 43.45
C ILE E 41 91.28 28.02 42.61
N SER E 42 91.58 27.66 41.37
CA SER E 42 92.26 28.58 40.48
C SER E 42 91.35 29.72 40.06
N GLU E 43 91.93 30.86 39.76
CA GLU E 43 91.17 32.06 39.43
C GLU E 43 90.55 31.93 38.04
N ASP E 44 89.22 32.06 37.99
CA ASP E 44 88.43 32.09 36.75
C ASP E 44 88.60 30.82 35.91
N ASN E 45 88.39 29.67 36.57
CA ASN E 45 88.42 28.39 35.86
C ASN E 45 87.50 27.43 36.59
N ALA E 46 86.54 26.86 35.87
CA ALA E 46 85.59 25.92 36.44
C ALA E 46 86.28 24.56 36.61
N ILE E 47 86.96 24.41 37.74
CA ILE E 47 87.61 23.14 38.04
C ILE E 47 86.55 22.13 38.42
N ARG E 48 86.54 21.00 37.74
CA ARG E 48 85.44 20.04 37.79
C ARG E 48 85.87 18.80 38.55
N ILE E 49 85.04 18.36 39.50
CA ILE E 49 85.33 17.20 40.32
C ILE E 49 84.21 16.18 40.13
N ASN E 50 84.58 14.90 40.21
CA ASN E 50 83.63 13.81 39.98
C ASN E 50 83.19 13.13 41.28
N SER E 51 84.15 12.75 42.12
CA SER E 51 83.85 12.07 43.37
C SER E 51 84.76 12.64 44.45
N TRP E 52 84.58 12.18 45.68
CA TRP E 52 85.33 12.76 46.79
C TRP E 52 86.77 12.29 46.78
N MET E 53 87.05 11.08 46.30
CA MET E 53 88.43 10.68 46.09
C MET E 53 89.03 11.45 44.92
N ASP E 54 88.22 11.87 43.96
CA ASP E 54 88.70 12.72 42.88
C ASP E 54 88.90 14.15 43.37
N TYR E 55 88.06 14.60 44.30
CA TYR E 55 88.23 15.92 44.89
C TYR E 55 89.42 15.96 45.84
N LEU E 56 89.75 14.82 46.46
CA LEU E 56 90.81 14.80 47.44
C LEU E 56 92.21 14.93 46.84
N ASN E 57 92.34 14.83 45.52
CA ASN E 57 93.62 15.12 44.90
C ASN E 57 93.91 16.60 44.82
N LEU E 58 92.87 17.43 44.86
CA LEU E 58 93.08 18.87 44.99
C LEU E 58 93.69 19.19 46.35
N ILE E 59 93.07 18.69 47.43
CA ILE E 59 93.55 18.90 48.78
C ILE E 59 93.45 17.57 49.52
N GLY E 60 94.57 17.07 50.04
CA GLY E 60 94.60 15.76 50.66
C GLY E 60 94.10 15.72 52.09
N ASN E 61 94.07 16.85 52.78
CA ASN E 61 93.73 16.90 54.20
C ASN E 61 92.63 17.93 54.39
N PHE E 62 92.42 18.34 55.65
CA PHE E 62 91.66 19.54 56.02
C PHE E 62 90.17 19.41 55.65
N ASN E 63 89.60 18.25 55.99
CA ASN E 63 88.17 18.05 55.89
C ASN E 63 87.39 18.78 56.99
N ASN E 64 88.09 19.30 58.00
CA ASN E 64 87.49 19.65 59.28
C ASN E 64 86.86 21.04 59.32
N GLU E 65 87.52 22.07 58.80
CA GLU E 65 87.22 23.43 59.22
C GLU E 65 86.55 24.29 58.16
N ASP E 66 87.11 24.42 56.97
CA ASP E 66 86.66 25.46 56.03
C ASP E 66 85.32 25.09 55.41
N LYS E 67 84.46 26.11 55.27
CA LYS E 67 83.04 25.87 55.02
C LYS E 67 82.75 25.37 53.63
N LEU E 68 83.61 25.63 52.65
CA LEU E 68 83.46 24.99 51.35
C LEU E 68 83.85 23.52 51.43
N ASP E 69 84.92 23.22 52.17
CA ASP E 69 85.45 21.87 52.23
C ASP E 69 84.50 20.92 52.93
N VAL E 70 83.78 21.41 53.94
CA VAL E 70 82.77 20.60 54.60
C VAL E 70 81.56 20.39 53.70
N SER E 71 81.23 21.41 52.90
CA SER E 71 79.99 21.39 52.11
C SER E 71 80.06 20.36 51.00
N VAL E 72 81.18 20.30 50.28
CA VAL E 72 81.29 19.35 49.18
C VAL E 72 81.46 17.93 49.71
N ARG E 73 81.96 17.77 50.94
CA ARG E 73 81.97 16.45 51.56
C ARG E 73 80.55 16.03 51.93
N ALA E 74 79.75 16.96 52.44
CA ALA E 74 78.35 16.67 52.73
C ALA E 74 77.53 16.52 51.46
N TYR E 75 77.97 17.10 50.35
CA TYR E 75 77.23 16.98 49.11
C TYR E 75 77.36 15.58 48.52
N PHE E 76 78.57 15.03 48.51
CA PHE E 76 78.78 13.69 47.96
C PHE E 76 78.19 12.60 48.83
N ALA E 77 78.02 12.87 50.13
CA ALA E 77 77.47 11.86 51.02
C ALA E 77 75.97 11.67 50.77
N ASN E 78 75.25 12.76 50.52
CA ASN E 78 73.81 12.67 50.29
C ASN E 78 73.51 12.07 48.93
N GLY E 79 73.91 12.76 47.87
CA GLY E 79 73.62 12.31 46.53
C GLY E 79 74.86 12.36 45.65
N GLY E 80 74.83 11.54 44.60
CA GLY E 80 75.95 11.42 43.69
C GLY E 80 75.79 12.35 42.50
N GLY E 81 76.86 13.06 42.18
CA GLY E 81 76.88 13.89 41.00
C GLY E 81 78.28 14.41 40.78
N TYR E 82 78.44 15.17 39.70
CA TYR E 82 79.67 15.90 39.44
C TYR E 82 79.37 17.38 39.46
N CYS E 83 80.25 18.16 40.09
CA CYS E 83 80.00 19.57 40.28
C CYS E 83 81.23 20.38 39.91
N TYR E 84 80.99 21.57 39.38
CA TYR E 84 82.07 22.51 39.09
C TYR E 84 82.28 23.41 40.29
N LEU E 85 83.51 23.88 40.46
CA LEU E 85 83.86 24.77 41.55
C LEU E 85 84.41 26.06 40.98
N VAL E 86 83.71 27.16 41.21
CA VAL E 86 84.12 28.46 40.71
C VAL E 86 84.16 29.45 41.85
N LYS E 87 85.00 30.47 41.72
CA LYS E 87 85.02 31.54 42.70
C LYS E 87 83.86 32.49 42.45
N THR E 88 83.34 33.06 43.52
CA THR E 88 82.18 33.92 43.42
C THR E 88 82.49 35.29 42.80
N THR E 89 83.77 35.65 42.72
CA THR E 89 84.14 36.89 42.03
C THR E 89 83.86 36.80 40.54
N SER E 90 84.27 35.70 39.92
CA SER E 90 84.05 35.46 38.49
C SER E 90 82.91 34.49 38.26
N LEU E 91 81.85 34.57 39.06
CA LEU E 91 80.76 33.62 38.93
C LEU E 91 79.90 33.92 37.70
N GLU E 92 79.70 35.20 37.38
CA GLU E 92 78.87 35.55 36.24
C GLU E 92 79.59 35.41 34.91
N LYS E 93 80.90 35.20 34.92
CA LYS E 93 81.65 35.08 33.68
C LYS E 93 81.81 33.65 33.21
N ILE E 94 81.77 32.69 34.13
CA ILE E 94 82.05 31.29 33.80
C ILE E 94 80.78 30.52 33.48
N ILE E 95 79.70 30.81 34.22
CA ILE E 95 78.46 30.02 34.10
C ILE E 95 77.79 30.09 32.72
N PRO E 96 77.73 31.23 32.01
CA PRO E 96 77.15 31.18 30.66
C PRO E 96 77.92 30.32 29.65
N THR E 97 79.23 30.21 29.79
CA THR E 97 80.01 29.36 28.89
C THR E 97 80.30 27.99 29.52
N LEU E 98 79.23 27.29 29.89
CA LEU E 98 79.36 25.95 30.47
C LEU E 98 78.27 25.05 29.91
N ASP E 99 78.55 23.75 29.91
CA ASP E 99 77.72 22.79 29.18
C ASP E 99 76.38 22.57 29.88
N ASP E 100 76.41 22.01 31.09
CA ASP E 100 75.20 21.70 31.85
C ASP E 100 75.44 22.14 33.29
N VAL E 101 75.07 23.37 33.60
CA VAL E 101 75.03 23.86 34.97
C VAL E 101 73.60 24.31 35.20
N THR E 102 72.89 23.58 36.06
CA THR E 102 71.48 23.80 36.24
C THR E 102 71.08 24.05 37.69
N LEU E 103 72.00 23.95 38.64
CA LEU E 103 71.75 24.35 40.02
C LEU E 103 72.90 25.23 40.45
N LEU E 104 72.73 26.54 40.39
CA LEU E 104 73.74 27.46 40.91
C LEU E 104 73.59 27.45 42.43
N VAL E 105 74.43 26.67 43.09
CA VAL E 105 74.28 26.38 44.52
C VAL E 105 75.26 27.22 45.30
N ALA E 106 74.74 28.03 46.22
CA ALA E 106 75.55 28.88 47.08
C ALA E 106 75.96 28.08 48.31
N ALA E 107 77.25 27.80 48.44
CA ALA E 107 77.74 27.10 49.64
C ALA E 107 78.08 28.11 50.73
N GLY E 108 77.06 28.88 51.13
CA GLY E 108 77.18 29.90 52.15
C GLY E 108 78.09 31.04 51.74
N GLU E 109 77.70 31.80 50.71
CA GLU E 109 78.57 32.83 50.18
C GLU E 109 77.87 34.15 49.84
N ASP E 110 76.54 34.24 50.00
CA ASP E 110 75.74 35.46 49.81
C ASP E 110 75.87 36.00 48.39
N ILE E 111 75.35 35.22 47.44
CA ILE E 111 75.52 35.53 46.02
C ILE E 111 74.17 35.86 45.36
N LYS E 112 73.26 36.46 46.13
CA LYS E 112 71.91 36.75 45.64
C LYS E 112 71.92 37.69 44.45
N THR E 113 72.82 38.68 44.45
CA THR E 113 72.90 39.62 43.34
C THR E 113 73.41 38.96 42.07
N THR E 114 74.34 38.00 42.20
CA THR E 114 74.88 37.32 41.04
C THR E 114 73.85 36.37 40.42
N VAL E 115 72.98 35.79 41.25
CA VAL E 115 71.94 34.90 40.74
C VAL E 115 70.93 35.67 39.91
N ASP E 116 70.54 36.85 40.37
CA ASP E 116 69.53 37.66 39.66
C ASP E 116 70.06 38.14 38.32
N VAL E 117 71.35 38.47 38.24
CA VAL E 117 71.95 38.86 36.97
C VAL E 117 72.03 37.66 36.03
N LEU E 118 72.24 36.46 36.58
CA LEU E 118 72.53 35.29 35.77
C LEU E 118 71.30 34.77 35.05
N CYS E 119 70.28 34.34 35.80
CA CYS E 119 69.18 33.57 35.23
C CYS E 119 68.06 34.49 34.77
N GLN E 120 67.95 34.66 33.46
CA GLN E 120 66.77 35.21 32.81
C GLN E 120 65.70 34.12 32.75
N PRO E 121 64.46 34.45 32.34
CA PRO E 121 63.46 33.39 32.10
C PRO E 121 63.82 32.43 30.97
N GLY E 122 64.74 32.78 30.07
CA GLY E 122 65.04 31.90 28.96
C GLY E 122 66.11 30.86 29.25
N LYS E 123 67.06 31.17 30.13
CA LYS E 123 68.22 30.30 30.32
C LYS E 123 67.86 29.05 31.10
N GLY E 124 67.23 29.19 32.24
CA GLY E 124 67.00 28.07 33.13
C GLY E 124 67.83 28.18 34.38
N LEU E 125 68.41 27.06 34.82
CA LEU E 125 69.33 26.94 35.96
C LEU E 125 68.70 27.50 37.24
N PHE E 126 67.69 26.77 37.71
CA PHE E 126 67.10 26.99 39.02
C PHE E 126 68.17 26.92 40.12
N ALA E 127 68.27 27.98 40.90
CA ALA E 127 69.42 28.20 41.79
C ALA E 127 68.97 28.24 43.24
N VAL E 128 69.38 27.24 44.02
CA VAL E 128 68.95 27.16 45.41
C VAL E 128 69.80 28.11 46.27
N PHE E 129 69.25 28.47 47.42
CA PHE E 129 69.88 29.36 48.38
C PHE E 129 70.03 28.66 49.73
N ASP E 130 70.63 29.37 50.68
CA ASP E 130 70.75 28.91 52.05
C ASP E 130 70.04 29.88 52.97
N GLY E 131 69.44 29.34 54.02
CA GLY E 131 68.72 30.17 54.95
C GLY E 131 69.63 30.93 55.88
N PRO E 132 69.05 31.82 56.68
CA PRO E 132 69.85 32.58 57.64
C PRO E 132 70.30 31.68 58.78
N GLU E 133 71.58 31.77 59.13
CA GLU E 133 72.15 30.87 60.12
C GLU E 133 71.72 31.22 61.54
N THR E 134 71.15 32.39 61.75
CA THR E 134 70.74 32.80 63.08
C THR E 134 69.36 32.24 63.41
N GLU E 135 68.88 32.59 64.59
CA GLU E 135 67.57 32.15 65.05
C GLU E 135 66.46 32.90 64.32
N LEU E 136 65.40 32.18 63.96
CA LEU E 136 64.20 32.79 63.40
C LEU E 136 63.05 32.57 64.36
N THR E 137 62.62 33.64 65.02
CA THR E 137 61.43 33.58 65.84
C THR E 137 60.19 33.70 64.96
N ILE E 138 59.02 33.51 65.57
CA ILE E 138 57.78 33.47 64.79
C ILE E 138 57.27 34.88 64.51
N ASN E 139 57.40 35.80 65.45
CA ASN E 139 56.93 37.16 65.26
C ASN E 139 57.94 38.05 64.56
N GLY E 140 59.14 37.54 64.26
CA GLY E 140 60.09 38.27 63.45
C GLY E 140 60.08 37.76 62.02
N ALA E 141 58.91 37.32 61.56
CA ALA E 141 58.81 36.72 60.24
C ALA E 141 58.80 37.75 59.13
N GLU E 142 58.32 38.96 59.41
CA GLU E 142 58.21 39.99 58.37
C GLU E 142 59.56 40.56 57.99
N GLU E 143 60.56 40.47 58.86
CA GLU E 143 61.88 41.00 58.56
C GLU E 143 62.82 39.94 58.01
N ALA E 144 62.66 38.68 58.42
CA ALA E 144 63.56 37.63 57.94
C ALA E 144 63.29 37.27 56.49
N LYS E 145 62.08 37.51 56.01
CA LYS E 145 61.78 37.33 54.59
C LYS E 145 62.25 38.49 53.74
N GLN E 146 62.62 39.62 54.35
CA GLN E 146 62.86 40.84 53.59
C GLN E 146 64.18 40.78 52.84
N ALA E 147 65.13 39.98 53.31
CA ALA E 147 66.46 39.94 52.68
C ALA E 147 66.40 39.27 51.32
N TYR E 148 65.59 38.22 51.18
CA TYR E 148 65.45 37.56 49.90
C TYR E 148 64.43 38.29 49.04
N THR E 149 64.73 38.40 47.74
CA THR E 149 63.85 39.04 46.79
C THR E 149 63.13 37.97 45.99
N ALA E 150 61.82 38.14 45.84
CA ALA E 150 60.95 37.11 45.28
C ALA E 150 61.24 36.89 43.81
N THR E 151 61.77 35.71 43.48
CA THR E 151 62.03 35.30 42.11
C THR E 151 61.67 33.82 42.04
N PRO E 152 61.07 33.36 40.94
CA PRO E 152 60.66 31.96 40.85
C PRO E 152 61.79 30.98 40.50
N PHE E 153 63.05 31.41 40.56
CA PHE E 153 64.20 30.54 40.29
C PHE E 153 65.03 30.32 41.55
N ALA E 154 64.40 30.20 42.71
CA ALA E 154 65.18 30.07 43.93
C ALA E 154 64.43 29.21 44.95
N ALA E 155 65.15 28.83 45.99
CA ALA E 155 64.59 28.08 47.10
C ALA E 155 65.48 28.30 48.31
N VAL E 156 64.86 28.53 49.46
CA VAL E 156 65.58 28.80 50.70
C VAL E 156 65.28 27.69 51.69
N TYR E 157 66.30 27.26 52.43
CA TYR E 157 66.17 26.18 53.40
C TYR E 157 66.70 26.66 54.74
N TYR E 158 65.84 26.68 55.77
CA TYR E 158 66.15 27.48 56.95
C TYR E 158 67.28 26.92 57.81
N PRO E 159 67.16 25.74 58.45
CA PRO E 159 68.11 25.46 59.53
C PRO E 159 69.45 25.01 58.98
N TRP E 160 70.50 25.76 59.31
CA TRP E 160 71.85 25.33 59.03
C TRP E 160 72.13 24.03 59.77
N LEU E 161 72.82 23.11 59.11
CA LEU E 161 72.94 21.77 59.65
C LEU E 161 74.26 21.61 60.39
N LYS E 162 74.23 20.72 61.38
CA LYS E 162 75.38 20.46 62.23
C LYS E 162 75.64 18.96 62.23
N ALA E 163 76.87 18.57 61.93
CA ALA E 163 77.22 17.16 61.81
C ALA E 163 78.26 16.79 62.88
N ASP E 164 78.49 15.48 63.00
CA ASP E 164 79.47 14.99 63.95
C ASP E 164 80.89 15.31 63.48
N TRP E 165 81.25 14.79 62.31
CA TRP E 165 82.49 15.19 61.66
C TRP E 165 82.41 16.64 61.23
N ALA E 166 83.56 17.31 61.25
CA ALA E 166 83.74 18.68 60.74
C ALA E 166 82.82 19.67 61.45
N ASN E 167 83.16 19.92 62.73
CA ASN E 167 82.32 20.58 63.72
C ASN E 167 81.84 21.99 63.34
N ILE E 168 82.34 22.60 62.26
CA ILE E 168 81.73 23.84 61.78
C ILE E 168 80.35 23.55 61.20
N ASP E 169 79.54 24.61 61.11
CA ASP E 169 78.16 24.44 60.66
C ASP E 169 78.10 24.26 59.15
N ILE E 170 77.47 23.18 58.72
CA ILE E 170 77.30 22.94 57.29
C ILE E 170 76.16 23.81 56.77
N PRO E 171 76.33 24.50 55.64
CA PRO E 171 75.22 25.22 55.06
C PRO E 171 74.18 24.27 54.50
N PRO E 172 72.90 24.62 54.55
CA PRO E 172 71.87 23.69 54.07
C PRO E 172 71.74 23.65 52.57
N SER E 173 72.32 24.60 51.85
CA SER E 173 72.13 24.66 50.42
C SER E 173 72.95 23.61 49.70
N ALA E 174 74.16 23.34 50.19
CA ALA E 174 74.97 22.30 49.57
C ALA E 174 74.46 20.92 49.94
N VAL E 175 73.85 20.78 51.11
CA VAL E 175 73.25 19.52 51.52
C VAL E 175 72.04 19.20 50.65
N MET E 176 71.16 20.18 50.48
CA MET E 176 69.97 20.02 49.67
C MET E 176 70.29 19.91 48.18
N ALA E 177 71.47 20.36 47.76
CA ALA E 177 71.87 20.18 46.37
C ALA E 177 72.09 18.72 46.02
N GLY E 178 72.54 17.91 46.98
CA GLY E 178 72.71 16.51 46.72
C GLY E 178 71.43 15.72 46.71
N VAL E 179 70.43 16.19 47.48
CA VAL E 179 69.14 15.52 47.52
C VAL E 179 68.39 15.72 46.21
N TYR E 180 68.63 16.85 45.54
CA TYR E 180 68.03 17.11 44.24
C TYR E 180 68.52 16.09 43.21
N ALA E 181 69.84 15.92 43.10
CA ALA E 181 70.38 14.95 42.17
C ALA E 181 70.09 13.51 42.56
N SER E 182 69.80 13.27 43.84
CA SER E 182 69.43 11.92 44.27
C SER E 182 67.96 11.62 43.98
N VAL E 183 67.10 12.62 44.10
CA VAL E 183 65.68 12.42 43.81
C VAL E 183 65.43 12.39 42.30
N ASP E 184 66.08 13.30 41.56
CA ASP E 184 65.91 13.35 40.10
C ASP E 184 66.46 12.11 39.41
N LEU E 185 67.43 11.44 40.02
CA LEU E 185 67.92 10.19 39.46
C LEU E 185 67.00 9.03 39.83
N SER E 186 66.53 8.99 41.07
CA SER E 186 65.81 7.81 41.56
C SER E 186 64.36 7.79 41.09
N ARG E 187 63.63 8.90 41.28
CA ARG E 187 62.22 8.94 40.97
C ARG E 187 61.86 9.98 39.92
N GLY E 188 62.84 10.53 39.22
CA GLY E 188 62.57 11.50 38.18
C GLY E 188 62.56 12.92 38.69
N VAL E 189 62.45 13.85 37.75
CA VAL E 189 62.54 15.27 38.09
C VAL E 189 61.21 15.80 38.65
N TRP E 190 60.08 15.26 38.20
CA TRP E 190 58.78 15.82 38.57
C TRP E 190 58.39 15.50 40.00
N LYS E 191 59.00 14.52 40.64
CA LYS E 191 58.71 14.26 42.04
C LYS E 191 59.37 15.32 42.90
N ALA E 192 58.63 15.78 43.91
CA ALA E 192 59.10 16.89 44.73
C ALA E 192 60.28 16.47 45.60
N PRO E 193 61.33 17.30 45.68
CA PRO E 193 62.53 16.90 46.44
C PRO E 193 62.37 16.93 47.94
N ALA E 194 61.19 17.19 48.48
CA ALA E 194 60.97 17.09 49.90
C ALA E 194 60.62 15.67 50.29
N ASN E 195 60.48 15.44 51.60
CA ASN E 195 60.12 14.16 52.21
C ASN E 195 61.11 13.05 51.83
N VAL E 196 62.39 13.36 52.00
CA VAL E 196 63.48 12.40 51.77
C VAL E 196 64.48 12.57 52.90
N ALA E 197 64.80 11.47 53.58
CA ALA E 197 65.74 11.52 54.69
C ALA E 197 67.15 11.81 54.19
N LEU E 198 67.91 12.57 54.98
CA LEU E 198 69.27 12.92 54.61
C LEU E 198 70.20 11.77 54.95
N LYS E 199 70.87 11.22 53.93
CA LYS E 199 71.66 10.01 54.12
C LYS E 199 72.93 10.25 54.91
N GLY E 200 73.43 11.48 54.89
CA GLY E 200 74.53 11.82 55.77
C GLY E 200 74.08 11.89 57.22
N GLY E 201 75.03 11.74 58.12
CA GLY E 201 74.68 11.66 59.53
C GLY E 201 74.53 12.99 60.23
N LEU E 202 73.90 13.95 59.58
CA LEU E 202 73.86 15.33 60.05
C LEU E 202 72.45 15.71 60.45
N GLU E 203 72.33 16.36 61.63
CA GLU E 203 71.15 16.83 62.32
C GLU E 203 70.98 18.34 62.16
N PRO E 204 69.75 18.85 62.21
CA PRO E 204 69.56 20.31 62.18
C PRO E 204 70.02 20.94 63.48
N LYS E 205 70.71 22.07 63.35
CA LYS E 205 71.21 22.79 64.51
C LYS E 205 70.08 23.48 65.26
N PHE E 206 69.02 23.87 64.55
CA PHE E 206 67.87 24.55 65.15
C PHE E 206 66.63 23.67 64.99
N LEU E 207 65.96 23.40 66.10
CA LEU E 207 64.75 22.59 66.04
C LEU E 207 63.59 23.42 65.50
N VAL E 208 62.67 22.75 64.82
CA VAL E 208 61.60 23.40 64.07
C VAL E 208 60.28 23.12 64.76
N THR E 209 59.64 24.16 65.26
CA THR E 209 58.27 24.07 65.72
C THR E 209 57.34 24.05 64.52
N ASP E 210 56.22 23.33 64.67
CA ASP E 210 55.28 23.23 63.57
C ASP E 210 54.51 24.52 63.35
N GLU E 211 54.26 25.27 64.42
CA GLU E 211 53.63 26.58 64.28
C GLU E 211 54.61 27.59 63.70
N LEU E 212 55.92 27.36 63.88
CA LEU E 212 56.92 28.22 63.29
C LEU E 212 56.95 28.07 61.78
N GLN E 213 56.66 26.88 61.28
CA GLN E 213 56.59 26.67 59.83
C GLN E 213 55.29 27.20 59.24
N GLY E 214 54.32 27.56 60.07
CA GLY E 214 53.05 28.01 59.53
C GLY E 214 53.13 29.38 58.89
N GLU E 215 53.77 30.33 59.56
CA GLU E 215 53.87 31.68 59.03
C GLU E 215 55.12 31.92 58.22
N TYR E 216 55.98 30.90 58.05
CA TYR E 216 57.11 31.02 57.15
C TYR E 216 56.87 30.36 55.81
N ASN E 217 56.00 29.36 55.74
CA ASN E 217 55.72 28.68 54.48
C ASN E 217 54.53 29.32 53.76
N THR E 218 54.63 30.63 53.59
CA THR E 218 53.67 31.39 52.80
C THR E 218 54.38 32.64 52.30
N GLY E 219 53.79 33.27 51.29
CA GLY E 219 54.47 34.36 50.62
C GLY E 219 55.68 33.83 49.88
N ARG E 220 56.77 34.60 49.88
CA ARG E 220 58.05 34.06 49.44
C ARG E 220 58.53 33.11 50.53
N ALA E 221 58.23 31.83 50.35
CA ALA E 221 58.35 30.84 51.41
C ALA E 221 59.79 30.45 51.65
N ILE E 222 60.07 30.08 52.90
CA ILE E 222 61.34 29.47 53.28
C ILE E 222 61.03 28.02 53.65
N ASN E 223 61.53 27.09 52.86
CA ASN E 223 61.40 25.68 53.20
C ASN E 223 62.21 25.38 54.45
N MET E 224 61.75 24.40 55.22
CA MET E 224 62.35 24.14 56.53
C MET E 224 62.69 22.67 56.64
N ILE E 225 63.93 22.38 57.01
CA ILE E 225 64.36 21.01 57.28
C ILE E 225 63.93 20.65 58.69
N ARG E 226 63.09 19.63 58.82
CA ARG E 226 62.52 19.27 60.10
C ARG E 226 62.82 17.81 60.39
N ASN E 227 63.24 17.52 61.61
CA ASN E 227 63.52 16.16 62.03
C ASN E 227 62.40 15.63 62.92
N PHE E 228 61.84 14.49 62.53
CA PHE E 228 60.87 13.79 63.36
C PHE E 228 61.22 12.31 63.37
N SER E 229 60.54 11.57 64.23
CA SER E 229 61.03 10.28 64.71
C SER E 229 60.92 9.15 63.70
N ASN E 230 60.01 9.25 62.72
CA ASN E 230 59.77 8.13 61.83
C ASN E 230 60.91 7.95 60.83
N THR E 231 61.33 9.03 60.19
CA THR E 231 62.30 8.95 59.10
C THR E 231 63.60 9.70 59.40
N GLY E 232 63.73 10.30 60.56
CA GLY E 232 64.90 11.09 60.85
C GLY E 232 64.79 12.50 60.31
N THR E 233 65.95 13.11 60.09
CA THR E 233 66.00 14.49 59.60
C THR E 233 65.63 14.52 58.13
N THR E 234 64.46 15.06 57.81
CA THR E 234 63.96 15.11 56.45
C THR E 234 63.77 16.55 56.00
N VAL E 235 63.87 16.75 54.71
CA VAL E 235 63.50 18.03 54.13
C VAL E 235 61.99 18.08 54.01
N TRP E 236 61.40 19.24 54.26
CA TRP E 236 59.95 19.34 54.42
C TRP E 236 59.37 20.51 53.66
N GLY E 237 60.01 20.93 52.58
CA GLY E 237 59.46 22.01 51.79
C GLY E 237 59.77 21.88 50.31
N ALA E 238 58.75 22.01 49.47
CA ALA E 238 58.94 21.98 48.03
C ALA E 238 58.59 23.31 47.39
N ARG E 239 58.28 24.33 48.18
CA ARG E 239 57.93 25.62 47.63
C ARG E 239 59.16 26.42 47.25
N THR E 240 59.03 27.21 46.20
CA THR E 240 60.08 28.12 45.77
C THR E 240 59.87 29.47 46.43
N LEU E 241 60.58 30.49 45.97
CA LEU E 241 60.48 31.82 46.53
C LEU E 241 59.38 32.66 45.92
N GLU E 242 58.43 32.05 45.20
CA GLU E 242 57.39 32.78 44.51
C GLU E 242 56.03 32.26 44.95
N ASP E 243 55.13 33.18 45.30
CA ASP E 243 53.76 32.83 45.68
C ASP E 243 52.82 33.32 44.60
N LYS E 244 52.60 32.50 43.58
CA LYS E 244 51.46 32.64 42.71
C LYS E 244 51.06 31.25 42.25
N ASP E 245 49.99 31.18 41.46
CA ASP E 245 49.39 29.89 41.14
C ASP E 245 50.24 29.09 40.16
N ASN E 246 50.99 29.78 39.29
CA ASN E 246 51.69 29.08 38.21
C ASN E 246 52.94 28.36 38.70
N TRP E 247 53.83 29.10 39.35
CA TRP E 247 55.19 28.62 39.58
C TRP E 247 55.48 28.46 41.05
N ARG E 248 54.59 27.78 41.76
CA ARG E 248 54.67 27.72 43.21
C ARG E 248 55.68 26.70 43.73
N TYR E 249 56.04 25.71 42.92
CA TYR E 249 56.75 24.54 43.43
C TYR E 249 58.05 24.30 42.70
N VAL E 250 59.07 23.88 43.44
CA VAL E 250 60.33 23.47 42.82
C VAL E 250 60.23 22.18 41.99
N PRO E 251 59.26 21.25 42.14
CA PRO E 251 59.10 20.28 41.05
C PRO E 251 58.42 20.84 39.82
N VAL E 252 57.45 21.75 39.99
CA VAL E 252 56.79 22.31 38.81
C VAL E 252 57.66 23.37 38.13
N ARG E 253 58.71 23.85 38.80
CA ARG E 253 59.65 24.75 38.15
C ARG E 253 60.75 23.98 37.46
N ARG E 254 61.30 22.96 38.12
CA ARG E 254 62.42 22.24 37.54
C ARG E 254 61.97 21.20 36.51
N LEU E 255 60.68 20.94 36.37
CA LEU E 255 60.25 20.15 35.21
C LEU E 255 60.25 21.02 33.97
N PHE E 256 59.84 22.28 34.10
CA PHE E 256 59.92 23.21 32.98
C PHE E 256 61.32 23.73 32.71
N ASN E 257 62.33 23.28 33.45
CA ASN E 257 63.70 23.53 33.04
C ASN E 257 64.22 22.37 32.22
N SER E 258 64.00 21.14 32.68
CA SER E 258 64.53 19.97 32.00
C SER E 258 63.75 19.58 30.76
N VAL E 259 62.55 20.10 30.56
CA VAL E 259 61.89 19.90 29.28
C VAL E 259 62.32 20.96 28.28
N GLU E 260 62.55 22.18 28.75
CA GLU E 260 62.97 23.30 27.91
C GLU E 260 64.48 23.32 27.69
N ARG E 261 65.17 22.29 28.12
CA ARG E 261 66.57 22.10 27.79
C ARG E 261 66.81 20.82 27.02
N ASP E 262 65.97 19.80 27.20
CA ASP E 262 66.09 18.59 26.39
C ASP E 262 65.57 18.83 24.98
N ILE E 263 64.58 19.71 24.83
CA ILE E 263 64.09 20.01 23.48
C ILE E 263 65.02 20.99 22.78
N LYS E 264 65.63 21.92 23.52
CA LYS E 264 66.53 22.90 22.91
C LYS E 264 67.80 22.25 22.37
N ARG E 265 68.23 21.13 22.95
CA ARG E 265 69.34 20.41 22.34
C ARG E 265 68.89 19.62 21.11
N ALA E 266 67.63 19.20 21.07
CA ALA E 266 67.14 18.52 19.88
C ALA E 266 66.85 19.50 18.75
N MET E 267 66.56 20.75 19.07
CA MET E 267 66.32 21.75 18.03
C MET E 267 67.58 22.19 17.33
N SER E 268 68.75 21.89 17.87
CA SER E 268 69.99 22.19 17.16
C SER E 268 70.19 21.29 15.96
N PHE E 269 69.59 20.10 15.95
CA PHE E 269 69.71 19.21 14.80
C PHE E 269 68.81 19.65 13.66
N ALA E 270 67.66 20.22 13.97
CA ALA E 270 66.72 20.73 12.97
C ALA E 270 66.81 22.23 12.86
N MET E 271 68.03 22.76 12.93
CA MET E 271 68.20 24.21 13.05
C MET E 271 67.93 24.91 11.72
N PHE E 272 68.77 24.67 10.72
CA PHE E 272 68.63 25.35 9.44
C PHE E 272 67.87 24.54 8.41
N GLU E 273 67.03 23.61 8.86
CA GLU E 273 66.20 22.86 7.94
C GLU E 273 65.12 23.76 7.35
N PRO E 274 64.80 23.62 6.07
CA PRO E 274 63.77 24.47 5.47
C PRO E 274 62.38 24.07 5.97
N ASN E 275 61.62 25.04 6.47
CA ASN E 275 60.37 24.72 7.15
C ASN E 275 59.23 24.69 6.15
N ASN E 276 58.73 23.49 5.89
CA ASN E 276 57.50 23.29 5.15
C ASN E 276 56.76 22.14 5.81
N GLN E 277 55.76 21.61 5.12
CA GLN E 277 54.98 20.50 5.65
C GLN E 277 55.77 19.22 5.91
N PRO E 278 56.80 18.82 5.14
CA PRO E 278 57.59 17.67 5.59
C PRO E 278 58.45 17.94 6.81
N THR E 279 58.89 19.17 7.05
CA THR E 279 59.82 19.40 8.15
C THR E 279 59.11 19.45 9.49
N TRP E 280 58.08 20.30 9.62
CA TRP E 280 57.42 20.43 10.91
C TRP E 280 56.40 19.33 11.17
N GLU E 281 56.41 18.25 10.40
CA GLU E 281 55.78 17.01 10.82
C GLU E 281 56.76 16.14 11.58
N ARG E 282 58.05 16.21 11.26
CA ARG E 282 59.05 15.52 12.04
C ARG E 282 59.26 16.18 13.39
N VAL E 283 59.23 17.51 13.43
CA VAL E 283 59.46 18.23 14.67
C VAL E 283 58.26 18.10 15.60
N ARG E 284 57.06 18.03 15.04
CA ARG E 284 55.87 17.80 15.85
C ARG E 284 55.84 16.38 16.39
N ALA E 285 56.20 15.39 15.57
CA ALA E 285 56.14 14.01 16.01
C ALA E 285 57.29 13.63 16.94
N ALA E 286 58.40 14.35 16.89
CA ALA E 286 59.51 14.01 17.78
C ALA E 286 59.34 14.65 19.15
N ILE E 287 58.76 15.85 19.20
CA ILE E 287 58.51 16.50 20.48
C ILE E 287 57.34 15.81 21.19
N SER E 288 56.32 15.42 20.44
CA SER E 288 55.14 14.82 21.05
C SER E 288 55.41 13.42 21.58
N ASN E 289 56.46 12.76 21.10
CA ASN E 289 56.83 11.47 21.69
C ASN E 289 57.59 11.65 22.99
N TYR E 290 58.30 12.78 23.15
CA TYR E 290 58.93 13.06 24.43
C TYR E 290 57.89 13.41 25.47
N LEU E 291 56.91 14.23 25.12
CA LEU E 291 55.85 14.59 26.03
C LEU E 291 54.87 13.46 26.26
N TYR E 292 54.90 12.42 25.42
CA TYR E 292 54.11 11.23 25.70
C TYR E 292 54.84 10.31 26.67
N SER E 293 56.18 10.28 26.59
CA SER E 293 56.95 9.42 27.48
C SER E 293 56.93 9.94 28.90
N LEU E 294 56.82 11.25 29.09
CA LEU E 294 56.65 11.78 30.43
C LEU E 294 55.26 11.48 30.97
N TRP E 295 54.27 11.40 30.10
CA TRP E 295 52.92 11.14 30.56
C TRP E 295 52.73 9.69 30.98
N GLN E 296 53.42 8.76 30.31
CA GLN E 296 53.34 7.36 30.73
C GLN E 296 54.11 7.12 32.01
N GLN E 297 55.11 7.95 32.31
CA GLN E 297 55.79 7.87 33.59
C GLN E 297 55.04 8.57 34.71
N GLY E 298 53.95 9.26 34.40
CA GLY E 298 53.18 9.95 35.41
C GLY E 298 53.66 11.34 35.74
N GLY E 299 54.52 11.92 34.92
CA GLY E 299 55.00 13.27 35.18
C GLY E 299 54.02 14.35 34.83
N LEU E 300 53.04 14.06 33.98
CA LEU E 300 52.04 15.02 33.57
C LEU E 300 50.66 14.56 34.01
N ALA E 301 49.86 15.48 34.52
CA ALA E 301 48.52 15.15 34.95
C ALA E 301 47.59 14.99 33.76
N GLY E 302 46.38 14.55 34.03
CA GLY E 302 45.38 14.41 32.99
C GLY E 302 44.99 12.95 32.78
N SER E 303 43.81 12.77 32.19
CA SER E 303 43.26 11.44 32.00
C SER E 303 43.78 10.77 30.74
N LYS E 304 43.70 11.45 29.59
CA LYS E 304 44.26 10.93 28.36
C LYS E 304 45.14 11.99 27.72
N GLU E 305 45.86 11.58 26.67
CA GLU E 305 46.98 12.36 26.16
C GLU E 305 46.55 13.62 25.44
N GLU E 306 45.28 13.75 25.07
CA GLU E 306 44.79 15.00 24.49
C GLU E 306 44.71 16.11 25.52
N ASP E 307 44.68 15.77 26.81
CA ASP E 307 44.60 16.74 27.89
C ASP E 307 45.92 16.99 28.58
N ALA E 308 46.84 16.03 28.55
CA ALA E 308 48.10 16.21 29.27
C ALA E 308 49.03 17.20 28.57
N TYR E 309 48.98 17.28 27.25
CA TYR E 309 49.89 18.12 26.49
C TYR E 309 49.29 18.41 25.13
N PHE E 310 49.87 19.38 24.44
CA PHE E 310 49.55 19.64 23.04
C PHE E 310 50.72 20.36 22.40
N VAL E 311 50.99 20.03 21.13
CA VAL E 311 52.06 20.67 20.37
C VAL E 311 51.48 21.07 19.02
N GLN E 312 51.79 22.28 18.58
CA GLN E 312 51.17 22.85 17.39
C GLN E 312 52.22 23.55 16.55
N ILE E 313 52.57 22.98 15.40
CA ILE E 313 53.31 23.68 14.38
C ILE E 313 52.50 23.63 13.10
N GLY E 314 52.62 24.67 12.29
CA GLY E 314 51.98 24.69 10.99
C GLY E 314 51.69 26.10 10.53
N LYS E 315 51.72 26.27 9.21
CA LYS E 315 51.29 27.52 8.59
C LYS E 315 49.80 27.71 8.84
N GLY E 316 49.42 28.90 9.30
CA GLY E 316 48.10 29.02 9.88
C GLY E 316 48.14 29.00 11.39
N ILE E 317 47.96 27.81 11.96
CA ILE E 317 47.70 27.51 13.38
C ILE E 317 48.54 28.30 14.38
N THR E 318 49.85 28.31 14.21
CA THR E 318 50.69 29.03 15.17
C THR E 318 51.43 30.21 14.57
N MET E 319 51.86 30.13 13.32
CA MET E 319 52.58 31.21 12.68
C MET E 319 51.87 31.60 11.39
N THR E 320 52.00 32.86 11.01
CA THR E 320 51.38 33.34 9.80
C THR E 320 52.35 33.19 8.63
N GLN E 321 51.95 33.67 7.46
CA GLN E 321 52.80 33.55 6.28
C GLN E 321 53.98 34.51 6.34
N GLU E 322 53.77 35.71 6.85
CA GLU E 322 54.82 36.72 6.88
C GLU E 322 55.93 36.38 7.86
N GLN E 323 55.64 35.55 8.87
CA GLN E 323 56.70 35.11 9.77
C GLN E 323 57.53 34.00 9.15
N ILE E 324 56.95 33.22 8.23
CA ILE E 324 57.73 32.24 7.48
C ILE E 324 58.71 32.95 6.56
N ASP E 325 58.29 34.06 5.97
CA ASP E 325 59.17 34.84 5.08
C ASP E 325 60.32 35.49 5.83
N ALA E 326 60.19 35.72 7.13
CA ALA E 326 61.31 36.14 7.95
C ALA E 326 62.11 34.98 8.49
N GLY E 327 61.67 33.75 8.23
CA GLY E 327 62.42 32.56 8.60
C GLY E 327 62.41 32.27 10.08
N GLN E 328 61.24 32.23 10.70
CA GLN E 328 61.14 31.87 12.12
C GLN E 328 59.90 31.00 12.31
N MET E 329 60.12 29.71 12.55
CA MET E 329 58.99 28.85 12.85
C MET E 329 58.76 28.75 14.35
N ILE E 330 57.49 28.69 14.73
CA ILE E 330 57.04 28.88 16.10
C ILE E 330 56.40 27.58 16.58
N VAL E 331 56.86 27.09 17.72
CA VAL E 331 56.33 25.86 18.32
C VAL E 331 55.66 26.22 19.64
N LYS E 332 54.37 25.91 19.74
CA LYS E 332 53.63 26.04 20.99
C LYS E 332 53.58 24.68 21.66
N VAL E 333 53.99 24.63 22.93
CA VAL E 333 54.05 23.39 23.69
C VAL E 333 53.32 23.61 25.00
N GLY E 334 52.34 22.76 25.29
CA GLY E 334 51.60 22.82 26.54
C GLY E 334 52.00 21.68 27.46
N LEU E 335 52.09 21.98 28.75
CA LEU E 335 52.41 20.97 29.75
C LEU E 335 51.54 21.17 30.97
N ALA E 336 51.06 20.07 31.53
CA ALA E 336 50.29 20.08 32.78
C ALA E 336 51.12 19.30 33.80
N ALA E 337 52.06 19.98 34.43
CA ALA E 337 52.95 19.32 35.35
C ALA E 337 52.23 19.05 36.67
N VAL E 338 52.55 17.91 37.27
CA VAL E 338 51.92 17.53 38.53
C VAL E 338 52.53 18.34 39.67
N ARG E 339 51.71 18.66 40.63
CA ARG E 339 52.18 19.41 41.78
C ARG E 339 52.07 18.55 43.03
N PRO E 340 52.96 18.68 43.99
CA PRO E 340 52.95 17.74 45.12
C PRO E 340 51.79 17.99 46.07
N ALA E 341 51.49 16.97 46.86
CA ALA E 341 50.42 17.04 47.85
C ALA E 341 50.97 17.75 49.08
N GLU E 342 50.88 19.07 49.09
CA GLU E 342 51.44 19.82 50.20
C GLU E 342 50.60 19.69 51.46
N PHE E 343 49.28 19.66 51.32
CA PHE E 343 48.36 19.62 52.46
C PHE E 343 47.32 18.54 52.20
N ILE E 344 47.59 17.31 52.58
CA ILE E 344 46.62 16.24 52.40
C ILE E 344 45.60 16.34 53.53
N ILE E 345 44.33 16.58 53.17
CA ILE E 345 43.29 16.73 54.16
C ILE E 345 42.33 15.56 54.07
N LEU E 346 41.71 15.23 55.19
CA LEU E 346 40.91 14.03 55.34
C LEU E 346 39.57 14.42 55.97
N GLN E 347 38.48 14.15 55.27
CA GLN E 347 37.15 14.52 55.72
C GLN E 347 36.39 13.27 56.10
N PHE E 348 35.93 13.20 57.33
CA PHE E 348 35.31 12.01 57.87
C PHE E 348 33.83 12.26 58.15
N THR E 349 32.99 11.51 57.46
CA THR E 349 31.56 11.62 57.58
C THR E 349 31.01 10.34 58.20
N GLN E 350 29.89 10.48 58.91
CA GLN E 350 29.18 9.31 59.41
C GLN E 350 27.98 8.97 58.56
N ASP E 351 27.86 9.56 57.38
CA ASP E 351 26.75 9.30 56.46
C ASP E 351 27.28 8.46 55.30
N VAL E 352 27.08 7.15 55.40
CA VAL E 352 27.65 6.22 54.43
C VAL E 352 26.65 5.81 53.35
N GLU E 353 25.35 5.90 53.62
CA GLU E 353 24.36 5.68 52.58
C GLU E 353 24.06 6.94 51.81
N GLN E 354 24.46 8.09 52.35
CA GLN E 354 24.32 9.35 51.62
C GLN E 354 25.30 9.43 50.46
N ARG E 355 26.57 9.08 50.72
CA ARG E 355 27.69 9.08 49.76
C ARG E 355 27.89 10.43 49.07
N THR F 2 33.62 -9.52 -63.35
CA THR F 2 34.35 -10.62 -62.72
C THR F 2 34.35 -11.85 -63.61
N THR F 3 33.31 -12.68 -63.48
CA THR F 3 33.18 -13.90 -64.25
C THR F 3 32.17 -13.70 -65.37
N VAL F 4 32.46 -14.26 -66.53
CA VAL F 4 31.54 -14.25 -67.66
C VAL F 4 31.11 -15.67 -67.93
N THR F 5 29.81 -15.87 -68.14
CA THR F 5 29.24 -17.19 -68.36
C THR F 5 28.76 -17.25 -69.79
N SER F 6 29.46 -18.00 -70.63
CA SER F 6 29.14 -18.09 -72.05
C SER F 6 28.54 -19.43 -72.44
N TYR F 7 29.19 -20.52 -72.09
CA TYR F 7 28.75 -21.85 -72.47
C TYR F 7 28.28 -22.61 -71.24
N PRO F 8 27.37 -23.57 -71.38
CA PRO F 8 26.97 -24.38 -70.21
C PRO F 8 28.08 -25.32 -69.78
N GLY F 9 28.45 -25.23 -68.52
CA GLY F 9 29.57 -26.01 -68.03
C GLY F 9 29.86 -25.65 -66.59
N VAL F 10 31.00 -26.11 -66.11
CA VAL F 10 31.43 -25.87 -64.73
C VAL F 10 32.57 -24.87 -64.78
N TYR F 11 32.41 -23.75 -64.08
CA TYR F 11 33.39 -22.68 -64.05
C TYR F 11 34.06 -22.64 -62.69
N ILE F 12 35.37 -22.80 -62.67
CA ILE F 12 36.16 -22.65 -61.46
C ILE F 12 36.79 -21.26 -61.48
N GLU F 13 36.48 -20.44 -60.50
CA GLU F 13 37.16 -19.18 -60.31
C GLU F 13 37.54 -19.05 -58.85
N GLU F 14 38.78 -18.68 -58.60
CA GLU F 14 39.32 -18.65 -57.25
C GLU F 14 39.47 -17.19 -56.84
N LEU F 15 38.48 -16.68 -56.11
CA LEU F 15 38.59 -15.36 -55.52
C LEU F 15 39.33 -15.50 -54.20
N ASN F 16 40.33 -14.65 -54.00
CA ASN F 16 41.15 -14.70 -52.80
C ASN F 16 41.30 -13.30 -52.24
N SER F 17 41.15 -13.18 -50.92
CA SER F 17 41.30 -11.90 -50.25
C SER F 17 42.77 -11.46 -50.27
N LEU F 18 42.97 -10.19 -49.91
CA LEU F 18 44.33 -9.64 -49.82
C LEU F 18 45.04 -10.27 -48.63
N ALA F 19 46.01 -11.13 -48.91
CA ALA F 19 46.80 -11.76 -47.87
C ALA F 19 48.04 -10.91 -47.65
N LEU F 20 48.13 -10.32 -46.46
CA LEU F 20 49.19 -9.37 -46.14
C LEU F 20 49.87 -9.82 -44.85
N SER F 21 51.19 -10.00 -44.92
CA SER F 21 51.97 -10.33 -43.75
C SER F 21 53.29 -9.56 -43.81
N VAL F 22 53.87 -9.33 -42.64
CA VAL F 22 55.03 -8.47 -42.51
C VAL F 22 56.24 -9.33 -42.18
N SER F 23 57.27 -9.25 -43.02
CA SER F 23 58.48 -10.05 -42.87
C SER F 23 59.58 -9.21 -42.25
N ASN F 24 60.25 -9.78 -41.25
CA ASN F 24 61.37 -9.11 -40.59
C ASN F 24 62.66 -9.83 -40.96
N SER F 25 63.55 -9.12 -41.65
CA SER F 25 64.79 -9.73 -42.10
C SER F 25 65.84 -8.66 -42.34
N ALA F 26 67.10 -9.05 -42.17
CA ALA F 26 68.29 -8.25 -42.47
C ALA F 26 68.29 -6.93 -41.70
N THR F 27 68.39 -7.06 -40.37
CA THR F 27 68.34 -5.88 -39.52
C THR F 27 69.62 -5.07 -39.61
N ALA F 28 70.78 -5.72 -39.57
CA ALA F 28 72.08 -5.02 -39.60
C ALA F 28 72.98 -5.68 -40.63
N VAL F 29 72.90 -5.22 -41.86
CA VAL F 29 73.78 -5.63 -42.96
C VAL F 29 74.59 -4.41 -43.38
N PRO F 30 75.89 -4.38 -43.13
CA PRO F 30 76.67 -3.17 -43.34
C PRO F 30 77.29 -3.11 -44.73
N VAL F 31 77.77 -1.93 -45.07
CA VAL F 31 78.61 -1.72 -46.24
C VAL F 31 79.91 -1.08 -45.74
N PHE F 32 81.01 -1.34 -46.42
CA PHE F 32 82.30 -0.83 -46.01
C PHE F 32 82.84 0.06 -47.11
N ALA F 33 82.94 1.35 -46.82
CA ALA F 33 83.61 2.28 -47.73
C ALA F 33 85.09 1.94 -47.72
N VAL F 34 85.55 1.25 -48.76
CA VAL F 34 86.93 0.82 -48.79
C VAL F 34 87.84 2.01 -49.04
N ASP F 35 89.13 1.80 -48.77
CA ASP F 35 90.13 2.81 -49.07
C ASP F 35 90.24 2.98 -50.58
N GLU F 36 90.45 4.22 -51.00
CA GLU F 36 90.53 4.52 -52.43
C GLU F 36 91.76 3.92 -53.08
N GLN F 37 92.83 3.72 -52.29
CA GLN F 37 94.07 3.18 -52.81
C GLN F 37 94.03 1.67 -53.02
N ASN F 38 93.07 0.97 -52.39
CA ASN F 38 92.99 -0.49 -52.47
C ASN F 38 92.62 -0.91 -53.90
N GLN F 39 93.58 -1.50 -54.60
CA GLN F 39 93.43 -1.81 -56.01
C GLN F 39 92.58 -3.03 -56.28
N TYR F 40 92.20 -3.79 -55.25
CA TYR F 40 91.53 -5.06 -55.48
C TYR F 40 90.02 -4.91 -55.61
N ILE F 41 89.45 -3.87 -54.99
CA ILE F 41 88.04 -3.57 -55.20
C ILE F 41 87.87 -2.99 -56.59
N SER F 42 86.95 -3.57 -57.37
CA SER F 42 86.68 -3.08 -58.70
C SER F 42 85.96 -1.73 -58.62
N GLU F 43 86.16 -0.93 -59.67
CA GLU F 43 85.62 0.42 -59.69
C GLU F 43 84.11 0.39 -59.92
N ASP F 44 83.36 0.99 -58.99
CA ASP F 44 81.91 1.18 -59.07
C ASP F 44 81.15 -0.14 -59.18
N ASN F 45 81.45 -1.06 -58.26
CA ASN F 45 80.72 -2.33 -58.19
C ASN F 45 80.74 -2.81 -56.74
N ALA F 46 79.54 -3.06 -56.20
CA ALA F 46 79.41 -3.52 -54.82
C ALA F 46 79.77 -5.01 -54.77
N ILE F 47 81.06 -5.28 -54.62
CA ILE F 47 81.50 -6.65 -54.49
C ILE F 47 81.14 -7.16 -53.10
N ARG F 48 80.43 -8.28 -53.06
CA ARG F 48 79.78 -8.75 -51.85
C ARG F 48 80.50 -9.97 -51.31
N ILE F 49 80.79 -9.97 -50.01
CA ILE F 49 81.50 -11.07 -49.36
C ILE F 49 80.63 -11.62 -48.25
N ASN F 50 80.74 -12.93 -48.01
CA ASN F 50 79.92 -13.61 -47.02
C ASN F 50 80.68 -13.94 -45.75
N SER F 51 81.86 -14.56 -45.88
CA SER F 51 82.66 -14.94 -44.73
C SER F 51 84.12 -14.63 -45.05
N TRP F 52 85.00 -14.85 -44.08
CA TRP F 52 86.38 -14.47 -44.27
C TRP F 52 87.11 -15.44 -45.20
N MET F 53 86.71 -16.70 -45.22
CA MET F 53 87.23 -17.60 -46.25
C MET F 53 86.66 -17.24 -47.62
N ASP F 54 85.47 -16.65 -47.66
CA ASP F 54 84.93 -16.15 -48.92
C ASP F 54 85.62 -14.87 -49.32
N TYR F 55 85.99 -14.04 -48.35
CA TYR F 55 86.73 -12.81 -48.65
C TYR F 55 88.16 -13.11 -49.05
N LEU F 56 88.72 -14.22 -48.56
CA LEU F 56 90.12 -14.53 -48.82
C LEU F 56 90.38 -14.99 -50.25
N ASN F 57 89.33 -15.27 -51.03
CA ASN F 57 89.54 -15.54 -52.45
C ASN F 57 89.79 -14.28 -53.25
N LEU F 58 89.36 -13.12 -52.74
CA LEU F 58 89.76 -11.86 -53.34
C LEU F 58 91.25 -11.64 -53.19
N ILE F 59 91.77 -11.76 -51.97
CA ILE F 59 93.18 -11.60 -51.68
C ILE F 59 93.59 -12.71 -50.71
N GLY F 60 94.57 -13.53 -51.11
CA GLY F 60 94.94 -14.68 -50.31
C GLY F 60 95.87 -14.39 -49.15
N ASN F 61 96.56 -13.25 -49.17
CA ASN F 61 97.57 -12.93 -48.17
C ASN F 61 97.25 -11.55 -47.59
N PHE F 62 98.25 -10.96 -46.91
CA PHE F 62 98.29 -9.54 -46.57
C PHE F 62 97.17 -9.16 -45.59
N ASN F 63 97.01 -9.98 -44.55
CA ASN F 63 96.13 -9.65 -43.44
C ASN F 63 96.72 -8.57 -42.53
N ASN F 64 98.00 -8.23 -42.70
CA ASN F 64 98.78 -7.56 -41.69
C ASN F 64 98.64 -6.04 -41.69
N GLU F 65 98.69 -5.39 -42.85
CA GLU F 65 99.02 -3.97 -42.89
C GLU F 65 97.88 -3.04 -43.26
N ASP F 66 97.21 -3.26 -44.39
CA ASP F 66 96.31 -2.24 -44.91
C ASP F 66 95.02 -2.14 -44.10
N LYS F 67 94.56 -0.90 -43.89
CA LYS F 67 93.57 -0.62 -42.86
C LYS F 67 92.18 -1.14 -43.21
N LEU F 68 91.86 -1.32 -44.49
CA LEU F 68 90.62 -2.00 -44.85
C LEU F 68 90.73 -3.49 -44.56
N ASP F 69 91.87 -4.08 -44.87
CA ASP F 69 92.07 -5.52 -44.74
C ASP F 69 92.02 -5.97 -43.30
N VAL F 70 92.53 -5.14 -42.38
CA VAL F 70 92.46 -5.45 -40.97
C VAL F 70 91.03 -5.30 -40.46
N SER F 71 90.30 -4.32 -41.00
CA SER F 71 88.98 -3.97 -40.48
C SER F 71 87.96 -5.06 -40.76
N VAL F 72 87.95 -5.61 -41.98
CA VAL F 72 86.98 -6.64 -42.31
C VAL F 72 87.35 -7.96 -41.64
N ARG F 73 88.63 -8.16 -41.30
CA ARG F 73 89.00 -9.31 -40.48
C ARG F 73 88.50 -9.14 -39.06
N ALA F 74 88.60 -7.93 -38.51
CA ALA F 74 88.07 -7.66 -37.19
C ALA F 74 86.55 -7.63 -37.18
N TYR F 75 85.93 -7.38 -38.33
CA TYR F 75 84.47 -7.35 -38.39
C TYR F 75 83.88 -8.76 -38.30
N PHE F 76 84.47 -9.71 -39.03
CA PHE F 76 83.96 -11.07 -39.00
C PHE F 76 84.25 -11.77 -37.68
N ALA F 77 85.27 -11.33 -36.95
CA ALA F 77 85.60 -11.96 -35.69
C ALA F 77 84.57 -11.62 -34.62
N ASN F 78 84.09 -10.38 -34.60
CA ASN F 78 83.13 -9.96 -33.59
C ASN F 78 81.75 -10.55 -33.88
N GLY F 79 81.16 -10.17 -35.01
CA GLY F 79 79.83 -10.62 -35.35
C GLY F 79 79.78 -11.12 -36.77
N GLY F 80 78.78 -11.97 -37.02
CA GLY F 80 78.61 -12.59 -38.32
C GLY F 80 77.64 -11.81 -39.17
N GLY F 81 78.03 -11.58 -40.42
CA GLY F 81 77.14 -10.94 -41.38
C GLY F 81 77.78 -10.99 -42.74
N TYR F 82 77.05 -10.48 -43.73
CA TYR F 82 77.57 -10.29 -45.06
C TYR F 82 77.60 -8.80 -45.37
N CYS F 83 78.69 -8.35 -45.98
CA CYS F 83 78.88 -6.93 -46.20
C CYS F 83 79.33 -6.67 -47.63
N TYR F 84 78.90 -5.54 -48.17
CA TYR F 84 79.33 -5.10 -49.48
C TYR F 84 80.56 -4.21 -49.33
N LEU F 85 81.41 -4.20 -50.34
CA LEU F 85 82.62 -3.40 -50.33
C LEU F 85 82.58 -2.46 -51.53
N VAL F 86 82.52 -1.16 -51.28
CA VAL F 86 82.47 -0.17 -52.34
C VAL F 86 83.58 0.85 -52.11
N LYS F 87 84.03 1.46 -53.19
CA LYS F 87 84.98 2.55 -53.07
C LYS F 87 84.25 3.83 -52.67
N THR F 88 84.95 4.67 -51.90
CA THR F 88 84.34 5.89 -51.39
C THR F 88 84.15 6.96 -52.45
N THR F 89 84.80 6.82 -53.61
CA THR F 89 84.58 7.75 -54.71
C THR F 89 83.17 7.61 -55.27
N SER F 90 82.74 6.37 -55.52
CA SER F 90 81.40 6.08 -56.03
C SER F 90 80.48 5.58 -54.94
N LEU F 91 80.59 6.14 -53.73
CA LEU F 91 79.79 5.65 -52.62
C LEU F 91 78.34 6.11 -52.74
N GLU F 92 78.12 7.32 -53.22
CA GLU F 92 76.75 7.82 -53.33
C GLU F 92 76.00 7.28 -54.54
N LYS F 93 76.69 6.61 -55.46
CA LYS F 93 76.05 6.10 -56.66
C LYS F 93 75.57 4.66 -56.51
N ILE F 94 76.21 3.90 -55.64
CA ILE F 94 75.92 2.46 -55.52
C ILE F 94 74.88 2.19 -54.44
N ILE F 95 74.95 2.93 -53.33
CA ILE F 95 74.10 2.63 -52.17
C ILE F 95 72.61 2.79 -52.43
N PRO F 96 72.10 3.80 -53.18
CA PRO F 96 70.65 3.81 -53.44
C PRO F 96 70.12 2.64 -54.26
N THR F 97 70.94 2.06 -55.15
CA THR F 97 70.51 0.89 -55.91
C THR F 97 71.02 -0.40 -55.29
N LEU F 98 70.69 -0.63 -54.01
CA LEU F 98 71.08 -1.85 -53.33
C LEU F 98 69.92 -2.34 -52.47
N ASP F 99 69.92 -3.65 -52.20
CA ASP F 99 68.75 -4.30 -51.62
C ASP F 99 68.60 -3.94 -50.14
N ASP F 100 69.56 -4.34 -49.32
CA ASP F 100 69.51 -4.09 -47.87
C ASP F 100 70.89 -3.63 -47.44
N VAL F 101 71.10 -2.33 -47.43
CA VAL F 101 72.27 -1.71 -46.86
C VAL F 101 71.75 -0.75 -45.80
N THR F 102 72.00 -1.06 -44.54
CA THR F 102 71.43 -0.31 -43.44
C THR F 102 72.45 0.21 -42.45
N LEU F 103 73.73 -0.12 -42.60
CA LEU F 103 74.79 0.49 -41.81
C LEU F 103 75.88 0.93 -42.78
N LEU F 104 75.87 2.20 -43.17
CA LEU F 104 76.96 2.74 -43.97
C LEU F 104 78.14 2.94 -43.04
N VAL F 105 79.06 1.99 -43.04
CA VAL F 105 80.13 1.92 -42.05
C VAL F 105 81.42 2.43 -42.69
N ALA F 106 82.00 3.46 -42.09
CA ALA F 106 83.26 4.04 -42.55
C ALA F 106 84.41 3.28 -41.91
N ALA F 107 85.18 2.57 -42.71
CA ALA F 107 86.37 1.88 -42.19
C ALA F 107 87.58 2.79 -42.22
N GLY F 108 87.44 3.92 -41.51
CA GLY F 108 88.49 4.93 -41.43
C GLY F 108 88.76 5.61 -42.75
N GLU F 109 87.78 6.34 -43.28
CA GLU F 109 87.93 6.92 -44.61
C GLU F 109 87.42 8.36 -44.73
N ASP F 110 86.85 8.95 -43.68
CA ASP F 110 86.40 10.34 -43.61
C ASP F 110 85.35 10.65 -44.69
N ILE F 111 84.18 10.02 -44.51
CA ILE F 111 83.13 10.09 -45.51
C ILE F 111 81.89 10.81 -44.97
N LYS F 112 82.11 11.78 -44.08
CA LYS F 112 81.01 12.49 -43.43
C LYS F 112 80.13 13.24 -44.41
N THR F 113 80.73 13.81 -45.46
CA THR F 113 79.95 14.54 -46.47
C THR F 113 79.08 13.60 -47.29
N THR F 114 79.58 12.40 -47.58
CA THR F 114 78.83 11.44 -48.37
C THR F 114 77.64 10.88 -47.57
N VAL F 115 77.80 10.74 -46.25
CA VAL F 115 76.73 10.25 -45.41
C VAL F 115 75.57 11.24 -45.36
N ASP F 116 75.88 12.54 -45.26
CA ASP F 116 74.84 13.56 -45.17
C ASP F 116 74.06 13.67 -46.47
N VAL F 117 74.73 13.49 -47.61
CA VAL F 117 74.03 13.50 -48.90
C VAL F 117 73.15 12.25 -49.02
N LEU F 118 73.59 11.13 -48.44
CA LEU F 118 72.92 9.87 -48.68
C LEU F 118 71.60 9.75 -47.94
N CYS F 119 71.63 9.82 -46.61
CA CYS F 119 70.48 9.44 -45.80
C CYS F 119 69.60 10.66 -45.53
N GLN F 120 68.46 10.72 -46.21
CA GLN F 120 67.35 11.58 -45.86
C GLN F 120 66.60 10.96 -44.69
N PRO F 121 65.64 11.67 -44.09
CA PRO F 121 64.78 11.03 -43.08
C PRO F 121 63.91 9.89 -43.60
N GLY F 122 63.69 9.78 -44.92
CA GLY F 122 62.82 8.73 -45.43
C GLY F 122 63.51 7.42 -45.70
N LYS F 123 64.80 7.46 -46.05
CA LYS F 123 65.48 6.25 -46.52
C LYS F 123 65.78 5.30 -45.38
N GLY F 124 66.43 5.80 -44.34
CA GLY F 124 66.90 4.93 -43.27
C GLY F 124 68.42 4.87 -43.27
N LEU F 125 68.96 3.66 -43.07
CA LEU F 125 70.39 3.35 -43.11
C LEU F 125 71.19 4.22 -42.14
N PHE F 126 70.96 3.97 -40.85
CA PHE F 126 71.77 4.53 -39.77
C PHE F 126 73.24 4.20 -39.98
N ALA F 127 74.09 5.22 -40.02
CA ALA F 127 75.46 5.10 -40.50
C ALA F 127 76.44 5.45 -39.38
N VAL F 128 77.20 4.46 -38.91
CA VAL F 128 78.12 4.69 -37.81
C VAL F 128 79.39 5.36 -38.34
N PHE F 129 80.11 6.01 -37.42
CA PHE F 129 81.36 6.71 -37.71
C PHE F 129 82.48 6.15 -36.85
N ASP F 130 83.68 6.69 -37.05
CA ASP F 130 84.83 6.36 -36.24
C ASP F 130 85.33 7.62 -35.55
N GLY F 131 85.83 7.46 -34.33
CA GLY F 131 86.32 8.59 -33.59
C GLY F 131 87.67 9.04 -34.06
N PRO F 132 88.12 10.17 -33.52
CA PRO F 132 89.45 10.69 -33.88
C PRO F 132 90.54 9.82 -33.27
N GLU F 133 91.52 9.47 -34.10
CA GLU F 133 92.55 8.52 -33.66
C GLU F 133 93.55 9.15 -32.71
N THR F 134 93.56 10.48 -32.59
CA THR F 134 94.50 11.15 -31.71
C THR F 134 93.97 11.17 -30.27
N GLU F 135 94.73 11.81 -29.40
CA GLU F 135 94.37 11.91 -27.99
C GLU F 135 93.25 12.94 -27.82
N LEU F 136 92.29 12.63 -26.96
CA LEU F 136 91.26 13.58 -26.56
C LEU F 136 91.41 13.90 -25.09
N THR F 137 91.86 15.12 -24.80
CA THR F 137 91.90 15.58 -23.42
C THR F 137 90.51 16.05 -23.00
N ILE F 138 90.36 16.38 -21.72
CA ILE F 138 89.04 16.70 -21.19
C ILE F 138 88.70 18.16 -21.46
N ASN F 139 89.67 19.06 -21.38
CA ASN F 139 89.41 20.48 -21.62
C ASN F 139 89.48 20.85 -23.09
N GLY F 140 89.81 19.91 -23.97
CA GLY F 140 89.72 20.15 -25.40
C GLY F 140 88.47 19.53 -25.99
N ALA F 141 87.41 19.50 -25.19
CA ALA F 141 86.17 18.84 -25.58
C ALA F 141 85.36 19.68 -26.56
N GLU F 142 85.47 21.01 -26.49
CA GLU F 142 84.68 21.87 -27.34
C GLU F 142 85.15 21.88 -28.79
N GLU F 143 86.40 21.53 -29.03
CA GLU F 143 86.93 21.49 -30.39
C GLU F 143 86.83 20.11 -31.02
N ALA F 144 86.95 19.05 -30.21
CA ALA F 144 86.91 17.70 -30.76
C ALA F 144 85.51 17.31 -31.22
N LYS F 145 84.48 17.92 -30.65
CA LYS F 145 83.12 17.71 -31.12
C LYS F 145 82.79 18.52 -32.36
N GLN F 146 83.63 19.48 -32.72
CA GLN F 146 83.27 20.44 -33.75
C GLN F 146 83.35 19.84 -35.14
N ALA F 147 84.17 18.80 -35.32
CA ALA F 147 84.33 18.21 -36.64
C ALA F 147 83.09 17.46 -37.10
N TYR F 148 82.42 16.76 -36.18
CA TYR F 148 81.19 16.07 -36.52
C TYR F 148 80.01 17.02 -36.48
N THR F 149 79.11 16.88 -37.44
CA THR F 149 77.91 17.69 -37.52
C THR F 149 76.73 16.88 -37.00
N ALA F 150 75.92 17.51 -36.15
CA ALA F 150 74.87 16.81 -35.42
C ALA F 150 73.76 16.34 -36.36
N THR F 151 73.64 15.02 -36.52
CA THR F 151 72.59 14.40 -37.29
C THR F 151 72.16 13.16 -36.52
N PRO F 152 70.88 12.83 -36.49
CA PRO F 152 70.41 11.68 -35.72
C PRO F 152 70.62 10.33 -36.40
N PHE F 153 71.39 10.26 -37.48
CA PHE F 153 71.68 9.02 -38.18
C PHE F 153 73.16 8.63 -38.05
N ALA F 154 73.77 8.88 -36.91
CA ALA F 154 75.20 8.61 -36.79
C ALA F 154 75.54 8.20 -35.37
N ALA F 155 76.76 7.69 -35.21
CA ALA F 155 77.30 7.32 -33.92
C ALA F 155 78.80 7.33 -34.02
N VAL F 156 79.47 7.90 -33.01
CA VAL F 156 80.92 8.02 -32.99
C VAL F 156 81.45 7.21 -31.83
N TYR F 157 82.57 6.53 -32.05
CA TYR F 157 83.18 5.67 -31.04
C TYR F 157 84.65 6.05 -30.90
N TYR F 158 85.04 6.50 -29.69
CA TYR F 158 86.30 7.26 -29.58
C TYR F 158 87.55 6.42 -29.76
N PRO F 159 87.88 5.44 -28.90
CA PRO F 159 89.27 4.95 -28.95
C PRO F 159 89.49 3.97 -30.09
N TRP F 160 90.41 4.32 -30.98
CA TRP F 160 90.84 3.39 -32.01
C TRP F 160 91.47 2.18 -31.35
N LEU F 161 91.17 1.01 -31.89
CA LEU F 161 91.54 -0.22 -31.20
C LEU F 161 92.83 -0.77 -31.75
N LYS F 162 93.55 -1.48 -30.88
CA LYS F 162 94.85 -2.06 -31.18
C LYS F 162 94.80 -3.53 -30.85
N ALA F 163 95.17 -4.37 -31.80
CA ALA F 163 95.11 -5.81 -31.61
C ALA F 163 96.50 -6.42 -31.68
N ASP F 164 96.58 -7.70 -31.33
CA ASP F 164 97.84 -8.42 -31.38
C ASP F 164 98.25 -8.69 -32.83
N TRP F 165 97.41 -9.43 -33.55
CA TRP F 165 97.58 -9.60 -34.98
C TRP F 165 97.34 -8.26 -35.68
N ALA F 166 98.06 -8.06 -36.79
CA ALA F 166 97.88 -6.92 -37.70
C ALA F 166 98.11 -5.59 -36.97
N ASN F 167 99.38 -5.35 -36.64
CA ASN F 167 99.84 -4.32 -35.72
C ASN F 167 99.42 -2.88 -36.06
N ILE F 168 98.86 -2.63 -37.24
CA ILE F 168 98.28 -1.31 -37.49
C ILE F 168 97.01 -1.12 -36.65
N ASP F 169 96.63 0.13 -36.46
CA ASP F 169 95.49 0.45 -35.60
C ASP F 169 94.18 0.14 -36.31
N ILE F 170 93.35 -0.67 -35.67
CA ILE F 170 92.03 -1.00 -36.21
C ILE F 170 91.10 0.18 -35.95
N PRO F 171 90.31 0.62 -36.94
CA PRO F 171 89.33 1.64 -36.67
C PRO F 171 88.18 1.08 -35.84
N PRO F 172 87.57 1.88 -34.97
CA PRO F 172 86.52 1.35 -34.10
C PRO F 172 85.19 1.19 -34.79
N SER F 173 85.01 1.79 -35.96
CA SER F 173 83.72 1.76 -36.61
C SER F 173 83.44 0.41 -37.25
N ALA F 174 84.46 -0.23 -37.81
CA ALA F 174 84.27 -1.56 -38.37
C ALA F 174 84.13 -2.61 -37.28
N VAL F 175 84.76 -2.38 -36.14
CA VAL F 175 84.64 -3.29 -35.00
C VAL F 175 83.23 -3.23 -34.43
N MET F 176 82.73 -2.02 -34.21
CA MET F 176 81.38 -1.81 -33.69
C MET F 176 80.31 -2.20 -34.69
N ALA F 177 80.64 -2.26 -35.98
CA ALA F 177 79.68 -2.72 -36.98
C ALA F 177 79.33 -4.18 -36.79
N GLY F 178 80.28 -4.99 -36.32
CA GLY F 178 79.99 -6.39 -36.09
C GLY F 178 79.21 -6.64 -34.82
N VAL F 179 79.36 -5.76 -33.82
CA VAL F 179 78.63 -5.91 -32.57
C VAL F 179 77.16 -5.58 -32.79
N TYR F 180 76.86 -4.70 -33.75
CA TYR F 180 75.48 -4.38 -34.08
C TYR F 180 74.75 -5.60 -34.63
N ALA F 181 75.36 -6.27 -35.62
CA ALA F 181 74.75 -7.47 -36.20
C ALA F 181 74.77 -8.65 -35.23
N SER F 182 75.64 -8.63 -34.23
CA SER F 182 75.65 -9.69 -33.23
C SER F 182 74.58 -9.46 -32.17
N VAL F 183 74.33 -8.20 -31.81
CA VAL F 183 73.31 -7.90 -30.82
C VAL F 183 71.92 -8.00 -31.43
N ASP F 184 71.75 -7.48 -32.66
CA ASP F 184 70.45 -7.52 -33.32
C ASP F 184 70.02 -8.94 -33.67
N LEU F 185 70.97 -9.85 -33.83
CA LEU F 185 70.62 -11.25 -34.04
C LEU F 185 70.31 -11.95 -32.73
N SER F 186 71.09 -11.68 -31.68
CA SER F 186 70.97 -12.44 -30.45
C SER F 186 69.79 -11.98 -29.60
N ARG F 187 69.70 -10.68 -29.34
CA ARG F 187 68.67 -10.15 -28.45
C ARG F 187 67.73 -9.16 -29.12
N GLY F 188 67.73 -9.09 -30.45
CA GLY F 188 66.83 -8.21 -31.15
C GLY F 188 67.42 -6.83 -31.38
N VAL F 189 66.68 -6.04 -32.15
CA VAL F 189 67.18 -4.73 -32.55
C VAL F 189 66.99 -3.69 -31.44
N TRP F 190 65.94 -3.82 -30.63
CA TRP F 190 65.62 -2.80 -29.63
C TRP F 190 66.57 -2.78 -28.46
N LYS F 191 67.32 -3.85 -28.22
CA LYS F 191 68.31 -3.82 -27.14
C LYS F 191 69.50 -2.99 -27.57
N ALA F 192 70.02 -2.20 -26.63
CA ALA F 192 71.06 -1.25 -26.96
C ALA F 192 72.37 -1.98 -27.23
N PRO F 193 73.10 -1.60 -28.28
CA PRO F 193 74.33 -2.31 -28.65
C PRO F 193 75.51 -2.07 -27.72
N ALA F 194 75.35 -1.33 -26.63
CA ALA F 194 76.42 -1.20 -25.65
C ALA F 194 76.38 -2.34 -24.66
N ASN F 195 77.38 -2.37 -23.78
CA ASN F 195 77.55 -3.35 -22.71
C ASN F 195 77.64 -4.78 -23.25
N VAL F 196 78.50 -4.95 -24.25
CA VAL F 196 78.78 -6.25 -24.85
C VAL F 196 80.28 -6.34 -25.07
N ALA F 197 80.90 -7.40 -24.53
CA ALA F 197 82.33 -7.58 -24.67
C ALA F 197 82.71 -7.89 -26.12
N LEU F 198 83.86 -7.38 -26.55
CA LEU F 198 84.32 -7.59 -27.91
C LEU F 198 84.98 -8.96 -28.01
N LYS F 199 84.42 -9.83 -28.87
CA LYS F 199 84.85 -11.21 -28.92
C LYS F 199 86.23 -11.37 -29.56
N GLY F 200 86.63 -10.42 -30.40
CA GLY F 200 87.99 -10.41 -30.88
C GLY F 200 88.95 -10.03 -29.79
N GLY F 201 90.22 -10.42 -29.96
CA GLY F 201 91.20 -10.22 -28.91
C GLY F 201 91.85 -8.86 -28.91
N LEU F 202 91.07 -7.81 -29.12
CA LEU F 202 91.61 -6.47 -29.35
C LEU F 202 91.24 -5.55 -28.20
N GLU F 203 92.24 -4.78 -27.71
CA GLU F 203 92.22 -3.84 -26.60
C GLU F 203 92.18 -2.41 -27.11
N PRO F 204 91.62 -1.47 -26.34
CA PRO F 204 91.67 -0.07 -26.74
C PRO F 204 93.08 0.49 -26.63
N LYS F 205 93.46 1.28 -27.63
CA LYS F 205 94.79 1.88 -27.64
C LYS F 205 94.88 3.02 -26.64
N PHE F 206 93.77 3.69 -26.35
CA PHE F 206 93.72 4.79 -25.40
C PHE F 206 92.83 4.42 -24.24
N LEU F 207 93.36 4.54 -23.02
CA LEU F 207 92.58 4.24 -21.84
C LEU F 207 91.59 5.36 -21.55
N VAL F 208 90.46 5.00 -20.97
CA VAL F 208 89.34 5.91 -20.80
C VAL F 208 89.16 6.21 -19.32
N THR F 209 89.36 7.48 -18.96
CA THR F 209 88.99 7.94 -17.63
C THR F 209 87.50 8.13 -17.56
N ASP F 210 86.93 7.90 -16.37
CA ASP F 210 85.49 8.02 -16.20
C ASP F 210 85.05 9.48 -16.22
N GLU F 211 85.89 10.39 -15.71
CA GLU F 211 85.58 11.81 -15.80
C GLU F 211 85.75 12.32 -17.22
N LEU F 212 86.58 11.65 -18.03
CA LEU F 212 86.72 12.02 -19.43
C LEU F 212 85.45 11.70 -20.22
N GLN F 213 84.75 10.64 -19.83
CA GLN F 213 83.48 10.32 -20.46
C GLN F 213 82.35 11.22 -20.00
N GLY F 214 82.56 12.01 -18.94
CA GLY F 214 81.48 12.83 -18.42
C GLY F 214 81.14 14.00 -19.34
N GLU F 215 82.16 14.71 -19.81
CA GLU F 215 81.93 15.86 -20.66
C GLU F 215 81.95 15.53 -22.14
N TYR F 216 82.15 14.27 -22.50
CA TYR F 216 82.02 13.86 -23.89
C TYR F 216 80.69 13.20 -24.19
N ASN F 217 80.05 12.58 -23.20
CA ASN F 217 78.77 11.92 -23.42
C ASN F 217 77.60 12.88 -23.14
N THR F 218 77.67 14.04 -23.78
CA THR F 218 76.58 15.00 -23.76
C THR F 218 76.68 15.85 -25.02
N GLY F 219 75.59 16.53 -25.35
CA GLY F 219 75.53 17.22 -26.63
C GLY F 219 75.51 16.20 -27.75
N ARG F 220 76.18 16.52 -28.85
CA ARG F 220 76.43 15.50 -29.86
C ARG F 220 77.49 14.56 -29.30
N ALA F 221 77.02 13.48 -28.70
CA ALA F 221 77.86 12.63 -27.86
C ALA F 221 78.80 11.77 -28.69
N ILE F 222 79.94 11.45 -28.10
CA ILE F 222 80.88 10.47 -28.62
C ILE F 222 80.85 9.29 -27.66
N ASN F 223 80.35 8.15 -28.13
CA ASN F 223 80.40 6.93 -27.34
C ASN F 223 81.84 6.49 -27.17
N MET F 224 82.13 5.84 -26.05
CA MET F 224 83.51 5.52 -25.70
C MET F 224 83.62 4.05 -25.36
N ILE F 225 84.56 3.36 -26.01
CA ILE F 225 84.85 1.97 -25.68
C ILE F 225 85.77 1.93 -24.47
N ARG F 226 85.29 1.33 -23.39
CA ARG F 226 86.03 1.34 -22.13
C ARG F 226 86.26 -0.08 -21.68
N ASN F 227 87.48 -0.38 -21.22
CA ASN F 227 87.81 -1.70 -20.72
C ASN F 227 87.89 -1.68 -19.21
N PHE F 228 87.13 -2.57 -18.57
CA PHE F 228 87.24 -2.77 -17.13
C PHE F 228 87.26 -4.26 -16.85
N SER F 229 87.52 -4.60 -15.60
CA SER F 229 88.04 -5.92 -15.25
C SER F 229 86.99 -7.04 -15.30
N ASN F 230 85.70 -6.72 -15.17
CA ASN F 230 84.70 -7.77 -15.06
C ASN F 230 84.46 -8.45 -16.39
N THR F 231 84.28 -7.68 -17.45
CA THR F 231 83.88 -8.22 -18.74
C THR F 231 84.90 -7.98 -19.85
N GLY F 232 86.02 -7.34 -19.54
CA GLY F 232 86.99 -7.01 -20.57
C GLY F 232 86.63 -5.73 -21.28
N THR F 233 87.14 -5.61 -22.50
CA THR F 233 86.92 -4.41 -23.31
C THR F 233 85.50 -4.40 -23.83
N THR F 234 84.67 -3.50 -23.32
CA THR F 234 83.27 -3.43 -23.68
C THR F 234 82.96 -2.08 -24.30
N VAL F 235 81.95 -2.06 -25.15
CA VAL F 235 81.41 -0.80 -25.64
C VAL F 235 80.51 -0.22 -24.58
N TRP F 236 80.54 1.10 -24.42
CA TRP F 236 79.91 1.74 -23.27
C TRP F 236 79.09 2.95 -23.66
N GLY F 237 78.58 3.00 -24.88
CA GLY F 237 77.75 4.10 -25.28
C GLY F 237 76.68 3.72 -26.27
N ALA F 238 75.44 4.10 -26.00
CA ALA F 238 74.33 3.86 -26.90
C ALA F 238 73.76 5.15 -27.47
N ARG F 239 74.37 6.29 -27.17
CA ARG F 239 73.88 7.56 -27.67
C ARG F 239 74.31 7.79 -29.11
N THR F 240 73.45 8.46 -29.86
CA THR F 240 73.76 8.87 -31.23
C THR F 240 74.37 10.27 -31.19
N LEU F 241 74.48 10.90 -32.36
CA LEU F 241 75.05 12.23 -32.46
C LEU F 241 74.04 13.34 -32.26
N GLU F 242 72.87 13.05 -31.71
CA GLU F 242 71.81 14.04 -31.55
C GLU F 242 71.39 14.10 -30.09
N ASP F 243 71.30 15.31 -29.56
CA ASP F 243 70.86 15.53 -28.18
C ASP F 243 69.50 16.22 -28.23
N LYS F 244 68.44 15.43 -28.32
CA LYS F 244 67.10 15.89 -27.98
C LYS F 244 66.35 14.69 -27.41
N ASP F 245 65.10 14.94 -26.99
CA ASP F 245 64.37 13.93 -26.24
C ASP F 245 63.91 12.79 -27.13
N ASN F 246 63.66 13.04 -28.40
CA ASN F 246 63.05 12.03 -29.26
C ASN F 246 64.05 10.95 -29.69
N TRP F 247 65.17 11.38 -30.28
CA TRP F 247 66.03 10.47 -31.03
C TRP F 247 67.40 10.37 -30.38
N ARG F 248 67.44 10.14 -29.08
CA ARG F 248 68.68 10.21 -28.34
C ARG F 248 69.53 8.95 -28.46
N TYR F 249 68.94 7.82 -28.80
CA TYR F 249 69.61 6.53 -28.64
C TYR F 249 69.68 5.76 -29.95
N VAL F 250 70.78 5.07 -30.17
CA VAL F 250 70.89 4.16 -31.31
C VAL F 250 69.99 2.92 -31.21
N PRO F 251 69.50 2.44 -30.05
CA PRO F 251 68.39 1.48 -30.17
C PRO F 251 67.06 2.12 -30.51
N VAL F 252 66.78 3.33 -30.03
CA VAL F 252 65.52 3.98 -30.36
C VAL F 252 65.53 4.55 -31.77
N ARG F 253 66.71 4.69 -32.38
CA ARG F 253 66.78 5.10 -33.76
C ARG F 253 66.70 3.90 -34.70
N ARG F 254 67.43 2.85 -34.39
CA ARG F 254 67.45 1.69 -35.28
C ARG F 254 66.24 0.78 -35.13
N LEU F 255 65.40 1.00 -34.13
CA LEU F 255 64.11 0.32 -34.14
C LEU F 255 63.18 0.98 -35.13
N PHE F 256 63.21 2.31 -35.21
CA PHE F 256 62.42 3.02 -36.20
C PHE F 256 63.01 2.96 -37.59
N ASN F 257 64.11 2.26 -37.80
CA ASN F 257 64.54 1.94 -39.15
C ASN F 257 64.00 0.58 -39.58
N SER F 258 64.12 -0.42 -38.71
CA SER F 258 63.70 -1.76 -39.05
C SER F 258 62.20 -1.97 -39.00
N VAL F 259 61.45 -1.07 -38.37
CA VAL F 259 60.00 -1.16 -38.48
C VAL F 259 59.52 -0.44 -39.74
N GLU F 260 60.18 0.66 -40.10
CA GLU F 260 59.84 1.45 -41.28
C GLU F 260 60.47 0.89 -42.55
N ARG F 261 61.07 -0.27 -42.47
CA ARG F 261 61.53 -1.00 -43.65
C ARG F 261 60.86 -2.36 -43.78
N ASP F 262 60.45 -2.96 -42.67
CA ASP F 262 59.69 -4.21 -42.76
C ASP F 262 58.26 -3.95 -43.20
N ILE F 263 57.71 -2.80 -42.86
CA ILE F 263 56.35 -2.48 -43.31
C ILE F 263 56.38 -2.00 -44.77
N LYS F 264 57.44 -1.28 -45.17
CA LYS F 264 57.52 -0.77 -46.53
C LYS F 264 57.67 -1.89 -47.55
N ARG F 265 58.26 -3.02 -47.16
CA ARG F 265 58.27 -4.16 -48.06
C ARG F 265 56.90 -4.85 -48.10
N ALA F 266 56.14 -4.78 -47.02
CA ALA F 266 54.80 -5.36 -47.04
C ALA F 266 53.82 -4.47 -47.78
N MET F 267 54.08 -3.16 -47.84
CA MET F 267 53.18 -2.28 -48.58
C MET F 267 53.33 -2.41 -50.09
N SER F 268 54.39 -3.06 -50.57
CA SER F 268 54.49 -3.30 -52.01
C SER F 268 53.49 -4.35 -52.48
N PHE F 269 53.03 -5.23 -51.59
CA PHE F 269 52.02 -6.21 -51.98
C PHE F 269 50.64 -5.60 -52.07
N ALA F 270 50.35 -4.61 -51.24
CA ALA F 270 49.07 -3.91 -51.23
C ALA F 270 49.19 -2.56 -51.92
N MET F 271 49.96 -2.51 -53.00
CA MET F 271 50.33 -1.24 -53.59
C MET F 271 49.16 -0.63 -54.36
N PHE F 272 48.73 -1.27 -55.45
CA PHE F 272 47.67 -0.72 -56.29
C PHE F 272 46.31 -1.30 -55.95
N GLU F 273 46.13 -1.79 -54.75
CA GLU F 273 44.83 -2.29 -54.34
C GLU F 273 43.86 -1.12 -54.15
N PRO F 274 42.60 -1.27 -54.56
CA PRO F 274 41.65 -0.17 -54.40
C PRO F 274 41.27 0.01 -52.94
N ASN F 275 41.40 1.24 -52.44
CA ASN F 275 41.26 1.49 -51.01
C ASN F 275 39.79 1.76 -50.67
N ASN F 276 39.18 0.80 -49.99
CA ASN F 276 37.88 1.00 -49.38
C ASN F 276 37.90 0.29 -48.04
N GLN F 277 36.72 0.09 -47.47
CA GLN F 277 36.62 -0.59 -46.18
C GLN F 277 37.10 -2.05 -46.17
N PRO F 278 36.97 -2.87 -47.22
CA PRO F 278 37.64 -4.18 -47.18
C PRO F 278 39.15 -4.12 -47.26
N THR F 279 39.73 -3.12 -47.92
CA THR F 279 41.18 -3.12 -48.12
C THR F 279 41.93 -2.66 -46.87
N TRP F 280 41.57 -1.50 -46.33
CA TRP F 280 42.32 -1.00 -45.18
C TRP F 280 41.86 -1.61 -43.86
N GLU F 281 41.10 -2.69 -43.89
CA GLU F 281 40.97 -3.56 -42.73
C GLU F 281 42.03 -4.64 -42.74
N ARG F 282 42.44 -5.09 -43.93
CA ARG F 282 43.56 -6.02 -44.02
C ARG F 282 44.87 -5.34 -43.69
N VAL F 283 45.06 -4.09 -44.14
CA VAL F 283 46.30 -3.37 -43.90
C VAL F 283 46.41 -2.96 -42.44
N ARG F 284 45.28 -2.64 -41.81
CA ARG F 284 45.31 -2.33 -40.38
C ARG F 284 45.58 -3.57 -39.55
N ALA F 285 44.97 -4.70 -39.91
CA ALA F 285 45.14 -5.92 -39.11
C ALA F 285 46.48 -6.59 -39.35
N ALA F 286 47.14 -6.34 -40.49
CA ALA F 286 48.43 -6.96 -40.73
C ALA F 286 49.56 -6.15 -40.09
N ILE F 287 49.43 -4.84 -40.06
CA ILE F 287 50.44 -4.00 -39.41
C ILE F 287 50.33 -4.13 -37.90
N SER F 288 49.10 -4.20 -37.38
CA SER F 288 48.91 -4.26 -35.94
C SER F 288 49.34 -5.60 -35.35
N ASN F 289 49.43 -6.64 -36.17
CA ASN F 289 49.97 -7.90 -35.67
C ASN F 289 51.48 -7.86 -35.60
N TYR F 290 52.12 -7.08 -36.46
CA TYR F 290 53.57 -6.91 -36.36
C TYR F 290 53.93 -6.10 -35.13
N LEU F 291 53.19 -5.02 -34.89
CA LEU F 291 53.44 -4.19 -33.71
C LEU F 291 52.96 -4.86 -32.44
N TYR F 292 52.16 -5.92 -32.53
CA TYR F 292 51.83 -6.70 -31.35
C TYR F 292 52.93 -7.71 -31.05
N SER F 293 53.57 -8.23 -32.09
CA SER F 293 54.62 -9.22 -31.88
C SER F 293 55.88 -8.58 -31.30
N LEU F 294 56.12 -7.31 -31.59
CA LEU F 294 57.22 -6.61 -30.94
C LEU F 294 56.88 -6.32 -29.47
N TRP F 295 55.61 -6.13 -29.16
CA TRP F 295 55.24 -5.82 -27.79
C TRP F 295 55.32 -7.05 -26.89
N GLN F 296 55.02 -8.23 -27.43
CA GLN F 296 55.17 -9.45 -26.65
C GLN F 296 56.63 -9.81 -26.44
N GLN F 297 57.51 -9.38 -27.35
CA GLN F 297 58.93 -9.57 -27.15
C GLN F 297 59.56 -8.53 -26.24
N GLY F 298 58.79 -7.53 -25.82
CA GLY F 298 59.30 -6.51 -24.94
C GLY F 298 59.99 -5.36 -25.63
N GLY F 299 59.84 -5.22 -26.96
CA GLY F 299 60.47 -4.13 -27.65
C GLY F 299 59.77 -2.80 -27.50
N LEU F 300 58.50 -2.80 -27.11
CA LEU F 300 57.73 -1.58 -26.91
C LEU F 300 57.31 -1.47 -25.46
N ALA F 301 57.41 -0.26 -24.91
CA ALA F 301 57.02 -0.03 -23.54
C ALA F 301 55.50 0.04 -23.42
N GLY F 302 55.03 0.11 -22.19
CA GLY F 302 53.60 0.23 -21.95
C GLY F 302 53.05 -1.00 -21.23
N SER F 303 51.90 -0.80 -20.59
CA SER F 303 51.30 -1.85 -19.78
C SER F 303 50.44 -2.79 -20.63
N LYS F 304 49.52 -2.26 -21.41
CA LYS F 304 48.73 -3.08 -22.32
C LYS F 304 48.80 -2.49 -23.73
N GLU F 305 48.26 -3.24 -24.68
CA GLU F 305 48.52 -2.99 -26.09
C GLU F 305 47.83 -1.74 -26.61
N GLU F 306 46.86 -1.19 -25.89
CA GLU F 306 46.26 0.07 -26.30
C GLU F 306 47.21 1.25 -26.08
N ASP F 307 48.22 1.07 -25.24
CA ASP F 307 49.19 2.12 -24.94
C ASP F 307 50.51 1.94 -25.68
N ALA F 308 50.87 0.71 -26.04
CA ALA F 308 52.16 0.49 -26.67
C ALA F 308 52.19 1.00 -28.12
N TYR F 309 51.07 0.94 -28.82
CA TYR F 309 51.03 1.30 -30.23
C TYR F 309 49.60 1.65 -30.60
N PHE F 310 49.45 2.26 -31.78
CA PHE F 310 48.14 2.46 -32.37
C PHE F 310 48.31 2.62 -33.88
N VAL F 311 47.36 2.09 -34.64
CA VAL F 311 47.36 2.20 -36.09
C VAL F 311 45.97 2.64 -36.53
N GLN F 312 45.92 3.60 -37.45
CA GLN F 312 44.66 4.23 -37.82
C GLN F 312 44.60 4.40 -39.33
N ILE F 313 43.75 3.62 -39.99
CA ILE F 313 43.38 3.88 -41.38
C ILE F 313 41.87 4.00 -41.42
N GLY F 314 41.38 4.82 -42.34
CA GLY F 314 39.96 4.94 -42.56
C GLY F 314 39.57 6.30 -43.09
N LYS F 315 38.51 6.31 -43.90
CA LYS F 315 37.90 7.56 -44.35
C LYS F 315 37.33 8.31 -43.16
N GLY F 316 37.65 9.58 -43.06
CA GLY F 316 37.45 10.24 -41.79
C GLY F 316 38.73 10.38 -40.99
N ILE F 317 38.98 9.40 -40.11
CA ILE F 317 39.98 9.36 -39.05
C ILE F 317 41.35 9.90 -39.42
N THR F 318 41.92 9.42 -40.52
CA THR F 318 43.25 9.87 -40.90
C THR F 318 43.29 10.63 -42.22
N MET F 319 42.47 10.26 -43.18
CA MET F 319 42.45 10.94 -44.48
C MET F 319 41.02 11.41 -44.77
N THR F 320 40.93 12.48 -45.54
CA THR F 320 39.64 13.03 -45.89
C THR F 320 39.17 12.40 -47.20
N GLN F 321 38.03 12.88 -47.70
CA GLN F 321 37.49 12.32 -48.94
C GLN F 321 38.28 12.78 -50.15
N GLU F 322 38.73 14.03 -50.15
CA GLU F 322 39.43 14.57 -51.30
C GLU F 322 40.81 13.96 -51.49
N GLN F 323 41.41 13.41 -50.44
CA GLN F 323 42.68 12.71 -50.59
C GLN F 323 42.47 11.31 -51.15
N ILE F 324 41.31 10.72 -50.92
CA ILE F 324 40.98 9.44 -51.56
C ILE F 324 40.82 9.62 -53.06
N ASP F 325 40.23 10.76 -53.47
CA ASP F 325 40.06 11.05 -54.89
C ASP F 325 41.38 11.32 -55.61
N ALA F 326 42.41 11.70 -54.88
CA ALA F 326 43.75 11.78 -55.46
C ALA F 326 44.49 10.46 -55.35
N GLY F 327 43.90 9.46 -54.70
CA GLY F 327 44.48 8.14 -54.63
C GLY F 327 45.67 8.02 -53.72
N GLN F 328 45.56 8.49 -52.49
CA GLN F 328 46.65 8.34 -51.52
C GLN F 328 46.05 8.02 -50.16
N MET F 329 46.21 6.78 -49.72
CA MET F 329 45.75 6.41 -48.39
C MET F 329 46.87 6.56 -47.38
N ILE F 330 46.51 7.03 -46.19
CA ILE F 330 47.43 7.50 -45.17
C ILE F 330 47.34 6.59 -43.96
N VAL F 331 48.49 6.09 -43.51
CA VAL F 331 48.55 5.21 -42.34
C VAL F 331 49.33 5.94 -41.25
N LYS F 332 48.70 6.13 -40.10
CA LYS F 332 49.36 6.66 -38.92
C LYS F 332 49.73 5.49 -38.02
N VAL F 333 51.01 5.43 -37.63
CA VAL F 333 51.53 4.35 -36.81
C VAL F 333 52.26 4.96 -35.62
N GLY F 334 51.88 4.57 -34.42
CA GLY F 334 52.53 5.03 -33.21
C GLY F 334 53.38 3.92 -32.60
N LEU F 335 54.54 4.30 -32.09
CA LEU F 335 55.43 3.36 -31.43
C LEU F 335 56.00 4.00 -30.18
N ALA F 336 56.09 3.22 -29.11
CA ALA F 336 56.72 3.63 -27.85
C ALA F 336 57.92 2.73 -27.65
N ALA F 337 59.04 3.08 -28.27
CA ALA F 337 60.21 2.23 -28.21
C ALA F 337 60.90 2.40 -26.87
N VAL F 338 61.44 1.30 -26.36
CA VAL F 338 62.10 1.31 -25.06
C VAL F 338 63.48 1.95 -25.21
N ARG F 339 63.89 2.65 -24.19
CA ARG F 339 65.19 3.30 -24.20
C ARG F 339 66.07 2.67 -23.13
N PRO F 340 67.37 2.57 -23.33
CA PRO F 340 68.19 1.83 -22.37
C PRO F 340 68.40 2.59 -21.08
N ALA F 341 68.77 1.84 -20.05
CA ALA F 341 69.04 2.40 -18.73
C ALA F 341 70.44 2.99 -18.74
N GLU F 342 70.55 4.24 -19.15
CA GLU F 342 71.87 4.85 -19.25
C GLU F 342 72.45 5.18 -17.89
N PHE F 343 71.62 5.62 -16.95
CA PHE F 343 72.08 6.03 -15.62
C PHE F 343 71.18 5.40 -14.58
N ILE F 344 71.50 4.20 -14.13
CA ILE F 344 70.70 3.54 -13.10
C ILE F 344 71.11 4.14 -11.75
N ILE F 345 70.15 4.78 -11.07
CA ILE F 345 70.44 5.41 -9.80
C ILE F 345 69.72 4.67 -8.70
N LEU F 346 70.29 4.71 -7.50
CA LEU F 346 69.84 3.91 -6.37
C LEU F 346 69.69 4.83 -5.16
N GLN F 347 68.49 4.90 -4.62
CA GLN F 347 68.20 5.78 -3.49
C GLN F 347 67.95 4.95 -2.25
N PHE F 348 68.74 5.19 -1.22
CA PHE F 348 68.71 4.37 -0.02
C PHE F 348 68.19 5.18 1.16
N THR F 349 67.07 4.71 1.71
CA THR F 349 66.41 5.36 2.82
C THR F 349 66.48 4.45 4.04
N GLN F 350 66.49 5.06 5.21
CA GLN F 350 66.40 4.29 6.45
C GLN F 350 65.00 4.33 7.04
N ASP F 351 64.02 4.78 6.26
CA ASP F 351 62.63 4.86 6.71
C ASP F 351 61.85 3.77 5.99
N VAL F 352 61.67 2.64 6.66
CA VAL F 352 61.05 1.47 6.06
C VAL F 352 59.56 1.33 6.38
N GLU F 353 59.10 1.92 7.48
CA GLU F 353 57.68 1.97 7.76
C GLU F 353 57.02 3.16 7.11
N GLN F 354 57.82 4.13 6.67
CA GLN F 354 57.29 5.28 5.94
C GLN F 354 56.85 4.87 4.54
N ARG F 355 57.70 4.10 3.84
CA ARG F 355 57.50 3.59 2.48
C ARG F 355 57.19 4.69 1.46
N THR G 2 -66.41 -10.97 -31.42
CA THR G 2 -65.78 -12.29 -31.41
C THR G 2 -66.69 -13.33 -30.80
N THR G 3 -66.62 -13.47 -29.48
CA THR G 3 -67.44 -14.44 -28.77
C THR G 3 -68.59 -13.74 -28.07
N VAL G 4 -69.74 -14.38 -28.08
CA VAL G 4 -70.92 -13.89 -27.37
C VAL G 4 -71.23 -14.87 -26.26
N THR G 5 -71.53 -14.34 -25.08
CA THR G 5 -71.80 -15.15 -23.91
C THR G 5 -73.26 -14.95 -23.53
N SER G 6 -74.08 -15.97 -23.77
CA SER G 6 -75.50 -15.89 -23.54
C SER G 6 -75.96 -16.70 -22.34
N TYR G 7 -75.60 -17.98 -22.28
CA TYR G 7 -76.03 -18.86 -21.21
C TYR G 7 -74.83 -19.24 -20.35
N PRO G 8 -75.04 -19.57 -19.07
CA PRO G 8 -73.92 -20.02 -18.24
C PRO G 8 -73.46 -21.41 -18.65
N GLY G 9 -72.17 -21.52 -18.95
CA GLY G 9 -71.64 -22.77 -19.44
C GLY G 9 -70.17 -22.60 -19.79
N VAL G 10 -69.64 -23.60 -20.49
CA VAL G 10 -68.25 -23.62 -20.90
C VAL G 10 -68.21 -23.38 -22.41
N TYR G 11 -67.50 -22.34 -22.83
CA TYR G 11 -67.41 -21.96 -24.23
C TYR G 11 -66.01 -22.28 -24.74
N ILE G 12 -65.93 -23.12 -25.76
CA ILE G 12 -64.67 -23.40 -26.44
C ILE G 12 -64.63 -22.58 -27.71
N GLU G 13 -63.65 -21.69 -27.82
CA GLU G 13 -63.41 -21.00 -29.07
C GLU G 13 -61.92 -21.07 -29.38
N GLU G 14 -61.60 -21.42 -30.61
CA GLU G 14 -60.22 -21.68 -31.01
C GLU G 14 -59.77 -20.51 -31.89
N LEU G 15 -59.08 -19.55 -31.29
CA LEU G 15 -58.46 -18.49 -32.06
C LEU G 15 -57.11 -18.99 -32.54
N ASN G 16 -56.84 -18.81 -33.83
CA ASN G 16 -55.60 -19.27 -34.42
C ASN G 16 -55.01 -18.16 -35.27
N SER G 17 -53.70 -17.96 -35.14
CA SER G 17 -53.00 -16.96 -35.91
C SER G 17 -52.92 -17.37 -37.38
N LEU G 18 -52.53 -16.42 -38.22
CA LEU G 18 -52.36 -16.67 -39.64
C LEU G 18 -51.15 -17.57 -39.85
N ALA G 19 -51.39 -18.82 -40.21
CA ALA G 19 -50.33 -19.78 -40.48
C ALA G 19 -50.02 -19.71 -41.97
N LEU G 20 -48.81 -19.26 -42.30
CA LEU G 20 -48.42 -19.02 -43.69
C LEU G 20 -47.12 -19.74 -43.95
N SER G 21 -47.12 -20.60 -44.97
CA SER G 21 -45.92 -21.29 -45.39
C SER G 21 -45.89 -21.34 -46.91
N VAL G 22 -44.70 -21.45 -47.46
CA VAL G 22 -44.48 -21.34 -48.90
C VAL G 22 -44.11 -22.72 -49.44
N SER G 23 -44.89 -23.21 -50.39
CA SER G 23 -44.70 -24.53 -50.97
C SER G 23 -44.00 -24.40 -52.31
N ASN G 24 -42.99 -25.23 -52.53
CA ASN G 24 -42.26 -25.26 -53.80
C ASN G 24 -42.58 -26.56 -54.51
N SER G 25 -43.20 -26.45 -55.68
CA SER G 25 -43.60 -27.64 -56.42
C SER G 25 -43.76 -27.29 -57.89
N ALA G 26 -43.54 -28.30 -58.75
CA ALA G 26 -43.76 -28.26 -60.19
C ALA G 26 -42.95 -27.14 -60.85
N THR G 27 -41.64 -27.29 -60.80
CA THR G 27 -40.75 -26.26 -61.34
C THR G 27 -40.77 -26.26 -62.86
N ALA G 28 -40.69 -27.43 -63.49
CA ALA G 28 -40.64 -27.53 -64.95
C ALA G 28 -41.62 -28.59 -65.41
N VAL G 29 -42.86 -28.17 -65.67
CA VAL G 29 -43.91 -28.99 -66.24
C VAL G 29 -44.25 -28.41 -67.60
N PRO G 30 -43.95 -29.07 -68.70
CA PRO G 30 -44.10 -28.46 -70.02
C PRO G 30 -45.45 -28.76 -70.64
N VAL G 31 -45.74 -28.02 -71.70
CA VAL G 31 -46.85 -28.30 -72.59
C VAL G 31 -46.27 -28.46 -73.99
N PHE G 32 -46.90 -29.28 -74.81
CA PHE G 32 -46.42 -29.54 -76.16
C PHE G 32 -47.47 -29.08 -77.16
N ALA G 33 -47.15 -28.04 -77.92
CA ALA G 33 -48.00 -27.63 -79.02
C ALA G 33 -47.92 -28.71 -80.09
N VAL G 34 -48.96 -29.54 -80.17
CA VAL G 34 -48.92 -30.64 -81.10
C VAL G 34 -49.09 -30.13 -82.53
N ASP G 35 -48.76 -30.99 -83.48
CA ASP G 35 -49.00 -30.69 -84.88
C ASP G 35 -50.49 -30.62 -85.15
N GLU G 36 -50.88 -29.68 -86.01
CA GLU G 36 -52.29 -29.48 -86.31
C GLU G 36 -52.89 -30.67 -87.07
N GLN G 37 -52.05 -31.39 -87.81
CA GLN G 37 -52.53 -32.51 -88.60
C GLN G 37 -52.77 -33.77 -87.76
N ASN G 38 -52.20 -33.85 -86.56
CA ASN G 38 -52.32 -35.03 -85.71
C ASN G 38 -53.76 -35.20 -85.25
N GLN G 39 -54.43 -36.22 -85.78
CA GLN G 39 -55.85 -36.41 -85.57
C GLN G 39 -56.19 -37.00 -84.20
N TYR G 40 -55.20 -37.43 -83.43
CA TYR G 40 -55.49 -38.14 -82.20
C TYR G 40 -55.68 -37.20 -81.01
N ILE G 41 -55.08 -36.02 -81.05
CA ILE G 41 -55.35 -35.01 -80.03
C ILE G 41 -56.74 -34.45 -80.27
N SER G 42 -57.57 -34.45 -79.23
CA SER G 42 -58.91 -33.90 -79.35
C SER G 42 -58.85 -32.38 -79.45
N GLU G 43 -59.86 -31.81 -80.11
CA GLU G 43 -59.89 -30.38 -80.38
C GLU G 43 -60.19 -29.61 -79.10
N ASP G 44 -59.29 -28.69 -78.74
CA ASP G 44 -59.44 -27.75 -77.62
C ASP G 44 -59.61 -28.47 -76.28
N ASN G 45 -58.69 -29.39 -75.99
CA ASN G 45 -58.69 -30.07 -74.70
C ASN G 45 -57.27 -30.47 -74.37
N ALA G 46 -56.79 -30.04 -73.20
CA ALA G 46 -55.42 -30.34 -72.77
C ALA G 46 -55.38 -31.78 -72.27
N ILE G 47 -55.17 -32.70 -73.21
CA ILE G 47 -55.05 -34.11 -72.84
C ILE G 47 -53.69 -34.32 -72.19
N ARG G 48 -53.71 -34.89 -70.98
CA ARG G 48 -52.54 -34.92 -70.12
C ARG G 48 -51.99 -36.34 -70.05
N ILE G 49 -50.68 -36.48 -70.21
CA ILE G 49 -50.02 -37.78 -70.19
C ILE G 49 -48.97 -37.77 -69.10
N ASN G 50 -48.75 -38.93 -68.48
CA ASN G 50 -47.81 -39.05 -67.37
C ASN G 50 -46.51 -39.73 -67.77
N SER G 51 -46.60 -40.88 -68.43
CA SER G 51 -45.42 -41.63 -68.85
C SER G 51 -45.66 -42.15 -70.26
N TRP G 52 -44.64 -42.80 -70.82
CA TRP G 52 -44.76 -43.22 -72.21
C TRP G 52 -45.66 -44.43 -72.36
N MET G 53 -45.74 -45.30 -71.34
CA MET G 53 -46.75 -46.34 -71.35
C MET G 53 -48.14 -45.75 -71.15
N ASP G 54 -48.23 -44.61 -70.46
CA ASP G 54 -49.51 -43.91 -70.33
C ASP G 54 -49.85 -43.19 -71.63
N TYR G 55 -48.84 -42.69 -72.32
CA TYR G 55 -49.07 -42.05 -73.62
C TYR G 55 -49.41 -43.08 -74.70
N LEU G 56 -48.92 -44.31 -74.54
CA LEU G 56 -49.10 -45.32 -75.57
C LEU G 56 -50.54 -45.85 -75.62
N ASN G 57 -51.38 -45.54 -74.63
CA ASN G 57 -52.79 -45.89 -74.74
C ASN G 57 -53.55 -44.98 -75.68
N LEU G 58 -53.03 -43.77 -75.91
CA LEU G 58 -53.59 -42.91 -76.95
C LEU G 58 -53.36 -43.53 -78.32
N ILE G 59 -52.12 -43.89 -78.61
CA ILE G 59 -51.74 -44.51 -79.88
C ILE G 59 -50.79 -45.66 -79.58
N GLY G 60 -51.15 -46.88 -79.99
CA GLY G 60 -50.35 -48.04 -79.64
C GLY G 60 -49.14 -48.29 -80.51
N ASN G 61 -49.10 -47.69 -81.71
CA ASN G 61 -48.04 -47.96 -82.67
C ASN G 61 -47.46 -46.61 -83.12
N PHE G 62 -46.72 -46.64 -84.23
CA PHE G 62 -46.34 -45.45 -85.01
C PHE G 62 -45.41 -44.52 -84.22
N ASN G 63 -44.40 -45.12 -83.59
CA ASN G 63 -43.33 -44.36 -82.96
C ASN G 63 -42.36 -43.76 -83.99
N ASN G 64 -42.47 -44.16 -85.25
CA ASN G 64 -41.40 -44.00 -86.23
C ASN G 64 -41.38 -42.65 -86.91
N GLU G 65 -42.51 -42.13 -87.36
CA GLU G 65 -42.51 -41.11 -88.41
C GLU G 65 -42.92 -39.72 -87.96
N ASP G 66 -44.08 -39.55 -87.34
CA ASP G 66 -44.64 -38.21 -87.16
C ASP G 66 -43.88 -37.44 -86.08
N LYS G 67 -43.68 -36.14 -86.34
CA LYS G 67 -42.69 -35.36 -85.60
C LYS G 67 -43.12 -35.06 -84.16
N LEU G 68 -44.42 -35.05 -83.88
CA LEU G 68 -44.85 -34.96 -82.48
C LEU G 68 -44.60 -36.27 -81.75
N ASP G 69 -44.86 -37.39 -82.43
CA ASP G 69 -44.75 -38.71 -81.81
C ASP G 69 -43.32 -39.05 -81.45
N VAL G 70 -42.36 -38.62 -82.29
CA VAL G 70 -40.96 -38.82 -81.97
C VAL G 70 -40.52 -37.93 -80.83
N SER G 71 -41.09 -36.71 -80.76
CA SER G 71 -40.62 -35.70 -79.81
C SER G 71 -40.98 -36.07 -78.38
N VAL G 72 -42.20 -36.56 -78.16
CA VAL G 72 -42.61 -36.91 -76.80
C VAL G 72 -41.95 -38.23 -76.37
N ARG G 73 -41.55 -39.07 -77.32
CA ARG G 73 -40.73 -40.23 -76.97
C ARG G 73 -39.34 -39.80 -76.56
N ALA G 74 -38.76 -38.83 -77.26
CA ALA G 74 -37.46 -38.30 -76.88
C ALA G 74 -37.53 -37.47 -75.62
N TYR G 75 -38.70 -36.93 -75.29
CA TYR G 75 -38.84 -36.13 -74.08
C TYR G 75 -38.82 -37.00 -72.83
N PHE G 76 -39.53 -38.13 -72.85
CA PHE G 76 -39.55 -39.00 -71.69
C PHE G 76 -38.24 -39.74 -71.50
N ALA G 77 -37.45 -39.90 -72.55
CA ALA G 77 -36.17 -40.60 -72.42
C ALA G 77 -35.15 -39.75 -71.68
N ASN G 78 -35.13 -38.44 -71.95
CA ASN G 78 -34.17 -37.56 -71.30
C ASN G 78 -34.53 -37.32 -69.84
N GLY G 79 -35.69 -36.70 -69.60
CA GLY G 79 -36.10 -36.38 -68.26
C GLY G 79 -37.53 -36.78 -68.02
N GLY G 80 -37.86 -36.97 -66.74
CA GLY G 80 -39.18 -37.42 -66.33
C GLY G 80 -40.06 -36.24 -65.98
N GLY G 81 -41.28 -36.27 -66.50
CA GLY G 81 -42.27 -35.26 -66.15
C GLY G 81 -43.60 -35.66 -66.74
N TYR G 82 -44.61 -34.85 -66.45
CA TYR G 82 -45.92 -34.98 -67.07
C TYR G 82 -46.19 -33.75 -67.90
N CYS G 83 -46.73 -33.94 -69.09
CA CYS G 83 -46.92 -32.85 -70.03
C CYS G 83 -48.31 -32.88 -70.61
N TYR G 84 -48.85 -31.70 -70.89
CA TYR G 84 -50.12 -31.58 -71.56
C TYR G 84 -49.89 -31.49 -73.07
N LEU G 85 -50.85 -31.95 -73.84
CA LEU G 85 -50.78 -31.91 -75.29
C LEU G 85 -51.95 -31.12 -75.83
N VAL G 86 -51.68 -29.99 -76.46
CA VAL G 86 -52.71 -29.13 -77.01
C VAL G 86 -52.41 -28.85 -78.47
N LYS G 87 -53.46 -28.59 -79.24
CA LYS G 87 -53.26 -28.18 -80.62
C LYS G 87 -52.87 -26.71 -80.67
N THR G 88 -52.05 -26.36 -81.66
CA THR G 88 -51.54 -25.01 -81.77
C THR G 88 -52.59 -24.02 -82.24
N THR G 89 -53.72 -24.49 -82.78
CA THR G 89 -54.80 -23.59 -83.15
C THR G 89 -55.44 -22.96 -81.91
N SER G 90 -55.74 -23.77 -80.90
CA SER G 90 -56.32 -23.31 -79.66
C SER G 90 -55.29 -23.23 -78.55
N LEU G 91 -54.06 -22.82 -78.87
CA LEU G 91 -53.01 -22.79 -77.87
C LEU G 91 -53.20 -21.63 -76.90
N GLU G 92 -53.67 -20.48 -77.39
CA GLU G 92 -53.84 -19.32 -76.52
C GLU G 92 -55.09 -19.39 -75.66
N LYS G 93 -55.99 -20.34 -75.93
CA LYS G 93 -57.23 -20.43 -75.18
C LYS G 93 -57.13 -21.40 -74.01
N ILE G 94 -56.24 -22.38 -74.08
CA ILE G 94 -56.17 -23.43 -73.07
C ILE G 94 -55.15 -23.10 -71.98
N ILE G 95 -54.03 -22.50 -72.38
CA ILE G 95 -52.91 -22.28 -71.43
C ILE G 95 -53.25 -21.34 -70.28
N PRO G 96 -53.99 -20.23 -70.44
CA PRO G 96 -54.34 -19.44 -69.23
C PRO G 96 -55.21 -20.16 -68.21
N THR G 97 -56.06 -21.09 -68.63
CA THR G 97 -56.88 -21.86 -67.68
C THR G 97 -56.25 -23.23 -67.39
N LEU G 98 -55.00 -23.22 -66.92
CA LEU G 98 -54.32 -24.44 -66.56
C LEU G 98 -53.54 -24.24 -65.27
N ASP G 99 -53.30 -25.34 -64.56
CA ASP G 99 -52.78 -25.25 -63.20
C ASP G 99 -51.31 -24.86 -63.17
N ASP G 100 -50.45 -25.70 -63.73
CA ASP G 100 -49.01 -25.46 -63.73
C ASP G 100 -48.49 -25.80 -65.12
N VAL G 101 -48.45 -24.81 -65.99
CA VAL G 101 -47.80 -24.91 -67.29
C VAL G 101 -46.75 -23.81 -67.31
N THR G 102 -45.48 -24.20 -67.27
CA THR G 102 -44.40 -23.25 -67.13
C THR G 102 -43.35 -23.34 -68.22
N LEU G 103 -43.44 -24.30 -69.12
CA LEU G 103 -42.59 -24.36 -70.31
C LEU G 103 -43.49 -24.58 -71.52
N LEU G 104 -43.83 -23.51 -72.21
CA LEU G 104 -44.58 -23.64 -73.45
C LEU G 104 -43.59 -24.09 -74.52
N VAL G 105 -43.56 -25.40 -74.77
CA VAL G 105 -42.53 -26.01 -75.60
C VAL G 105 -43.08 -26.28 -76.98
N ALA G 106 -42.43 -25.71 -77.99
CA ALA G 106 -42.82 -25.90 -79.38
C ALA G 106 -42.13 -27.15 -79.91
N ALA G 107 -42.91 -28.18 -80.23
CA ALA G 107 -42.35 -29.39 -80.82
C ALA G 107 -42.29 -29.26 -82.35
N GLY G 108 -41.56 -28.23 -82.80
CA GLY G 108 -41.41 -27.94 -84.21
C GLY G 108 -42.70 -27.52 -84.88
N GLU G 109 -43.26 -26.39 -84.47
CA GLU G 109 -44.57 -25.99 -84.98
C GLU G 109 -44.69 -24.50 -85.32
N ASP G 110 -43.64 -23.69 -85.10
CA ASP G 110 -43.57 -22.27 -85.47
C ASP G 110 -44.69 -21.46 -84.80
N ILE G 111 -44.60 -21.37 -83.47
CA ILE G 111 -45.65 -20.75 -82.67
C ILE G 111 -45.16 -19.47 -81.98
N LYS G 112 -44.24 -18.76 -82.64
CA LYS G 112 -43.62 -17.56 -82.06
C LYS G 112 -44.64 -16.47 -81.77
N THR G 113 -45.65 -16.32 -82.65
CA THR G 113 -46.67 -15.30 -82.43
C THR G 113 -47.56 -15.64 -81.24
N THR G 114 -47.85 -16.92 -81.04
CA THR G 114 -48.69 -17.33 -79.92
C THR G 114 -47.97 -17.17 -78.59
N VAL G 115 -46.65 -17.35 -78.58
CA VAL G 115 -45.87 -17.19 -77.36
C VAL G 115 -45.87 -15.73 -76.92
N ASP G 116 -45.72 -14.80 -77.87
CA ASP G 116 -45.66 -13.38 -77.53
C ASP G 116 -47.00 -12.88 -77.01
N VAL G 117 -48.10 -13.39 -77.53
CA VAL G 117 -49.42 -13.03 -77.02
C VAL G 117 -49.62 -13.61 -75.62
N LEU G 118 -49.05 -14.78 -75.35
CA LEU G 118 -49.34 -15.51 -74.13
C LEU G 118 -48.67 -14.89 -72.91
N CYS G 119 -47.34 -14.83 -72.90
CA CYS G 119 -46.60 -14.52 -71.68
C CYS G 119 -46.35 -13.02 -71.58
N GLN G 120 -47.09 -12.37 -70.69
CA GLN G 120 -46.78 -11.04 -70.20
C GLN G 120 -45.66 -11.15 -69.17
N PRO G 121 -45.09 -10.03 -68.71
CA PRO G 121 -44.15 -10.10 -67.58
C PRO G 121 -44.74 -10.61 -66.26
N GLY G 122 -46.06 -10.59 -66.09
CA GLY G 122 -46.63 -11.02 -64.82
C GLY G 122 -46.90 -12.50 -64.72
N LYS G 123 -47.19 -13.16 -65.84
CA LYS G 123 -47.65 -14.55 -65.80
C LYS G 123 -46.51 -15.51 -65.49
N GLY G 124 -45.41 -15.42 -66.23
CA GLY G 124 -44.35 -16.39 -66.12
C GLY G 124 -44.27 -17.26 -67.36
N LEU G 125 -44.07 -18.57 -67.16
CA LEU G 125 -44.04 -19.60 -68.20
C LEU G 125 -43.02 -19.28 -69.30
N PHE G 126 -41.76 -19.36 -68.89
CA PHE G 126 -40.63 -19.30 -69.81
C PHE G 126 -40.75 -20.37 -70.89
N ALA G 127 -40.73 -19.97 -72.15
CA ALA G 127 -41.14 -20.80 -73.27
C ALA G 127 -39.98 -21.03 -74.22
N VAL G 128 -39.48 -22.27 -74.30
CA VAL G 128 -38.34 -22.55 -75.15
C VAL G 128 -38.78 -22.68 -76.61
N PHE G 129 -37.82 -22.51 -77.51
CA PHE G 129 -38.02 -22.58 -78.95
C PHE G 129 -37.11 -23.64 -79.55
N ASP G 130 -37.25 -23.84 -80.85
CA ASP G 130 -36.38 -24.72 -81.61
C ASP G 130 -35.65 -23.92 -82.67
N GLY G 131 -34.41 -24.30 -82.95
CA GLY G 131 -33.60 -23.61 -83.91
C GLY G 131 -34.00 -23.95 -85.32
N PRO G 132 -33.40 -23.23 -86.28
CA PRO G 132 -33.70 -23.52 -87.69
C PRO G 132 -33.06 -24.83 -88.11
N GLU G 133 -33.84 -25.67 -88.80
CA GLU G 133 -33.37 -27.00 -89.14
C GLU G 133 -32.34 -26.99 -90.26
N THR G 134 -32.21 -25.88 -90.98
CA THR G 134 -31.26 -25.81 -92.07
C THR G 134 -29.86 -25.49 -91.56
N GLU G 135 -28.93 -25.36 -92.50
CA GLU G 135 -27.54 -25.05 -92.18
C GLU G 135 -27.41 -23.59 -91.78
N LEU G 136 -26.60 -23.33 -90.75
CA LEU G 136 -26.24 -21.98 -90.35
C LEU G 136 -24.75 -21.78 -90.59
N THR G 137 -24.41 -20.99 -91.60
CA THR G 137 -23.03 -20.59 -91.80
C THR G 137 -22.67 -19.44 -90.86
N ILE G 138 -21.39 -19.09 -90.84
CA ILE G 138 -20.92 -18.11 -89.87
C ILE G 138 -21.18 -16.69 -90.37
N ASN G 139 -21.03 -16.44 -91.68
CA ASN G 139 -21.26 -15.11 -92.23
C ASN G 139 -22.72 -14.84 -92.57
N GLY G 140 -23.59 -15.82 -92.38
CA GLY G 140 -25.02 -15.59 -92.52
C GLY G 140 -25.68 -15.45 -91.16
N ALA G 141 -24.94 -14.90 -90.21
CA ALA G 141 -25.42 -14.79 -88.84
C ALA G 141 -26.41 -13.66 -88.66
N GLU G 142 -26.31 -12.60 -89.46
CA GLU G 142 -27.17 -11.44 -89.29
C GLU G 142 -28.60 -11.71 -89.77
N GLU G 143 -28.79 -12.69 -90.66
CA GLU G 143 -30.12 -13.01 -91.15
C GLU G 143 -30.78 -14.14 -90.37
N ALA G 144 -29.99 -15.09 -89.86
CA ALA G 144 -30.58 -16.21 -89.13
C ALA G 144 -31.11 -15.80 -87.77
N LYS G 145 -30.57 -14.72 -87.19
CA LYS G 145 -31.11 -14.17 -85.96
C LYS G 145 -32.35 -13.33 -86.18
N GLN G 146 -32.65 -12.96 -87.44
CA GLN G 146 -33.68 -11.96 -87.70
C GLN G 146 -35.08 -12.54 -87.51
N ALA G 147 -35.25 -13.86 -87.65
CA ALA G 147 -36.57 -14.45 -87.55
C ALA G 147 -37.10 -14.43 -86.12
N TYR G 148 -36.22 -14.64 -85.14
CA TYR G 148 -36.64 -14.58 -83.76
C TYR G 148 -36.65 -13.13 -83.27
N THR G 149 -37.65 -12.79 -82.48
CA THR G 149 -37.78 -11.46 -81.91
C THR G 149 -37.34 -11.50 -80.45
N ALA G 150 -36.52 -10.53 -80.05
CA ALA G 150 -35.86 -10.56 -78.76
C ALA G 150 -36.86 -10.37 -77.63
N THR G 151 -37.05 -11.41 -76.83
CA THR G 151 -37.89 -11.39 -75.65
C THR G 151 -37.16 -12.20 -74.58
N PRO G 152 -37.21 -11.78 -73.32
CA PRO G 152 -36.49 -12.51 -72.27
C PRO G 152 -37.19 -13.75 -71.76
N PHE G 153 -38.23 -14.24 -72.43
CA PHE G 153 -38.94 -15.45 -72.05
C PHE G 153 -38.74 -16.56 -73.08
N ALA G 154 -37.56 -16.68 -73.67
CA ALA G 154 -37.38 -17.67 -74.72
C ALA G 154 -35.95 -18.19 -74.72
N ALA G 155 -35.74 -19.26 -75.47
CA ALA G 155 -34.43 -19.85 -75.65
C ALA G 155 -34.45 -20.65 -76.93
N VAL G 156 -33.40 -20.52 -77.73
CA VAL G 156 -33.31 -21.20 -79.02
C VAL G 156 -32.13 -22.16 -78.98
N TYR G 157 -32.31 -23.33 -79.57
CA TYR G 157 -31.29 -24.38 -79.56
C TYR G 157 -31.06 -24.83 -80.99
N TYR G 158 -29.83 -24.65 -81.51
CA TYR G 158 -29.64 -24.69 -82.96
C TYR G 158 -29.78 -26.07 -83.58
N PRO G 159 -28.92 -27.06 -83.29
CA PRO G 159 -28.89 -28.22 -84.19
C PRO G 159 -30.05 -29.16 -83.92
N TRP G 160 -30.90 -29.37 -84.93
CA TRP G 160 -31.92 -30.40 -84.86
C TRP G 160 -31.24 -31.76 -84.70
N LEU G 161 -31.82 -32.60 -83.85
CA LEU G 161 -31.15 -33.82 -83.46
C LEU G 161 -31.63 -34.99 -84.30
N LYS G 162 -30.75 -35.96 -84.48
CA LYS G 162 -31.00 -37.14 -85.28
C LYS G 162 -30.69 -38.36 -84.43
N ALA G 163 -31.64 -39.28 -84.34
CA ALA G 163 -31.50 -40.46 -83.50
C ALA G 163 -31.51 -41.72 -84.36
N ASP G 164 -31.17 -42.84 -83.72
CA ASP G 164 -31.17 -44.12 -84.40
C ASP G 164 -32.61 -44.59 -84.68
N TRP G 165 -33.38 -44.77 -83.61
CA TRP G 165 -34.81 -45.00 -83.75
C TRP G 165 -35.49 -43.76 -84.29
N ALA G 166 -36.56 -43.99 -85.07
CA ALA G 166 -37.45 -42.94 -85.59
C ALA G 166 -36.68 -41.93 -86.44
N ASN G 167 -36.29 -42.40 -87.63
CA ASN G 167 -35.31 -41.77 -88.52
C ASN G 167 -35.65 -40.34 -88.95
N ILE G 168 -36.85 -39.82 -88.68
CA ILE G 168 -37.10 -38.41 -88.91
C ILE G 168 -36.32 -37.57 -87.89
N ASP G 169 -36.12 -36.30 -88.23
CA ASP G 169 -35.32 -35.42 -87.39
C ASP G 169 -36.09 -34.98 -86.16
N ILE G 170 -35.53 -35.22 -85.00
CA ILE G 170 -36.14 -34.80 -83.74
C ILE G 170 -35.91 -33.30 -83.57
N PRO G 171 -36.92 -32.51 -83.20
CA PRO G 171 -36.67 -31.10 -82.90
C PRO G 171 -35.92 -30.97 -81.58
N PRO G 172 -35.07 -29.95 -81.46
CA PRO G 172 -34.26 -29.83 -80.24
C PRO G 172 -35.02 -29.26 -79.07
N SER G 173 -36.19 -28.68 -79.30
CA SER G 173 -36.92 -28.01 -78.23
C SER G 173 -37.58 -29.01 -77.30
N ALA G 174 -38.11 -30.10 -77.86
CA ALA G 174 -38.70 -31.13 -77.01
C ALA G 174 -37.65 -31.93 -76.28
N VAL G 175 -36.47 -32.07 -76.88
CA VAL G 175 -35.36 -32.76 -76.22
C VAL G 175 -34.86 -31.94 -75.03
N MET G 176 -34.64 -30.65 -75.25
CA MET G 176 -34.19 -29.76 -74.19
C MET G 176 -35.24 -29.51 -73.13
N ALA G 177 -36.52 -29.75 -73.45
CA ALA G 177 -37.57 -29.63 -72.45
C ALA G 177 -37.44 -30.68 -71.35
N GLY G 178 -36.93 -31.87 -71.70
CA GLY G 178 -36.74 -32.90 -70.70
C GLY G 178 -35.53 -32.68 -69.84
N VAL G 179 -34.50 -32.01 -70.38
CA VAL G 179 -33.30 -31.73 -69.62
C VAL G 179 -33.59 -30.67 -68.56
N TYR G 180 -34.52 -29.77 -68.83
CA TYR G 180 -34.93 -28.76 -67.86
C TYR G 180 -35.55 -29.41 -66.63
N ALA G 181 -36.52 -30.30 -66.83
CA ALA G 181 -37.15 -31.00 -65.72
C ALA G 181 -36.21 -32.00 -65.05
N SER G 182 -35.17 -32.44 -65.74
CA SER G 182 -34.19 -33.33 -65.12
C SER G 182 -33.18 -32.55 -64.28
N VAL G 183 -32.80 -31.35 -64.73
CA VAL G 183 -31.86 -30.54 -63.97
C VAL G 183 -32.54 -29.89 -62.78
N ASP G 184 -33.76 -29.37 -62.98
CA ASP G 184 -34.50 -28.71 -61.90
C ASP G 184 -34.89 -29.68 -60.80
N LEU G 185 -35.03 -30.96 -61.12
CA LEU G 185 -35.29 -31.96 -60.09
C LEU G 185 -34.01 -32.36 -59.37
N SER G 186 -32.92 -32.54 -60.12
CA SER G 186 -31.72 -33.12 -59.55
C SER G 186 -30.91 -32.09 -58.76
N ARG G 187 -30.63 -30.94 -59.36
CA ARG G 187 -29.78 -29.93 -58.73
C ARG G 187 -30.48 -28.60 -58.50
N GLY G 188 -31.80 -28.55 -58.62
CA GLY G 188 -32.53 -27.33 -58.36
C GLY G 188 -32.70 -26.49 -59.61
N VAL G 189 -33.49 -25.43 -59.45
CA VAL G 189 -33.83 -24.59 -60.59
C VAL G 189 -32.71 -23.61 -60.94
N TRP G 190 -31.96 -23.15 -59.94
CA TRP G 190 -30.97 -22.10 -60.16
C TRP G 190 -29.74 -22.59 -60.90
N LYS G 191 -29.49 -23.88 -60.95
CA LYS G 191 -28.36 -24.38 -61.73
C LYS G 191 -28.70 -24.32 -63.21
N ALA G 192 -27.73 -23.92 -64.01
CA ALA G 192 -27.98 -23.68 -65.43
C ALA G 192 -28.19 -25.00 -66.16
N PRO G 193 -29.20 -25.08 -67.03
CA PRO G 193 -29.52 -26.35 -67.70
C PRO G 193 -28.53 -26.77 -68.78
N ALA G 194 -27.43 -26.05 -68.98
CA ALA G 194 -26.41 -26.49 -69.90
C ALA G 194 -25.43 -27.43 -69.19
N ASN G 195 -24.50 -27.98 -69.98
CA ASN G 195 -23.44 -28.89 -69.54
C ASN G 195 -24.02 -30.15 -68.87
N VAL G 196 -24.97 -30.76 -69.57
CA VAL G 196 -25.59 -32.01 -69.14
C VAL G 196 -25.73 -32.90 -70.37
N ALA G 197 -25.19 -34.11 -70.29
CA ALA G 197 -25.25 -35.05 -71.42
C ALA G 197 -26.68 -35.52 -71.64
N LEU G 198 -27.05 -35.70 -72.91
CA LEU G 198 -28.39 -36.15 -73.26
C LEU G 198 -28.48 -37.66 -73.08
N LYS G 199 -29.39 -38.09 -72.20
CA LYS G 199 -29.44 -39.50 -71.82
C LYS G 199 -30.01 -40.38 -72.93
N GLY G 200 -30.81 -39.80 -73.82
CA GLY G 200 -31.22 -40.53 -75.00
C GLY G 200 -30.07 -40.70 -75.96
N GLY G 201 -30.19 -41.71 -76.82
CA GLY G 201 -29.09 -42.06 -77.70
C GLY G 201 -29.02 -41.26 -78.99
N LEU G 202 -29.25 -39.96 -78.91
CA LEU G 202 -29.42 -39.12 -80.08
C LEU G 202 -28.27 -38.14 -80.20
N GLU G 203 -27.73 -38.01 -81.42
CA GLU G 203 -26.60 -37.20 -81.86
C GLU G 203 -27.07 -35.96 -82.62
N PRO G 204 -26.31 -34.88 -82.61
CA PRO G 204 -26.69 -33.71 -83.42
C PRO G 204 -26.48 -33.99 -84.89
N LYS G 205 -27.45 -33.55 -85.70
CA LYS G 205 -27.38 -33.75 -87.13
C LYS G 205 -26.35 -32.84 -87.77
N PHE G 206 -26.10 -31.67 -87.17
CA PHE G 206 -25.13 -30.70 -87.68
C PHE G 206 -24.03 -30.52 -86.66
N LEU G 207 -22.79 -30.70 -87.10
CA LEU G 207 -21.64 -30.53 -86.21
C LEU G 207 -21.39 -29.04 -85.97
N VAL G 208 -20.88 -28.73 -84.80
CA VAL G 208 -20.75 -27.36 -84.33
C VAL G 208 -19.27 -27.00 -84.26
N THR G 209 -18.87 -26.03 -85.08
CA THR G 209 -17.56 -25.43 -84.96
C THR G 209 -17.56 -24.47 -83.78
N ASP G 210 -16.40 -24.35 -83.13
CA ASP G 210 -16.32 -23.48 -81.97
C ASP G 210 -16.32 -22.00 -82.38
N GLU G 211 -15.75 -21.69 -83.55
CA GLU G 211 -15.82 -20.33 -84.04
C GLU G 211 -17.22 -19.99 -84.54
N LEU G 212 -17.99 -21.02 -84.92
CA LEU G 212 -19.39 -20.79 -85.32
C LEU G 212 -20.23 -20.39 -84.12
N GLN G 213 -19.91 -20.90 -82.93
CA GLN G 213 -20.62 -20.50 -81.73
C GLN G 213 -20.19 -19.12 -81.24
N GLY G 214 -19.11 -18.56 -81.77
CA GLY G 214 -18.63 -17.28 -81.28
C GLY G 214 -19.53 -16.14 -81.67
N GLU G 215 -19.93 -16.09 -82.93
CA GLU G 215 -20.77 -14.99 -83.40
C GLU G 215 -22.26 -15.29 -83.32
N TYR G 216 -22.64 -16.47 -82.83
CA TYR G 216 -24.04 -16.76 -82.58
C TYR G 216 -24.43 -16.61 -81.12
N ASN G 217 -23.48 -16.78 -80.20
CA ASN G 217 -23.78 -16.65 -78.78
C ASN G 217 -23.53 -15.22 -78.29
N THR G 218 -24.14 -14.28 -78.99
CA THR G 218 -24.16 -12.88 -78.60
C THR G 218 -25.39 -12.24 -79.21
N GLY G 219 -25.77 -11.07 -78.67
CA GLY G 219 -27.03 -10.48 -79.06
C GLY G 219 -28.17 -11.33 -78.55
N ARG G 220 -29.23 -11.44 -79.36
CA ARG G 220 -30.26 -12.44 -79.08
C ARG G 220 -29.66 -13.79 -79.43
N ALA G 221 -29.10 -14.46 -78.42
CA ALA G 221 -28.25 -15.61 -78.63
C ALA G 221 -29.04 -16.85 -79.00
N ILE G 222 -28.39 -17.72 -79.77
CA ILE G 222 -28.89 -19.06 -80.06
C ILE G 222 -27.96 -20.03 -79.36
N ASN G 223 -28.47 -20.73 -78.34
CA ASN G 223 -27.71 -21.78 -77.69
C ASN G 223 -27.48 -22.92 -78.66
N MET G 224 -26.36 -23.62 -78.50
CA MET G 224 -25.95 -24.62 -79.47
C MET G 224 -25.63 -25.92 -78.76
N ILE G 225 -26.24 -27.00 -79.22
CA ILE G 225 -25.94 -28.34 -78.70
C ILE G 225 -24.68 -28.84 -79.39
N ARG G 226 -23.63 -29.10 -78.61
CA ARG G 226 -22.34 -29.46 -79.16
C ARG G 226 -21.90 -30.79 -78.58
N ASN G 227 -21.39 -31.68 -79.41
CA ASN G 227 -20.90 -32.97 -78.96
C ASN G 227 -19.38 -32.98 -78.96
N PHE G 228 -18.81 -33.31 -77.81
CA PHE G 228 -17.38 -33.53 -77.71
C PHE G 228 -17.12 -34.80 -76.91
N SER G 229 -15.86 -35.22 -76.88
CA SER G 229 -15.51 -36.61 -76.59
C SER G 229 -15.64 -36.98 -75.12
N ASN G 230 -15.58 -36.02 -74.20
CA ASN G 230 -15.54 -36.37 -72.79
C ASN G 230 -16.90 -36.84 -72.28
N THR G 231 -17.95 -36.10 -72.61
CA THR G 231 -19.27 -36.35 -72.05
C THR G 231 -20.31 -36.70 -73.10
N GLY G 232 -19.94 -36.76 -74.37
CA GLY G 232 -20.90 -37.02 -75.42
C GLY G 232 -21.60 -35.75 -75.85
N THR G 233 -22.80 -35.94 -76.40
CA THR G 233 -23.59 -34.81 -76.90
C THR G 233 -24.19 -34.05 -75.73
N THR G 234 -23.69 -32.84 -75.49
CA THR G 234 -24.13 -32.02 -74.37
C THR G 234 -24.74 -30.73 -74.86
N VAL G 235 -25.64 -30.18 -74.07
CA VAL G 235 -26.13 -28.83 -74.32
C VAL G 235 -25.10 -27.85 -73.81
N TRP G 236 -24.91 -26.75 -74.53
CA TRP G 236 -23.77 -25.87 -74.28
C TRP G 236 -24.19 -24.39 -74.26
N GLY G 237 -25.43 -24.11 -73.92
CA GLY G 237 -25.85 -22.73 -73.84
C GLY G 237 -26.91 -22.49 -72.77
N ALA G 238 -26.68 -21.50 -71.93
CA ALA G 238 -27.65 -21.11 -70.91
C ALA G 238 -28.22 -19.72 -71.15
N ARG G 239 -27.87 -19.09 -72.27
CA ARG G 239 -28.37 -17.76 -72.55
C ARG G 239 -29.77 -17.81 -73.12
N THR G 240 -30.56 -16.79 -72.80
CA THR G 240 -31.89 -16.63 -73.35
C THR G 240 -31.80 -15.76 -74.61
N LEU G 241 -32.95 -15.31 -75.10
CA LEU G 241 -32.99 -14.49 -76.31
C LEU G 241 -32.81 -13.00 -76.04
N GLU G 242 -32.33 -12.62 -74.86
CA GLU G 242 -32.21 -11.21 -74.49
C GLU G 242 -30.78 -10.92 -74.09
N ASP G 243 -30.22 -9.84 -74.63
CA ASP G 243 -28.86 -9.41 -74.30
C ASP G 243 -28.96 -8.10 -73.52
N LYS G 244 -29.13 -8.21 -72.21
CA LYS G 244 -28.83 -7.10 -71.31
C LYS G 244 -28.34 -7.69 -70.01
N ASP G 245 -27.98 -6.82 -69.08
CA ASP G 245 -27.29 -7.27 -67.87
C ASP G 245 -28.21 -8.00 -66.91
N ASN G 246 -29.51 -7.67 -66.91
CA ASN G 246 -30.42 -8.20 -65.91
C ASN G 246 -30.81 -9.64 -66.20
N TRP G 247 -31.34 -9.90 -67.40
CA TRP G 247 -32.06 -11.13 -67.68
C TRP G 247 -31.35 -11.93 -68.74
N ARG G 248 -30.05 -12.14 -68.58
CA ARG G 248 -29.24 -12.73 -69.63
C ARG G 248 -29.34 -14.26 -69.68
N TYR G 249 -29.75 -14.91 -68.59
CA TYR G 249 -29.57 -16.35 -68.46
C TYR G 249 -30.89 -17.06 -68.17
N VAL G 250 -31.07 -18.23 -68.75
CA VAL G 250 -32.22 -19.06 -68.42
C VAL G 250 -32.19 -19.64 -66.99
N PRO G 251 -31.07 -19.77 -66.25
CA PRO G 251 -31.26 -19.98 -64.81
C PRO G 251 -31.66 -18.73 -64.05
N VAL G 252 -31.17 -17.55 -64.43
CA VAL G 252 -31.55 -16.33 -63.73
C VAL G 252 -32.95 -15.88 -64.13
N ARG G 253 -33.49 -16.39 -65.23
CA ARG G 253 -34.87 -16.08 -65.59
C ARG G 253 -35.82 -17.07 -64.93
N ARG G 254 -35.51 -18.35 -64.95
CA ARG G 254 -36.43 -19.34 -64.42
C ARG G 254 -36.35 -19.47 -62.90
N LEU G 255 -35.38 -18.82 -62.24
CA LEU G 255 -35.47 -18.70 -60.80
C LEU G 255 -36.50 -17.65 -60.42
N PHE G 256 -36.54 -16.55 -61.16
CA PHE G 256 -37.56 -15.54 -60.93
C PHE G 256 -38.93 -15.92 -61.47
N ASN G 257 -39.09 -17.11 -62.04
CA ASN G 257 -40.43 -17.61 -62.30
C ASN G 257 -40.91 -18.48 -61.14
N SER G 258 -40.06 -19.37 -60.66
CA SER G 258 -40.44 -20.30 -59.61
C SER G 258 -40.46 -19.66 -58.23
N VAL G 259 -39.87 -18.50 -58.04
CA VAL G 259 -40.06 -17.79 -56.77
C VAL G 259 -41.32 -16.94 -56.82
N GLU G 260 -41.62 -16.37 -57.98
CA GLU G 260 -42.80 -15.54 -58.19
C GLU G 260 -44.05 -16.35 -58.49
N ARG G 261 -43.97 -17.67 -58.37
CA ARG G 261 -45.12 -18.53 -58.43
C ARG G 261 -45.33 -19.32 -57.15
N ASP G 262 -44.25 -19.60 -56.41
CA ASP G 262 -44.41 -20.25 -55.12
C ASP G 262 -44.92 -19.27 -54.07
N ILE G 263 -44.58 -17.99 -54.20
CA ILE G 263 -45.10 -17.00 -53.26
C ILE G 263 -46.53 -16.62 -53.62
N LYS G 264 -46.86 -16.59 -54.91
CA LYS G 264 -48.21 -16.22 -55.34
C LYS G 264 -49.25 -17.25 -54.93
N ARG G 265 -48.85 -18.52 -54.79
CA ARG G 265 -49.77 -19.50 -54.22
C ARG G 265 -49.89 -19.35 -52.72
N ALA G 266 -48.85 -18.87 -52.05
CA ALA G 266 -48.94 -18.64 -50.61
C ALA G 266 -49.73 -17.38 -50.30
N MET G 267 -49.75 -16.41 -51.21
CA MET G 267 -50.51 -15.19 -50.98
C MET G 267 -52.01 -15.39 -51.12
N SER G 268 -52.45 -16.51 -51.69
CA SER G 268 -53.88 -16.79 -51.72
C SER G 268 -54.43 -17.13 -50.34
N PHE G 269 -53.59 -17.63 -49.43
CA PHE G 269 -54.05 -17.92 -48.08
C PHE G 269 -54.20 -16.66 -47.25
N ALA G 270 -53.35 -15.67 -47.48
CA ALA G 270 -53.41 -14.38 -46.78
C ALA G 270 -54.05 -13.33 -47.65
N MET G 271 -55.09 -13.71 -48.39
CA MET G 271 -55.64 -12.82 -49.40
C MET G 271 -56.45 -11.69 -48.80
N PHE G 272 -57.57 -12.01 -48.15
CA PHE G 272 -58.46 -11.00 -47.60
C PHE G 272 -58.21 -10.76 -46.11
N GLU G 273 -57.02 -11.06 -45.63
CA GLU G 273 -56.68 -10.79 -44.25
C GLU G 273 -56.53 -9.28 -44.05
N PRO G 274 -57.00 -8.73 -42.93
CA PRO G 274 -56.87 -7.29 -42.70
C PRO G 274 -55.42 -6.92 -42.40
N ASN G 275 -54.90 -5.94 -43.14
CA ASN G 275 -53.47 -5.65 -43.07
C ASN G 275 -53.19 -4.63 -41.98
N ASN G 276 -52.58 -5.09 -40.90
CA ASN G 276 -52.02 -4.22 -39.88
C ASN G 276 -50.70 -4.84 -39.44
N GLN G 277 -50.20 -4.37 -38.31
CA GLN G 277 -48.93 -4.88 -37.79
C GLN G 277 -48.92 -6.36 -37.43
N PRO G 278 -50.01 -7.00 -36.92
CA PRO G 278 -49.95 -8.46 -36.79
C PRO G 278 -49.94 -9.21 -38.10
N THR G 279 -50.56 -8.69 -39.16
CA THR G 279 -50.68 -9.47 -40.39
C THR G 279 -49.39 -9.47 -41.19
N TRP G 280 -48.84 -8.29 -41.49
CA TRP G 280 -47.65 -8.26 -42.32
C TRP G 280 -46.37 -8.51 -41.53
N GLU G 281 -46.46 -9.03 -40.31
CA GLU G 281 -45.33 -9.67 -39.68
C GLU G 281 -45.31 -11.15 -40.00
N ARG G 282 -46.48 -11.76 -40.18
CA ARG G 282 -46.52 -13.15 -40.63
C ARG G 282 -46.12 -13.27 -42.08
N VAL G 283 -46.52 -12.32 -42.92
CA VAL G 283 -46.21 -12.38 -44.34
C VAL G 283 -44.74 -12.07 -44.58
N ARG G 284 -44.16 -11.20 -43.76
CA ARG G 284 -42.73 -10.93 -43.87
C ARG G 284 -41.91 -12.12 -43.38
N ALA G 285 -42.33 -12.75 -42.28
CA ALA G 285 -41.55 -13.86 -41.74
C ALA G 285 -41.72 -15.15 -42.53
N ALA G 286 -42.82 -15.29 -43.27
CA ALA G 286 -43.01 -16.51 -44.04
C ALA G 286 -42.31 -16.44 -45.38
N ILE G 287 -42.25 -15.25 -45.98
CA ILE G 287 -41.54 -15.08 -47.24
C ILE G 287 -40.04 -15.12 -47.01
N SER G 288 -39.57 -14.51 -45.91
CA SER G 288 -38.15 -14.45 -45.63
C SER G 288 -37.57 -15.80 -45.25
N ASN G 289 -38.40 -16.74 -44.80
CA ASN G 289 -37.90 -18.09 -44.55
C ASN G 289 -37.75 -18.87 -45.85
N TYR G 290 -38.57 -18.55 -46.86
CA TYR G 290 -38.39 -19.18 -48.16
C TYR G 290 -37.13 -18.68 -48.83
N LEU G 291 -36.89 -17.38 -48.78
CA LEU G 291 -35.69 -16.79 -49.36
C LEU G 291 -34.45 -17.09 -48.53
N TYR G 292 -34.61 -17.56 -47.30
CA TYR G 292 -33.47 -18.03 -46.54
C TYR G 292 -33.14 -19.47 -46.90
N SER G 293 -34.15 -20.26 -47.22
CA SER G 293 -33.91 -21.66 -47.58
C SER G 293 -33.25 -21.78 -48.93
N LEU G 294 -33.50 -20.84 -49.83
CA LEU G 294 -32.77 -20.83 -51.10
C LEU G 294 -31.33 -20.40 -50.90
N TRP G 295 -31.07 -19.55 -49.91
CA TRP G 295 -29.72 -19.08 -49.68
C TRP G 295 -28.85 -20.15 -49.05
N GLN G 296 -29.43 -21.00 -48.19
CA GLN G 296 -28.66 -22.09 -47.62
C GLN G 296 -28.38 -23.18 -48.65
N GLN G 297 -29.24 -23.30 -49.67
CA GLN G 297 -28.97 -24.22 -50.76
C GLN G 297 -28.01 -23.66 -51.79
N GLY G 298 -27.60 -22.40 -51.65
CA GLY G 298 -26.68 -21.79 -52.59
C GLY G 298 -27.32 -21.21 -53.82
N GLY G 299 -28.63 -21.02 -53.84
CA GLY G 299 -29.28 -20.44 -54.99
C GLY G 299 -29.13 -18.95 -55.11
N LEU G 300 -28.81 -18.27 -54.01
CA LEU G 300 -28.63 -16.83 -54.01
C LEU G 300 -27.20 -16.48 -53.63
N ALA G 301 -26.62 -15.52 -54.33
CA ALA G 301 -25.26 -15.10 -54.06
C ALA G 301 -25.22 -14.23 -52.80
N GLY G 302 -24.02 -13.90 -52.37
CA GLY G 302 -23.84 -13.04 -51.22
C GLY G 302 -23.19 -13.77 -50.06
N SER G 303 -22.59 -12.98 -49.17
CA SER G 303 -21.85 -13.53 -48.05
C SER G 303 -22.75 -13.89 -46.87
N LYS G 304 -23.58 -12.94 -46.43
CA LYS G 304 -24.53 -13.21 -45.36
C LYS G 304 -25.93 -12.78 -45.81
N GLU G 305 -26.93 -13.13 -45.00
CA GLU G 305 -28.31 -13.07 -45.44
C GLU G 305 -28.84 -11.65 -45.55
N GLU G 306 -28.16 -10.66 -45.00
CA GLU G 306 -28.56 -9.28 -45.19
C GLU G 306 -28.27 -8.79 -46.61
N ASP G 307 -27.39 -9.47 -47.32
CA ASP G 307 -27.02 -9.10 -48.68
C ASP G 307 -27.69 -9.97 -49.73
N ALA G 308 -28.06 -11.20 -49.40
CA ALA G 308 -28.64 -12.09 -50.41
C ALA G 308 -30.06 -11.69 -50.78
N TYR G 309 -30.82 -11.15 -49.85
CA TYR G 309 -32.22 -10.83 -50.08
C TYR G 309 -32.66 -9.78 -49.08
N PHE G 310 -33.83 -9.19 -49.34
CA PHE G 310 -34.49 -8.33 -48.39
C PHE G 310 -35.98 -8.31 -48.70
N VAL G 311 -36.80 -8.25 -47.65
CA VAL G 311 -38.25 -8.16 -47.79
C VAL G 311 -38.75 -7.06 -46.88
N GLN G 312 -39.65 -6.22 -47.39
CA GLN G 312 -40.07 -5.02 -46.69
C GLN G 312 -41.57 -4.86 -46.81
N ILE G 313 -42.30 -5.08 -45.73
CA ILE G 313 -43.68 -4.67 -45.62
C ILE G 313 -43.82 -3.76 -44.41
N GLY G 314 -44.73 -2.81 -44.49
CA GLY G 314 -45.02 -1.94 -43.37
C GLY G 314 -45.55 -0.60 -43.80
N LYS G 315 -46.40 -0.02 -42.96
CA LYS G 315 -46.86 1.34 -43.14
C LYS G 315 -45.69 2.29 -42.99
N GLY G 316 -45.54 3.20 -43.94
CA GLY G 316 -44.26 3.88 -44.05
C GLY G 316 -43.41 3.31 -45.16
N ILE G 317 -42.54 2.37 -44.79
CA ILE G 317 -41.42 1.81 -45.57
C ILE G 317 -41.72 1.52 -47.04
N THR G 318 -42.80 0.80 -47.31
CA THR G 318 -43.10 0.47 -48.70
C THR G 318 -44.39 1.07 -49.20
N MET G 319 -45.41 1.20 -48.37
CA MET G 319 -46.68 1.76 -48.78
C MET G 319 -47.04 2.92 -47.85
N THR G 320 -47.79 3.86 -48.38
CA THR G 320 -48.19 5.02 -47.61
C THR G 320 -49.54 4.73 -46.96
N GLN G 321 -50.10 5.74 -46.28
CA GLN G 321 -51.37 5.54 -45.59
C GLN G 321 -52.53 5.50 -46.56
N GLU G 322 -52.48 6.30 -47.61
CA GLU G 322 -53.58 6.39 -48.56
C GLU G 322 -53.71 5.11 -49.41
N GLN G 323 -52.64 4.35 -49.56
CA GLN G 323 -52.74 3.08 -50.26
C GLN G 323 -53.34 2.00 -49.38
N ILE G 324 -53.19 2.12 -48.05
CA ILE G 324 -53.86 1.21 -47.13
C ILE G 324 -55.37 1.44 -47.18
N ASP G 325 -55.78 2.70 -47.31
CA ASP G 325 -57.20 3.04 -47.40
C ASP G 325 -57.84 2.55 -48.68
N ALA G 326 -57.06 2.33 -49.73
CA ALA G 326 -57.57 1.67 -50.93
C ALA G 326 -57.45 0.16 -50.85
N GLY G 327 -56.85 -0.36 -49.77
CA GLY G 327 -56.78 -1.79 -49.55
C GLY G 327 -55.82 -2.52 -50.45
N GLN G 328 -54.58 -2.06 -50.54
CA GLN G 328 -53.56 -2.75 -51.32
C GLN G 328 -52.24 -2.69 -50.56
N MET G 329 -51.81 -3.82 -50.01
CA MET G 329 -50.52 -3.86 -49.36
C MET G 329 -49.44 -4.33 -50.34
N ILE G 330 -48.26 -3.73 -50.20
CA ILE G 330 -47.20 -3.81 -51.19
C ILE G 330 -46.01 -4.52 -50.56
N VAL G 331 -45.51 -5.55 -51.23
CA VAL G 331 -44.36 -6.32 -50.75
C VAL G 331 -43.21 -6.12 -51.73
N LYS G 332 -42.10 -5.60 -51.23
CA LYS G 332 -40.87 -5.50 -52.01
C LYS G 332 -39.98 -6.67 -51.65
N VAL G 333 -39.52 -7.40 -52.68
CA VAL G 333 -38.70 -8.59 -52.49
C VAL G 333 -37.47 -8.46 -53.37
N GLY G 334 -36.30 -8.57 -52.77
CA GLY G 334 -35.04 -8.52 -53.51
C GLY G 334 -34.41 -9.90 -53.60
N LEU G 335 -33.83 -10.20 -54.75
CA LEU G 335 -33.15 -11.46 -54.97
C LEU G 335 -31.86 -11.22 -55.71
N ALA G 336 -30.80 -11.91 -55.31
CA ALA G 336 -29.51 -11.89 -56.00
C ALA G 336 -29.27 -13.29 -56.52
N ALA G 337 -29.82 -13.60 -57.68
CA ALA G 337 -29.72 -14.94 -58.22
C ALA G 337 -28.33 -15.16 -58.80
N VAL G 338 -27.82 -16.37 -58.65
CA VAL G 338 -26.49 -16.71 -59.15
C VAL G 338 -26.56 -16.91 -60.64
N ARG G 339 -25.50 -16.51 -61.32
CA ARG G 339 -25.43 -16.67 -62.75
C ARG G 339 -24.33 -17.66 -63.10
N PRO G 340 -24.47 -18.45 -64.16
CA PRO G 340 -23.49 -19.50 -64.41
C PRO G 340 -22.17 -18.96 -64.92
N ALA G 341 -21.13 -19.79 -64.77
CA ALA G 341 -19.79 -19.44 -65.22
C ALA G 341 -19.72 -19.70 -66.72
N GLU G 342 -20.10 -18.69 -67.51
CA GLU G 342 -20.12 -18.88 -68.95
C GLU G 342 -18.72 -18.91 -69.54
N PHE G 343 -17.81 -18.08 -69.03
CA PHE G 343 -16.45 -17.97 -69.57
C PHE G 343 -15.47 -18.00 -68.40
N ILE G 344 -15.04 -19.19 -68.01
CA ILE G 344 -14.06 -19.30 -66.94
C ILE G 344 -12.68 -19.02 -67.51
N ILE G 345 -12.04 -17.96 -67.02
CA ILE G 345 -10.73 -17.56 -67.54
C ILE G 345 -9.69 -17.79 -66.45
N LEU G 346 -8.46 -18.04 -66.91
CA LEU G 346 -7.38 -18.46 -66.03
C LEU G 346 -6.16 -17.61 -66.34
N GLN G 347 -5.67 -16.89 -65.33
CA GLN G 347 -4.56 -15.98 -65.49
C GLN G 347 -3.34 -16.54 -64.77
N PHE G 348 -2.27 -16.75 -65.51
CA PHE G 348 -1.08 -17.41 -64.98
C PHE G 348 0.08 -16.44 -64.91
N THR G 349 0.56 -16.23 -63.69
CA THR G 349 1.65 -15.32 -63.41
C THR G 349 2.85 -16.12 -62.93
N GLN G 350 4.04 -15.60 -63.19
CA GLN G 350 5.25 -16.18 -62.64
C GLN G 350 5.77 -15.39 -61.45
N ASP G 351 4.96 -14.49 -60.90
CA ASP G 351 5.33 -13.68 -59.75
C ASP G 351 4.55 -14.19 -58.54
N VAL G 352 5.19 -15.04 -57.75
CA VAL G 352 4.53 -15.70 -56.63
C VAL G 352 4.77 -15.02 -55.30
N GLU G 353 5.86 -14.27 -55.16
CA GLU G 353 6.07 -13.46 -53.97
C GLU G 353 5.41 -12.10 -54.09
N GLN G 354 5.03 -11.71 -55.31
CA GLN G 354 4.28 -10.48 -55.51
C GLN G 354 2.86 -10.60 -55.00
N ARG G 355 2.20 -11.71 -55.35
CA ARG G 355 0.81 -12.05 -54.99
C ARG G 355 -0.20 -10.96 -55.36
N THR H 2 -63.18 10.83 37.49
CA THR H 2 -62.99 9.38 37.49
C THR H 2 -63.09 8.82 38.91
N THR H 3 -61.97 8.80 39.62
CA THR H 3 -61.91 8.28 40.97
C THR H 3 -61.87 9.43 41.96
N VAL H 4 -62.57 9.25 43.07
CA VAL H 4 -62.56 10.22 44.17
C VAL H 4 -61.90 9.55 45.37
N THR H 5 -61.02 10.27 46.03
CA THR H 5 -60.28 9.75 47.16
C THR H 5 -60.74 10.51 48.40
N SER H 6 -61.48 9.84 49.26
CA SER H 6 -62.05 10.47 50.45
C SER H 6 -61.38 10.01 51.74
N TYR H 7 -61.29 8.71 51.95
CA TYR H 7 -60.73 8.16 53.17
C TYR H 7 -59.41 7.46 52.87
N PRO H 8 -58.48 7.38 53.83
CA PRO H 8 -57.25 6.64 53.59
C PRO H 8 -57.50 5.15 53.53
N GLY H 9 -57.08 4.54 52.44
CA GLY H 9 -57.35 3.13 52.22
C GLY H 9 -56.83 2.71 50.86
N VAL H 10 -57.24 1.52 50.45
CA VAL H 10 -56.85 0.94 49.17
C VAL H 10 -58.06 0.99 48.24
N TYR H 11 -57.90 1.65 47.09
CA TYR H 11 -58.98 1.81 46.14
C TYR H 11 -58.69 0.95 44.91
N ILE H 12 -59.60 0.03 44.60
CA ILE H 12 -59.52 -0.76 43.38
C ILE H 12 -60.47 -0.15 42.38
N GLU H 13 -59.95 0.29 41.24
CA GLU H 13 -60.77 0.71 40.13
C GLU H 13 -60.24 0.06 38.87
N GLU H 14 -61.13 -0.51 38.09
CA GLU H 14 -60.75 -1.29 36.92
C GLU H 14 -61.12 -0.48 35.68
N LEU H 15 -60.13 0.22 35.13
CA LEU H 15 -60.32 0.89 33.86
C LEU H 15 -60.05 -0.12 32.74
N ASN H 16 -60.96 -0.18 31.79
CA ASN H 16 -60.85 -1.14 30.69
C ASN H 16 -61.11 -0.41 29.38
N SER H 17 -60.28 -0.70 28.39
CA SER H 17 -60.42 -0.12 27.07
C SER H 17 -61.67 -0.67 26.37
N LEU H 18 -62.04 -0.03 25.28
CA LEU H 18 -63.17 -0.48 24.47
C LEU H 18 -62.79 -1.78 23.77
N ALA H 19 -63.38 -2.88 24.22
CA ALA H 19 -63.14 -4.18 23.61
C ALA H 19 -64.22 -4.40 22.55
N LEU H 20 -63.79 -4.46 21.29
CA LEU H 20 -64.71 -4.53 20.17
C LEU H 20 -64.31 -5.71 19.29
N SER H 21 -65.26 -6.60 19.05
CA SER H 21 -65.05 -7.73 18.16
C SER H 21 -66.31 -7.95 17.35
N VAL H 22 -66.15 -8.55 16.18
CA VAL H 22 -67.22 -8.68 15.20
C VAL H 22 -67.62 -10.15 15.15
N SER H 23 -68.90 -10.42 15.39
CA SER H 23 -69.44 -11.77 15.42
C SER H 23 -70.17 -12.06 14.12
N ASN H 24 -69.91 -13.22 13.53
CA ASN H 24 -70.57 -13.64 12.30
C ASN H 24 -71.50 -14.80 12.64
N SER H 25 -72.79 -14.60 12.45
CA SER H 25 -73.76 -15.64 12.78
C SER H 25 -75.04 -15.41 11.98
N ALA H 26 -75.75 -16.51 11.72
CA ALA H 26 -77.07 -16.55 11.09
C ALA H 26 -77.07 -15.88 9.72
N THR H 27 -76.32 -16.50 8.80
CA THR H 27 -76.19 -15.93 7.46
C THR H 27 -77.46 -16.09 6.65
N ALA H 28 -78.08 -17.27 6.68
CA ALA H 28 -79.28 -17.54 5.90
C ALA H 28 -80.33 -18.20 6.78
N VAL H 29 -81.15 -17.39 7.43
CA VAL H 29 -82.29 -17.83 8.22
C VAL H 29 -83.55 -17.30 7.53
N PRO H 30 -84.37 -18.15 6.95
CA PRO H 30 -85.49 -17.68 6.13
C PRO H 30 -86.77 -17.52 6.93
N VAL H 31 -87.73 -16.85 6.31
CA VAL H 31 -89.10 -16.80 6.79
C VAL H 31 -89.97 -17.30 5.64
N PHE H 32 -91.09 -17.92 5.98
CA PHE H 32 -91.99 -18.47 4.98
C PHE H 32 -93.33 -17.77 5.08
N ALA H 33 -93.67 -17.02 4.05
CA ALA H 33 -95.01 -16.44 3.94
C ALA H 33 -95.98 -17.57 3.71
N VAL H 34 -96.70 -17.98 4.76
CA VAL H 34 -97.59 -19.12 4.63
C VAL H 34 -98.81 -18.73 3.81
N ASP H 35 -99.53 -19.75 3.35
CA ASP H 35 -100.79 -19.53 2.66
C ASP H 35 -101.81 -18.94 3.62
N GLU H 36 -102.64 -18.03 3.12
CA GLU H 36 -103.62 -17.36 3.96
C GLU H 36 -104.70 -18.32 4.43
N GLN H 37 -104.97 -19.37 3.66
CA GLN H 37 -106.01 -20.33 4.00
C GLN H 37 -105.58 -21.31 5.10
N ASN H 38 -104.28 -21.46 5.34
CA ASN H 38 -103.77 -22.42 6.32
C ASN H 38 -104.18 -22.00 7.73
N GLN H 39 -105.10 -22.75 8.33
CA GLN H 39 -105.71 -22.39 9.59
C GLN H 39 -104.83 -22.65 10.80
N TYR H 40 -103.69 -23.33 10.62
CA TYR H 40 -102.89 -23.75 11.77
C TYR H 40 -101.91 -22.69 12.20
N ILE H 41 -101.48 -21.82 11.29
CA ILE H 41 -100.66 -20.67 11.68
C ILE H 41 -101.54 -19.66 12.40
N SER H 42 -101.11 -19.25 13.59
CA SER H 42 -101.86 -18.27 14.35
C SER H 42 -101.75 -16.90 13.69
N GLU H 43 -102.77 -16.08 13.89
CA GLU H 43 -102.84 -14.77 13.25
C GLU H 43 -101.85 -13.81 13.89
N ASP H 44 -100.96 -13.25 13.07
CA ASP H 44 -99.99 -12.21 13.44
C ASP H 44 -99.05 -12.66 14.55
N ASN H 45 -98.42 -13.82 14.35
CA ASN H 45 -97.42 -14.31 15.28
C ASN H 45 -96.42 -15.17 14.52
N ALA H 46 -95.14 -14.82 14.63
CA ALA H 46 -94.08 -15.55 13.95
C ALA H 46 -93.81 -16.85 14.70
N ILE H 47 -94.59 -17.88 14.38
CA ILE H 47 -94.37 -19.18 14.99
C ILE H 47 -93.13 -19.81 14.39
N ARG H 48 -92.20 -20.19 15.26
CA ARG H 48 -90.85 -20.56 14.85
C ARG H 48 -90.66 -22.05 14.99
N ILE H 49 -90.12 -22.69 13.95
CA ILE H 49 -89.90 -24.12 13.94
C ILE H 49 -88.40 -24.39 13.72
N ASN H 50 -87.91 -25.47 14.32
CA ASN H 50 -86.49 -25.81 14.25
C ASN H 50 -86.21 -26.96 13.29
N SER H 51 -86.95 -28.07 13.42
CA SER H 51 -86.75 -29.23 12.57
C SER H 51 -88.11 -29.77 12.18
N TRP H 52 -88.11 -30.81 11.34
CA TRP H 52 -89.38 -31.31 10.83
C TRP H 52 -90.13 -32.10 11.88
N MET H 53 -89.42 -32.76 12.80
CA MET H 53 -90.10 -33.35 13.95
C MET H 53 -90.60 -32.28 14.90
N ASP H 54 -89.94 -31.12 14.93
CA ASP H 54 -90.44 -29.99 15.70
C ASP H 54 -91.63 -29.35 15.01
N TYR H 55 -91.62 -29.33 13.68
CA TYR H 55 -92.74 -28.79 12.93
C TYR H 55 -93.94 -29.73 12.97
N LEU H 56 -93.69 -31.03 13.12
CA LEU H 56 -94.77 -32.01 13.10
C LEU H 56 -95.65 -31.98 14.35
N ASN H 57 -95.24 -31.29 15.41
CA ASN H 57 -96.11 -31.10 16.55
C ASN H 57 -97.21 -30.07 16.28
N LEU H 58 -96.98 -29.16 15.33
CA LEU H 58 -98.05 -28.28 14.88
C LEU H 58 -99.14 -29.08 14.19
N ILE H 59 -98.76 -29.92 13.22
CA ILE H 59 -99.70 -30.76 12.48
C ILE H 59 -99.06 -32.13 12.33
N GLY H 60 -99.74 -33.17 12.83
CA GLY H 60 -99.17 -34.51 12.84
C GLY H 60 -99.27 -35.27 11.54
N ASN H 61 -100.17 -34.87 10.65
CA ASN H 61 -100.44 -35.60 9.41
C ASN H 61 -100.34 -34.63 8.25
N PHE H 62 -100.87 -35.04 7.10
CA PHE H 62 -101.19 -34.16 5.95
C PHE H 62 -99.93 -33.56 5.34
N ASN H 63 -98.93 -34.41 5.13
CA ASN H 63 -97.73 -34.05 4.38
C ASN H 63 -98.00 -33.95 2.88
N ASN H 64 -99.17 -34.42 2.41
CA ASN H 64 -99.39 -34.77 1.02
C ASN H 64 -99.79 -33.59 0.13
N GLU H 65 -100.72 -32.74 0.58
CA GLU H 65 -101.47 -31.93 -0.36
C GLU H 65 -101.16 -30.43 -0.33
N ASP H 66 -101.25 -29.78 0.83
CA ASP H 66 -101.23 -28.32 0.87
C ASP H 66 -99.84 -27.78 0.60
N LYS H 67 -99.79 -26.68 -0.17
CA LYS H 67 -98.55 -26.24 -0.81
C LYS H 67 -97.55 -25.65 0.18
N LEU H 68 -98.01 -25.13 1.32
CA LEU H 68 -97.07 -24.75 2.37
C LEU H 68 -96.47 -25.98 3.04
N ASP H 69 -97.31 -26.99 3.28
CA ASP H 69 -96.89 -28.17 4.01
C ASP H 69 -95.85 -28.98 3.24
N VAL H 70 -95.99 -29.02 1.92
CA VAL H 70 -95.00 -29.69 1.09
C VAL H 70 -93.70 -28.89 1.05
N SER H 71 -93.80 -27.57 1.06
CA SER H 71 -92.65 -26.70 0.86
C SER H 71 -91.69 -26.75 2.04
N VAL H 72 -92.21 -26.73 3.27
CA VAL H 72 -91.34 -26.76 4.43
C VAL H 72 -90.77 -28.16 4.63
N ARG H 73 -91.44 -29.20 4.13
CA ARG H 73 -90.86 -30.53 4.12
C ARG H 73 -89.71 -30.61 3.12
N ALA H 74 -89.88 -30.00 1.95
CA ALA H 74 -88.80 -29.95 0.98
C ALA H 74 -87.69 -29.01 1.41
N TYR H 75 -87.98 -28.05 2.28
CA TYR H 75 -86.95 -27.13 2.75
C TYR H 75 -85.99 -27.81 3.71
N PHE H 76 -86.52 -28.58 4.66
CA PHE H 76 -85.66 -29.26 5.62
C PHE H 76 -84.89 -30.40 5.00
N ALA H 77 -85.36 -30.96 3.89
CA ALA H 77 -84.65 -32.06 3.25
C ALA H 77 -83.38 -31.57 2.56
N ASN H 78 -83.45 -30.39 1.92
CA ASN H 78 -82.28 -29.87 1.22
C ASN H 78 -81.23 -29.35 2.20
N GLY H 79 -81.58 -28.33 2.97
CA GLY H 79 -80.64 -27.73 3.89
C GLY H 79 -81.26 -27.56 5.26
N GLY H 80 -80.38 -27.47 6.26
CA GLY H 80 -80.81 -27.36 7.64
C GLY H 80 -80.85 -25.91 8.08
N GLY H 81 -81.94 -25.55 8.73
CA GLY H 81 -82.06 -24.21 9.31
C GLY H 81 -83.31 -24.16 10.15
N TYR H 82 -83.52 -23.01 10.77
CA TYR H 82 -84.75 -22.71 11.48
C TYR H 82 -85.45 -21.56 10.79
N CYS H 83 -86.76 -21.68 10.64
CA CYS H 83 -87.52 -20.70 9.87
C CYS H 83 -88.76 -20.27 10.62
N TYR H 84 -89.14 -19.03 10.45
CA TYR H 84 -90.38 -18.51 11.02
C TYR H 84 -91.49 -18.68 10.00
N LEU H 85 -92.71 -18.83 10.48
CA LEU H 85 -93.88 -18.98 9.63
C LEU H 85 -94.87 -17.87 9.94
N VAL H 86 -95.12 -17.00 8.97
CA VAL H 86 -96.03 -15.87 9.16
C VAL H 86 -97.06 -15.90 8.04
N LYS H 87 -98.24 -15.35 8.32
CA LYS H 87 -99.24 -15.20 7.28
C LYS H 87 -98.89 -13.99 6.42
N THR H 88 -99.24 -14.07 5.15
CA THR H 88 -98.91 -13.01 4.19
C THR H 88 -99.75 -11.76 4.39
N THR H 89 -100.85 -11.84 5.12
CA THR H 89 -101.64 -10.66 5.43
C THR H 89 -100.88 -9.71 6.34
N SER H 90 -100.29 -10.25 7.41
CA SER H 90 -99.50 -9.47 8.35
C SER H 90 -98.01 -9.66 8.13
N LEU H 91 -97.58 -9.75 6.88
CA LEU H 91 -96.18 -10.00 6.61
C LEU H 91 -95.33 -8.76 6.84
N GLU H 92 -95.86 -7.59 6.53
CA GLU H 92 -95.09 -6.36 6.69
C GLU H 92 -95.05 -5.87 8.14
N LYS H 93 -95.87 -6.44 9.02
CA LYS H 93 -95.93 -6.00 10.40
C LYS H 93 -95.00 -6.79 11.32
N ILE H 94 -94.70 -8.04 10.96
CA ILE H 94 -93.94 -8.92 11.83
C ILE H 94 -92.45 -8.87 11.53
N ILE H 95 -92.10 -8.78 10.24
CA ILE H 95 -90.69 -8.88 9.82
C ILE H 95 -89.79 -7.77 10.36
N PRO H 96 -90.19 -6.48 10.43
CA PRO H 96 -89.29 -5.50 11.05
C PRO H 96 -88.98 -5.73 12.53
N THR H 97 -89.90 -6.33 13.29
CA THR H 97 -89.63 -6.64 14.69
C THR H 97 -89.21 -8.09 14.87
N LEU H 98 -88.14 -8.49 14.18
CA LEU H 98 -87.61 -9.84 14.30
C LEU H 98 -86.10 -9.80 14.32
N ASP H 99 -85.50 -10.83 14.93
CA ASP H 99 -84.08 -10.79 15.24
C ASP H 99 -83.22 -10.97 14.00
N ASP H 100 -83.32 -12.12 13.34
CA ASP H 100 -82.53 -12.43 12.16
C ASP H 100 -83.45 -13.08 11.14
N VAL H 101 -84.04 -12.27 10.28
CA VAL H 101 -84.77 -12.74 9.12
C VAL H 101 -84.10 -12.11 7.92
N THR H 102 -83.44 -12.93 7.11
CA THR H 102 -82.63 -12.43 6.02
C THR H 102 -82.99 -13.03 4.66
N LEU H 103 -83.91 -13.98 4.60
CA LEU H 103 -84.44 -14.47 3.33
C LEU H 103 -85.96 -14.47 3.45
N LEU H 104 -86.61 -13.42 2.95
CA LEU H 104 -88.06 -13.41 2.90
C LEU H 104 -88.47 -14.31 1.74
N VAL H 105 -88.83 -15.55 2.04
CA VAL H 105 -89.02 -16.59 1.04
C VAL H 105 -90.51 -16.78 0.81
N ALA H 106 -90.94 -16.60 -0.43
CA ALA H 106 -92.33 -16.79 -0.81
C ALA H 106 -92.55 -18.25 -1.17
N ALA H 107 -93.35 -18.95 -0.37
CA ALA H 107 -93.69 -20.34 -0.68
C ALA H 107 -94.91 -20.40 -1.59
N GLY H 108 -94.78 -19.77 -2.76
CA GLY H 108 -95.85 -19.71 -3.74
C GLY H 108 -97.05 -18.93 -3.28
N GLU H 109 -96.88 -17.62 -3.04
CA GLU H 109 -97.96 -16.82 -2.46
C GLU H 109 -98.13 -15.45 -3.09
N ASP H 110 -97.30 -15.06 -4.07
CA ASP H 110 -97.40 -13.80 -4.84
C ASP H 110 -97.36 -12.58 -3.92
N ILE H 111 -96.18 -12.38 -3.31
CA ILE H 111 -96.01 -11.34 -2.31
C ILE H 111 -95.02 -10.27 -2.78
N LYS H 112 -95.00 -10.01 -4.10
CA LYS H 112 -94.03 -9.08 -4.68
C LYS H 112 -94.22 -7.66 -4.15
N THR H 113 -95.47 -7.25 -3.91
CA THR H 113 -95.72 -5.91 -3.39
C THR H 113 -95.24 -5.76 -1.95
N THR H 114 -95.37 -6.82 -1.15
CA THR H 114 -94.94 -6.77 0.24
C THR H 114 -93.42 -6.74 0.35
N VAL H 115 -92.72 -7.40 -0.59
CA VAL H 115 -91.26 -7.40 -0.58
C VAL H 115 -90.72 -6.00 -0.87
N ASP H 116 -91.33 -5.30 -1.84
CA ASP H 116 -90.86 -3.98 -2.23
C ASP H 116 -91.08 -2.96 -1.11
N VAL H 117 -92.18 -3.09 -0.36
CA VAL H 117 -92.41 -2.22 0.79
C VAL H 117 -91.41 -2.53 1.90
N LEU H 118 -91.02 -3.80 2.04
CA LEU H 118 -90.23 -4.23 3.19
C LEU H 118 -88.78 -3.77 3.10
N CYS H 119 -88.06 -4.20 2.08
CA CYS H 119 -86.61 -4.06 2.07
C CYS H 119 -86.21 -2.75 1.37
N GLN H 120 -85.79 -1.78 2.19
CA GLN H 120 -85.05 -0.62 1.73
C GLN H 120 -83.60 -1.01 1.47
N PRO H 121 -82.79 -0.14 0.88
CA PRO H 121 -81.34 -0.43 0.79
C PRO H 121 -80.63 -0.54 2.14
N GLY H 122 -81.19 -0.02 3.23
CA GLY H 122 -80.49 -0.07 4.50
C GLY H 122 -80.71 -1.33 5.30
N LYS H 123 -81.89 -1.96 5.15
CA LYS H 123 -82.25 -3.06 6.03
C LYS H 123 -81.50 -4.34 5.69
N GLY H 124 -81.53 -4.73 4.42
CA GLY H 124 -80.97 -6.01 4.03
C GLY H 124 -82.07 -6.98 3.62
N LEU H 125 -81.94 -8.24 4.04
CA LEU H 125 -82.91 -9.31 3.84
C LEU H 125 -83.25 -9.50 2.35
N PHE H 126 -82.23 -10.00 1.65
CA PHE H 126 -82.40 -10.47 0.27
C PHE H 126 -83.48 -11.52 0.18
N ALA H 127 -84.47 -11.29 -0.66
CA ALA H 127 -85.73 -12.04 -0.66
C ALA H 127 -85.92 -12.77 -1.97
N VAL H 128 -85.87 -14.10 -1.94
CA VAL H 128 -86.00 -14.88 -3.16
C VAL H 128 -87.47 -15.00 -3.57
N PHE H 129 -87.69 -15.28 -4.84
CA PHE H 129 -89.01 -15.43 -5.44
C PHE H 129 -89.14 -16.80 -6.07
N ASP H 130 -90.32 -17.07 -6.60
CA ASP H 130 -90.59 -18.30 -7.34
C ASP H 130 -90.99 -17.94 -8.75
N GLY H 131 -90.60 -18.78 -9.71
CA GLY H 131 -90.91 -18.54 -11.09
C GLY H 131 -92.34 -18.86 -11.42
N PRO H 132 -92.73 -18.52 -12.65
CA PRO H 132 -94.10 -18.83 -13.09
C PRO H 132 -94.25 -20.32 -13.32
N GLU H 133 -95.35 -20.88 -12.79
CA GLU H 133 -95.53 -22.32 -12.85
C GLU H 133 -95.93 -22.81 -14.23
N THR H 134 -96.32 -21.91 -15.12
CA THR H 134 -96.72 -22.31 -16.47
C THR H 134 -95.50 -22.47 -17.36
N GLU H 135 -95.77 -22.80 -18.62
CA GLU H 135 -94.72 -22.99 -19.62
C GLU H 135 -94.14 -21.64 -20.04
N LEU H 136 -92.82 -21.59 -20.19
CA LEU H 136 -92.15 -20.42 -20.75
C LEU H 136 -91.51 -20.81 -22.07
N THR H 137 -92.08 -20.31 -23.17
CA THR H 137 -91.47 -20.48 -24.47
C THR H 137 -90.36 -19.45 -24.65
N ILE H 138 -89.62 -19.59 -25.75
CA ILE H 138 -88.44 -18.75 -25.94
C ILE H 138 -88.83 -17.39 -26.53
N ASN H 139 -89.81 -17.36 -27.44
CA ASN H 139 -90.24 -16.11 -28.05
C ASN H 139 -91.27 -15.36 -27.22
N GLY H 140 -91.71 -15.92 -26.10
CA GLY H 140 -92.56 -15.21 -25.17
C GLY H 140 -91.77 -14.69 -23.99
N ALA H 141 -90.50 -14.35 -24.23
CA ALA H 141 -89.60 -13.92 -23.17
C ALA H 141 -89.86 -12.50 -22.73
N GLU H 142 -90.35 -11.64 -23.63
CA GLU H 142 -90.54 -10.23 -23.30
C GLU H 142 -91.73 -10.01 -22.38
N GLU H 143 -92.69 -10.94 -22.35
CA GLU H 143 -93.85 -10.80 -21.49
C GLU H 143 -93.68 -11.52 -20.16
N ALA H 144 -92.95 -12.63 -20.14
CA ALA H 144 -92.78 -13.38 -18.90
C ALA H 144 -91.88 -12.65 -17.91
N LYS H 145 -90.98 -11.79 -18.40
CA LYS H 145 -90.19 -10.95 -17.51
C LYS H 145 -90.94 -9.73 -17.02
N GLN H 146 -92.10 -9.42 -17.59
CA GLN H 146 -92.76 -8.15 -17.31
C GLN H 146 -93.42 -8.15 -15.94
N ALA H 147 -93.77 -9.33 -15.42
CA ALA H 147 -94.48 -9.39 -14.14
C ALA H 147 -93.56 -9.01 -12.97
N TYR H 148 -92.31 -9.42 -13.03
CA TYR H 148 -91.35 -9.06 -11.99
C TYR H 148 -90.79 -7.67 -12.25
N THR H 149 -90.63 -6.90 -11.19
CA THR H 149 -90.06 -5.56 -11.27
C THR H 149 -88.61 -5.61 -10.80
N ALA H 150 -87.73 -4.97 -11.56
CA ALA H 150 -86.29 -5.09 -11.36
C ALA H 150 -85.87 -4.43 -10.06
N THR H 151 -85.42 -5.24 -9.11
CA THR H 151 -84.89 -4.79 -7.84
C THR H 151 -83.70 -5.68 -7.51
N PRO H 152 -82.62 -5.14 -6.95
CA PRO H 152 -81.44 -5.97 -6.67
C PRO H 152 -81.54 -6.81 -5.41
N PHE H 153 -82.71 -6.95 -4.81
CA PHE H 153 -82.92 -7.77 -3.63
C PHE H 153 -83.80 -8.98 -3.92
N ALA H 154 -83.67 -9.58 -5.09
CA ALA H 154 -84.56 -10.67 -5.44
C ALA H 154 -83.85 -11.67 -6.33
N ALA H 155 -84.48 -12.83 -6.50
CA ALA H 155 -84.00 -13.87 -7.37
C ALA H 155 -85.18 -14.74 -7.76
N VAL H 156 -85.28 -15.09 -9.04
CA VAL H 156 -86.38 -15.89 -9.56
C VAL H 156 -85.82 -17.20 -10.07
N TYR H 157 -86.54 -18.29 -9.83
CA TYR H 157 -86.12 -19.63 -10.23
C TYR H 157 -87.24 -20.27 -11.01
N TYR H 158 -86.99 -20.63 -12.28
CA TYR H 158 -88.10 -20.89 -13.19
C TYR H 158 -88.86 -22.18 -12.93
N PRO H 159 -88.28 -23.37 -13.06
CA PRO H 159 -89.15 -24.55 -13.13
C PRO H 159 -89.65 -24.97 -11.77
N TRP H 160 -90.97 -24.96 -11.60
CA TRP H 160 -91.57 -25.53 -10.41
C TRP H 160 -91.24 -27.01 -10.33
N LEU H 161 -90.94 -27.49 -9.13
CA LEU H 161 -90.39 -28.82 -8.99
C LEU H 161 -91.49 -29.82 -8.65
N LYS H 162 -91.27 -31.06 -9.06
CA LYS H 162 -92.22 -32.14 -8.87
C LYS H 162 -91.49 -33.29 -8.21
N ALA H 163 -92.02 -33.78 -7.10
CA ALA H 163 -91.38 -34.84 -6.33
C ALA H 163 -92.25 -36.08 -6.32
N ASP H 164 -91.66 -37.17 -5.83
CA ASP H 164 -92.39 -38.44 -5.72
C ASP H 164 -93.43 -38.37 -4.61
N TRP H 165 -92.99 -38.14 -3.38
CA TRP H 165 -93.89 -37.85 -2.29
C TRP H 165 -94.57 -36.51 -2.51
N ALA H 166 -95.82 -36.41 -2.04
CA ALA H 166 -96.61 -35.17 -2.02
C ALA H 166 -96.80 -34.60 -3.44
N ASN H 167 -97.63 -35.32 -4.20
CA ASN H 167 -97.77 -35.18 -5.65
C ASN H 167 -98.15 -33.79 -6.15
N ILE H 168 -98.51 -32.84 -5.28
CA ILE H 168 -98.67 -31.46 -5.73
C ILE H 168 -97.31 -30.87 -6.08
N ASP H 169 -97.34 -29.80 -6.87
CA ASP H 169 -96.11 -29.19 -7.36
C ASP H 169 -95.44 -28.37 -6.26
N ILE H 170 -94.18 -28.68 -5.98
CA ILE H 170 -93.42 -27.92 -5.00
C ILE H 170 -92.97 -26.61 -5.63
N PRO H 171 -93.12 -25.47 -4.95
CA PRO H 171 -92.57 -24.23 -5.48
C PRO H 171 -91.06 -24.24 -5.39
N PRO H 172 -90.37 -23.60 -6.34
CA PRO H 172 -88.91 -23.65 -6.35
C PRO H 172 -88.27 -22.72 -5.34
N SER H 173 -89.03 -21.77 -4.80
CA SER H 173 -88.45 -20.77 -3.91
C SER H 173 -88.14 -21.36 -2.54
N ALA H 174 -89.01 -22.23 -2.04
CA ALA H 174 -88.74 -22.87 -0.75
C ALA H 174 -87.66 -23.92 -0.88
N VAL H 175 -87.54 -24.54 -2.04
CA VAL H 175 -86.48 -25.52 -2.28
C VAL H 175 -85.12 -24.82 -2.31
N MET H 176 -85.04 -23.73 -3.07
CA MET H 176 -83.81 -22.96 -3.18
C MET H 176 -83.46 -22.23 -1.89
N ALA H 177 -84.44 -22.02 -1.00
CA ALA H 177 -84.15 -21.41 0.29
C ALA H 177 -83.29 -22.32 1.16
N GLY H 178 -83.45 -23.63 1.03
CA GLY H 178 -82.62 -24.54 1.80
C GLY H 178 -81.22 -24.70 1.25
N VAL H 179 -81.05 -24.51 -0.06
CA VAL H 179 -79.74 -24.61 -0.66
C VAL H 179 -78.88 -23.41 -0.27
N TYR H 180 -79.51 -22.27 -0.03
CA TYR H 180 -78.80 -21.09 0.44
C TYR H 180 -78.18 -21.33 1.81
N ALA H 181 -78.97 -21.82 2.76
CA ALA H 181 -78.46 -22.11 4.09
C ALA H 181 -77.51 -23.29 4.11
N SER H 182 -77.58 -24.17 3.10
CA SER H 182 -76.63 -25.27 3.02
C SER H 182 -75.31 -24.84 2.42
N VAL H 183 -75.34 -23.92 1.45
CA VAL H 183 -74.10 -23.43 0.85
C VAL H 183 -73.41 -22.46 1.78
N ASP H 184 -74.17 -21.55 2.41
CA ASP H 184 -73.57 -20.55 3.31
C ASP H 184 -72.98 -21.19 4.55
N LEU H 185 -73.48 -22.35 4.94
CA LEU H 185 -72.86 -23.07 6.06
C LEU H 185 -71.63 -23.84 5.62
N SER H 186 -71.69 -24.48 4.46
CA SER H 186 -70.62 -25.39 4.06
C SER H 186 -69.41 -24.65 3.50
N ARG H 187 -69.63 -23.75 2.55
CA ARG H 187 -68.54 -23.07 1.87
C ARG H 187 -68.56 -21.56 2.05
N GLY H 188 -69.37 -21.05 2.97
CA GLY H 188 -69.41 -19.62 3.22
C GLY H 188 -70.44 -18.91 2.37
N VAL H 189 -70.61 -17.63 2.65
CA VAL H 189 -71.65 -16.85 2.00
C VAL H 189 -71.22 -16.39 0.61
N TRP H 190 -69.93 -16.13 0.41
CA TRP H 190 -69.46 -15.56 -0.85
C TRP H 190 -69.48 -16.53 -2.01
N LYS H 191 -69.53 -17.84 -1.75
CA LYS H 191 -69.64 -18.79 -2.85
C LYS H 191 -71.06 -18.77 -3.40
N ALA H 192 -71.15 -18.84 -4.72
CA ALA H 192 -72.44 -18.68 -5.39
C ALA H 192 -73.32 -19.89 -5.13
N PRO H 193 -74.61 -19.70 -4.80
CA PRO H 193 -75.49 -20.82 -4.46
C PRO H 193 -75.90 -21.69 -5.64
N ALA H 194 -75.39 -21.45 -6.84
CA ALA H 194 -75.67 -22.33 -7.96
C ALA H 194 -74.66 -23.48 -7.97
N ASN H 195 -74.88 -24.42 -8.90
CA ASN H 195 -74.05 -25.60 -9.15
C ASN H 195 -73.95 -26.48 -7.89
N VAL H 196 -75.12 -26.76 -7.31
CA VAL H 196 -75.23 -27.65 -6.17
C VAL H 196 -76.43 -28.56 -6.39
N ALA H 197 -76.22 -29.86 -6.32
CA ALA H 197 -77.31 -30.83 -6.53
C ALA H 197 -78.31 -30.76 -5.39
N LEU H 198 -79.59 -30.93 -5.74
CA LEU H 198 -80.65 -30.89 -4.75
C LEU H 198 -80.73 -32.23 -4.04
N LYS H 199 -80.53 -32.21 -2.71
CA LYS H 199 -80.41 -33.45 -1.95
C LYS H 199 -81.75 -34.16 -1.80
N GLY H 200 -82.85 -33.43 -1.87
CA GLY H 200 -84.14 -34.08 -1.93
C GLY H 200 -84.35 -34.77 -3.26
N GLY H 201 -85.25 -35.75 -3.27
CA GLY H 201 -85.43 -36.57 -4.45
C GLY H 201 -86.38 -36.00 -5.48
N LEU H 202 -86.28 -34.70 -5.74
CA LEU H 202 -87.26 -33.99 -6.55
C LEU H 202 -86.62 -33.52 -7.85
N GLU H 203 -87.34 -33.72 -8.96
CA GLU H 203 -87.00 -33.45 -10.36
C GLU H 203 -87.75 -32.21 -10.85
N PRO H 204 -87.21 -31.48 -11.82
CA PRO H 204 -87.95 -30.36 -12.40
C PRO H 204 -89.10 -30.85 -13.24
N LYS H 205 -90.23 -30.17 -13.10
CA LYS H 205 -91.43 -30.54 -13.86
C LYS H 205 -91.30 -30.14 -15.32
N PHE H 206 -90.53 -29.09 -15.60
CA PHE H 206 -90.34 -28.61 -16.97
C PHE H 206 -88.86 -28.73 -17.32
N LEU H 207 -88.59 -29.40 -18.44
CA LEU H 207 -87.21 -29.56 -18.89
C LEU H 207 -86.70 -28.26 -19.50
N VAL H 208 -85.41 -28.04 -19.37
CA VAL H 208 -84.79 -26.76 -19.72
C VAL H 208 -83.89 -26.96 -20.93
N THR H 209 -84.25 -26.31 -22.03
CA THR H 209 -83.37 -26.23 -23.18
C THR H 209 -82.28 -25.20 -22.90
N ASP H 210 -81.10 -25.45 -23.45
CA ASP H 210 -79.98 -24.55 -23.23
C ASP H 210 -80.15 -23.23 -23.98
N GLU H 211 -80.79 -23.28 -25.15
CA GLU H 211 -81.09 -22.05 -25.87
C GLU H 211 -82.22 -21.27 -25.19
N LEU H 212 -83.07 -21.98 -24.43
CA LEU H 212 -84.12 -21.30 -23.67
C LEU H 212 -83.53 -20.49 -22.53
N GLN H 213 -82.41 -20.95 -21.95
CA GLN H 213 -81.74 -20.19 -20.92
C GLN H 213 -80.94 -19.02 -21.47
N GLY H 214 -80.75 -18.96 -22.79
CA GLY H 214 -79.94 -17.90 -23.35
C GLY H 214 -80.60 -16.55 -23.30
N GLU H 215 -81.88 -16.49 -23.68
CA GLU H 215 -82.59 -15.22 -23.70
C GLU H 215 -83.36 -14.96 -22.42
N TYR H 216 -83.28 -15.85 -21.44
CA TYR H 216 -83.86 -15.57 -20.13
C TYR H 216 -82.84 -15.14 -19.12
N ASN H 217 -81.57 -15.54 -19.28
CA ASN H 217 -80.53 -15.16 -18.33
C ASN H 217 -79.83 -13.88 -18.77
N THR H 218 -80.64 -12.86 -19.03
CA THR H 218 -80.15 -11.51 -19.31
C THR H 218 -81.25 -10.54 -18.94
N GLY H 219 -80.87 -9.27 -18.79
CA GLY H 219 -81.80 -8.29 -18.25
C GLY H 219 -82.09 -8.61 -16.80
N ARG H 220 -83.34 -8.40 -16.39
CA ARG H 220 -83.77 -8.92 -15.10
C ARG H 220 -83.91 -10.43 -15.25
N ALA H 221 -82.85 -11.15 -14.89
CA ALA H 221 -82.70 -12.54 -15.23
C ALA H 221 -83.57 -13.44 -14.38
N ILE H 222 -83.97 -14.56 -14.96
CA ILE H 222 -84.63 -15.65 -14.25
C ILE H 222 -83.65 -16.81 -14.22
N ASN H 223 -83.16 -17.16 -13.04
CA ASN H 223 -82.33 -18.34 -12.89
C ASN H 223 -83.15 -19.59 -13.16
N MET H 224 -82.50 -20.62 -13.67
CA MET H 224 -83.20 -21.80 -14.15
C MET H 224 -82.59 -23.04 -13.52
N ILE H 225 -83.42 -23.87 -12.91
CA ILE H 225 -82.98 -25.15 -12.39
C ILE H 225 -82.94 -26.16 -13.52
N ARG H 226 -81.75 -26.70 -13.81
CA ARG H 226 -81.56 -27.56 -14.95
C ARG H 226 -80.99 -28.89 -14.48
N ASN H 227 -81.53 -29.99 -15.00
CA ASN H 227 -81.04 -31.32 -14.66
C ASN H 227 -80.21 -31.88 -15.81
N PHE H 228 -78.99 -32.28 -15.50
CA PHE H 228 -78.16 -32.99 -16.47
C PHE H 228 -77.50 -34.17 -15.75
N SER H 229 -76.85 -35.02 -16.55
CA SER H 229 -76.58 -36.39 -16.15
C SER H 229 -75.47 -36.54 -15.13
N ASN H 230 -74.55 -35.58 -15.03
CA ASN H 230 -73.38 -35.76 -14.17
C ASN H 230 -73.75 -35.64 -12.70
N THR H 231 -74.50 -34.61 -12.34
CA THR H 231 -74.77 -34.30 -10.95
C THR H 231 -76.25 -34.35 -10.59
N GLY H 232 -77.12 -34.68 -11.53
CA GLY H 232 -78.54 -34.68 -11.27
C GLY H 232 -79.13 -33.29 -11.43
N THR H 233 -80.26 -33.07 -10.76
CA THR H 233 -80.96 -31.81 -10.84
C THR H 233 -80.22 -30.76 -10.04
N THR H 234 -79.62 -29.80 -10.72
CA THR H 234 -78.82 -28.76 -10.08
C THR H 234 -79.41 -27.39 -10.36
N VAL H 235 -79.17 -26.47 -9.44
CA VAL H 235 -79.48 -25.07 -9.70
C VAL H 235 -78.38 -24.49 -10.57
N TRP H 236 -78.76 -23.63 -11.50
CA TRP H 236 -77.84 -23.19 -12.54
C TRP H 236 -77.87 -21.69 -12.75
N GLY H 237 -78.22 -20.92 -11.73
CA GLY H 237 -78.21 -19.48 -11.87
C GLY H 237 -77.87 -18.76 -10.59
N ALA H 238 -76.93 -17.83 -10.66
CA ALA H 238 -76.55 -17.02 -9.52
C ALA H 238 -76.89 -15.55 -9.72
N ARG H 239 -77.57 -15.21 -10.82
CA ARG H 239 -77.92 -13.83 -11.08
C ARG H 239 -79.16 -13.42 -10.31
N THR H 240 -79.19 -12.16 -9.90
CA THR H 240 -80.35 -11.58 -9.25
C THR H 240 -81.25 -10.95 -10.31
N LEU H 241 -82.22 -10.16 -9.87
CA LEU H 241 -83.16 -9.52 -10.78
C LEU H 241 -82.67 -8.18 -11.31
N GLU H 242 -81.38 -7.87 -11.18
CA GLU H 242 -80.84 -6.59 -11.59
C GLU H 242 -79.70 -6.80 -12.57
N ASP H 243 -79.73 -6.07 -13.67
CA ASP H 243 -78.68 -6.12 -14.69
C ASP H 243 -77.93 -4.79 -14.67
N LYS H 244 -76.94 -4.69 -13.80
CA LYS H 244 -75.90 -3.68 -13.94
C LYS H 244 -74.61 -4.27 -13.40
N ASP H 245 -73.53 -3.49 -13.49
CA ASP H 245 -72.21 -4.03 -13.20
C ASP H 245 -72.00 -4.26 -11.72
N ASN H 246 -72.65 -3.48 -10.86
CA ASN H 246 -72.37 -3.53 -9.43
C ASN H 246 -72.98 -4.75 -8.76
N TRP H 247 -74.30 -4.92 -8.91
CA TRP H 247 -75.05 -5.82 -8.06
C TRP H 247 -75.66 -6.94 -8.88
N ARG H 248 -74.86 -7.60 -9.71
CA ARG H 248 -75.37 -8.56 -10.67
C ARG H 248 -75.63 -9.93 -10.06
N TYR H 249 -75.02 -10.27 -8.94
CA TYR H 249 -74.99 -11.65 -8.47
C TYR H 249 -75.53 -11.78 -7.07
N VAL H 250 -76.25 -12.87 -6.81
CA VAL H 250 -76.68 -13.18 -5.46
C VAL H 250 -75.54 -13.56 -4.49
N PRO H 251 -74.34 -14.01 -4.90
CA PRO H 251 -73.26 -13.99 -3.90
C PRO H 251 -72.70 -12.60 -3.64
N VAL H 252 -72.62 -11.74 -4.66
CA VAL H 252 -72.09 -10.39 -4.43
C VAL H 252 -73.12 -9.51 -3.76
N ARG H 253 -74.39 -9.90 -3.74
CA ARG H 253 -75.40 -9.15 -3.00
C ARG H 253 -75.48 -9.64 -1.56
N ARG H 254 -75.48 -10.94 -1.35
CA ARG H 254 -75.63 -11.46 0.00
C ARG H 254 -74.33 -11.44 0.80
N LEU H 255 -73.20 -11.13 0.18
CA LEU H 255 -72.02 -10.83 0.99
C LEU H 255 -72.13 -9.44 1.59
N PHE H 256 -72.65 -8.49 0.82
CA PHE H 256 -72.89 -7.15 1.35
C PHE H 256 -74.12 -7.06 2.24
N ASN H 257 -74.82 -8.16 2.49
CA ASN H 257 -75.81 -8.17 3.55
C ASN H 257 -75.20 -8.67 4.85
N SER H 258 -74.44 -9.76 4.79
CA SER H 258 -73.89 -10.36 5.99
C SER H 258 -72.67 -9.61 6.52
N VAL H 259 -72.05 -8.73 5.74
CA VAL H 259 -71.02 -7.87 6.31
C VAL H 259 -71.64 -6.63 6.93
N GLU H 260 -72.71 -6.12 6.33
CA GLU H 260 -73.41 -4.94 6.81
C GLU H 260 -74.42 -5.26 7.89
N ARG H 261 -74.44 -6.50 8.37
CA ARG H 261 -75.20 -6.87 9.54
C ARG H 261 -74.34 -7.39 10.66
N ASP H 262 -73.17 -7.97 10.35
CA ASP H 262 -72.24 -8.37 11.40
C ASP H 262 -71.54 -7.16 12.00
N ILE H 263 -71.32 -6.12 11.20
CA ILE H 263 -70.70 -4.92 11.74
C ILE H 263 -71.72 -4.08 12.51
N LYS H 264 -72.96 -4.06 12.04
CA LYS H 264 -74.01 -3.27 12.70
C LYS H 264 -74.34 -3.80 14.10
N ARG H 265 -74.16 -5.11 14.32
CA ARG H 265 -74.30 -5.61 15.68
C ARG H 265 -73.09 -5.27 16.54
N ALA H 266 -71.91 -5.14 15.93
CA ALA H 266 -70.74 -4.74 16.68
C ALA H 266 -70.75 -3.25 16.99
N MET H 267 -71.41 -2.44 16.16
CA MET H 267 -71.49 -1.01 16.42
C MET H 267 -72.42 -0.66 17.56
N SER H 268 -73.27 -1.59 18.00
CA SER H 268 -74.09 -1.33 19.16
C SER H 268 -73.28 -1.30 20.45
N PHE H 269 -72.12 -1.97 20.48
CA PHE H 269 -71.28 -1.92 21.67
C PHE H 269 -70.52 -0.61 21.77
N ALA H 270 -70.15 -0.03 20.64
CA ALA H 270 -69.44 1.25 20.59
C ALA H 270 -70.38 2.37 20.23
N MET H 271 -71.60 2.32 20.76
CA MET H 271 -72.65 3.23 20.30
C MET H 271 -72.44 4.64 20.84
N PHE H 272 -72.54 4.82 22.15
CA PHE H 272 -72.43 6.14 22.75
C PHE H 272 -71.03 6.43 23.27
N GLU H 273 -70.03 5.77 22.75
CA GLU H 273 -68.66 6.05 23.13
C GLU H 273 -68.23 7.41 22.57
N PRO H 274 -67.49 8.21 23.34
CA PRO H 274 -67.06 9.52 22.83
C PRO H 274 -65.99 9.35 21.75
N ASN H 275 -66.21 9.99 20.60
CA ASN H 275 -65.36 9.74 19.44
C ASN H 275 -64.17 10.70 19.46
N ASN H 276 -63.00 10.16 19.74
CA ASN H 276 -61.75 10.87 19.55
C ASN H 276 -60.74 9.87 19.01
N GLN H 277 -59.47 10.24 19.06
CA GLN H 277 -58.42 9.36 18.56
C GLN H 277 -58.28 8.03 19.31
N PRO H 278 -58.51 7.89 20.62
CA PRO H 278 -58.54 6.53 21.18
C PRO H 278 -59.72 5.69 20.75
N THR H 279 -60.87 6.28 20.45
CA THR H 279 -62.06 5.48 20.17
C THR H 279 -62.03 4.91 18.75
N TRP H 280 -61.86 5.77 17.75
CA TRP H 280 -61.90 5.27 16.39
C TRP H 280 -60.59 4.65 15.92
N GLU H 281 -59.68 4.35 16.84
CA GLU H 281 -58.61 3.41 16.56
C GLU H 281 -59.04 1.99 16.91
N ARG H 282 -59.89 1.84 17.93
CA ARG H 282 -60.45 0.52 18.23
C ARG H 282 -61.47 0.11 17.17
N VAL H 283 -62.28 1.05 16.69
CA VAL H 283 -63.30 0.72 15.71
C VAL H 283 -62.67 0.43 14.36
N ARG H 284 -61.57 1.13 14.03
CA ARG H 284 -60.86 0.83 12.79
C ARG H 284 -60.16 -0.51 12.87
N ALA H 285 -59.54 -0.82 13.99
CA ALA H 285 -58.80 -2.07 14.10
C ALA H 285 -59.70 -3.28 14.28
N ALA H 286 -60.93 -3.09 14.78
CA ALA H 286 -61.81 -4.24 14.94
C ALA H 286 -62.54 -4.57 13.65
N ILE H 287 -62.89 -3.56 12.86
CA ILE H 287 -63.53 -3.80 11.57
C ILE H 287 -62.53 -4.36 10.58
N SER H 288 -61.29 -3.85 10.60
CA SER H 288 -60.29 -4.29 9.63
C SER H 288 -59.82 -5.71 9.90
N ASN H 289 -60.00 -6.22 11.11
CA ASN H 289 -59.68 -7.63 11.35
C ASN H 289 -60.77 -8.54 10.83
N TYR H 290 -62.01 -8.05 10.79
CA TYR H 290 -63.08 -8.84 10.19
C TYR H 290 -62.90 -8.92 8.68
N LEU H 291 -62.59 -7.79 8.06
CA LEU H 291 -62.36 -7.75 6.62
C LEU H 291 -61.04 -8.39 6.23
N TYR H 292 -60.14 -8.63 7.19
CA TYR H 292 -58.95 -9.42 6.91
C TYR H 292 -59.24 -10.90 6.98
N SER H 293 -60.15 -11.30 7.87
CA SER H 293 -60.48 -12.71 8.00
C SER H 293 -61.27 -13.22 6.82
N LEU H 294 -62.05 -12.35 6.17
CA LEU H 294 -62.71 -12.74 4.94
C LEU H 294 -61.72 -12.86 3.80
N TRP H 295 -60.66 -12.05 3.82
CA TRP H 295 -59.68 -12.09 2.74
C TRP H 295 -58.81 -13.33 2.81
N GLN H 296 -58.51 -13.81 4.02
CA GLN H 296 -57.74 -15.04 4.14
C GLN H 296 -58.59 -16.26 3.79
N GLN H 297 -59.90 -16.16 3.92
CA GLN H 297 -60.78 -17.23 3.47
C GLN H 297 -61.05 -17.18 1.98
N GLY H 298 -60.59 -16.15 1.29
CA GLY H 298 -60.80 -16.04 -0.14
C GLY H 298 -62.10 -15.39 -0.54
N GLY H 299 -62.81 -14.73 0.39
CA GLY H 299 -64.05 -14.08 0.05
C GLY H 299 -63.89 -12.77 -0.68
N LEU H 300 -62.73 -12.15 -0.57
CA LEU H 300 -62.45 -10.87 -1.23
C LEU H 300 -61.33 -11.05 -2.24
N ALA H 301 -61.50 -10.44 -3.42
CA ALA H 301 -60.49 -10.52 -4.45
C ALA H 301 -59.32 -9.59 -4.12
N GLY H 302 -58.27 -9.69 -4.92
CA GLY H 302 -57.12 -8.84 -4.75
C GLY H 302 -55.88 -9.62 -4.36
N SER H 303 -54.73 -9.01 -4.62
CA SER H 303 -53.46 -9.68 -4.38
C SER H 303 -53.00 -9.55 -2.93
N LYS H 304 -52.95 -8.33 -2.40
CA LYS H 304 -52.62 -8.11 -1.00
C LYS H 304 -53.69 -7.24 -0.35
N GLU H 305 -53.59 -7.13 0.97
CA GLU H 305 -54.69 -6.60 1.77
C GLU H 305 -54.91 -5.11 1.59
N GLU H 306 -53.95 -4.39 1.01
CA GLU H 306 -54.17 -2.98 0.71
C GLU H 306 -55.14 -2.79 -0.44
N ASP H 307 -55.35 -3.82 -1.25
CA ASP H 307 -56.24 -3.75 -2.40
C ASP H 307 -57.58 -4.42 -2.16
N ALA H 308 -57.66 -5.40 -1.24
CA ALA H 308 -58.90 -6.11 -1.02
C ALA H 308 -59.93 -5.26 -0.29
N TYR H 309 -59.49 -4.37 0.60
CA TYR H 309 -60.41 -3.59 1.42
C TYR H 309 -59.69 -2.35 1.91
N PHE H 310 -60.46 -1.42 2.45
CA PHE H 310 -59.91 -0.26 3.15
C PHE H 310 -60.98 0.27 4.10
N VAL H 311 -60.54 0.72 5.26
CA VAL H 311 -61.42 1.32 6.27
C VAL H 311 -60.80 2.63 6.73
N GLN H 312 -61.61 3.67 6.83
CA GLN H 312 -61.11 5.02 7.09
C GLN H 312 -62.01 5.70 8.11
N ILE H 313 -61.50 5.88 9.33
CA ILE H 313 -62.12 6.78 10.29
C ILE H 313 -61.08 7.80 10.70
N GLY H 314 -61.52 9.00 11.01
CA GLY H 314 -60.64 10.03 11.53
C GLY H 314 -61.13 11.42 11.20
N LYS H 315 -60.81 12.35 12.10
CA LYS H 315 -61.05 13.77 11.85
C LYS H 315 -60.19 14.23 10.69
N GLY H 316 -60.80 14.92 9.73
CA GLY H 316 -60.13 15.07 8.46
C GLY H 316 -60.66 14.11 7.41
N ILE H 317 -60.00 12.96 7.30
CA ILE H 317 -60.11 11.94 6.24
C ILE H 317 -61.52 11.63 5.78
N THR H 318 -62.42 11.33 6.70
CA THR H 318 -63.78 10.98 6.31
C THR H 318 -64.83 11.96 6.80
N MET H 319 -64.66 12.54 7.98
CA MET H 319 -65.63 13.48 8.52
C MET H 319 -64.91 14.78 8.87
N THR H 320 -65.65 15.88 8.80
CA THR H 320 -65.08 17.18 9.11
C THR H 320 -65.29 17.48 10.59
N GLN H 321 -64.90 18.68 11.02
CA GLN H 321 -65.03 19.04 12.42
C GLN H 321 -66.48 19.31 12.79
N GLU H 322 -67.23 19.93 11.89
CA GLU H 322 -68.61 20.31 12.19
C GLU H 322 -69.53 19.10 12.31
N GLN H 323 -69.17 17.97 11.68
CA GLN H 323 -69.96 16.77 11.85
C GLN H 323 -69.67 16.08 13.17
N ILE H 324 -68.47 16.28 13.73
CA ILE H 324 -68.17 15.78 15.06
C ILE H 324 -68.98 16.55 16.10
N ASP H 325 -69.17 17.85 15.88
CA ASP H 325 -69.97 18.68 16.80
C ASP H 325 -71.44 18.32 16.77
N ALA H 326 -71.93 17.71 15.68
CA ALA H 326 -73.27 17.16 15.67
C ALA H 326 -73.31 15.74 16.16
N GLY H 327 -72.17 15.15 16.48
CA GLY H 327 -72.10 13.83 17.08
C GLY H 327 -72.42 12.70 16.13
N GLN H 328 -71.77 12.67 14.96
CA GLN H 328 -71.96 11.57 14.03
C GLN H 328 -70.60 11.22 13.41
N MET H 329 -70.05 10.08 13.79
CA MET H 329 -68.82 9.63 13.17
C MET H 329 -69.11 8.69 12.00
N ILE H 330 -68.30 8.84 10.96
CA ILE H 330 -68.56 8.27 9.64
C ILE H 330 -67.47 7.25 9.34
N VAL H 331 -67.89 6.03 8.97
CA VAL H 331 -66.96 4.96 8.63
C VAL H 331 -67.14 4.61 7.16
N LYS H 332 -66.07 4.74 6.39
CA LYS H 332 -66.05 4.29 5.01
C LYS H 332 -65.41 2.92 4.94
N VAL H 333 -66.10 1.97 4.32
CA VAL H 333 -65.64 0.59 4.23
C VAL H 333 -65.70 0.17 2.78
N GLY H 334 -64.58 -0.30 2.25
CA GLY H 334 -64.51 -0.80 0.88
C GLY H 334 -64.42 -2.31 0.86
N LEU H 335 -65.10 -2.92 -0.09
CA LEU H 335 -65.06 -4.37 -0.26
C LEU H 335 -64.96 -4.69 -1.75
N ALA H 336 -64.13 -5.68 -2.08
CA ALA H 336 -64.03 -6.21 -3.44
C ALA H 336 -64.48 -7.65 -3.39
N ALA H 337 -65.79 -7.85 -3.48
CA ALA H 337 -66.33 -9.19 -3.37
C ALA H 337 -66.11 -9.96 -4.65
N VAL H 338 -65.85 -11.25 -4.51
CA VAL H 338 -65.58 -12.10 -5.66
C VAL H 338 -66.90 -12.43 -6.36
N ARG H 339 -66.85 -12.52 -7.67
CA ARG H 339 -68.03 -12.84 -8.43
C ARG H 339 -67.84 -14.20 -9.09
N PRO H 340 -68.90 -14.99 -9.27
CA PRO H 340 -68.70 -16.35 -9.76
C PRO H 340 -68.34 -16.39 -11.24
N ALA H 341 -67.77 -17.52 -11.65
CA ALA H 341 -67.39 -17.74 -13.04
C ALA H 341 -68.63 -18.16 -13.80
N GLU H 342 -69.38 -17.18 -14.31
CA GLU H 342 -70.61 -17.51 -14.99
C GLU H 342 -70.36 -18.12 -16.37
N PHE H 343 -69.34 -17.63 -17.08
CA PHE H 343 -69.05 -18.07 -18.44
C PHE H 343 -67.56 -18.35 -18.56
N ILE H 344 -67.14 -19.56 -18.24
CA ILE H 344 -65.72 -19.90 -18.36
C ILE H 344 -65.44 -20.20 -19.83
N ILE H 345 -64.56 -19.41 -20.43
CA ILE H 345 -64.24 -19.57 -21.85
C ILE H 345 -62.80 -20.05 -21.98
N LEU H 346 -62.55 -20.79 -23.05
CA LEU H 346 -61.29 -21.48 -23.26
C LEU H 346 -60.79 -21.17 -24.66
N GLN H 347 -59.60 -20.58 -24.75
CA GLN H 347 -59.03 -20.16 -26.02
C GLN H 347 -57.84 -21.05 -26.35
N PHE H 348 -57.90 -21.71 -27.49
CA PHE H 348 -56.90 -22.71 -27.86
C PHE H 348 -56.10 -22.23 -29.05
N THR H 349 -54.81 -22.08 -28.85
CA THR H 349 -53.88 -21.61 -29.85
C THR H 349 -52.94 -22.73 -30.21
N GLN H 350 -52.45 -22.72 -31.44
CA GLN H 350 -51.41 -23.64 -31.86
C GLN H 350 -50.04 -22.98 -31.89
N ASP H 351 -49.92 -21.79 -31.32
CA ASP H 351 -48.66 -21.04 -31.27
C ASP H 351 -48.13 -21.11 -29.85
N VAL H 352 -47.22 -22.05 -29.59
CA VAL H 352 -46.72 -22.30 -28.25
C VAL H 352 -45.40 -21.61 -27.96
N GLU H 353 -44.61 -21.29 -28.99
CA GLU H 353 -43.41 -20.49 -28.81
C GLU H 353 -43.71 -19.00 -28.86
N GLN H 354 -44.89 -18.64 -29.37
CA GLN H 354 -45.31 -17.25 -29.37
C GLN H 354 -45.66 -16.79 -27.96
N ARG H 355 -46.44 -17.61 -27.24
CA ARG H 355 -46.91 -17.37 -25.87
C ARG H 355 -47.65 -16.04 -25.70
N THR I 2 -1.36 37.21 64.26
CA THR I 2 -1.43 35.81 64.64
C THR I 2 -0.37 35.47 65.68
N THR I 3 0.82 35.13 65.21
CA THR I 3 1.93 34.77 66.08
C THR I 3 2.91 35.92 66.18
N VAL I 4 3.45 36.15 67.37
CA VAL I 4 4.47 37.15 67.60
C VAL I 4 5.75 36.42 67.99
N THR I 5 6.86 36.83 67.41
CA THR I 5 8.15 36.20 67.65
C THR I 5 9.03 37.20 68.39
N SER I 6 9.27 36.96 69.66
CA SER I 6 10.02 37.87 70.50
C SER I 6 11.41 37.34 70.86
N TYR I 7 11.49 36.12 71.38
CA TYR I 7 12.74 35.54 71.81
C TYR I 7 13.12 34.38 70.90
N PRO I 8 14.41 34.07 70.75
CA PRO I 8 14.80 32.91 69.94
C PRO I 8 14.43 31.62 70.65
N GLY I 9 13.68 30.77 69.96
CA GLY I 9 13.19 29.55 70.56
C GLY I 9 12.27 28.83 69.59
N VAL I 10 11.58 27.83 70.11
CA VAL I 10 10.65 27.03 69.33
C VAL I 10 9.23 27.41 69.73
N TYR I 11 8.44 27.83 68.77
CA TYR I 11 7.07 28.27 69.00
C TYR I 11 6.11 27.25 68.43
N ILE I 12 5.26 26.69 69.30
CA ILE I 12 4.19 25.81 68.87
C ILE I 12 2.90 26.61 68.82
N GLU I 13 2.29 26.69 67.65
CA GLU I 13 0.96 27.27 67.52
C GLU I 13 0.12 26.34 66.68
N GLU I 14 -1.08 26.05 67.14
CA GLU I 14 -1.94 25.07 66.51
C GLU I 14 -3.07 25.81 65.82
N LEU I 15 -2.93 26.05 64.53
CA LEU I 15 -4.02 26.59 63.73
C LEU I 15 -4.91 25.44 63.31
N ASN I 16 -6.21 25.61 63.50
CA ASN I 16 -7.18 24.57 63.18
C ASN I 16 -8.33 25.19 62.40
N SER I 17 -8.75 24.52 61.34
CA SER I 17 -9.86 24.97 60.53
C SER I 17 -11.17 24.83 61.29
N LEU I 18 -12.22 25.45 60.76
CA LEU I 18 -13.54 25.36 61.35
C LEU I 18 -14.08 23.95 61.16
N ALA I 19 -14.14 23.18 62.24
CA ALA I 19 -14.68 21.83 62.21
C ALA I 19 -16.17 21.91 62.52
N LEU I 20 -16.99 21.56 61.55
CA LEU I 20 -18.44 21.71 61.66
C LEU I 20 -19.09 20.39 61.33
N SER I 21 -19.90 19.88 62.25
CA SER I 21 -20.66 18.66 62.01
C SER I 21 -22.05 18.84 62.62
N VAL I 22 -23.01 18.10 62.08
CA VAL I 22 -24.41 18.26 62.42
C VAL I 22 -24.85 17.05 63.22
N SER I 23 -25.36 17.30 64.42
CA SER I 23 -25.78 16.25 65.34
C SER I 23 -27.29 16.11 65.30
N ASN I 24 -27.78 14.87 65.21
CA ASN I 24 -29.21 14.59 65.21
C ASN I 24 -29.56 13.89 66.50
N SER I 25 -30.39 14.53 67.32
CA SER I 25 -30.76 13.97 68.61
C SER I 25 -32.08 14.56 69.07
N ALA I 26 -32.80 13.76 69.86
CA ALA I 26 -34.04 14.16 70.54
C ALA I 26 -35.12 14.62 69.56
N THR I 27 -35.55 13.68 68.72
CA THR I 27 -36.53 14.01 67.69
C THR I 27 -37.91 14.25 68.28
N ALA I 28 -38.36 13.38 69.19
CA ALA I 28 -39.69 13.50 69.79
C ALA I 28 -39.59 13.35 71.30
N VAL I 29 -39.40 14.48 71.97
CA VAL I 29 -39.40 14.58 73.42
C VAL I 29 -40.59 15.45 73.82
N PRO I 30 -41.62 14.90 74.44
CA PRO I 30 -42.84 15.66 74.68
C PRO I 30 -42.85 16.36 76.03
N VAL I 31 -43.80 17.27 76.17
CA VAL I 31 -44.14 17.87 77.45
C VAL I 31 -45.62 17.60 77.68
N PHE I 32 -46.01 17.48 78.95
CA PHE I 32 -47.39 17.18 79.28
C PHE I 32 -47.95 18.34 80.10
N ALA I 33 -48.91 19.05 79.53
CA ALA I 33 -49.64 20.07 80.28
C ALA I 33 -50.50 19.34 81.30
N VAL I 34 -50.05 19.35 82.56
CA VAL I 34 -50.78 18.61 83.58
C VAL I 34 -52.07 19.33 83.93
N ASP I 35 -52.96 18.60 84.60
CA ASP I 35 -54.18 19.19 85.11
C ASP I 35 -53.85 20.20 86.18
N GLU I 36 -54.62 21.30 86.20
CA GLU I 36 -54.36 22.37 87.16
C GLU I 36 -54.66 21.93 88.60
N GLN I 37 -55.57 20.97 88.76
CA GLN I 37 -55.95 20.50 90.09
C GLN I 37 -54.92 19.56 90.71
N ASN I 38 -54.03 18.98 89.91
CA ASN I 38 -53.06 18.01 90.40
C ASN I 38 -52.06 18.70 91.31
N GLN I 39 -52.13 18.40 92.61
CA GLN I 39 -51.37 19.10 93.62
C GLN I 39 -49.91 18.66 93.69
N TYR I 40 -49.54 17.60 92.98
CA TYR I 40 -48.20 17.04 93.14
C TYR I 40 -47.17 17.72 92.24
N ILE I 41 -47.60 18.26 91.11
CA ILE I 41 -46.71 19.05 90.29
C ILE I 41 -46.46 20.38 90.97
N SER I 42 -45.19 20.74 91.14
CA SER I 42 -44.85 22.01 91.75
C SER I 42 -45.18 23.16 90.82
N GLU I 43 -45.46 24.32 91.41
CA GLU I 43 -45.89 25.48 90.64
C GLU I 43 -44.71 26.08 89.88
N ASP I 44 -44.85 26.18 88.55
CA ASP I 44 -43.90 26.82 87.64
C ASP I 44 -42.52 26.17 87.69
N ASN I 45 -42.49 24.85 87.53
CA ASN I 45 -41.22 24.14 87.45
C ASN I 45 -41.42 22.90 86.59
N ALA I 46 -40.61 22.76 85.55
CA ALA I 46 -40.69 21.62 84.64
C ALA I 46 -40.06 20.41 85.31
N ILE I 47 -40.87 19.71 86.10
CA ILE I 47 -40.39 18.49 86.75
C ILE I 47 -40.29 17.39 85.71
N ARG I 48 -39.12 16.79 85.61
CA ARG I 48 -38.77 15.91 84.50
C ARG I 48 -38.73 14.47 84.98
N ILE I 49 -39.37 13.57 84.23
CA ILE I 49 -39.43 12.16 84.58
C ILE I 49 -38.85 11.36 83.43
N ASN I 50 -38.21 10.24 83.77
CA ASN I 50 -37.55 9.39 82.78
C ASN I 50 -38.33 8.13 82.47
N SER I 51 -38.74 7.39 83.49
CA SER I 51 -39.48 6.15 83.31
C SER I 51 -40.60 6.11 84.33
N TRP I 52 -41.42 5.06 84.25
CA TRP I 52 -42.58 5.00 85.13
C TRP I 52 -42.20 4.65 86.56
N MET I 53 -41.13 3.88 86.76
CA MET I 53 -40.60 3.71 88.10
C MET I 53 -39.96 4.99 88.60
N ASP I 54 -39.44 5.83 87.70
CA ASP I 54 -38.93 7.13 88.08
C ASP I 54 -40.08 8.09 88.38
N TYR I 55 -41.18 7.95 87.64
CA TYR I 55 -42.34 8.79 87.90
C TYR I 55 -43.06 8.36 89.17
N LEU I 56 -42.95 7.08 89.54
CA LEU I 56 -43.67 6.57 90.70
C LEU I 56 -43.10 7.05 92.03
N ASN I 57 -41.91 7.67 92.03
CA ASN I 57 -41.41 8.28 93.25
C ASN I 57 -42.09 9.59 93.56
N LEU I 58 -42.66 10.25 92.54
CA LEU I 58 -43.51 11.41 92.79
C LEU I 58 -44.76 11.00 93.55
N ILE I 59 -45.47 9.99 93.03
CA ILE I 59 -46.69 9.47 93.65
C ILE I 59 -46.63 7.95 93.59
N GLY I 60 -46.70 7.29 94.75
CA GLY I 60 -46.54 5.84 94.81
C GLY I 60 -47.76 5.04 94.46
N ASN I 61 -48.94 5.65 94.53
CA ASN I 61 -50.20 4.93 94.33
C ASN I 61 -51.01 5.67 93.27
N PHE I 62 -52.32 5.36 93.21
CA PHE I 62 -53.33 6.17 92.51
C PHE I 62 -53.10 6.19 91.00
N ASN I 63 -52.84 5.01 90.44
CA ASN I 63 -52.78 4.84 88.99
C ASN I 63 -54.17 4.86 88.36
N ASN I 64 -55.23 4.80 89.16
CA ASN I 64 -56.55 4.41 88.70
C ASN I 64 -57.38 5.55 88.11
N GLU I 65 -57.41 6.72 88.74
CA GLU I 65 -58.51 7.65 88.50
C GLU I 65 -58.14 8.92 87.75
N ASP I 66 -57.14 9.68 88.20
CA ASP I 66 -56.93 11.03 87.68
C ASP I 66 -56.35 11.00 86.27
N LYS I 67 -56.84 11.91 85.42
CA LYS I 67 -56.65 11.79 83.98
C LYS I 67 -55.22 12.07 83.54
N LEU I 68 -54.46 12.85 84.31
CA LEU I 68 -53.03 12.97 84.02
C LEU I 68 -52.29 11.69 84.37
N ASP I 69 -52.66 11.09 85.50
CA ASP I 69 -51.95 9.91 86.02
C ASP I 69 -52.14 8.71 85.11
N VAL I 70 -53.32 8.58 84.51
CA VAL I 70 -53.55 7.50 83.55
C VAL I 70 -52.80 7.77 82.26
N SER I 71 -52.69 9.03 81.86
CA SER I 71 -52.14 9.38 80.56
C SER I 71 -50.64 9.11 80.48
N VAL I 72 -49.90 9.45 81.53
CA VAL I 72 -48.46 9.22 81.51
C VAL I 72 -48.14 7.75 81.70
N ARG I 73 -49.05 6.99 82.32
CA ARG I 73 -48.89 5.54 82.34
C ARG I 73 -49.12 4.94 80.97
N ALA I 74 -50.12 5.44 80.24
CA ALA I 74 -50.35 4.99 78.88
C ALA I 74 -49.28 5.50 77.92
N TYR I 75 -48.60 6.59 78.28
CA TYR I 75 -47.55 7.11 77.40
C TYR I 75 -46.31 6.23 77.44
N PHE I 76 -45.89 5.80 78.64
CA PHE I 76 -44.70 4.97 78.76
C PHE I 76 -44.93 3.55 78.24
N ALA I 77 -46.19 3.10 78.21
CA ALA I 77 -46.47 1.76 77.71
C ALA I 77 -46.30 1.68 76.20
N ASN I 78 -46.74 2.71 75.49
CA ASN I 78 -46.64 2.70 74.02
C ASN I 78 -45.19 2.89 73.57
N GLY I 79 -44.62 4.05 73.89
CA GLY I 79 -43.27 4.36 73.45
C GLY I 79 -42.44 4.89 74.59
N GLY I 80 -41.12 4.75 74.44
CA GLY I 80 -40.19 5.16 75.46
C GLY I 80 -39.68 6.57 75.20
N GLY I 81 -39.67 7.38 76.25
CA GLY I 81 -39.10 8.70 76.17
C GLY I 81 -39.06 9.31 77.55
N TYR I 82 -38.52 10.52 77.62
CA TYR I 82 -38.56 11.32 78.83
C TYR I 82 -39.38 12.57 78.58
N CYS I 83 -40.23 12.93 79.53
CA CYS I 83 -41.16 14.02 79.32
C CYS I 83 -41.15 14.95 80.53
N TYR I 84 -41.35 16.23 80.27
CA TYR I 84 -41.48 17.22 81.33
C TYR I 84 -42.96 17.37 81.69
N LEU I 85 -43.22 17.72 82.93
CA LEU I 85 -44.58 17.92 83.41
C LEU I 85 -44.72 19.34 83.93
N VAL I 86 -45.56 20.13 83.28
CA VAL I 86 -45.77 21.52 83.66
C VAL I 86 -47.26 21.76 83.85
N LYS I 87 -47.59 22.73 84.70
CA LYS I 87 -48.98 23.12 84.83
C LYS I 87 -49.38 24.03 83.68
N THR I 88 -50.65 23.93 83.27
CA THR I 88 -51.13 24.68 82.13
C THR I 88 -51.28 26.17 82.41
N THR I 89 -51.27 26.57 83.68
CA THR I 89 -51.31 28.00 84.01
C THR I 89 -50.02 28.69 83.58
N SER I 90 -48.88 28.10 83.90
CA SER I 90 -47.57 28.63 83.53
C SER I 90 -46.97 27.89 82.35
N LEU I 91 -47.80 27.50 81.38
CA LEU I 91 -47.30 26.72 80.25
C LEU I 91 -46.51 27.59 79.29
N GLU I 92 -46.92 28.84 79.10
CA GLU I 92 -46.22 29.71 78.15
C GLU I 92 -44.94 30.30 78.72
N LYS I 93 -44.71 30.17 80.04
CA LYS I 93 -43.54 30.75 80.66
C LYS I 93 -42.37 29.77 80.73
N ILE I 94 -42.65 28.47 80.77
CA ILE I 94 -41.61 27.46 80.98
C ILE I 94 -41.06 26.93 79.66
N ILE I 95 -41.94 26.75 78.67
CA ILE I 95 -41.55 26.10 77.41
C ILE I 95 -40.49 26.86 76.61
N PRO I 96 -40.49 28.20 76.50
CA PRO I 96 -39.37 28.84 75.77
C PRO I 96 -38.00 28.67 76.42
N THR I 97 -37.92 28.54 77.74
CA THR I 97 -36.64 28.31 78.41
C THR I 97 -36.44 26.82 78.73
N LEU I 98 -36.48 26.00 77.69
CA LEU I 98 -36.26 24.57 77.84
C LEU I 98 -35.42 24.05 76.68
N ASP I 99 -34.71 22.95 76.93
CA ASP I 99 -33.68 22.50 76.01
C ASP I 99 -34.28 21.88 74.75
N ASP I 100 -35.01 20.79 74.88
CA ASP I 100 -35.61 20.08 73.76
C ASP I 100 -37.04 19.70 74.15
N VAL I 101 -37.98 20.58 73.83
CA VAL I 101 -39.40 20.29 73.95
C VAL I 101 -39.97 20.50 72.56
N THR I 102 -40.38 19.40 71.93
CA THR I 102 -40.80 19.46 70.54
C THR I 102 -42.18 18.89 70.29
N LEU I 103 -42.85 18.34 71.30
CA LEU I 103 -44.26 17.95 71.21
C LEU I 103 -44.97 18.52 72.42
N LEU I 104 -45.61 19.66 72.26
CA LEU I 104 -46.44 20.20 73.34
C LEU I 104 -47.73 19.39 73.35
N VAL I 105 -47.80 18.41 74.23
CA VAL I 105 -48.87 17.42 74.22
C VAL I 105 -49.88 17.76 75.29
N ALA I 106 -51.13 17.95 74.89
CA ALA I 106 -52.22 18.24 75.80
C ALA I 106 -52.81 16.94 76.32
N ALA I 107 -52.65 16.66 77.60
CA ALA I 107 -53.25 15.47 78.20
C ALA I 107 -54.68 15.76 78.67
N GLY I 108 -55.51 16.17 77.71
CA GLY I 108 -56.89 16.51 77.96
C GLY I 108 -57.06 17.74 78.84
N GLU I 109 -56.62 18.91 78.36
CA GLU I 109 -56.62 20.09 79.20
C GLU I 109 -57.09 21.37 78.50
N ASP I 110 -57.41 21.32 77.20
CA ASP I 110 -57.97 22.42 76.40
C ASP I 110 -57.02 23.64 76.42
N ILE I 111 -55.87 23.45 75.78
CA ILE I 111 -54.82 24.47 75.80
C ILE I 111 -54.56 25.05 74.42
N LYS I 112 -55.61 25.13 73.59
CA LYS I 112 -55.47 25.58 72.21
C LYS I 112 -54.97 27.01 72.12
N THR I 113 -55.39 27.88 73.04
CA THR I 113 -54.94 29.27 73.02
C THR I 113 -53.46 29.38 73.39
N THR I 114 -52.99 28.53 74.31
CA THR I 114 -51.59 28.57 74.72
C THR I 114 -50.67 28.05 73.60
N VAL I 115 -51.16 27.10 72.81
CA VAL I 115 -50.37 26.56 71.70
C VAL I 115 -50.16 27.62 70.63
N ASP I 116 -51.22 28.39 70.31
CA ASP I 116 -51.13 29.40 69.26
C ASP I 116 -50.19 30.54 69.66
N VAL I 117 -50.17 30.90 70.95
CA VAL I 117 -49.24 31.92 71.43
C VAL I 117 -47.81 31.38 71.38
N LEU I 118 -47.63 30.08 71.61
CA LEU I 118 -46.30 29.52 71.80
C LEU I 118 -45.54 29.40 70.49
N CYS I 119 -46.06 28.63 69.53
CA CYS I 119 -45.27 28.22 68.37
C CYS I 119 -45.48 29.22 67.23
N GLN I 120 -44.46 30.05 66.99
CA GLN I 120 -44.32 30.80 65.76
C GLN I 120 -43.80 29.87 64.67
N PRO I 121 -43.75 30.32 63.40
CA PRO I 121 -43.08 29.51 62.37
C PRO I 121 -41.59 29.29 62.58
N GLY I 122 -40.92 30.10 63.41
CA GLY I 122 -39.49 29.93 63.58
C GLY I 122 -39.09 28.94 64.65
N LYS I 123 -39.91 28.77 65.69
CA LYS I 123 -39.50 27.98 66.85
C LYS I 123 -39.53 26.49 66.55
N GLY I 124 -40.64 25.99 66.03
CA GLY I 124 -40.83 24.57 65.86
C GLY I 124 -41.87 24.03 66.83
N LEU I 125 -41.59 22.87 67.41
CA LEU I 125 -42.41 22.20 68.44
C LEU I 125 -43.85 21.98 67.96
N PHE I 126 -43.96 21.08 66.98
CA PHE I 126 -45.24 20.56 66.53
C PHE I 126 -46.02 19.97 67.71
N ALA I 127 -47.25 20.47 67.92
CA ALA I 127 -47.99 20.23 69.15
C ALA I 127 -49.28 19.49 68.86
N VAL I 128 -49.38 18.24 69.31
CA VAL I 128 -50.56 17.44 69.03
C VAL I 128 -51.70 17.82 69.98
N PHE I 129 -52.92 17.49 69.56
CA PHE I 129 -54.14 17.79 70.30
C PHE I 129 -54.89 16.50 70.56
N ASP I 130 -56.01 16.62 71.27
CA ASP I 130 -56.91 15.52 71.53
C ASP I 130 -58.27 15.83 70.93
N GLY I 131 -58.94 14.81 70.43
CA GLY I 131 -60.24 15.00 69.83
C GLY I 131 -61.32 15.19 70.85
N PRO I 132 -62.52 15.52 70.37
CA PRO I 132 -63.66 15.68 71.28
C PRO I 132 -64.11 14.34 71.82
N GLU I 133 -64.33 14.29 73.14
CA GLU I 133 -64.64 13.01 73.77
C GLU I 133 -66.06 12.55 73.50
N THR I 134 -66.92 13.43 72.98
CA THR I 134 -68.30 13.06 72.72
C THR I 134 -68.41 12.37 71.36
N GLU I 135 -69.64 12.03 71.01
CA GLU I 135 -69.93 11.37 69.75
C GLU I 135 -69.81 12.35 68.59
N LEU I 136 -69.23 11.90 67.48
CA LEU I 136 -69.20 12.67 66.25
C LEU I 136 -70.02 11.94 65.19
N THR I 137 -71.17 12.49 64.85
CA THR I 137 -71.95 11.97 63.75
C THR I 137 -71.38 12.49 62.44
N ILE I 138 -71.92 11.97 61.33
CA ILE I 138 -71.36 12.30 60.02
C ILE I 138 -71.89 13.64 59.51
N ASN I 139 -73.17 13.92 59.76
CA ASN I 139 -73.77 15.17 59.29
C ASN I 139 -73.55 16.33 60.25
N GLY I 140 -72.91 16.09 61.40
CA GLY I 140 -72.51 17.17 62.28
C GLY I 140 -71.04 17.48 62.12
N ALA I 141 -70.53 17.31 60.91
CA ALA I 141 -69.10 17.48 60.64
C ALA I 141 -68.71 18.95 60.55
N GLU I 142 -69.62 19.82 60.13
CA GLU I 142 -69.29 21.22 59.95
C GLU I 142 -69.14 21.97 61.26
N GLU I 143 -69.74 21.47 62.34
CA GLU I 143 -69.63 22.11 63.64
C GLU I 143 -68.50 21.53 64.49
N ALA I 144 -68.21 20.24 64.35
CA ALA I 144 -67.18 19.62 65.16
C ALA I 144 -65.79 20.07 64.74
N LYS I 145 -65.61 20.48 63.49
CA LYS I 145 -64.35 21.06 63.05
C LYS I 145 -64.19 22.51 63.46
N GLN I 146 -65.26 23.16 63.91
CA GLN I 146 -65.24 24.60 64.10
C GLN I 146 -64.44 25.00 65.33
N ALA I 147 -64.33 24.10 66.32
CA ALA I 147 -63.64 24.45 67.57
C ALA I 147 -62.14 24.58 67.35
N TYR I 148 -61.55 23.73 66.52
CA TYR I 148 -60.14 23.83 66.23
C TYR I 148 -59.89 24.87 65.15
N THR I 149 -58.82 25.64 65.33
CA THR I 149 -58.44 26.66 64.36
C THR I 149 -57.28 26.14 63.53
N ALA I 150 -57.37 26.32 62.22
CA ALA I 150 -56.43 25.70 61.28
C ALA I 150 -55.04 26.30 61.41
N THR I 151 -54.10 25.49 61.88
CA THR I 151 -52.71 25.85 61.99
C THR I 151 -51.90 24.63 61.59
N PRO I 152 -50.79 24.78 60.88
CA PRO I 152 -50.02 23.63 60.43
C PRO I 152 -49.11 23.01 61.49
N PHE I 153 -49.25 23.38 62.76
CA PHE I 153 -48.46 22.82 63.86
C PHE I 153 -49.32 22.01 64.81
N ALA I 154 -50.31 21.28 64.29
CA ALA I 154 -51.20 20.56 65.18
C ALA I 154 -51.67 19.27 64.53
N ALA I 155 -52.30 18.42 65.34
CA ALA I 155 -52.90 17.18 64.88
C ALA I 155 -53.95 16.78 65.89
N VAL I 156 -55.11 16.35 65.40
CA VAL I 156 -56.22 15.96 66.24
C VAL I 156 -56.50 14.48 66.02
N TYR I 157 -56.81 13.76 67.10
CA TYR I 157 -57.08 12.33 67.04
C TYR I 157 -58.40 12.06 67.72
N TYR I 158 -59.37 11.51 66.96
CA TYR I 158 -60.77 11.58 67.42
C TYR I 158 -61.10 10.68 68.60
N PRO I 159 -61.03 9.35 68.52
CA PRO I 159 -61.70 8.58 69.58
C PRO I 159 -60.87 8.52 70.86
N TRP I 160 -61.44 9.02 71.94
CA TRP I 160 -60.84 8.85 73.25
C TRP I 160 -60.76 7.37 73.57
N LEU I 161 -59.66 6.95 74.16
CA LEU I 161 -59.40 5.53 74.31
C LEU I 161 -59.81 5.05 75.69
N LYS I 162 -60.19 3.78 75.75
CA LYS I 162 -60.66 3.14 76.97
C LYS I 162 -59.85 1.89 77.19
N ALA I 163 -59.27 1.75 78.37
CA ALA I 163 -58.41 0.62 78.68
C ALA I 163 -59.01 -0.21 79.80
N ASP I 164 -58.40 -1.38 80.02
CA ASP I 164 -58.85 -2.28 81.09
C ASP I 164 -58.48 -1.71 82.46
N TRP I 165 -57.19 -1.52 82.70
CA TRP I 165 -56.73 -0.81 83.87
C TRP I 165 -57.13 0.66 83.77
N ALA I 166 -57.39 1.27 84.94
CA ALA I 166 -57.65 2.70 85.10
C ALA I 166 -58.87 3.14 84.27
N ASN I 167 -60.04 2.70 84.75
CA ASN I 167 -61.31 2.72 84.03
C ASN I 167 -61.77 4.10 83.55
N ILE I 168 -61.13 5.19 83.94
CA ILE I 168 -61.43 6.48 83.32
C ILE I 168 -60.92 6.49 81.87
N ASP I 169 -61.48 7.40 81.08
CA ASP I 169 -61.15 7.46 79.67
C ASP I 169 -59.78 8.10 79.45
N ILE I 170 -58.91 7.38 78.76
CA ILE I 170 -57.59 7.91 78.43
C ILE I 170 -57.73 8.89 77.28
N PRO I 171 -57.10 10.06 77.34
CA PRO I 171 -57.10 10.95 76.18
C PRO I 171 -56.22 10.40 75.09
N PRO I 172 -56.58 10.63 73.82
CA PRO I 172 -55.79 10.05 72.72
C PRO I 172 -54.51 10.79 72.44
N SER I 173 -54.35 12.00 72.96
CA SER I 173 -53.18 12.80 72.64
C SER I 173 -51.95 12.31 73.36
N ALA I 174 -52.09 11.86 74.61
CA ALA I 174 -50.95 11.32 75.33
C ALA I 174 -50.58 9.93 74.83
N VAL I 175 -51.57 9.19 74.34
CA VAL I 175 -51.31 7.87 73.75
C VAL I 175 -50.53 8.02 72.45
N MET I 176 -50.98 8.92 71.58
CA MET I 176 -50.32 9.16 70.31
C MET I 176 -48.98 9.86 70.47
N ALA I 177 -48.74 10.50 71.61
CA ALA I 177 -47.43 11.09 71.87
C ALA I 177 -46.35 10.04 72.02
N GLY I 178 -46.70 8.86 72.55
CA GLY I 178 -45.72 7.80 72.66
C GLY I 178 -45.44 7.09 71.37
N VAL I 179 -46.42 7.06 70.46
CA VAL I 179 -46.23 6.42 69.16
C VAL I 179 -45.31 7.26 68.30
N TYR I 180 -45.31 8.58 68.49
CA TYR I 180 -44.39 9.45 67.77
C TYR I 180 -42.95 9.14 68.12
N ALA I 181 -42.64 9.09 69.42
CA ALA I 181 -41.28 8.78 69.85
C ALA I 181 -40.90 7.33 69.57
N SER I 182 -41.87 6.44 69.39
CA SER I 182 -41.57 5.06 69.04
C SER I 182 -41.31 4.91 67.55
N VAL I 183 -42.02 5.67 66.72
CA VAL I 183 -41.80 5.61 65.28
C VAL I 183 -40.54 6.36 64.89
N ASP I 184 -40.32 7.54 65.47
CA ASP I 184 -39.14 8.34 65.16
C ASP I 184 -37.85 7.67 65.60
N LEU I 185 -37.92 6.81 66.62
CA LEU I 185 -36.74 6.05 67.02
C LEU I 185 -36.54 4.84 66.12
N SER I 186 -37.62 4.13 65.78
CA SER I 186 -37.48 2.86 65.09
C SER I 186 -37.22 3.04 63.59
N ARG I 187 -38.02 3.85 62.92
CA ARG I 187 -37.92 4.01 61.47
C ARG I 187 -37.61 5.44 61.03
N GLY I 188 -37.22 6.30 61.95
CA GLY I 188 -36.86 7.65 61.60
C GLY I 188 -38.05 8.61 61.67
N VAL I 189 -37.75 9.89 61.48
CA VAL I 189 -38.77 10.91 61.64
C VAL I 189 -39.64 11.03 60.40
N TRP I 190 -39.09 10.77 59.21
CA TRP I 190 -39.82 11.00 57.96
C TRP I 190 -40.91 9.98 57.71
N LYS I 191 -40.88 8.82 58.37
CA LYS I 191 -41.96 7.87 58.21
C LYS I 191 -43.18 8.34 58.98
N ALA I 192 -44.34 8.17 58.36
CA ALA I 192 -45.57 8.72 58.92
C ALA I 192 -45.97 7.94 60.18
N PRO I 193 -46.36 8.64 61.25
CA PRO I 193 -46.68 7.95 62.51
C PRO I 193 -47.99 7.18 62.50
N ALA I 194 -48.70 7.07 61.39
CA ALA I 194 -49.87 6.24 61.32
C ALA I 194 -49.48 4.81 60.97
N ASN I 195 -50.50 3.93 60.97
CA ASN I 195 -50.38 2.51 60.64
C ASN I 195 -49.37 1.79 61.56
N VAL I 196 -49.55 2.01 62.86
CA VAL I 196 -48.76 1.35 63.89
C VAL I 196 -49.70 0.95 65.01
N ALA I 197 -49.68 -0.34 65.36
CA ALA I 197 -50.55 -0.84 66.42
C ALA I 197 -50.14 -0.29 67.78
N LEU I 198 -51.12 -0.03 68.63
CA LEU I 198 -50.86 0.51 69.95
C LEU I 198 -50.47 -0.62 70.89
N LYS I 199 -49.25 -0.54 71.44
CA LYS I 199 -48.69 -1.64 72.21
C LYS I 199 -49.36 -1.80 73.56
N GLY I 200 -49.94 -0.72 74.09
CA GLY I 200 -50.75 -0.86 75.29
C GLY I 200 -52.06 -1.57 74.97
N GLY I 201 -52.65 -2.14 76.01
CA GLY I 201 -53.84 -2.96 75.81
C GLY I 201 -55.15 -2.19 75.76
N LEU I 202 -55.15 -1.05 75.08
CA LEU I 202 -56.28 -0.12 75.13
C LEU I 202 -56.97 -0.06 73.77
N GLU I 203 -58.31 -0.12 73.79
CA GLU I 203 -59.25 -0.12 72.68
C GLU I 203 -59.92 1.23 72.54
N PRO I 204 -60.36 1.60 71.33
CA PRO I 204 -61.11 2.85 71.19
C PRO I 204 -62.50 2.72 71.78
N LYS I 205 -62.91 3.78 72.48
CA LYS I 205 -64.23 3.81 73.10
C LYS I 205 -65.33 3.96 72.06
N PHE I 206 -65.03 4.64 70.95
CA PHE I 206 -66.01 4.85 69.89
C PHE I 206 -65.53 4.15 68.62
N LEU I 207 -66.39 3.31 68.05
CA LEU I 207 -66.05 2.62 66.83
C LEU I 207 -66.13 3.57 65.64
N VAL I 208 -65.29 3.31 64.64
CA VAL I 208 -65.11 4.22 63.53
C VAL I 208 -65.67 3.58 62.26
N THR I 209 -66.71 4.20 61.70
CA THR I 209 -67.18 3.83 60.38
C THR I 209 -66.25 4.40 59.33
N ASP I 210 -66.11 3.68 58.23
CA ASP I 210 -65.20 4.13 57.18
C ASP I 210 -65.78 5.33 56.42
N GLU I 211 -67.10 5.39 56.28
CA GLU I 211 -67.72 6.57 55.68
C GLU I 211 -67.67 7.76 56.62
N LEU I 212 -67.57 7.51 57.93
CA LEU I 212 -67.43 8.60 58.89
C LEU I 212 -66.06 9.26 58.77
N GLN I 213 -65.04 8.48 58.40
CA GLN I 213 -63.71 9.06 58.18
C GLN I 213 -63.62 9.78 56.84
N GLY I 214 -64.61 9.62 55.96
CA GLY I 214 -64.51 10.24 54.65
C GLY I 214 -64.67 11.75 54.69
N GLU I 215 -65.68 12.22 55.43
CA GLU I 215 -65.93 13.65 55.51
C GLU I 215 -65.24 14.32 56.68
N TYR I 216 -64.49 13.58 57.48
CA TYR I 216 -63.67 14.18 58.53
C TYR I 216 -62.21 14.32 58.13
N ASN I 217 -61.72 13.47 57.24
CA ASN I 217 -60.32 13.54 56.82
C ASN I 217 -60.17 14.42 55.57
N THR I 218 -60.70 15.63 55.68
CA THR I 218 -60.52 16.66 54.67
C THR I 218 -60.68 18.01 55.35
N GLY I 219 -60.21 19.05 54.67
CA GLY I 219 -60.15 20.36 55.31
C GLY I 219 -59.13 20.33 56.44
N ARG I 220 -59.43 21.02 57.53
CA ARG I 220 -58.65 20.83 58.75
C ARG I 220 -59.02 19.47 59.31
N ALA I 221 -58.23 18.47 58.96
CA ALA I 221 -58.60 17.08 59.17
C ALA I 221 -58.46 16.67 60.62
N ILE I 222 -59.28 15.71 61.02
CA ILE I 222 -59.18 15.03 62.30
C ILE I 222 -58.76 13.60 61.99
N ASN I 223 -57.55 13.23 62.39
CA ASN I 223 -57.11 11.84 62.27
C ASN I 223 -57.93 10.96 63.20
N MET I 224 -58.13 9.72 62.80
CA MET I 224 -59.03 8.83 63.51
C MET I 224 -58.33 7.52 63.83
N ILE I 225 -58.37 7.13 65.10
CA ILE I 225 -57.84 5.84 65.52
C ILE I 225 -58.88 4.77 65.24
N ARG I 226 -58.54 3.82 64.38
CA ARG I 226 -59.50 2.81 63.93
C ARG I 226 -58.95 1.44 64.23
N ASN I 227 -59.79 0.56 64.76
CA ASN I 227 -59.40 -0.81 65.05
C ASN I 227 -59.98 -1.75 64.02
N PHE I 228 -59.12 -2.54 63.40
CA PHE I 228 -59.55 -3.61 62.51
C PHE I 228 -58.75 -4.86 62.82
N SER I 229 -59.16 -5.97 62.20
CA SER I 229 -58.84 -7.30 62.71
C SER I 229 -57.40 -7.73 62.48
N ASN I 230 -56.71 -7.17 61.48
CA ASN I 230 -55.39 -7.68 61.13
C ASN I 230 -54.35 -7.26 62.16
N THR I 231 -54.33 -6.00 62.53
CA THR I 231 -53.27 -5.46 63.38
C THR I 231 -53.78 -4.93 64.71
N GLY I 232 -55.07 -5.02 64.98
CA GLY I 232 -55.61 -4.47 66.21
C GLY I 232 -55.91 -2.98 66.06
N THR I 233 -55.92 -2.31 67.20
CA THR I 233 -56.22 -0.89 67.23
C THR I 233 -55.03 -0.09 66.72
N THR I 234 -55.17 0.50 65.54
CA THR I 234 -54.09 1.23 64.92
C THR I 234 -54.47 2.68 64.71
N VAL I 235 -53.48 3.54 64.68
CA VAL I 235 -53.70 4.91 64.28
C VAL I 235 -53.76 4.97 62.76
N TRP I 236 -54.65 5.81 62.23
CA TRP I 236 -54.98 5.75 60.82
C TRP I 236 -54.99 7.14 60.18
N GLY I 237 -54.23 8.08 60.71
CA GLY I 237 -54.18 9.40 60.11
C GLY I 237 -52.84 10.06 60.28
N ALA I 238 -52.30 10.58 59.18
CA ALA I 238 -51.05 11.31 59.21
C ALA I 238 -51.24 12.77 58.83
N ARG I 239 -52.47 13.21 58.63
CA ARG I 239 -52.71 14.59 58.25
C ARG I 239 -52.68 15.51 59.46
N THR I 240 -52.22 16.73 59.24
CA THR I 240 -52.23 17.76 60.26
C THR I 240 -53.53 18.56 60.15
N LEU I 241 -53.60 19.69 60.84
CA LEU I 241 -54.78 20.53 60.82
C LEU I 241 -54.80 21.53 59.68
N GLU I 242 -53.97 21.36 58.66
CA GLU I 242 -53.87 22.30 57.56
C GLU I 242 -54.10 21.59 56.24
N ASP I 243 -54.96 22.15 55.40
CA ASP I 243 -55.24 21.60 54.08
C ASP I 243 -54.68 22.56 53.04
N LYS I 244 -53.41 22.38 52.71
CA LYS I 244 -52.84 22.93 51.48
C LYS I 244 -51.77 21.96 51.01
N ASP I 245 -51.17 22.28 49.86
CA ASP I 245 -50.28 21.33 49.21
C ASP I 245 -48.95 21.20 49.92
N ASN I 246 -48.50 22.25 50.60
CA ASN I 246 -47.16 22.25 51.17
C ASN I 246 -47.08 21.42 52.45
N TRP I 247 -47.92 21.74 53.42
CA TRP I 247 -47.72 21.26 54.79
C TRP I 247 -48.86 20.36 55.21
N ARG I 248 -49.20 19.38 54.38
CA ARG I 248 -50.39 18.57 54.61
C ARG I 248 -50.19 17.47 55.64
N TYR I 249 -48.96 17.06 55.90
CA TYR I 249 -48.71 15.82 56.63
C TYR I 249 -47.84 16.05 57.86
N VAL I 250 -48.14 15.33 58.93
CA VAL I 250 -47.27 15.35 60.11
C VAL I 250 -45.90 14.68 59.90
N PRO I 251 -45.64 13.78 58.93
CA PRO I 251 -44.23 13.52 58.64
C PRO I 251 -43.56 14.61 57.84
N VAL I 252 -44.26 15.27 56.93
CA VAL I 252 -43.63 16.35 56.15
C VAL I 252 -43.52 17.62 56.98
N ARG I 253 -44.23 17.72 58.10
CA ARG I 253 -44.06 18.86 58.98
C ARG I 253 -42.96 18.60 60.00
N ARG I 254 -42.94 17.42 60.58
CA ARG I 254 -41.95 17.13 61.62
C ARG I 254 -40.58 16.77 61.06
N LEU I 255 -40.45 16.57 59.74
CA LEU I 255 -39.11 16.51 59.18
C LEU I 255 -38.51 17.89 59.09
N PHE I 256 -39.32 18.88 58.72
CA PHE I 256 -38.85 20.26 58.70
C PHE I 256 -38.76 20.89 60.08
N ASN I 257 -39.05 20.15 61.15
CA ASN I 257 -38.70 20.62 62.48
C ASN I 257 -37.34 20.09 62.89
N SER I 258 -37.12 18.79 62.67
CA SER I 258 -35.88 18.17 63.12
C SER I 258 -34.70 18.46 62.21
N VAL I 259 -34.91 18.96 61.01
CA VAL I 259 -33.79 19.44 60.20
C VAL I 259 -33.46 20.89 60.57
N GLU I 260 -34.47 21.69 60.86
CA GLU I 260 -34.32 23.08 61.23
C GLU I 260 -34.00 23.28 62.70
N ARG I 261 -33.74 22.19 63.42
CA ARG I 261 -33.22 22.25 64.77
C ARG I 261 -31.88 21.57 64.90
N ASP I 262 -31.59 20.58 64.06
CA ASP I 262 -30.25 19.99 64.07
C ASP I 262 -29.24 20.90 63.41
N ILE I 263 -29.66 21.70 62.43
CA ILE I 263 -28.73 22.64 61.81
C ILE I 263 -28.56 23.86 62.70
N LYS I 264 -29.61 24.30 63.40
CA LYS I 264 -29.52 25.48 64.25
C LYS I 264 -28.60 25.26 65.44
N ARG I 265 -28.47 24.02 65.91
CA ARG I 265 -27.46 23.74 66.93
C ARG I 265 -26.05 23.71 66.35
N ALA I 266 -25.92 23.33 65.08
CA ALA I 266 -24.60 23.36 64.44
C ALA I 266 -24.19 24.77 64.07
N MET I 267 -25.14 25.66 63.84
CA MET I 267 -24.80 27.05 63.51
C MET I 267 -24.31 27.84 64.72
N SER I 268 -24.51 27.33 65.94
CA SER I 268 -23.95 28.00 67.09
C SER I 268 -22.43 27.87 67.15
N PHE I 269 -21.86 26.84 66.53
CA PHE I 269 -20.41 26.69 66.52
C PHE I 269 -19.76 27.64 65.52
N ALA I 270 -20.44 27.92 64.42
CA ALA I 270 -19.96 28.83 63.39
C ALA I 270 -20.63 30.18 63.50
N MET I 271 -20.85 30.64 64.73
CA MET I 271 -21.69 31.81 64.95
C MET I 271 -20.96 33.09 64.56
N PHE I 272 -19.90 33.44 65.28
CA PHE I 272 -19.19 34.68 65.04
C PHE I 272 -17.97 34.51 64.16
N GLU I 273 -17.95 33.45 63.35
CA GLU I 273 -16.85 33.26 62.41
C GLU I 273 -16.94 34.30 61.30
N PRO I 274 -15.81 34.84 60.85
CA PRO I 274 -15.85 35.84 59.77
C PRO I 274 -16.19 35.19 58.45
N ASN I 275 -17.20 35.73 57.76
CA ASN I 275 -17.73 35.06 56.57
C ASN I 275 -16.98 35.52 55.34
N ASN I 276 -16.17 34.62 54.79
CA ASN I 276 -15.58 34.80 53.48
C ASN I 276 -15.60 33.44 52.79
N GLN I 277 -14.84 33.32 51.71
CA GLN I 277 -14.79 32.07 50.97
C GLN I 277 -14.25 30.87 51.75
N PRO I 278 -13.29 30.97 52.68
CA PRO I 278 -13.00 29.78 53.50
C PRO I 278 -14.09 29.39 54.48
N THR I 279 -14.89 30.34 54.97
CA THR I 279 -15.86 29.99 56.01
C THR I 279 -17.09 29.31 55.44
N TRP I 280 -17.74 29.93 54.45
CA TRP I 280 -18.96 29.34 53.93
C TRP I 280 -18.71 28.24 52.90
N GLU I 281 -17.48 27.72 52.82
CA GLU I 281 -17.26 26.42 52.21
C GLU I 281 -17.36 25.31 53.23
N ARG I 282 -16.99 25.60 54.48
CA ARG I 282 -17.18 24.62 55.55
C ARG I 282 -18.65 24.49 55.90
N VAL I 283 -19.38 25.60 55.92
CA VAL I 283 -20.79 25.57 56.29
C VAL I 283 -21.62 24.93 55.18
N ARG I 284 -21.22 25.13 53.93
CA ARG I 284 -21.92 24.47 52.82
C ARG I 284 -21.63 22.98 52.81
N ALA I 285 -20.38 22.58 53.07
CA ALA I 285 -20.04 21.16 53.01
C ALA I 285 -20.52 20.39 54.24
N ALA I 286 -20.74 21.07 55.36
CA ALA I 286 -21.21 20.35 56.54
C ALA I 286 -22.72 20.18 56.53
N ILE I 287 -23.45 21.15 55.99
CA ILE I 287 -24.89 21.03 55.88
C ILE I 287 -25.25 20.04 54.78
N SER I 288 -24.51 20.06 53.67
CA SER I 288 -24.83 19.18 52.55
C SER I 288 -24.52 17.72 52.85
N ASN I 289 -23.67 17.45 53.83
CA ASN I 289 -23.45 16.06 54.22
C ASN I 289 -24.58 15.56 55.11
N TYR I 290 -25.23 16.46 55.85
CA TYR I 290 -26.40 16.05 56.62
C TYR I 290 -27.57 15.76 55.72
N LEU I 291 -27.79 16.62 54.72
CA LEU I 291 -28.86 16.41 53.76
C LEU I 291 -28.55 15.30 52.78
N TYR I 292 -27.30 14.85 52.70
CA TYR I 292 -26.99 13.66 51.92
C TYR I 292 -27.25 12.40 52.73
N SER I 293 -27.04 12.47 54.04
CA SER I 293 -27.27 11.29 54.87
C SER I 293 -28.75 10.99 55.02
N LEU I 294 -29.60 12.01 54.95
CA LEU I 294 -31.04 11.75 54.94
C LEU I 294 -31.47 11.16 53.61
N TRP I 295 -30.78 11.52 52.52
CA TRP I 295 -31.17 11.01 51.22
C TRP I 295 -30.78 9.55 51.04
N GLN I 296 -29.67 9.13 51.64
CA GLN I 296 -29.30 7.72 51.57
C GLN I 296 -30.19 6.86 52.46
N GLN I 297 -30.77 7.45 53.50
CA GLN I 297 -31.75 6.74 54.32
C GLN I 297 -33.13 6.73 53.70
N GLY I 298 -33.34 7.43 52.59
CA GLY I 298 -34.63 7.46 51.95
C GLY I 298 -35.59 8.49 52.48
N GLY I 299 -35.11 9.46 53.28
CA GLY I 299 -36.00 10.47 53.80
C GLY I 299 -36.36 11.55 52.82
N LEU I 300 -35.57 11.71 51.75
CA LEU I 300 -35.83 12.71 50.74
C LEU I 300 -36.10 12.03 49.40
N ALA I 301 -37.10 12.54 48.67
CA ALA I 301 -37.42 11.98 47.38
C ALA I 301 -36.42 12.44 46.33
N GLY I 302 -36.54 11.88 45.14
CA GLY I 302 -35.67 12.26 44.04
C GLY I 302 -34.77 11.12 43.60
N SER I 303 -34.29 11.24 42.37
CA SER I 303 -33.49 10.18 41.77
C SER I 303 -32.02 10.30 42.15
N LYS I 304 -31.41 11.46 41.96
CA LYS I 304 -30.04 11.69 42.38
C LYS I 304 -29.97 12.95 43.22
N GLU I 305 -28.80 13.17 43.83
CA GLU I 305 -28.66 14.15 44.90
C GLU I 305 -28.76 15.59 44.43
N GLU I 306 -28.64 15.83 43.12
CA GLU I 306 -28.85 17.19 42.62
C GLU I 306 -30.32 17.60 42.66
N ASP I 307 -31.23 16.63 42.75
CA ASP I 307 -32.65 16.89 42.79
C ASP I 307 -33.24 16.79 44.19
N ALA I 308 -32.63 16.02 45.08
CA ALA I 308 -33.19 15.84 46.41
C ALA I 308 -33.04 17.08 47.29
N TYR I 309 -31.97 17.84 47.11
CA TYR I 309 -31.68 18.98 47.95
C TYR I 309 -30.74 19.92 47.23
N PHE I 310 -30.60 21.12 47.76
CA PHE I 310 -29.58 22.07 47.31
C PHE I 310 -29.30 23.04 48.42
N VAL I 311 -28.04 23.43 48.55
CA VAL I 311 -27.60 24.42 49.55
C VAL I 311 -26.73 25.45 48.84
N GLN I 312 -26.97 26.73 49.14
CA GLN I 312 -26.33 27.81 48.41
C GLN I 312 -25.87 28.88 49.40
N ILE I 313 -24.56 29.00 49.60
CA ILE I 313 -23.99 30.15 50.26
C ILE I 313 -22.96 30.76 49.32
N GLY I 314 -22.81 32.07 49.38
CA GLY I 314 -21.79 32.75 48.61
C GLY I 314 -22.16 34.18 48.31
N LYS I 315 -21.13 35.03 48.21
CA LYS I 315 -21.30 36.39 47.75
C LYS I 315 -21.76 36.37 46.30
N GLY I 316 -22.80 37.13 45.99
CA GLY I 316 -23.49 36.89 44.75
C GLY I 316 -24.76 36.08 44.93
N ILE I 317 -24.63 34.76 44.79
CA ILE I 317 -25.70 33.75 44.67
C ILE I 317 -26.88 33.93 45.61
N THR I 318 -26.61 34.08 46.90
CA THR I 318 -27.71 34.22 47.85
C THR I 318 -27.76 35.56 48.55
N MET I 319 -26.61 36.16 48.85
CA MET I 319 -26.57 37.44 49.53
C MET I 319 -25.75 38.42 48.70
N THR I 320 -26.07 39.69 48.83
CA THR I 320 -25.36 40.72 48.09
C THR I 320 -24.20 41.23 48.93
N GLN I 321 -23.50 42.25 48.44
CA GLN I 321 -22.36 42.78 49.15
C GLN I 321 -22.79 43.61 50.35
N GLU I 322 -23.88 44.36 50.23
CA GLU I 322 -24.32 45.24 51.29
C GLU I 322 -24.86 44.47 52.49
N GLN I 323 -25.32 43.24 52.29
CA GLN I 323 -25.74 42.43 53.42
C GLN I 323 -24.56 41.83 54.16
N ILE I 324 -23.43 41.63 53.48
CA ILE I 324 -22.20 41.20 54.14
C ILE I 324 -21.70 42.32 55.05
N ASP I 325 -21.82 43.57 54.60
CA ASP I 325 -21.39 44.72 55.39
C ASP I 325 -22.26 44.93 56.64
N ALA I 326 -23.48 44.44 56.64
CA ALA I 326 -24.29 44.41 57.85
C ALA I 326 -24.06 43.16 58.67
N GLY I 327 -23.24 42.24 58.17
CA GLY I 327 -22.87 41.05 58.93
C GLY I 327 -23.97 40.03 59.07
N GLN I 328 -24.59 39.63 57.97
CA GLN I 328 -25.60 38.58 58.00
C GLN I 328 -25.43 37.70 56.77
N MET I 329 -24.95 36.48 56.98
CA MET I 329 -24.85 35.55 55.87
C MET I 329 -26.09 34.68 55.79
N ILE I 330 -26.51 34.39 54.57
CA ILE I 330 -27.82 33.81 54.27
C ILE I 330 -27.61 32.44 53.65
N VAL I 331 -28.28 31.43 54.20
CA VAL I 331 -28.18 30.06 53.71
C VAL I 331 -29.55 29.65 53.18
N LYS I 332 -29.60 29.30 51.91
CA LYS I 332 -30.79 28.73 51.30
C LYS I 332 -30.66 27.22 51.29
N VAL I 333 -31.66 26.53 51.81
CA VAL I 333 -31.66 25.08 51.93
C VAL I 333 -32.95 24.55 51.34
N GLY I 334 -32.85 23.64 50.37
CA GLY I 334 -34.00 23.01 49.77
C GLY I 334 -34.15 21.58 50.23
N LEU I 335 -35.39 21.16 50.46
CA LEU I 335 -35.68 19.79 50.87
C LEU I 335 -36.90 19.29 50.11
N ALA I 336 -36.84 18.05 49.67
CA ALA I 336 -37.98 17.37 49.04
C ALA I 336 -38.35 16.21 49.94
N ALA I 337 -39.16 16.49 50.96
CA ALA I 337 -39.51 15.46 51.91
C ALA I 337 -40.55 14.53 51.34
N VAL I 338 -40.45 13.26 51.68
CA VAL I 338 -41.36 12.26 51.17
C VAL I 338 -42.69 12.36 51.92
N ARG I 339 -43.75 12.10 51.21
CA ARG I 339 -45.07 12.17 51.80
C ARG I 339 -45.68 10.77 51.81
N PRO I 340 -46.49 10.41 52.79
CA PRO I 340 -46.95 9.02 52.88
C PRO I 340 -48.00 8.70 51.83
N ALA I 341 -48.17 7.40 51.58
CA ALA I 341 -49.14 6.91 50.61
C ALA I 341 -50.50 6.89 51.30
N GLU I 342 -51.20 8.01 51.24
CA GLU I 342 -52.48 8.09 51.93
C GLU I 342 -53.56 7.29 51.22
N PHE I 343 -53.56 7.29 49.88
CA PHE I 343 -54.60 6.63 49.09
C PHE I 343 -53.92 5.81 48.00
N ILE I 344 -53.56 4.58 48.29
CA ILE I 344 -52.94 3.72 47.28
C ILE I 344 -54.05 3.19 46.38
N ILE I 345 -53.99 3.53 45.08
CA ILE I 345 -55.02 3.11 44.15
C ILE I 345 -54.42 2.13 43.16
N LEU I 346 -55.27 1.23 42.65
CA LEU I 346 -54.83 0.11 41.84
C LEU I 346 -55.70 0.07 40.59
N GLN I 347 -55.07 0.17 39.43
CA GLN I 347 -55.78 0.20 38.16
C GLN I 347 -55.51 -1.09 37.40
N PHE I 348 -56.58 -1.81 37.07
CA PHE I 348 -56.46 -3.13 36.48
C PHE I 348 -56.98 -3.10 35.05
N THR I 349 -56.09 -3.42 34.13
CA THR I 349 -56.39 -3.43 32.71
C THR I 349 -56.29 -4.86 32.20
N GLN I 350 -57.07 -5.15 31.16
CA GLN I 350 -56.96 -6.43 30.49
C GLN I 350 -56.18 -6.32 29.19
N ASP I 351 -55.49 -5.21 28.97
CA ASP I 351 -54.69 -4.99 27.77
C ASP I 351 -53.22 -5.07 28.16
N VAL I 352 -52.64 -6.25 27.94
CA VAL I 352 -51.27 -6.51 28.38
C VAL I 352 -50.24 -6.34 27.28
N GLU I 353 -50.64 -6.44 26.01
CA GLU I 353 -49.75 -6.12 24.91
C GLU I 353 -49.78 -4.65 24.57
N GLN I 354 -50.80 -3.94 25.05
CA GLN I 354 -50.86 -2.49 24.87
C GLN I 354 -49.82 -1.78 25.73
N ARG I 355 -49.74 -2.18 27.00
CA ARG I 355 -48.81 -1.64 28.02
C ARG I 355 -48.92 -0.12 28.18
N THR J 2 57.28 41.81 22.09
CA THR J 2 57.40 40.58 22.86
C THR J 2 58.80 39.99 22.74
N THR J 3 59.01 39.19 21.70
CA THR J 3 60.30 38.55 21.48
C THR J 3 61.04 39.26 20.35
N VAL J 4 62.34 39.40 20.51
CA VAL J 4 63.21 39.97 19.49
C VAL J 4 64.14 38.88 19.00
N THR J 5 64.30 38.78 17.69
CA THR J 5 65.11 37.75 17.07
C THR J 5 66.31 38.44 16.43
N SER J 6 67.49 38.25 17.04
CA SER J 6 68.70 38.91 16.57
C SER J 6 69.67 37.95 15.91
N TYR J 7 70.01 36.86 16.57
CA TYR J 7 70.98 35.91 16.05
C TYR J 7 70.29 34.60 15.70
N PRO J 8 70.82 33.83 14.76
CA PRO J 8 70.22 32.52 14.45
C PRO J 8 70.47 31.53 15.59
N GLY J 9 69.38 30.96 16.09
CA GLY J 9 69.48 30.07 17.23
C GLY J 9 68.09 29.64 17.66
N VAL J 10 68.04 29.03 18.84
CA VAL J 10 66.80 28.53 19.42
C VAL J 10 66.42 29.45 20.57
N TYR J 11 65.22 30.03 20.50
CA TYR J 11 64.74 30.96 21.50
C TYR J 11 63.64 30.31 22.31
N ILE J 12 63.83 30.20 23.61
CA ILE J 12 62.79 29.73 24.52
C ILE J 12 62.16 30.94 25.18
N GLU J 13 60.86 31.12 24.97
CA GLU J 13 60.12 32.13 25.71
C GLU J 13 58.84 31.48 26.23
N GLU J 14 58.56 31.71 27.50
CA GLU J 14 57.45 31.04 28.18
C GLU J 14 56.35 32.07 28.39
N LEU J 15 55.37 32.09 27.50
CA LEU J 15 54.19 32.91 27.70
C LEU J 15 53.21 32.13 28.57
N ASN J 16 52.70 32.78 29.60
CA ASN J 16 51.79 32.14 30.53
C ASN J 16 50.60 33.06 30.77
N SER J 17 49.41 32.47 30.75
CA SER J 17 48.19 33.21 30.99
C SER J 17 48.10 33.64 32.46
N LEU J 18 47.17 34.54 32.73
CA LEU J 18 46.93 35.01 34.09
C LEU J 18 46.32 33.88 34.91
N ALA J 19 47.11 33.31 35.83
CA ALA J 19 46.64 32.26 36.71
C ALA J 19 46.11 32.91 37.98
N LEU J 20 44.81 32.79 38.21
CA LEU J 20 44.15 33.47 39.31
C LEU J 20 43.36 32.45 40.11
N SER J 21 43.63 32.38 41.41
CA SER J 21 42.89 31.50 42.29
C SER J 21 42.67 32.24 43.61
N VAL J 22 41.62 31.85 44.31
CA VAL J 22 41.16 32.54 45.51
C VAL J 22 41.46 31.67 46.72
N SER J 23 42.22 32.22 47.67
CA SER J 23 42.64 31.50 48.86
C SER J 23 41.78 31.93 50.03
N ASN J 24 41.30 30.96 50.80
CA ASN J 24 40.49 31.22 52.00
C ASN J 24 41.31 30.83 53.22
N SER J 25 41.61 31.83 54.05
CA SER J 25 42.43 31.58 55.23
C SER J 25 42.17 32.66 56.27
N ALA J 26 42.36 32.27 57.53
CA ALA J 26 42.31 33.17 58.70
C ALA J 26 40.96 33.88 58.82
N THR J 27 39.92 33.08 59.04
CA THR J 27 38.57 33.63 59.11
C THR J 27 38.35 34.43 60.39
N ALA J 28 38.77 33.89 61.53
CA ALA J 28 38.56 34.54 62.82
C ALA J 28 39.87 34.54 63.61
N VAL J 29 40.66 35.58 63.42
CA VAL J 29 41.88 35.82 64.17
C VAL J 29 41.69 37.11 64.96
N PRO J 30 41.58 37.05 66.28
CA PRO J 30 41.21 38.23 67.07
C PRO J 30 42.41 39.02 67.54
N VAL J 31 42.13 40.23 68.01
CA VAL J 31 43.09 41.04 68.74
C VAL J 31 42.45 41.37 70.09
N PHE J 32 43.28 41.53 71.11
CA PHE J 32 42.79 41.80 72.45
C PHE J 32 43.31 43.15 72.90
N ALA J 33 42.39 44.10 73.06
CA ALA J 33 42.75 45.38 73.65
C ALA J 33 43.05 45.15 75.11
N VAL J 34 44.34 45.13 75.45
CA VAL J 34 44.73 44.81 76.81
C VAL J 34 44.41 45.99 77.73
N ASP J 35 44.41 45.71 79.02
CA ASP J 35 44.24 46.76 80.01
C ASP J 35 45.43 47.70 79.97
N GLU J 36 45.17 48.99 80.17
CA GLU J 36 46.23 49.99 80.10
C GLU J 36 47.20 49.85 81.26
N GLN J 37 46.75 49.31 82.39
CA GLN J 37 47.60 49.17 83.56
C GLN J 37 48.56 47.99 83.46
N ASN J 38 48.29 47.03 82.56
CA ASN J 38 49.12 45.83 82.45
C ASN J 38 50.50 46.20 81.92
N GLN J 39 51.51 46.09 82.78
CA GLN J 39 52.86 46.57 82.49
C GLN J 39 53.63 45.63 81.58
N TYR J 40 53.13 44.44 81.30
CA TYR J 40 53.92 43.45 80.58
C TYR J 40 53.80 43.60 79.07
N ILE J 41 52.68 44.14 78.59
CA ILE J 41 52.56 44.46 77.18
C ILE J 41 53.42 45.67 76.88
N SER J 42 54.29 45.55 75.88
CA SER J 42 55.13 46.66 75.48
C SER J 42 54.30 47.74 74.80
N GLU J 43 54.78 48.98 74.92
CA GLU J 43 54.05 50.13 74.41
C GLU J 43 54.11 50.17 72.88
N ASP J 44 52.94 50.17 72.25
CA ASP J 44 52.76 50.32 70.80
C ASP J 44 53.47 49.21 70.00
N ASN J 45 53.19 47.97 70.37
CA ASN J 45 53.73 46.83 69.63
C ASN J 45 52.77 45.67 69.77
N ALA J 46 52.32 45.13 68.64
CA ALA J 46 51.38 44.01 68.63
C ALA J 46 52.14 42.74 68.96
N ILE J 47 52.29 42.47 70.25
CA ILE J 47 52.93 41.25 70.68
C ILE J 47 51.99 40.07 70.45
N ARG J 48 52.47 39.07 69.72
CA ARG J 48 51.63 38.02 69.18
C ARG J 48 51.89 36.72 69.93
N ILE J 49 50.81 36.05 70.34
CA ILE J 49 50.91 34.81 71.09
C ILE J 49 50.16 33.72 70.32
N ASN J 50 50.66 32.49 70.42
CA ASN J 50 50.09 31.35 69.69
C ASN J 50 49.27 30.44 70.58
N SER J 51 49.82 30.02 71.71
CA SER J 51 49.12 29.13 72.62
C SER J 51 49.36 29.61 74.04
N TRP J 52 48.74 28.93 75.01
CA TRP J 52 48.85 29.41 76.39
C TRP J 52 50.21 29.10 76.99
N MET J 53 50.84 28.01 76.56
CA MET J 53 52.24 27.80 76.95
C MET J 53 53.15 28.80 76.28
N ASP J 54 52.77 29.28 75.08
CA ASP J 54 53.52 30.35 74.43
C ASP J 54 53.26 31.68 75.11
N TYR J 55 52.04 31.89 75.59
CA TYR J 55 51.72 33.12 76.32
C TYR J 55 52.35 33.12 77.70
N LEU J 56 52.57 31.94 78.28
CA LEU J 56 53.10 31.85 79.64
C LEU J 56 54.57 32.22 79.74
N ASN J 57 55.28 32.35 78.62
CA ASN J 57 56.64 32.87 78.67
C ASN J 57 56.68 34.38 78.88
N LEU J 58 55.61 35.08 78.52
CA LEU J 58 55.50 36.48 78.89
C LEU J 58 55.40 36.64 80.40
N ILE J 59 54.47 35.91 81.02
CA ILE J 59 54.27 35.95 82.47
C ILE J 59 54.08 34.51 82.95
N GLY J 60 54.94 34.06 83.87
CA GLY J 60 54.90 32.68 84.29
C GLY J 60 53.86 32.35 85.33
N ASN J 61 53.35 33.34 86.04
CA ASN J 61 52.43 33.13 87.15
C ASN J 61 51.19 33.99 86.93
N PHE J 62 50.40 34.17 87.99
CA PHE J 62 49.38 35.21 88.10
C PHE J 62 48.23 34.98 87.10
N ASN J 63 47.77 33.74 87.04
CA ASN J 63 46.57 33.41 86.27
C ASN J 63 45.30 33.87 86.97
N ASN J 64 45.39 34.29 88.24
CA ASN J 64 44.25 34.37 89.13
C ASN J 64 43.45 35.65 89.03
N GLU J 65 44.09 36.82 88.96
CA GLU J 65 43.41 38.05 89.33
C GLU J 65 43.13 39.00 88.18
N ASP J 66 44.14 39.39 87.39
CA ASP J 66 43.96 40.51 86.46
C ASP J 66 43.09 40.11 85.27
N LYS J 67 42.23 41.04 84.85
CA LYS J 67 41.11 40.71 83.98
C LYS J 67 41.54 40.40 82.55
N LEU J 68 42.69 40.91 82.10
CA LEU J 68 43.22 40.47 80.82
C LEU J 68 43.77 39.06 80.91
N ASP J 69 44.45 38.76 82.02
CA ASP J 69 45.12 37.47 82.19
C ASP J 69 44.12 36.33 82.28
N VAL J 70 42.97 36.58 82.90
CA VAL J 70 41.93 35.57 82.95
C VAL J 70 41.27 35.40 81.59
N SER J 71 41.15 36.48 80.83
CA SER J 71 40.40 36.46 79.58
C SER J 71 41.10 35.65 78.51
N VAL J 72 42.42 35.81 78.38
CA VAL J 72 43.15 35.07 77.35
C VAL J 72 43.31 33.61 77.75
N ARG J 73 43.24 33.30 79.05
CA ARG J 73 43.20 31.92 79.48
C ARG J 73 41.85 31.29 79.12
N ALA J 74 40.77 32.04 79.32
CA ALA J 74 39.45 31.57 78.92
C ALA J 74 39.28 31.53 77.41
N TYR J 75 40.06 32.33 76.68
CA TYR J 75 39.96 32.33 75.23
C TYR J 75 40.57 31.07 74.63
N PHE J 76 41.73 30.66 75.10
CA PHE J 76 42.37 29.46 74.58
C PHE J 76 41.65 28.19 74.98
N ALA J 77 40.90 28.22 76.08
CA ALA J 77 40.19 27.03 76.51
C ALA J 77 39.00 26.74 75.61
N ASN J 78 38.28 27.77 75.17
CA ASN J 78 37.13 27.56 74.31
C ASN J 78 37.53 27.17 72.91
N GLY J 79 38.26 28.05 72.21
CA GLY J 79 38.64 27.79 70.84
C GLY J 79 40.11 28.11 70.64
N GLY J 80 40.66 27.49 69.61
CA GLY J 80 42.07 27.63 69.29
C GLY J 80 42.29 28.71 68.25
N GLY J 81 43.26 29.58 68.52
CA GLY J 81 43.65 30.59 67.56
C GLY J 81 44.91 31.28 68.06
N TYR J 82 45.38 32.21 67.24
CA TYR J 82 46.47 33.08 67.63
C TYR J 82 45.96 34.52 67.66
N CYS J 83 46.34 35.26 68.69
CA CYS J 83 45.81 36.60 68.89
C CYS J 83 46.92 37.57 69.20
N TYR J 84 46.74 38.80 68.75
CA TYR J 84 47.67 39.87 69.05
C TYR J 84 47.19 40.59 70.31
N LEU J 85 48.14 41.16 71.05
CA LEU J 85 47.83 41.88 72.28
C LEU J 85 48.36 43.31 72.14
N VAL J 86 47.45 44.28 72.14
CA VAL J 86 47.81 45.68 72.00
C VAL J 86 47.20 46.46 73.14
N LYS J 87 47.84 47.57 73.49
CA LYS J 87 47.26 48.46 74.48
C LYS J 87 46.18 49.31 73.83
N THR J 88 45.16 49.65 74.61
CA THR J 88 44.03 50.40 74.09
C THR J 88 44.35 51.86 73.82
N THR J 89 45.47 52.37 74.34
CA THR J 89 45.89 53.73 74.03
C THR J 89 46.30 53.85 72.57
N SER J 90 47.11 52.92 72.09
CA SER J 90 47.57 52.89 70.71
C SER J 90 46.82 51.86 69.89
N LEU J 91 45.51 51.71 70.13
CA LEU J 91 44.75 50.69 69.43
C LEU J 91 44.48 51.09 67.99
N GLU J 92 44.23 52.37 67.74
CA GLU J 92 43.93 52.81 66.40
C GLU J 92 45.16 52.96 65.51
N LYS J 93 46.36 52.89 66.09
CA LYS J 93 47.58 53.06 65.31
C LYS J 93 48.15 51.73 64.83
N ILE J 94 47.88 50.65 65.53
CA ILE J 94 48.50 49.36 65.22
C ILE J 94 47.63 48.53 64.29
N ILE J 95 46.31 48.58 64.50
CA ILE J 95 45.40 47.68 63.75
C ILE J 95 45.38 47.91 62.25
N PRO J 96 45.44 49.15 61.70
CA PRO J 96 45.52 49.25 60.22
C PRO J 96 46.78 48.66 59.59
N THR J 97 47.90 48.65 60.30
CA THR J 97 49.13 48.05 59.76
C THR J 97 49.32 46.63 60.31
N LEU J 98 48.33 45.77 60.10
CA LEU J 98 48.42 44.38 60.53
C LEU J 98 47.84 43.48 59.45
N ASP J 99 48.31 42.23 59.45
CA ASP J 99 48.03 41.32 58.34
C ASP J 99 46.58 40.85 58.33
N ASP J 100 46.19 40.11 59.37
CA ASP J 100 44.83 39.56 59.47
C ASP J 100 44.35 39.78 60.90
N VAL J 101 43.68 40.90 61.12
CA VAL J 101 42.99 41.16 62.37
C VAL J 101 41.54 41.41 61.99
N THR J 102 40.66 40.48 62.35
CA THR J 102 39.29 40.53 61.90
C THR J 102 38.27 40.50 63.03
N LEU J 103 38.69 40.34 64.27
CA LEU J 103 37.81 40.48 65.43
C LEU J 103 38.50 41.39 66.42
N LEU J 104 38.17 42.68 66.41
CA LEU J 104 38.68 43.60 67.42
C LEU J 104 37.90 43.32 68.70
N VAL J 105 38.49 42.54 69.59
CA VAL J 105 37.79 42.00 70.76
C VAL J 105 38.18 42.81 71.98
N ALA J 106 37.19 43.39 72.64
CA ALA J 106 37.41 44.17 73.85
C ALA J 106 37.37 43.23 75.05
N ALA J 107 38.50 43.06 75.72
CA ALA J 107 38.54 42.25 76.94
C ALA J 107 38.19 43.09 78.16
N GLY J 108 36.99 43.67 78.13
CA GLY J 108 36.50 44.52 79.19
C GLY J 108 37.29 45.80 79.35
N GLU J 109 37.26 46.67 78.34
CA GLU J 109 38.10 47.87 78.36
C GLU J 109 37.40 49.13 77.87
N ASP J 110 36.14 49.06 77.43
CA ASP J 110 35.31 50.21 77.02
C ASP J 110 35.95 50.98 75.87
N ILE J 111 36.03 50.32 74.72
CA ILE J 111 36.73 50.87 73.56
C ILE J 111 35.78 51.16 72.41
N LYS J 112 34.54 51.54 72.73
CA LYS J 112 33.50 51.75 71.72
C LYS J 112 33.87 52.88 70.76
N THR J 113 34.52 53.94 71.27
CA THR J 113 34.90 55.05 70.41
C THR J 113 36.02 54.65 69.45
N THR J 114 36.93 53.80 69.89
CA THR J 114 38.04 53.37 69.03
C THR J 114 37.54 52.44 67.92
N VAL J 115 36.51 51.63 68.21
CA VAL J 115 35.94 50.73 67.21
C VAL J 115 35.27 51.52 66.09
N ASP J 116 34.54 52.58 66.44
CA ASP J 116 33.83 53.37 65.45
C ASP J 116 34.79 54.13 64.53
N VAL J 117 35.91 54.59 65.07
CA VAL J 117 36.93 55.23 64.25
C VAL J 117 37.61 54.22 63.34
N LEU J 118 37.74 52.98 63.80
CA LEU J 118 38.55 51.99 63.09
C LEU J 118 37.85 51.45 61.85
N CYS J 119 36.69 50.82 62.02
CA CYS J 119 36.09 50.05 60.94
C CYS J 119 35.13 50.91 60.12
N GLN J 120 35.58 51.28 58.92
CA GLN J 120 34.72 51.80 57.87
C GLN J 120 33.98 50.63 57.23
N PRO J 121 33.00 50.90 56.34
CA PRO J 121 32.40 49.79 55.57
C PRO J 121 33.36 49.06 54.63
N GLY J 122 34.50 49.65 54.28
CA GLY J 122 35.40 48.99 53.34
C GLY J 122 36.39 48.03 53.98
N LYS J 123 36.79 48.30 55.22
CA LYS J 123 37.89 47.54 55.83
C LYS J 123 37.45 46.14 56.22
N GLY J 124 36.36 46.03 56.97
CA GLY J 124 35.96 44.76 57.54
C GLY J 124 36.14 44.76 59.04
N LEU J 125 36.65 43.65 59.57
CA LEU J 125 36.99 43.44 60.99
C LEU J 125 35.79 43.72 61.91
N PHE J 126 34.81 42.82 61.80
CA PHE J 126 33.69 42.75 62.72
C PHE J 126 34.17 42.63 64.15
N ALA J 127 33.75 43.56 65.02
CA ALA J 127 34.35 43.74 66.33
C ALA J 127 33.33 43.50 67.43
N VAL J 128 33.51 42.43 68.20
CA VAL J 128 32.55 42.09 69.24
C VAL J 128 32.78 42.96 70.47
N PHE J 129 31.73 43.06 71.29
CA PHE J 129 31.73 43.86 72.52
C PHE J 129 31.39 42.97 73.70
N ASP J 130 31.40 43.58 74.88
CA ASP J 130 31.00 42.90 76.10
C ASP J 130 29.81 43.63 76.71
N GLY J 131 28.91 42.89 77.31
CA GLY J 131 27.73 43.47 77.90
C GLY J 131 28.02 44.15 79.21
N PRO J 132 27.01 44.84 79.75
CA PRO J 132 27.19 45.51 81.03
C PRO J 132 27.24 44.49 82.16
N GLU J 133 28.22 44.66 83.05
CA GLU J 133 28.43 43.67 84.10
C GLU J 133 27.39 43.74 85.20
N THR J 134 26.61 44.80 85.26
CA THR J 134 25.59 44.95 86.29
C THR J 134 24.32 44.20 85.90
N GLU J 135 23.32 44.30 86.77
CA GLU J 135 22.03 43.66 86.55
C GLU J 135 21.25 44.39 85.48
N LEU J 136 20.58 43.65 84.60
CA LEU J 136 19.66 44.21 83.63
C LEU J 136 18.25 43.72 83.95
N THR J 137 17.42 44.62 84.45
CA THR J 137 16.01 44.30 84.63
C THR J 137 15.28 44.44 83.29
N ILE J 138 14.01 44.04 83.30
CA ILE J 138 13.26 44.00 82.04
C ILE J 138 12.70 45.37 81.70
N ASN J 139 12.24 46.13 82.70
CA ASN J 139 11.68 47.45 82.45
C ASN J 139 12.74 48.55 82.37
N GLY J 140 14.00 48.22 82.59
CA GLY J 140 15.08 49.16 82.37
C GLY J 140 15.78 48.89 81.05
N ALA J 141 15.02 48.41 80.07
CA ALA J 141 15.59 48.02 78.79
C ALA J 141 15.89 49.21 77.90
N GLU J 142 15.15 50.31 78.05
CA GLU J 142 15.34 51.47 77.18
C GLU J 142 16.61 52.24 77.51
N GLU J 143 17.13 52.11 78.73
CA GLU J 143 18.35 52.81 79.11
C GLU J 143 19.59 51.96 78.93
N ALA J 144 19.48 50.64 79.11
CA ALA J 144 20.65 49.78 78.98
C ALA J 144 21.10 49.63 77.54
N LYS J 145 20.18 49.81 76.58
CA LYS J 145 20.56 49.83 75.17
C LYS J 145 21.15 51.17 74.74
N GLN J 146 21.04 52.21 75.56
CA GLN J 146 21.38 53.56 75.11
C GLN J 146 22.88 53.77 75.04
N ALA J 147 23.66 53.00 75.81
CA ALA J 147 25.11 53.20 75.84
C ALA J 147 25.76 52.75 74.53
N TYR J 148 25.27 51.66 73.95
CA TYR J 148 25.81 51.20 72.68
C TYR J 148 25.15 51.96 71.53
N THR J 149 25.96 52.30 70.53
CA THR J 149 25.48 52.99 69.34
C THR J 149 25.36 52.00 68.21
N ALA J 150 24.23 52.05 67.50
CA ALA J 150 23.88 51.04 66.52
C ALA J 150 24.80 51.10 65.31
N THR J 151 25.61 50.06 65.15
CA THR J 151 26.49 49.90 64.00
C THR J 151 26.44 48.42 63.63
N PRO J 152 26.46 48.08 62.34
CA PRO J 152 26.38 46.68 61.94
C PRO J 152 27.68 45.90 62.04
N PHE J 153 28.70 46.43 62.70
CA PHE J 153 29.98 45.74 62.90
C PHE J 153 30.21 45.40 64.36
N ALA J 154 29.17 45.03 65.09
CA ALA J 154 29.35 44.79 66.52
C ALA J 154 28.40 43.71 67.00
N ALA J 155 28.66 43.23 68.21
CA ALA J 155 27.80 42.25 68.87
C ALA J 155 28.03 42.37 70.36
N VAL J 156 26.94 42.35 71.13
CA VAL J 156 27.00 42.50 72.58
C VAL J 156 26.50 41.21 73.22
N TYR J 157 27.15 40.78 74.29
CA TYR J 157 26.80 39.54 74.98
C TYR J 157 26.62 39.85 76.45
N TYR J 158 25.40 39.62 76.98
CA TYR J 158 25.04 40.24 78.26
C TYR J 158 25.76 39.66 79.47
N PRO J 159 25.56 38.40 79.86
CA PRO J 159 25.99 38.04 81.22
C PRO J 159 27.49 37.82 81.30
N TRP J 160 28.16 38.62 82.14
CA TRP J 160 29.55 38.38 82.44
C TRP J 160 29.69 37.02 83.09
N LEU J 161 30.73 36.28 82.74
CA LEU J 161 30.83 34.90 83.13
C LEU J 161 31.70 34.75 84.37
N LYS J 162 31.40 33.71 85.15
CA LYS J 162 32.10 33.44 86.40
C LYS J 162 32.58 31.99 86.34
N ALA J 163 33.86 31.79 86.61
CA ALA J 163 34.45 30.46 86.52
C ALA J 163 34.96 30.04 87.89
N ASP J 164 35.33 28.75 87.98
CA ASP J 164 35.89 28.21 89.21
C ASP J 164 37.29 28.74 89.46
N TRP J 165 38.20 28.47 88.54
CA TRP J 165 39.52 29.09 88.55
C TRP J 165 39.39 30.57 88.28
N ALA J 166 40.30 31.35 88.88
CA ALA J 166 40.45 32.79 88.66
C ALA J 166 39.16 33.55 88.97
N ASN J 167 38.88 33.63 90.28
CA ASN J 167 37.60 34.04 90.85
C ASN J 167 37.10 35.43 90.44
N ILE J 168 37.91 36.25 89.75
CA ILE J 168 37.38 37.48 89.19
C ILE J 168 36.44 37.15 88.02
N ASP J 169 35.60 38.11 87.67
CA ASP J 169 34.59 37.89 86.64
C ASP J 169 35.22 37.96 85.26
N ILE J 170 35.02 36.90 84.48
CA ILE J 170 35.53 36.87 83.10
C ILE J 170 34.60 37.70 82.24
N PRO J 171 35.13 38.57 81.37
CA PRO J 171 34.26 39.27 80.43
C PRO J 171 33.75 38.31 79.37
N PRO J 172 32.53 38.52 78.87
CA PRO J 172 31.97 37.58 77.89
C PRO J 172 32.50 37.76 76.50
N SER J 173 33.18 38.88 76.21
CA SER J 173 33.62 39.15 74.86
C SER J 173 34.83 38.31 74.49
N ALA J 174 35.74 38.10 75.43
CA ALA J 174 36.90 37.25 75.16
C ALA J 174 36.51 35.79 75.11
N VAL J 175 35.48 35.40 75.87
CA VAL J 175 34.98 34.03 75.83
C VAL J 175 34.34 33.73 74.48
N MET J 176 33.47 34.65 74.04
CA MET J 176 32.78 34.49 72.76
C MET J 176 33.73 34.65 71.57
N ALA J 177 34.89 35.28 71.77
CA ALA J 177 35.87 35.38 70.71
C ALA J 177 36.45 34.02 70.35
N GLY J 178 36.57 33.12 71.32
CA GLY J 178 37.07 31.80 71.03
C GLY J 178 36.05 30.90 70.36
N VAL J 179 34.77 31.13 70.64
CA VAL J 179 33.71 30.33 70.04
C VAL J 179 33.58 30.67 68.56
N TYR J 180 33.89 31.91 68.18
CA TYR J 180 33.88 32.31 66.78
C TYR J 180 34.92 31.53 65.99
N ALA J 181 36.16 31.51 66.46
CA ALA J 181 37.22 30.77 65.78
C ALA J 181 37.02 29.26 65.87
N SER J 182 36.25 28.78 66.85
CA SER J 182 35.96 27.35 66.91
C SER J 182 34.83 26.96 65.97
N VAL J 183 33.85 27.83 65.79
CA VAL J 183 32.74 27.54 64.88
C VAL J 183 33.19 27.73 63.43
N ASP J 184 33.93 28.81 63.15
CA ASP J 184 34.39 29.07 61.78
C ASP J 184 35.39 28.03 61.29
N LEU J 185 36.09 27.37 62.21
CA LEU J 185 36.97 26.28 61.80
C LEU J 185 36.19 24.99 61.60
N SER J 186 35.24 24.70 62.50
CA SER J 186 34.59 23.39 62.48
C SER J 186 33.51 23.30 61.41
N ARG J 187 32.60 24.28 61.36
CA ARG J 187 31.46 24.23 60.45
C ARG J 187 31.43 25.38 59.47
N GLY J 188 32.51 26.14 59.35
CA GLY J 188 32.56 27.23 58.39
C GLY J 188 32.09 28.54 58.99
N VAL J 189 32.25 29.60 58.19
CA VAL J 189 31.95 30.94 58.67
C VAL J 189 30.46 31.23 58.62
N TRP J 190 29.73 30.66 57.66
CA TRP J 190 28.32 31.01 57.46
C TRP J 190 27.41 30.44 58.52
N LYS J 191 27.85 29.43 59.27
CA LYS J 191 27.02 28.93 60.35
C LYS J 191 27.06 29.89 61.52
N ALA J 192 25.90 30.10 62.14
CA ALA J 192 25.78 31.11 63.18
C ALA J 192 26.52 30.67 64.43
N PRO J 193 27.28 31.58 65.06
CA PRO J 193 28.08 31.19 66.24
C PRO J 193 27.29 30.96 67.51
N ALA J 194 25.96 31.01 67.48
CA ALA J 194 25.18 30.66 68.64
C ALA J 194 24.93 29.15 68.67
N ASN J 195 24.28 28.71 69.76
CA ASN J 195 23.91 27.31 70.01
C ASN J 195 25.13 26.39 70.01
N VAL J 196 26.14 26.80 70.76
CA VAL J 196 27.36 26.01 70.96
C VAL J 196 27.74 26.10 72.41
N ALA J 197 27.91 24.94 73.06
CA ALA J 197 28.26 24.91 74.48
C ALA J 197 29.67 25.41 74.70
N LEU J 198 29.88 26.11 75.80
CA LEU J 198 31.19 26.65 76.13
C LEU J 198 32.06 25.56 76.74
N LYS J 199 33.18 25.26 76.08
CA LYS J 199 34.00 24.11 76.47
C LYS J 199 34.75 24.36 77.77
N GLY J 200 35.01 25.62 78.11
CA GLY J 200 35.55 25.92 79.42
C GLY J 200 34.51 25.71 80.49
N GLY J 201 34.98 25.51 81.72
CA GLY J 201 34.09 25.17 82.80
C GLY J 201 33.43 26.35 83.50
N LEU J 202 32.98 27.33 82.72
CA LEU J 202 32.54 28.60 83.26
C LEU J 202 31.04 28.76 83.03
N GLU J 203 30.32 29.22 84.08
CA GLU J 203 28.90 29.43 84.21
C GLU J 203 28.57 30.92 84.14
N PRO J 204 27.37 31.30 83.68
CA PRO J 204 26.99 32.70 83.72
C PRO J 204 26.73 33.16 85.14
N LYS J 205 27.20 34.37 85.45
CA LYS J 205 27.03 34.93 86.77
C LYS J 205 25.59 35.38 86.99
N PHE J 206 24.90 35.76 85.93
CA PHE J 206 23.51 36.21 86.01
C PHE J 206 22.62 35.26 85.23
N LEU J 207 21.59 34.74 85.88
CA LEU J 207 20.68 33.83 85.21
C LEU J 207 19.75 34.61 84.29
N VAL J 208 19.33 33.96 83.21
CA VAL J 208 18.60 34.62 82.13
C VAL J 208 17.17 34.09 82.12
N THR J 209 16.22 34.98 82.37
CA THR J 209 14.82 34.68 82.16
C THR J 209 14.51 34.75 80.67
N ASP J 210 13.58 33.92 80.23
CA ASP J 210 13.24 33.88 78.82
C ASP J 210 12.43 35.12 78.41
N GLU J 211 11.62 35.65 79.33
CA GLU J 211 10.92 36.89 79.03
C GLU J 211 11.87 38.08 79.07
N LEU J 212 12.98 37.96 79.80
CA LEU J 212 13.99 39.01 79.81
C LEU J 212 14.69 39.10 78.46
N GLN J 213 14.85 37.97 77.76
CA GLN J 213 15.44 38.00 76.44
C GLN J 213 14.46 38.48 75.38
N GLY J 214 13.18 38.60 75.71
CA GLY J 214 12.21 39.00 74.71
C GLY J 214 12.33 40.46 74.30
N GLU J 215 12.46 41.35 75.29
CA GLU J 215 12.55 42.77 75.00
C GLU J 215 13.98 43.26 74.86
N TYR J 216 14.97 42.37 75.00
CA TYR J 216 16.35 42.75 74.72
C TYR J 216 16.82 42.30 73.35
N ASN J 217 16.24 41.24 72.80
CA ASN J 217 16.64 40.74 71.49
C ASN J 217 15.79 41.36 70.38
N THR J 218 15.74 42.70 70.41
CA THR J 218 15.11 43.48 69.35
C THR J 218 15.75 44.85 69.34
N GLY J 219 15.56 45.57 68.24
CA GLY J 219 16.28 46.82 68.07
C GLY J 219 17.75 46.55 67.91
N ARG J 220 18.58 47.41 68.48
CA ARG J 220 20.00 47.09 68.60
C ARG J 220 20.12 46.02 69.68
N ALA J 221 20.14 44.77 69.27
CA ALA J 221 19.95 43.64 70.15
C ALA J 221 21.19 43.36 70.99
N ILE J 222 20.96 42.83 72.18
CA ILE J 222 22.02 42.29 73.03
C ILE J 222 21.82 40.79 73.08
N ASN J 223 22.76 40.04 72.50
CA ASN J 223 22.73 38.59 72.61
C ASN J 223 22.97 38.18 74.05
N MET J 224 22.38 37.05 74.44
CA MET J 224 22.39 36.65 75.83
C MET J 224 22.88 35.21 75.95
N ILE J 225 23.88 35.00 76.80
CA ILE J 225 24.36 33.66 77.08
C ILE J 225 23.43 33.02 78.12
N ARG J 226 22.80 31.93 77.75
CA ARG J 226 21.79 31.30 78.60
C ARG J 226 22.18 29.85 78.85
N ASN J 227 22.06 29.41 80.10
CA ASN J 227 22.36 28.03 80.46
C ASN J 227 21.08 27.26 80.69
N PHE J 228 20.93 26.15 79.97
CA PHE J 228 19.83 25.23 80.22
C PHE J 228 20.38 23.81 80.23
N SER J 229 19.52 22.86 80.61
CA SER J 229 19.96 21.58 81.12
C SER J 229 20.48 20.63 80.06
N ASN J 230 20.09 20.79 78.81
CA ASN J 230 20.44 19.80 77.79
C ASN J 230 21.91 19.90 77.40
N THR J 231 22.39 21.11 77.13
CA THR J 231 23.72 21.31 76.60
C THR J 231 24.62 22.13 77.50
N GLY J 232 24.13 22.55 78.66
CA GLY J 232 24.94 23.39 79.52
C GLY J 232 24.83 24.85 79.13
N THR J 233 25.85 25.61 79.51
CA THR J 233 25.88 27.04 79.25
C THR J 233 26.19 27.27 77.77
N THR J 234 25.20 27.74 77.03
CA THR J 234 25.33 27.96 75.60
C THR J 234 25.13 29.42 75.26
N VAL J 235 25.74 29.85 74.17
CA VAL J 235 25.44 31.16 73.62
C VAL J 235 24.15 31.07 72.84
N TRP J 236 23.32 32.11 72.91
CA TRP J 236 21.96 32.02 72.42
C TRP J 236 21.58 33.24 71.58
N GLY J 237 22.54 33.89 70.95
CA GLY J 237 22.21 35.01 70.11
C GLY J 237 23.16 35.17 68.94
N ALA J 238 22.59 35.32 67.74
CA ALA J 238 23.38 35.55 66.55
C ALA J 238 23.13 36.92 65.95
N ARG J 239 22.35 37.77 66.61
CA ARG J 239 22.06 39.09 66.10
C ARG J 239 23.19 40.04 66.39
N THR J 240 23.39 40.98 65.48
CA THR J 240 24.37 42.05 65.66
C THR J 240 23.66 43.25 66.30
N LEU J 241 24.34 44.40 66.30
CA LEU J 241 23.78 45.61 66.89
C LEU J 241 22.93 46.42 65.93
N GLU J 242 22.51 45.84 64.82
CA GLU J 242 21.75 46.56 63.80
C GLU J 242 20.44 45.84 63.53
N ASP J 243 19.34 46.59 63.52
CA ASP J 243 18.02 46.05 63.22
C ASP J 243 17.57 46.61 61.88
N LYS J 244 17.96 45.94 60.80
CA LYS J 244 17.29 46.10 59.52
C LYS J 244 17.37 44.77 58.79
N ASP J 245 16.76 44.73 57.61
CA ASP J 245 16.58 43.44 56.93
C ASP J 245 17.89 42.91 56.36
N ASN J 246 18.82 43.79 55.99
CA ASN J 246 20.02 43.36 55.27
C ASN J 246 21.03 42.70 56.20
N TRP J 247 21.42 43.41 57.26
CA TRP J 247 22.61 43.05 58.02
C TRP J 247 22.25 42.68 59.44
N ARG J 248 21.27 41.81 59.60
CA ARG J 248 20.72 41.52 60.93
C ARG J 248 21.57 40.54 61.72
N TYR J 249 22.40 39.73 61.08
CA TYR J 249 22.99 38.58 61.74
C TYR J 249 24.52 38.60 61.65
N VAL J 250 25.17 38.16 62.73
CA VAL J 250 26.62 37.98 62.69
C VAL J 250 27.10 36.85 61.79
N PRO J 251 26.32 35.82 61.39
CA PRO J 251 26.81 35.02 60.25
C PRO J 251 26.65 35.71 58.91
N VAL J 252 25.57 36.47 58.71
CA VAL J 252 25.39 37.16 57.43
C VAL J 252 26.29 38.38 57.32
N ARG J 253 26.85 38.85 58.44
CA ARG J 253 27.81 39.94 58.37
C ARG J 253 29.22 39.41 58.17
N ARG J 254 29.59 38.36 58.91
CA ARG J 254 30.95 37.85 58.82
C ARG J 254 31.17 36.96 57.61
N LEU J 255 30.12 36.59 56.87
CA LEU J 255 30.37 35.96 55.57
C LEU J 255 30.77 37.02 54.56
N PHE J 256 30.14 38.19 54.62
CA PHE J 256 30.54 39.29 53.74
C PHE J 256 31.81 39.99 54.19
N ASN J 257 32.46 39.53 55.26
CA ASN J 257 33.81 39.98 55.53
C ASN J 257 34.82 39.03 54.92
N SER J 258 34.62 37.73 55.10
CA SER J 258 35.58 36.74 54.63
C SER J 258 35.49 36.48 53.14
N VAL J 259 34.43 36.90 52.47
CA VAL J 259 34.42 36.84 51.01
C VAL J 259 35.06 38.09 50.43
N GLU J 260 34.85 39.24 51.06
CA GLU J 260 35.41 40.51 50.64
C GLU J 260 36.83 40.72 51.11
N ARG J 261 37.45 39.71 51.70
CA ARG J 261 38.85 39.72 52.02
C ARG J 261 39.62 38.62 51.31
N ASP J 262 38.96 37.50 51.00
CA ASP J 262 39.61 36.47 50.21
C ASP J 262 39.71 36.87 48.75
N ILE J 263 38.76 37.65 48.25
CA ILE J 263 38.85 38.11 46.87
C ILE J 263 39.83 39.28 46.77
N LYS J 264 39.89 40.14 47.79
CA LYS J 264 40.79 41.29 47.76
C LYS J 264 42.26 40.87 47.78
N ARG J 265 42.58 39.73 48.37
CA ARG J 265 43.93 39.22 48.26
C ARG J 265 44.20 38.61 46.89
N ALA J 266 43.17 38.08 46.24
CA ALA J 266 43.35 37.55 44.89
C ALA J 266 43.43 38.66 43.86
N MET J 267 42.82 39.81 44.14
CA MET J 267 42.89 40.93 43.20
C MET J 267 44.25 41.61 43.19
N SER J 268 45.10 41.35 44.18
CA SER J 268 46.45 41.88 44.12
C SER J 268 47.31 41.21 43.06
N PHE J 269 46.97 39.98 42.67
CA PHE J 269 47.71 39.32 41.61
C PHE J 269 47.34 39.84 40.24
N ALA J 270 46.08 40.23 40.05
CA ALA J 270 45.59 40.79 38.80
C ALA J 270 45.48 42.29 38.89
N MET J 271 46.45 42.93 39.55
CA MET J 271 46.31 44.34 39.87
C MET J 271 46.53 45.23 38.65
N PHE J 272 47.74 45.23 38.10
CA PHE J 272 48.07 46.10 36.98
C PHE J 272 47.96 45.38 35.64
N GLU J 273 47.18 44.32 35.57
CA GLU J 273 46.96 43.64 34.31
C GLU J 273 46.10 44.51 33.39
N PRO J 274 46.40 44.55 32.09
CA PRO J 274 45.60 45.37 31.18
C PRO J 274 44.23 44.75 30.96
N ASN J 275 43.18 45.55 31.17
CA ASN J 275 41.82 45.00 31.17
C ASN J 275 41.24 45.01 29.77
N ASN J 276 41.11 43.82 29.19
CA ASN J 276 40.36 43.63 27.96
C ASN J 276 39.62 42.31 28.10
N GLN J 277 39.12 41.80 26.98
CA GLN J 277 38.37 40.55 27.00
C GLN J 277 39.18 39.33 27.46
N PRO J 278 40.49 39.17 27.19
CA PRO J 278 41.19 38.05 27.83
C PRO J 278 41.37 38.20 29.33
N THR J 279 41.47 39.42 29.87
CA THR J 279 41.77 39.56 31.29
C THR J 279 40.55 39.32 32.16
N TRP J 280 39.46 40.03 31.90
CA TRP J 280 38.29 39.88 32.76
C TRP J 280 37.45 38.64 32.42
N GLU J 281 37.97 37.72 31.64
CA GLU J 281 37.42 36.37 31.60
C GLU J 281 38.10 35.48 32.64
N ARG J 282 39.38 35.74 32.92
CA ARG J 282 40.06 35.03 34.00
C ARG J 282 39.55 35.50 35.36
N VAL J 283 39.29 36.79 35.51
CA VAL J 283 38.83 37.32 36.80
C VAL J 283 37.39 36.91 37.07
N ARG J 284 36.58 36.81 36.01
CA ARG J 284 35.21 36.34 36.18
C ARG J 284 35.19 34.85 36.51
N ALA J 285 36.02 34.06 35.84
CA ALA J 285 36.00 32.62 36.07
C ALA J 285 36.68 32.21 37.36
N ALA J 286 37.58 33.04 37.90
CA ALA J 286 38.23 32.68 39.15
C ALA J 286 37.38 33.07 40.35
N ILE J 287 36.65 34.18 40.26
CA ILE J 287 35.77 34.58 41.34
C ILE J 287 34.54 33.68 41.38
N SER J 288 34.02 33.31 40.22
CA SER J 288 32.81 32.49 40.17
C SER J 288 33.05 31.06 40.63
N ASN J 289 34.30 30.60 40.61
CA ASN J 289 34.59 29.28 41.17
C ASN J 289 34.67 29.33 42.69
N TYR J 290 35.04 30.47 43.25
CA TYR J 290 35.01 30.62 44.70
C TYR J 290 33.58 30.67 45.21
N LEU J 291 32.73 31.44 44.52
CA LEU J 291 31.33 31.54 44.90
C LEU J 291 30.54 30.29 44.54
N TYR J 292 31.10 29.41 43.71
CA TYR J 292 30.48 28.11 43.49
C TYR J 292 30.87 27.13 44.58
N SER J 293 32.08 27.25 45.11
CA SER J 293 32.52 26.35 46.16
C SER J 293 31.82 26.62 47.47
N LEU J 294 31.42 27.87 47.71
CA LEU J 294 30.60 28.15 48.88
C LEU J 294 29.19 27.62 48.71
N TRP J 295 28.69 27.59 47.47
CA TRP J 295 27.34 27.12 47.25
C TRP J 295 27.23 25.61 47.39
N GLN J 296 28.28 24.88 47.02
CA GLN J 296 28.26 23.43 47.22
C GLN J 296 28.43 23.06 48.68
N GLN J 297 29.05 23.93 49.47
CA GLN J 297 29.12 23.71 50.91
C GLN J 297 27.86 24.15 51.64
N GLY J 298 26.91 24.75 50.94
CA GLY J 298 25.68 25.19 51.56
C GLY J 298 25.74 26.55 52.21
N GLY J 299 26.76 27.34 51.93
CA GLY J 299 26.85 28.67 52.50
C GLY J 299 25.95 29.70 51.86
N LEU J 300 25.50 29.44 50.63
CA LEU J 300 24.63 30.35 49.92
C LEU J 300 23.30 29.68 49.64
N ALA J 301 22.21 30.43 49.82
CA ALA J 301 20.88 29.90 49.58
C ALA J 301 20.60 29.84 48.08
N GLY J 302 19.48 29.24 47.73
CA GLY J 302 19.07 29.16 46.34
C GLY J 302 19.05 27.73 45.84
N SER J 303 18.29 27.53 44.77
CA SER J 303 18.10 26.19 44.22
C SER J 303 19.23 25.80 43.27
N LYS J 304 19.52 26.63 42.29
CA LYS J 304 20.63 26.38 41.38
C LYS J 304 21.53 27.62 41.32
N GLU J 305 22.69 27.45 40.67
CA GLU J 305 23.77 28.42 40.80
C GLU J 305 23.49 29.73 40.09
N GLU J 306 22.50 29.78 39.21
CA GLU J 306 22.11 31.06 38.61
C GLU J 306 21.41 31.98 39.59
N ASP J 307 20.89 31.43 40.69
CA ASP J 307 20.19 32.20 41.69
C ASP J 307 21.03 32.47 42.93
N ALA J 308 22.01 31.62 43.22
CA ALA J 308 22.80 31.81 44.44
C ALA J 308 23.75 33.00 44.34
N TYR J 309 24.27 33.28 43.15
CA TYR J 309 25.27 34.32 42.97
C TYR J 309 25.27 34.77 41.52
N PHE J 310 25.94 35.88 41.27
CA PHE J 310 26.20 36.33 39.91
C PHE J 310 27.41 37.26 39.94
N VAL J 311 28.24 37.17 38.91
CA VAL J 311 29.41 38.02 38.76
C VAL J 311 29.42 38.58 37.34
N GLN J 312 29.68 39.88 37.21
CA GLN J 312 29.55 40.56 35.94
C GLN J 312 30.74 41.50 35.74
N ILE J 313 31.62 41.14 34.82
CA ILE J 313 32.61 42.07 34.31
C ILE J 313 32.45 42.16 32.80
N GLY J 314 32.74 43.32 32.24
CA GLY J 314 32.72 43.49 30.81
C GLY J 314 32.44 44.91 30.40
N LYS J 315 33.00 45.31 29.26
CA LYS J 315 32.68 46.58 28.64
C LYS J 315 31.23 46.57 28.21
N GLY J 316 30.49 47.63 28.57
CA GLY J 316 29.06 47.52 28.51
C GLY J 316 28.44 47.26 29.86
N ILE J 317 28.23 45.98 30.17
CA ILE J 317 27.45 45.43 31.28
C ILE J 317 27.62 46.13 32.63
N THR J 318 28.86 46.31 33.07
CA THR J 318 29.07 46.94 34.36
C THR J 318 29.79 48.27 34.29
N MET J 319 30.72 48.44 33.35
CA MET J 319 31.46 49.68 33.22
C MET J 319 31.33 50.19 31.79
N THR J 320 31.41 51.50 31.64
CA THR J 320 31.29 52.11 30.33
C THR J 320 32.68 52.25 29.72
N GLN J 321 32.75 52.87 28.55
CA GLN J 321 34.03 53.03 27.88
C GLN J 321 34.90 54.08 28.55
N GLU J 322 34.29 55.15 29.03
CA GLU J 322 35.05 56.25 29.63
C GLU J 322 35.67 55.87 30.97
N GLN J 323 35.11 54.87 31.65
CA GLN J 323 35.73 54.40 32.88
C GLN J 323 36.92 53.49 32.59
N ILE J 324 36.93 52.82 31.44
CA ILE J 324 38.10 52.06 31.03
C ILE J 324 39.26 53.00 30.71
N ASP J 325 38.96 54.15 30.11
CA ASP J 325 39.99 55.14 29.81
C ASP J 325 40.59 55.78 31.05
N ALA J 326 39.87 55.78 32.16
CA ALA J 326 40.45 56.18 33.44
C ALA J 326 41.12 55.02 34.16
N GLY J 327 41.03 53.82 33.61
CA GLY J 327 41.73 52.67 34.16
C GLY J 327 41.14 52.14 35.44
N GLN J 328 39.83 51.89 35.47
CA GLN J 328 39.19 51.29 36.64
C GLN J 328 38.16 50.28 36.16
N MET J 329 38.45 49.00 36.34
CA MET J 329 37.46 47.99 36.01
C MET J 329 36.63 47.62 37.24
N ILE J 330 35.35 47.38 37.00
CA ILE J 330 34.33 47.29 38.04
C ILE J 330 33.77 45.88 38.05
N VAL J 331 33.76 45.26 39.22
CA VAL J 331 33.23 43.90 39.39
C VAL J 331 32.01 43.96 40.28
N LYS J 332 30.88 43.52 39.77
CA LYS J 332 29.67 43.36 40.56
C LYS J 332 29.54 41.92 41.00
N VAL J 333 29.38 41.71 42.30
CA VAL J 333 29.30 40.37 42.88
C VAL J 333 28.05 40.30 43.74
N GLY J 334 27.20 39.32 43.47
CA GLY J 334 26.00 39.10 44.25
C GLY J 334 26.14 37.88 45.13
N LEU J 335 25.61 37.97 46.36
CA LEU J 335 25.64 36.85 47.29
C LEU J 335 24.30 36.76 47.99
N ALA J 336 23.80 35.54 48.17
CA ALA J 336 22.59 35.26 48.94
C ALA J 336 23.02 34.42 50.13
N ALA J 337 23.46 35.09 51.18
CA ALA J 337 23.96 34.37 52.34
C ALA J 337 22.80 33.82 53.16
N VAL J 338 23.01 32.65 53.72
CA VAL J 338 21.97 32.00 54.51
C VAL J 338 21.89 32.67 55.88
N ARG J 339 20.70 32.75 56.40
CA ARG J 339 20.50 33.34 57.71
C ARG J 339 20.01 32.28 58.67
N PRO J 340 20.35 32.35 59.95
CA PRO J 340 20.02 31.24 60.86
C PRO J 340 18.53 31.22 61.20
N ALA J 341 18.09 30.06 61.66
CA ALA J 341 16.71 29.86 62.07
C ALA J 341 16.54 30.41 63.48
N GLU J 342 16.25 31.69 63.57
CA GLU J 342 16.15 32.31 64.89
C GLU J 342 14.88 31.90 65.61
N PHE J 343 13.77 31.75 64.89
CA PHE J 343 12.48 31.43 65.49
C PHE J 343 11.83 30.31 64.68
N ILE J 344 12.12 29.07 65.02
CA ILE J 344 11.51 27.95 64.32
C ILE J 344 10.10 27.76 64.87
N ILE J 345 9.09 27.92 64.01
CA ILE J 345 7.71 27.80 64.43
C ILE J 345 7.09 26.57 63.80
N LEU J 346 6.11 26.00 64.50
CA LEU J 346 5.53 24.71 64.14
C LEU J 346 4.02 24.86 64.14
N GLN J 347 3.40 24.59 63.00
CA GLN J 347 1.96 24.75 62.83
C GLN J 347 1.33 23.38 62.70
N PHE J 348 0.39 23.07 63.59
CA PHE J 348 -0.20 21.74 63.67
C PHE J 348 -1.66 21.80 63.28
N THR J 349 -2.00 21.09 62.21
CA THR J 349 -3.35 21.03 61.69
C THR J 349 -3.88 19.62 61.86
N GLN J 350 -5.20 19.52 62.00
CA GLN J 350 -5.85 18.22 62.01
C GLN J 350 -6.51 17.90 60.68
N ASP J 351 -6.19 18.66 59.64
CA ASP J 351 -6.74 18.45 58.31
C ASP J 351 -5.63 17.86 57.43
N VAL J 352 -5.64 16.54 57.29
CA VAL J 352 -4.57 15.84 56.59
C VAL J 352 -4.92 15.50 55.15
N GLU J 353 -6.20 15.42 54.81
CA GLU J 353 -6.60 15.26 53.43
C GLU J 353 -6.74 16.61 52.72
N GLN J 354 -6.80 17.69 53.50
CA GLN J 354 -6.82 19.03 52.92
C GLN J 354 -5.46 19.39 52.34
N ARG J 355 -4.39 19.13 53.10
CA ARG J 355 -2.99 19.41 52.76
C ARG J 355 -2.73 20.86 52.37
N THR K 2 54.04 20.00 -46.82
CA THR K 2 54.61 18.90 -46.05
C THR K 2 55.19 17.84 -46.96
N THR K 3 54.35 16.90 -47.39
CA THR K 3 54.77 15.82 -48.25
C THR K 3 54.32 16.08 -49.68
N VAL K 4 55.17 15.75 -50.64
CA VAL K 4 54.84 15.85 -52.05
C VAL K 4 54.79 14.44 -52.62
N THR K 5 53.78 14.16 -53.42
CA THR K 5 53.58 12.84 -54.00
C THR K 5 53.77 12.97 -55.50
N SER K 6 54.88 12.44 -56.00
CA SER K 6 55.23 12.55 -57.41
C SER K 6 55.08 11.23 -58.16
N TYR K 7 55.69 10.16 -57.67
CA TYR K 7 55.67 8.87 -58.32
C TYR K 7 54.86 7.88 -57.51
N PRO K 8 54.27 6.87 -58.14
CA PRO K 8 53.54 5.85 -57.38
C PRO K 8 54.49 4.98 -56.59
N GLY K 9 54.28 4.89 -55.29
CA GLY K 9 55.18 4.16 -54.42
C GLY K 9 54.75 4.32 -52.99
N VAL K 10 55.63 3.90 -52.08
CA VAL K 10 55.39 3.97 -50.65
C VAL K 10 56.25 5.08 -50.07
N TYR K 11 55.62 6.03 -49.42
CA TYR K 11 56.31 7.18 -48.85
C TYR K 11 56.30 7.07 -47.34
N ILE K 12 57.50 7.04 -46.74
CA ILE K 12 57.64 7.08 -45.30
C ILE K 12 57.99 8.50 -44.90
N GLU K 13 57.15 9.12 -44.09
CA GLU K 13 57.47 10.41 -43.49
C GLU K 13 57.15 10.33 -42.02
N GLU K 14 58.08 10.78 -41.19
CA GLU K 14 57.98 10.66 -39.75
C GLU K 14 57.69 12.03 -39.17
N LEU K 15 56.41 12.31 -38.92
CA LEU K 15 56.04 13.52 -38.21
C LEU K 15 56.15 13.26 -36.72
N ASN K 16 56.82 14.16 -36.01
CA ASN K 16 57.03 14.00 -34.58
C ASN K 16 56.69 15.30 -33.88
N SER K 17 55.97 15.19 -32.77
CA SER K 17 55.61 16.36 -31.97
C SER K 17 56.84 16.94 -31.29
N LEU K 18 56.67 18.14 -30.76
CA LEU K 18 57.73 18.81 -30.02
C LEU K 18 57.96 18.08 -28.70
N ALA K 19 59.08 17.37 -28.60
CA ALA K 19 59.44 16.66 -27.38
C ALA K 19 60.29 17.60 -26.54
N LEU K 20 59.77 17.99 -25.38
CA LEU K 20 60.42 18.98 -24.53
C LEU K 20 60.54 18.41 -23.13
N SER K 21 61.77 18.38 -22.61
CA SER K 21 62.01 17.94 -21.25
C SER K 21 63.08 18.84 -20.64
N VAL K 22 63.05 18.94 -19.32
CA VAL K 22 63.89 19.89 -18.60
C VAL K 22 64.96 19.11 -17.85
N SER K 23 66.22 19.43 -18.12
CA SER K 23 67.36 18.74 -17.53
C SER K 23 67.93 19.58 -16.39
N ASN K 24 68.20 18.94 -15.26
CA ASN K 24 68.79 19.60 -14.10
C ASN K 24 70.21 19.09 -13.93
N SER K 25 71.19 19.97 -14.07
CA SER K 25 72.59 19.58 -13.96
C SER K 25 73.44 20.78 -13.60
N ALA K 26 74.55 20.50 -12.92
CA ALA K 26 75.60 21.46 -12.57
C ALA K 26 75.05 22.63 -11.76
N THR K 27 74.59 22.30 -10.55
CA THR K 27 73.99 23.31 -9.70
C THR K 27 75.03 24.26 -9.12
N ALA K 28 76.15 23.73 -8.63
CA ALA K 28 77.19 24.55 -8.01
C ALA K 28 78.55 24.16 -8.58
N VAL K 29 78.93 24.81 -9.67
CA VAL K 29 80.25 24.67 -10.28
C VAL K 29 80.95 26.02 -10.17
N PRO K 30 81.99 26.14 -9.36
CA PRO K 30 82.58 27.45 -9.08
C PRO K 30 83.72 27.79 -10.03
N VAL K 31 84.09 29.06 -10.00
CA VAL K 31 85.31 29.54 -10.63
C VAL K 31 86.14 30.22 -9.55
N PHE K 32 87.46 30.17 -9.69
CA PHE K 32 88.35 30.75 -8.69
C PHE K 32 89.15 31.86 -9.33
N ALA K 33 88.90 33.09 -8.90
CA ALA K 33 89.73 34.21 -9.33
C ALA K 33 91.09 34.03 -8.68
N VAL K 34 92.07 33.58 -9.47
CA VAL K 34 93.38 33.30 -8.91
C VAL K 34 94.11 34.60 -8.60
N ASP K 35 95.16 34.48 -7.80
CA ASP K 35 96.02 35.62 -7.51
C ASP K 35 96.74 36.05 -8.79
N GLU K 36 96.90 37.36 -8.95
CA GLU K 36 97.52 37.88 -10.16
C GLU K 36 99.00 37.52 -10.23
N GLN K 37 99.65 37.32 -9.08
CA GLN K 37 101.06 37.00 -9.04
C GLN K 37 101.35 35.54 -9.40
N ASN K 38 100.36 34.65 -9.33
CA ASN K 38 100.56 33.23 -9.59
C ASN K 38 100.90 33.01 -11.05
N GLN K 39 102.16 32.63 -11.31
CA GLN K 39 102.69 32.55 -12.67
C GLN K 39 102.25 31.30 -13.41
N TYR K 40 101.60 30.35 -12.73
CA TYR K 40 101.30 29.08 -13.36
C TYR K 40 100.00 29.09 -14.13
N ILE K 41 99.06 29.95 -13.74
CA ILE K 41 97.85 30.13 -14.54
C ILE K 41 98.20 30.91 -15.80
N SER K 42 97.81 30.37 -16.95
CA SER K 42 98.06 31.05 -18.20
C SER K 42 97.18 32.28 -18.33
N GLU K 43 97.67 33.26 -19.08
CA GLU K 43 96.98 34.53 -19.22
C GLU K 43 95.75 34.37 -20.10
N ASP K 44 94.58 34.74 -19.56
CA ASP K 44 93.29 34.78 -20.26
C ASP K 44 92.88 33.43 -20.82
N ASN K 45 92.90 32.41 -19.97
CA ASN K 45 92.44 31.08 -20.35
C ASN K 45 91.91 30.39 -19.12
N ALA K 46 90.66 29.92 -19.19
CA ALA K 46 90.02 29.23 -18.07
C ALA K 46 90.54 27.81 -18.01
N ILE K 47 91.68 27.66 -17.33
CA ILE K 47 92.25 26.33 -17.15
C ILE K 47 91.41 25.56 -16.12
N ARG K 48 90.94 24.38 -16.52
CA ARG K 48 89.92 23.66 -15.79
C ARG K 48 90.53 22.45 -15.11
N ILE K 49 90.23 22.27 -13.82
CA ILE K 49 90.75 21.17 -13.04
C ILE K 49 89.59 20.35 -12.50
N ASN K 50 89.80 19.05 -12.37
CA ASN K 50 88.76 18.14 -11.91
C ASN K 50 88.95 17.68 -10.48
N SER K 51 90.14 17.22 -10.13
CA SER K 51 90.43 16.74 -8.78
C SER K 51 91.80 17.25 -8.39
N TRP K 52 92.20 16.96 -7.15
CA TRP K 52 93.45 17.50 -6.65
C TRP K 52 94.65 16.79 -7.24
N MET K 53 94.52 15.50 -7.57
CA MET K 53 95.56 14.84 -8.33
C MET K 53 95.60 15.36 -9.77
N ASP K 54 94.45 15.81 -10.29
CA ASP K 54 94.44 16.45 -11.60
C ASP K 54 95.02 17.85 -11.53
N TYR K 55 94.79 18.54 -10.41
CA TYR K 55 95.37 19.87 -10.23
C TYR K 55 96.87 19.79 -9.96
N LEU K 56 97.34 18.68 -9.38
CA LEU K 56 98.74 18.56 -9.02
C LEU K 56 99.66 18.38 -10.22
N ASN K 57 99.12 18.12 -11.41
CA ASN K 57 99.95 18.09 -12.61
C ASN K 57 100.32 19.49 -13.07
N LEU K 58 99.53 20.50 -12.70
CA LEU K 58 99.92 21.88 -12.94
C LEU K 58 101.16 22.22 -12.11
N ILE K 59 101.10 21.96 -10.81
CA ILE K 59 102.20 22.22 -9.89
C ILE K 59 102.33 21.02 -8.95
N GLY K 60 103.51 20.38 -8.96
CA GLY K 60 103.69 19.15 -8.19
C GLY K 60 103.96 19.35 -6.71
N ASN K 61 104.40 20.53 -6.30
CA ASN K 61 104.80 20.79 -4.93
C ASN K 61 104.05 22.02 -4.42
N PHE K 62 104.54 22.60 -3.31
CA PHE K 62 104.20 23.95 -2.86
C PHE K 62 102.73 24.05 -2.45
N ASN K 63 102.27 23.06 -1.68
CA ASN K 63 100.96 23.11 -1.07
C ASN K 63 100.91 24.08 0.12
N ASN K 64 102.06 24.57 0.57
CA ASN K 64 102.21 25.14 1.90
C ASN K 64 101.84 26.62 1.98
N GLU K 65 102.27 27.45 1.03
CA GLU K 65 102.35 28.88 1.29
C GLU K 65 101.34 29.74 0.54
N ASP K 66 101.27 29.65 -0.79
CA ASP K 66 100.52 30.64 -1.56
C ASP K 66 99.02 30.47 -1.40
N LYS K 67 98.32 31.60 -1.31
CA LYS K 67 96.95 31.61 -0.81
C LYS K 67 95.95 31.00 -1.79
N LEU K 68 96.25 31.01 -3.09
CA LEU K 68 95.41 30.27 -4.03
C LEU K 68 95.63 28.78 -3.88
N ASP K 69 96.88 28.36 -3.68
CA ASP K 69 97.24 26.95 -3.64
C ASP K 69 96.63 26.27 -2.42
N VAL K 70 96.56 26.99 -1.30
CA VAL K 70 95.94 26.45 -0.10
C VAL K 70 94.42 26.37 -0.28
N SER K 71 93.85 27.35 -0.99
CA SER K 71 92.40 27.46 -1.08
C SER K 71 91.79 26.34 -1.91
N VAL K 72 92.41 25.99 -3.03
CA VAL K 72 91.86 24.93 -3.87
C VAL K 72 92.11 23.57 -3.24
N ARG K 73 93.12 23.45 -2.38
CA ARG K 73 93.29 22.23 -1.60
C ARG K 73 92.20 22.10 -0.55
N ALA K 74 91.87 23.22 0.10
CA ALA K 74 90.78 23.22 1.06
C ALA K 74 89.42 23.08 0.39
N TYR K 75 89.32 23.46 -0.90
CA TYR K 75 88.06 23.34 -1.60
C TYR K 75 87.73 21.90 -1.92
N PHE K 76 88.71 21.13 -2.40
CA PHE K 76 88.47 19.73 -2.74
C PHE K 76 88.28 18.87 -1.50
N ALA K 77 88.80 19.29 -0.35
CA ALA K 77 88.64 18.50 0.86
C ALA K 77 87.21 18.56 1.38
N ASN K 78 86.58 19.73 1.31
CA ASN K 78 85.22 19.87 1.81
C ASN K 78 84.21 19.21 0.88
N GLY K 79 84.13 19.69 -0.35
CA GLY K 79 83.16 19.16 -1.29
C GLY K 79 83.80 18.89 -2.63
N GLY K 80 83.17 18.00 -3.39
CA GLY K 80 83.69 17.59 -4.68
C GLY K 80 83.06 18.39 -5.80
N GLY K 81 83.91 18.86 -6.71
CA GLY K 81 83.43 19.55 -7.89
C GLY K 81 84.59 19.78 -8.82
N TYR K 82 84.28 20.38 -9.97
CA TYR K 82 85.29 20.83 -10.90
C TYR K 82 85.21 22.34 -11.02
N CYS K 83 86.35 23.00 -11.03
CA CYS K 83 86.39 24.44 -11.00
C CYS K 83 87.36 24.98 -12.04
N TYR K 84 87.02 26.14 -12.59
CA TYR K 84 87.90 26.81 -13.52
C TYR K 84 88.78 27.79 -12.75
N LEU K 85 89.97 28.05 -13.27
CA LEU K 85 90.91 28.97 -12.64
C LEU K 85 91.25 30.07 -13.63
N VAL K 86 90.87 31.30 -13.29
CA VAL K 86 91.11 32.44 -14.17
C VAL K 86 91.83 33.52 -13.37
N LYS K 87 92.59 34.34 -14.06
CA LYS K 87 93.21 35.49 -13.41
C LYS K 87 92.19 36.61 -13.26
N THR K 88 92.33 37.37 -12.19
CA THR K 88 91.38 38.42 -11.88
C THR K 88 91.49 39.62 -12.81
N THR K 89 92.59 39.74 -13.55
CA THR K 89 92.71 40.81 -14.54
C THR K 89 91.71 40.62 -15.68
N SER K 90 91.65 39.41 -16.22
CA SER K 90 90.73 39.07 -17.30
C SER K 90 89.53 38.30 -16.79
N LEU K 91 89.01 38.66 -15.62
CA LEU K 91 87.90 37.91 -15.04
C LEU K 91 86.59 38.23 -15.76
N GLU K 92 86.40 39.49 -16.17
CA GLU K 92 85.16 39.87 -16.82
C GLU K 92 85.11 39.45 -18.29
N LYS K 93 86.22 39.01 -18.86
CA LYS K 93 86.25 38.63 -20.27
C LYS K 93 86.00 37.14 -20.49
N ILE K 94 86.32 36.32 -19.50
CA ILE K 94 86.24 34.86 -19.67
C ILE K 94 84.90 34.31 -19.21
N ILE K 95 84.37 34.86 -18.12
CA ILE K 95 83.15 34.29 -17.50
C ILE K 95 81.91 34.34 -18.39
N PRO K 96 81.62 35.41 -19.18
CA PRO K 96 80.45 35.31 -20.06
C PRO K 96 80.53 34.24 -21.14
N THR K 97 81.72 33.89 -21.62
CA THR K 97 81.86 32.82 -22.60
C THR K 97 82.26 31.51 -21.95
N LEU K 98 81.46 31.05 -21.00
CA LEU K 98 81.70 29.78 -20.33
C LEU K 98 80.39 29.04 -20.14
N ASP K 99 80.49 27.71 -20.03
CA ASP K 99 79.30 26.86 -20.10
C ASP K 99 78.47 26.96 -18.82
N ASP K 100 79.04 26.53 -17.69
CA ASP K 100 78.33 26.54 -16.42
C ASP K 100 79.29 27.06 -15.36
N VAL K 101 79.25 28.37 -15.14
CA VAL K 101 79.95 29.00 -14.03
C VAL K 101 78.88 29.71 -13.24
N THR K 102 78.61 29.22 -12.04
CA THR K 102 77.50 29.72 -11.25
C THR K 102 77.90 30.19 -9.85
N LEU K 103 79.14 30.02 -9.44
CA LEU K 103 79.66 30.61 -8.20
C LEU K 103 80.97 31.30 -8.53
N LEU K 104 80.91 32.60 -8.75
CA LEU K 104 82.14 33.38 -8.93
C LEU K 104 82.76 33.55 -7.55
N VAL K 105 83.73 32.70 -7.23
CA VAL K 105 84.27 32.60 -5.88
C VAL K 105 85.59 33.32 -5.81
N ALA K 106 85.68 34.30 -4.92
CA ALA K 106 86.90 35.07 -4.71
C ALA K 106 87.77 34.35 -3.69
N ALA K 107 88.92 33.84 -4.13
CA ALA K 107 89.86 33.21 -3.20
C ALA K 107 90.80 34.24 -2.59
N GLY K 108 90.19 35.21 -1.91
CA GLY K 108 90.92 36.30 -1.27
C GLY K 108 91.62 37.22 -2.25
N GLU K 109 90.86 37.92 -3.09
CA GLU K 109 91.46 38.71 -4.15
C GLU K 109 90.83 40.09 -4.36
N ASP K 110 89.77 40.44 -3.61
CA ASP K 110 89.11 41.75 -3.61
C ASP K 110 88.60 42.11 -5.00
N ILE K 111 87.59 41.35 -5.44
CA ILE K 111 87.07 41.48 -6.79
C ILE K 111 85.63 41.96 -6.80
N LYS K 112 85.27 42.80 -5.82
CA LYS K 112 83.90 43.27 -5.66
C LYS K 112 83.42 44.08 -6.86
N THR K 113 84.31 44.87 -7.46
CA THR K 113 83.93 45.66 -8.62
C THR K 113 83.68 44.79 -9.84
N THR K 114 84.44 43.71 -10.00
CA THR K 114 84.26 42.81 -11.14
C THR K 114 82.96 42.02 -11.01
N VAL K 115 82.56 41.70 -9.78
CA VAL K 115 81.32 40.95 -9.57
C VAL K 115 80.11 41.80 -9.95
N ASP K 116 80.14 43.09 -9.59
CA ASP K 116 79.01 43.97 -9.87
C ASP K 116 78.85 44.22 -11.37
N VAL K 117 79.96 44.30 -12.10
CA VAL K 117 79.90 44.43 -13.55
C VAL K 117 79.38 43.15 -14.18
N LEU K 118 79.70 42.00 -13.59
CA LEU K 118 79.42 40.72 -14.22
C LEU K 118 77.95 40.34 -14.16
N CYS K 119 77.38 40.20 -12.97
CA CYS K 119 76.07 39.59 -12.81
C CYS K 119 74.98 40.65 -12.83
N GLN K 120 74.26 40.69 -13.95
CA GLN K 120 72.98 41.37 -14.05
C GLN K 120 71.91 40.50 -13.41
N PRO K 121 70.67 41.01 -13.24
CA PRO K 121 69.59 40.12 -12.79
C PRO K 121 69.23 38.99 -13.76
N GLY K 122 69.62 39.08 -15.03
CA GLY K 122 69.24 38.04 -15.98
C GLY K 122 70.19 36.87 -16.04
N LYS K 123 71.47 37.09 -15.77
CA LYS K 123 72.48 36.06 -16.01
C LYS K 123 72.41 34.97 -14.95
N GLY K 124 72.45 35.35 -13.68
CA GLY K 124 72.56 34.39 -12.60
C GLY K 124 73.91 34.48 -11.93
N LEU K 125 74.50 33.31 -11.63
CA LEU K 125 75.84 33.16 -11.04
C LEU K 125 75.99 33.95 -9.74
N PHE K 126 75.27 33.46 -8.73
CA PHE K 126 75.43 33.92 -7.36
C PHE K 126 76.88 33.78 -6.91
N ALA K 127 77.48 34.88 -6.47
CA ALA K 127 78.93 34.98 -6.28
C ALA K 127 79.26 35.24 -4.83
N VAL K 128 79.88 34.27 -4.16
CA VAL K 128 80.20 34.43 -2.74
C VAL K 128 81.45 35.29 -2.56
N PHE K 129 81.58 35.85 -1.37
CA PHE K 129 82.69 36.72 -1.01
C PHE K 129 83.39 36.15 0.21
N ASP K 130 84.47 36.83 0.63
CA ASP K 130 85.20 36.49 1.84
C ASP K 130 85.14 37.67 2.79
N GLY K 131 85.09 37.37 4.08
CA GLY K 131 85.01 38.40 5.09
C GLY K 131 86.34 39.07 5.32
N PRO K 132 86.32 40.14 6.11
CA PRO K 132 87.56 40.84 6.44
C PRO K 132 88.41 39.99 7.37
N GLU K 133 89.71 39.89 7.05
CA GLU K 133 90.58 38.99 7.81
C GLU K 133 90.95 39.56 9.17
N THR K 134 90.69 40.85 9.41
CA THR K 134 91.04 41.46 10.68
C THR K 134 89.94 41.20 11.71
N GLU K 135 90.15 41.75 12.90
CA GLU K 135 89.19 41.61 13.99
C GLU K 135 87.96 42.46 13.74
N LEU K 136 86.79 41.91 14.05
CA LEU K 136 85.54 42.68 14.03
C LEU K 136 84.99 42.77 15.44
N THR K 137 85.06 43.96 16.02
CA THR K 137 84.43 44.20 17.29
C THR K 137 82.94 44.46 17.09
N ILE K 138 82.21 44.55 18.20
CA ILE K 138 80.76 44.65 18.11
C ILE K 138 80.32 46.09 17.86
N ASN K 139 81.00 47.07 18.46
CA ASN K 139 80.65 48.46 18.27
C ASN K 139 81.27 49.07 17.02
N GLY K 140 82.10 48.33 16.30
CA GLY K 140 82.60 48.78 15.02
C GLY K 140 81.85 48.14 13.88
N ALA K 141 80.56 47.87 14.10
CA ALA K 141 79.75 47.17 13.12
C ALA K 141 79.32 48.06 11.98
N GLU K 142 79.16 49.36 12.22
CA GLU K 142 78.67 50.26 11.19
C GLU K 142 79.72 50.56 10.13
N GLU K 143 81.00 50.38 10.43
CA GLU K 143 82.05 50.62 9.46
C GLU K 143 82.47 49.35 8.73
N ALA K 144 82.40 48.19 9.39
CA ALA K 144 82.83 46.95 8.75
C ALA K 144 81.85 46.50 7.67
N LYS K 145 80.57 46.90 7.79
CA LYS K 145 79.61 46.63 6.73
C LYS K 145 79.72 47.59 5.56
N GLN K 146 80.47 48.68 5.71
CA GLN K 146 80.43 49.76 4.73
C GLN K 146 81.19 49.39 3.47
N ALA K 147 82.17 48.48 3.57
CA ALA K 147 82.99 48.14 2.41
C ALA K 147 82.20 47.34 1.38
N TYR K 148 81.33 46.45 1.83
CA TYR K 148 80.49 45.70 0.92
C TYR K 148 79.28 46.51 0.51
N THR K 149 78.91 46.41 -0.76
CA THR K 149 77.75 47.11 -1.30
C THR K 149 76.62 46.12 -1.44
N ALA K 150 75.42 46.49 -1.00
CA ALA K 150 74.30 45.59 -0.88
C ALA K 150 73.79 45.17 -2.27
N THR K 151 73.96 43.89 -2.58
CA THR K 151 73.47 43.29 -3.80
C THR K 151 72.96 41.91 -3.44
N PRO K 152 71.86 41.45 -4.02
CA PRO K 152 71.31 40.14 -3.66
C PRO K 152 72.00 38.96 -4.30
N PHE K 153 73.17 39.13 -4.93
CA PHE K 153 73.93 38.06 -5.53
C PHE K 153 75.25 37.82 -4.81
N ALA K 154 75.26 37.93 -3.48
CA ALA K 154 76.52 37.80 -2.77
C ALA K 154 76.28 37.20 -1.39
N ALA K 155 77.36 36.81 -0.76
CA ALA K 155 77.35 36.28 0.60
C ALA K 155 78.74 36.47 1.20
N VAL K 156 78.79 36.93 2.44
CA VAL K 156 80.05 37.20 3.12
C VAL K 156 80.16 36.27 4.31
N TYR K 157 81.37 35.74 4.55
CA TYR K 157 81.61 34.81 5.64
C TYR K 157 82.78 35.31 6.46
N TYR K 158 82.54 35.60 7.76
CA TYR K 158 83.47 36.45 8.49
C TYR K 158 84.81 35.79 8.81
N PRO K 159 84.90 34.72 9.62
CA PRO K 159 86.22 34.39 10.17
C PRO K 159 87.07 33.64 9.15
N TRP K 160 88.20 34.23 8.80
CA TRP K 160 89.18 33.52 7.99
C TRP K 160 89.65 32.28 8.74
N LEU K 161 89.82 31.19 8.02
CA LEU K 161 90.05 29.91 8.67
C LEU K 161 91.54 29.59 8.73
N LYS K 162 91.91 28.83 9.74
CA LYS K 162 93.29 28.45 9.99
C LYS K 162 93.35 26.94 10.13
N ALA K 163 94.22 26.31 9.37
CA ALA K 163 94.32 24.86 9.35
C ALA K 163 95.68 24.41 9.85
N ASP K 164 95.80 23.11 10.09
CA ASP K 164 97.07 22.54 10.54
C ASP K 164 98.09 22.54 9.41
N TRP K 165 97.79 21.85 8.32
CA TRP K 165 98.58 21.94 7.10
C TRP K 165 98.45 23.34 6.51
N ALA K 166 99.54 23.79 5.86
CA ALA K 166 99.59 25.04 5.10
C ALA K 166 99.25 26.25 5.97
N ASN K 167 100.20 26.57 6.85
CA ASN K 167 100.03 27.47 7.99
C ASN K 167 99.58 28.89 7.64
N ILE K 168 99.54 29.28 6.36
CA ILE K 168 98.93 30.55 6.02
C ILE K 168 97.41 30.47 6.21
N ASP K 169 96.78 31.63 6.33
CA ASP K 169 95.35 31.68 6.61
C ASP K 169 94.54 31.36 5.37
N ILE K 170 93.66 30.37 5.48
CA ILE K 170 92.79 30.01 4.37
C ILE K 170 91.65 31.03 4.30
N PRO K 171 91.31 31.54 3.12
CA PRO K 171 90.13 32.40 3.01
C PRO K 171 88.86 31.59 3.18
N PRO K 172 87.81 32.17 3.76
CA PRO K 172 86.59 31.41 4.01
C PRO K 172 85.73 31.23 2.78
N SER K 173 85.99 31.98 1.72
CA SER K 173 85.12 31.93 0.54
C SER K 173 85.37 30.67 -0.27
N ALA K 174 86.63 30.24 -0.37
CA ALA K 174 86.91 29.01 -1.10
C ALA K 174 86.51 27.78 -0.29
N VAL K 175 86.53 27.89 1.04
CA VAL K 175 86.08 26.80 1.90
C VAL K 175 84.57 26.63 1.77
N MET K 176 83.83 27.73 1.86
CA MET K 176 82.38 27.70 1.74
C MET K 176 81.92 27.38 0.32
N ALA K 177 82.78 27.55 -0.67
CA ALA K 177 82.43 27.17 -2.03
C ALA K 177 82.28 25.66 -2.16
N GLY K 178 83.06 24.90 -1.40
CA GLY K 178 82.93 23.45 -1.46
C GLY K 178 81.73 22.93 -0.72
N VAL K 179 81.30 23.64 0.32
CA VAL K 179 80.13 23.22 1.09
C VAL K 179 78.86 23.42 0.27
N TYR K 180 78.86 24.42 -0.62
CA TYR K 180 77.72 24.64 -1.52
C TYR K 180 77.53 23.45 -2.45
N ALA K 181 78.60 23.03 -3.12
CA ALA K 181 78.50 21.88 -4.03
C ALA K 181 78.29 20.57 -3.28
N SER K 182 78.64 20.51 -2.00
CA SER K 182 78.38 19.31 -1.21
C SER K 182 76.95 19.25 -0.72
N VAL K 183 76.37 20.41 -0.39
CA VAL K 183 74.97 20.44 0.06
C VAL K 183 74.02 20.30 -1.12
N ASP K 184 74.31 20.98 -2.23
CA ASP K 184 73.45 20.92 -3.42
C ASP K 184 73.45 19.54 -4.05
N LEU K 185 74.52 18.77 -3.86
CA LEU K 185 74.53 17.40 -4.35
C LEU K 185 73.79 16.46 -3.39
N SER K 186 74.00 16.64 -2.09
CA SER K 186 73.48 15.68 -1.12
C SER K 186 72.00 15.87 -0.85
N ARG K 187 71.59 17.11 -0.53
CA ARG K 187 70.21 17.37 -0.15
C ARG K 187 69.50 18.35 -1.07
N GLY K 188 70.06 18.64 -2.24
CA GLY K 188 69.42 19.52 -3.18
C GLY K 188 69.82 20.97 -2.99
N VAL K 189 69.36 21.80 -3.92
CA VAL K 189 69.76 23.20 -3.91
C VAL K 189 68.95 24.02 -2.91
N TRP K 190 67.69 23.65 -2.68
CA TRP K 190 66.80 24.47 -1.85
C TRP K 190 67.14 24.39 -0.36
N LYS K 191 67.87 23.38 0.08
CA LYS K 191 68.28 23.32 1.47
C LYS K 191 69.39 24.33 1.71
N ALA K 192 69.31 25.02 2.85
CA ALA K 192 70.23 26.11 3.13
C ALA K 192 71.63 25.58 3.41
N PRO K 193 72.66 26.20 2.84
CA PRO K 193 74.03 25.67 3.00
C PRO K 193 74.64 25.89 4.38
N ALA K 194 73.90 26.41 5.35
CA ALA K 194 74.41 26.51 6.71
C ALA K 194 74.14 25.21 7.46
N ASN K 195 74.64 25.15 8.69
CA ASN K 195 74.50 24.03 9.63
C ASN K 195 75.04 22.72 9.03
N VAL K 196 76.27 22.81 8.52
CA VAL K 196 76.99 21.66 7.98
C VAL K 196 78.42 21.76 8.45
N ALA K 197 78.92 20.70 9.10
CA ALA K 197 80.28 20.69 9.60
C ALA K 197 81.28 20.66 8.45
N LEU K 198 82.40 21.35 8.65
CA LEU K 198 83.44 21.41 7.62
C LEU K 198 84.29 20.14 7.69
N LYS K 199 84.31 19.38 6.59
CA LYS K 199 84.94 18.06 6.61
C LYS K 199 86.46 18.16 6.65
N GLY K 200 87.03 19.26 6.16
CA GLY K 200 88.44 19.49 6.36
C GLY K 200 88.76 19.79 7.80
N GLY K 201 90.02 19.57 8.17
CA GLY K 201 90.40 19.69 9.56
C GLY K 201 90.76 21.10 10.00
N LEU K 202 89.99 22.09 9.56
CA LEU K 202 90.35 23.49 9.73
C LEU K 202 89.36 24.16 10.69
N GLU K 203 89.92 24.95 11.63
CA GLU K 203 89.27 25.69 12.70
C GLU K 203 89.23 27.18 12.37
N PRO K 204 88.24 27.91 12.91
CA PRO K 204 88.23 29.37 12.70
C PRO K 204 89.32 30.03 13.50
N LYS K 205 89.98 31.00 12.85
CA LYS K 205 91.05 31.73 13.50
C LYS K 205 90.53 32.70 14.55
N PHE K 206 89.31 33.20 14.37
CA PHE K 206 88.68 34.12 15.31
C PHE K 206 87.44 33.49 15.89
N LEU K 207 87.37 33.45 17.22
CA LEU K 207 86.21 32.88 17.89
C LEU K 207 85.03 33.84 17.82
N VAL K 208 83.83 33.27 17.78
CA VAL K 208 82.62 34.03 17.52
C VAL K 208 81.78 34.07 18.78
N THR K 209 81.58 35.27 19.33
CA THR K 209 80.62 35.48 20.39
C THR K 209 79.22 35.49 19.79
N ASP K 210 78.25 35.01 20.57
CA ASP K 210 76.88 34.96 20.08
C ASP K 210 76.25 36.35 20.02
N GLU K 211 76.64 37.24 20.94
CA GLU K 211 76.16 38.62 20.86
C GLU K 211 76.84 39.37 19.72
N LEU K 212 78.03 38.92 19.31
CA LEU K 212 78.70 39.52 18.16
C LEU K 212 77.97 39.21 16.88
N GLN K 213 77.35 38.04 16.79
CA GLN K 213 76.55 37.69 15.62
C GLN K 213 75.19 38.39 15.62
N GLY K 214 74.79 39.01 16.73
CA GLY K 214 73.48 39.63 16.78
C GLY K 214 73.38 40.88 15.94
N GLU K 215 74.38 41.76 16.04
CA GLU K 215 74.35 43.01 15.30
C GLU K 215 75.06 42.92 13.96
N TYR K 216 75.60 41.77 13.61
CA TYR K 216 76.15 41.57 12.27
C TYR K 216 75.21 40.84 11.34
N ASN K 217 74.32 40.01 11.87
CA ASN K 217 73.38 39.26 11.04
C ASN K 217 72.07 40.02 10.86
N THR K 218 72.21 41.28 10.43
CA THR K 218 71.08 42.12 10.06
C THR K 218 71.58 43.16 9.07
N GLY K 219 70.64 43.77 8.36
CA GLY K 219 71.02 44.64 7.27
C GLY K 219 71.65 43.83 6.15
N ARG K 220 72.67 44.38 5.51
CA ARG K 220 73.50 43.58 4.63
C ARG K 220 74.35 42.67 5.51
N ALA K 221 73.86 41.46 5.72
CA ALA K 221 74.38 40.58 6.76
C ALA K 221 75.70 39.96 6.36
N ILE K 222 76.51 39.67 7.37
CA ILE K 222 77.73 38.89 7.23
C ILE K 222 77.49 37.57 7.95
N ASN K 223 77.43 36.49 7.20
CA ASN K 223 77.33 35.16 7.81
C ASN K 223 78.62 34.85 8.56
N MET K 224 78.50 34.07 9.62
CA MET K 224 79.63 33.84 10.51
C MET K 224 79.81 32.35 10.72
N ILE K 225 81.04 31.87 10.50
CA ILE K 225 81.39 30.49 10.78
C ILE K 225 81.68 30.35 12.26
N ARG K 226 80.89 29.53 12.96
CA ARG K 226 81.00 29.41 14.40
C ARG K 226 81.24 27.97 14.77
N ASN K 227 82.18 27.73 15.69
CA ASN K 227 82.48 26.39 16.16
C ASN K 227 81.88 26.17 17.54
N PHE K 228 81.08 25.12 17.68
CA PHE K 228 80.60 24.69 18.97
C PHE K 228 80.73 23.19 19.08
N SER K 229 80.48 22.68 20.29
CA SER K 229 81.00 21.38 20.70
C SER K 229 80.28 20.19 20.07
N ASN K 230 79.03 20.35 19.63
CA ASN K 230 78.27 19.20 19.19
C ASN K 230 78.74 18.71 17.82
N THR K 231 78.91 19.63 16.88
CA THR K 231 79.20 19.26 15.50
C THR K 231 80.54 19.79 15.01
N GLY K 232 81.30 20.48 15.84
CA GLY K 232 82.55 21.05 15.39
C GLY K 232 82.33 22.40 14.73
N THR K 233 83.28 22.77 13.88
CA THR K 233 83.24 24.04 13.19
C THR K 233 82.21 24.00 12.08
N THR K 234 81.10 24.71 12.26
CA THR K 234 80.00 24.70 11.31
C THR K 234 79.78 26.09 10.75
N VAL K 235 79.24 26.14 9.55
CA VAL K 235 78.78 27.40 9.00
C VAL K 235 77.40 27.71 9.59
N TRP K 236 77.16 28.98 9.88
CA TRP K 236 76.01 29.35 10.68
C TRP K 236 75.24 30.53 10.08
N GLY K 237 75.30 30.71 8.77
CA GLY K 237 74.56 31.79 8.15
C GLY K 237 74.10 31.45 6.76
N ALA K 238 72.82 31.67 6.48
CA ALA K 238 72.26 31.46 5.16
C ALA K 238 71.79 32.76 4.52
N ARG K 239 72.03 33.89 5.17
CA ARG K 239 71.59 35.16 4.63
C ARG K 239 72.56 35.66 3.58
N THR K 240 72.01 36.35 2.59
CA THR K 240 72.81 37.01 1.57
C THR K 240 73.10 38.44 2.00
N LEU K 241 73.59 39.26 1.08
CA LEU K 241 73.93 40.65 1.37
C LEU K 241 72.76 41.59 1.20
N GLU K 242 71.53 41.09 1.14
CA GLU K 242 70.37 41.94 0.90
C GLU K 242 69.35 41.72 2.01
N ASP K 243 68.84 42.81 2.57
CA ASP K 243 67.81 42.76 3.60
C ASP K 243 66.52 43.31 3.02
N LYS K 244 65.75 42.42 2.39
CA LYS K 244 64.35 42.68 2.14
C LYS K 244 63.62 41.35 2.20
N ASP K 245 62.29 41.40 2.02
CA ASP K 245 61.49 40.21 2.26
C ASP K 245 61.65 39.17 1.16
N ASN K 246 61.94 39.61 -0.06
CA ASN K 246 61.94 38.69 -1.21
C ASN K 246 63.18 37.82 -1.24
N TRP K 247 64.36 38.43 -1.22
CA TRP K 247 65.59 37.75 -1.59
C TRP K 247 66.54 37.69 -0.41
N ARG K 248 66.06 37.26 0.75
CA ARG K 248 66.83 37.35 1.97
C ARG K 248 67.85 36.22 2.12
N TYR K 249 67.66 35.08 1.43
CA TYR K 249 68.39 33.87 1.76
C TYR K 249 69.13 33.32 0.55
N VAL K 250 70.33 32.80 0.79
CA VAL K 250 71.07 32.10 -0.27
C VAL K 250 70.43 30.77 -0.70
N PRO K 251 69.57 30.07 0.05
CA PRO K 251 68.79 29.03 -0.64
C PRO K 251 67.66 29.58 -1.49
N VAL K 252 67.00 30.66 -1.06
CA VAL K 252 65.91 31.22 -1.86
C VAL K 252 66.45 32.00 -3.05
N ARG K 253 67.73 32.36 -3.05
CA ARG K 253 68.32 33.01 -4.21
C ARG K 253 68.85 31.97 -5.19
N ARG K 254 69.54 30.95 -4.70
CA ARG K 254 70.12 29.97 -5.60
C ARG K 254 69.14 28.93 -6.09
N LEU K 255 67.92 28.89 -5.55
CA LEU K 255 66.90 28.10 -6.21
C LEU K 255 66.39 28.81 -7.45
N PHE K 256 66.23 30.12 -7.37
CA PHE K 256 65.84 30.90 -8.53
C PHE K 256 66.98 31.13 -9.51
N ASN K 257 68.16 30.58 -9.28
CA ASN K 257 69.18 30.54 -10.32
C ASN K 257 69.10 29.21 -11.07
N SER K 258 68.99 28.11 -10.34
CA SER K 258 68.99 26.80 -10.96
C SER K 258 67.67 26.43 -11.60
N VAL K 259 66.59 27.14 -11.31
CA VAL K 259 65.36 26.92 -12.06
C VAL K 259 65.36 27.78 -13.32
N GLU K 260 65.92 28.98 -13.24
CA GLU K 260 66.01 29.91 -14.36
C GLU K 260 67.19 29.64 -15.26
N ARG K 261 67.90 28.54 -15.03
CA ARG K 261 68.92 28.07 -15.95
C ARG K 261 68.61 26.69 -16.50
N ASP K 262 67.86 25.86 -15.76
CA ASP K 262 67.43 24.59 -16.30
C ASP K 262 66.32 24.76 -17.31
N ILE K 263 65.48 25.78 -17.14
CA ILE K 263 64.43 26.03 -18.12
C ILE K 263 64.99 26.74 -19.35
N LYS K 264 65.99 27.61 -19.16
CA LYS K 264 66.57 28.35 -20.28
C LYS K 264 67.33 27.43 -21.23
N ARG K 265 67.87 26.31 -20.74
CA ARG K 265 68.45 25.33 -21.65
C ARG K 265 67.37 24.53 -22.36
N ALA K 266 66.21 24.34 -21.73
CA ALA K 266 65.13 23.64 -22.41
C ALA K 266 64.43 24.53 -23.43
N MET K 267 64.47 25.84 -23.24
CA MET K 267 63.85 26.75 -24.20
C MET K 267 64.65 26.88 -25.48
N SER K 268 65.91 26.43 -25.51
CA SER K 268 66.65 26.42 -26.76
C SER K 268 66.14 25.38 -27.73
N PHE K 269 65.49 24.32 -27.23
CA PHE K 269 64.93 23.32 -28.14
C PHE K 269 63.65 23.80 -28.78
N ALA K 270 62.86 24.59 -28.06
CA ALA K 270 61.62 25.16 -28.57
C ALA K 270 61.80 26.59 -28.99
N MET K 271 62.95 26.90 -29.60
CA MET K 271 63.31 28.29 -29.83
C MET K 271 62.50 28.89 -30.99
N PHE K 272 62.70 28.40 -32.20
CA PHE K 272 62.03 28.95 -33.36
C PHE K 272 60.78 28.19 -33.75
N GLU K 273 60.17 27.49 -32.80
CA GLU K 273 58.92 26.80 -33.07
C GLU K 273 57.80 27.82 -33.23
N PRO K 274 56.88 27.61 -34.17
CA PRO K 274 55.78 28.57 -34.35
C PRO K 274 54.79 28.47 -33.20
N ASN K 275 54.48 29.61 -32.58
CA ASN K 275 53.70 29.61 -31.35
C ASN K 275 52.21 29.67 -31.67
N ASN K 276 51.52 28.56 -31.44
CA ASN K 276 50.08 28.52 -31.47
C ASN K 276 49.64 27.60 -30.35
N GLN K 277 48.37 27.19 -30.38
CA GLN K 277 47.85 26.31 -29.35
C GLN K 277 48.51 24.92 -29.26
N PRO K 278 48.98 24.28 -30.35
CA PRO K 278 49.76 23.06 -30.12
C PRO K 278 51.14 23.28 -29.51
N THR K 279 51.77 24.43 -29.74
CA THR K 279 53.14 24.61 -29.27
C THR K 279 53.19 24.93 -27.78
N TRP K 280 52.46 25.96 -27.35
CA TRP K 280 52.54 26.33 -25.94
C TRP K 280 51.66 25.47 -25.04
N GLU K 281 51.17 24.34 -25.51
CA GLU K 281 50.70 23.28 -24.63
C GLU K 281 51.83 22.33 -24.27
N ARG K 282 52.78 22.13 -25.18
CA ARG K 282 53.97 21.35 -24.85
C ARG K 282 54.88 22.10 -23.89
N VAL K 283 55.02 23.42 -24.10
CA VAL K 283 55.91 24.21 -23.25
C VAL K 283 55.31 24.38 -21.87
N ARG K 284 53.98 24.49 -21.77
CA ARG K 284 53.34 24.56 -20.47
C ARG K 284 53.42 23.23 -19.73
N ALA K 285 53.22 22.12 -20.44
CA ALA K 285 53.23 20.83 -19.78
C ALA K 285 54.64 20.35 -19.44
N ALA K 286 55.66 20.84 -20.14
CA ALA K 286 57.02 20.40 -19.83
C ALA K 286 57.61 21.20 -18.68
N ILE K 287 57.27 22.48 -18.58
CA ILE K 287 57.75 23.30 -17.47
C ILE K 287 57.02 22.92 -16.19
N SER K 288 55.72 22.64 -16.28
CA SER K 288 54.93 22.33 -15.09
C SER K 288 55.28 20.97 -14.51
N ASN K 289 55.88 20.08 -15.30
CA ASN K 289 56.36 18.81 -14.74
C ASN K 289 57.66 18.99 -14.00
N TYR K 290 58.47 19.98 -14.39
CA TYR K 290 59.69 20.27 -13.64
C TYR K 290 59.34 20.90 -12.31
N LEU K 291 58.41 21.85 -12.31
CA LEU K 291 57.97 22.50 -11.08
C LEU K 291 57.11 21.59 -10.22
N TYR K 292 56.62 20.48 -10.77
CA TYR K 292 55.96 19.48 -9.95
C TYR K 292 56.96 18.56 -9.29
N SER K 293 58.06 18.29 -9.97
CA SER K 293 59.07 17.39 -9.42
C SER K 293 59.82 18.05 -8.27
N LEU K 294 59.96 19.37 -8.30
CA LEU K 294 60.53 20.06 -7.16
C LEU K 294 59.57 20.07 -5.97
N TRP K 295 58.27 20.09 -6.25
CA TRP K 295 57.29 20.13 -5.17
C TRP K 295 57.18 18.79 -4.47
N GLN K 296 57.34 17.68 -5.19
CA GLN K 296 57.33 16.38 -4.55
C GLN K 296 58.60 16.14 -3.74
N GLN K 297 59.70 16.80 -4.12
CA GLN K 297 60.92 16.72 -3.32
C GLN K 297 60.90 17.67 -2.12
N GLY K 298 59.87 18.50 -1.99
CA GLY K 298 59.78 19.41 -0.88
C GLY K 298 60.51 20.72 -1.07
N GLY K 299 60.91 21.06 -2.30
CA GLY K 299 61.60 22.31 -2.53
C GLY K 299 60.69 23.52 -2.57
N LEU K 300 59.40 23.31 -2.81
CA LEU K 300 58.44 24.40 -2.86
C LEU K 300 57.41 24.23 -1.74
N ALA K 301 57.07 25.34 -1.09
CA ALA K 301 56.09 25.31 -0.03
C ALA K 301 54.68 25.20 -0.60
N GLY K 302 53.72 25.02 0.29
CA GLY K 302 52.34 24.95 -0.12
C GLY K 302 51.74 23.58 0.14
N SER K 303 50.40 23.55 0.22
CA SER K 303 49.69 22.32 0.55
C SER K 303 49.45 21.45 -0.67
N LYS K 304 48.89 22.01 -1.73
CA LYS K 304 48.70 21.27 -2.97
C LYS K 304 49.28 22.08 -4.13
N GLU K 305 49.34 21.43 -5.30
CA GLU K 305 50.14 21.95 -6.41
C GLU K 305 49.55 23.19 -7.06
N GLU K 306 48.28 23.50 -6.79
CA GLU K 306 47.71 24.74 -7.29
C GLU K 306 48.27 25.96 -6.56
N ASP K 307 48.84 25.76 -5.37
CA ASP K 307 49.40 26.84 -4.58
C ASP K 307 50.91 26.92 -4.65
N ALA K 308 51.59 25.81 -4.93
CA ALA K 308 53.05 25.82 -4.95
C ALA K 308 53.61 26.56 -6.15
N TYR K 309 52.93 26.50 -7.29
CA TYR K 309 53.44 27.09 -8.52
C TYR K 309 52.28 27.34 -9.47
N PHE K 310 52.56 28.10 -10.52
CA PHE K 310 51.61 28.27 -11.62
C PHE K 310 52.39 28.68 -12.85
N VAL K 311 51.97 28.18 -14.01
CA VAL K 311 52.57 28.53 -15.29
C VAL K 311 51.45 28.89 -16.27
N GLN K 312 51.64 29.97 -17.01
CA GLN K 312 50.58 30.52 -17.84
C GLN K 312 51.16 30.92 -19.19
N ILE K 313 50.82 30.17 -20.23
CA ILE K 313 51.04 30.62 -21.60
C ILE K 313 49.70 30.59 -22.32
N GLY K 314 49.53 31.49 -23.26
CA GLY K 314 48.34 31.50 -24.09
C GLY K 314 48.00 32.88 -24.60
N LYS K 315 47.40 32.91 -25.79
CA LYS K 315 46.86 34.15 -26.35
C LYS K 315 45.72 34.63 -25.47
N GLY K 316 45.75 35.91 -25.11
CA GLY K 316 44.91 36.33 -24.01
C GLY K 316 45.68 36.46 -22.71
N ILE K 317 45.67 35.38 -21.92
CA ILE K 317 46.12 35.27 -20.52
C ILE K 317 47.41 36.01 -20.19
N THR K 318 48.47 35.77 -20.96
CA THR K 318 49.74 36.42 -20.65
C THR K 318 50.21 37.37 -21.72
N MET K 319 49.96 37.09 -23.00
CA MET K 319 50.38 37.95 -24.08
C MET K 319 49.18 38.31 -24.93
N THR K 320 49.25 39.48 -25.55
CA THR K 320 48.16 39.95 -26.39
C THR K 320 48.41 39.49 -27.83
N GLN K 321 47.55 39.92 -28.74
CA GLN K 321 47.68 39.52 -30.13
C GLN K 321 48.84 40.24 -30.81
N GLU K 322 49.03 41.52 -30.48
CA GLU K 322 50.07 42.32 -31.13
C GLU K 322 51.48 41.88 -30.75
N GLN K 323 51.64 41.23 -29.59
CA GLN K 323 52.94 40.71 -29.24
C GLN K 323 53.24 39.39 -29.96
N ILE K 324 52.20 38.66 -30.34
CA ILE K 324 52.40 37.47 -31.17
C ILE K 324 52.86 37.89 -32.56
N ASP K 325 52.33 38.99 -33.08
CA ASP K 325 52.74 39.50 -34.39
C ASP K 325 54.17 40.01 -34.41
N ALA K 326 54.72 40.38 -33.25
CA ALA K 326 56.14 40.68 -33.15
C ALA K 326 56.97 39.45 -32.86
N GLY K 327 56.33 38.31 -32.65
CA GLY K 327 57.03 37.05 -32.47
C GLY K 327 57.73 36.91 -31.13
N GLN K 328 57.01 37.16 -30.04
CA GLN K 328 57.58 36.97 -28.70
C GLN K 328 56.51 36.37 -27.79
N MET K 329 56.67 35.09 -27.46
CA MET K 329 55.75 34.49 -26.52
C MET K 329 56.28 34.58 -25.09
N ILE K 330 55.37 34.80 -24.16
CA ILE K 330 55.68 35.21 -22.80
C ILE K 330 55.22 34.12 -21.85
N VAL K 331 56.11 33.66 -20.98
CA VAL K 331 55.82 32.62 -20.01
C VAL K 331 55.93 33.23 -18.62
N LYS K 332 54.83 33.17 -17.86
CA LYS K 332 54.82 33.56 -16.46
C LYS K 332 54.96 32.32 -15.61
N VAL K 333 55.93 32.33 -14.70
CA VAL K 333 56.22 31.19 -13.85
C VAL K 333 56.27 31.67 -12.40
N GLY K 334 55.46 31.05 -11.54
CA GLY K 334 55.45 31.37 -10.12
C GLY K 334 56.12 30.28 -9.32
N LEU K 335 56.87 30.69 -8.30
CA LEU K 335 57.53 29.75 -7.40
C LEU K 335 57.39 30.23 -5.98
N ALA K 336 57.13 29.30 -5.06
CA ALA K 336 57.09 29.57 -3.63
C ALA K 336 58.22 28.77 -3.00
N ALA K 337 59.41 29.34 -3.01
CA ALA K 337 60.57 28.62 -2.51
C ALA K 337 60.57 28.63 -0.99
N VAL K 338 61.01 27.52 -0.41
CA VAL K 338 61.05 27.40 1.04
C VAL K 338 62.22 28.18 1.60
N ARG K 339 62.03 28.76 2.75
CA ARG K 339 63.08 29.52 3.39
C ARG K 339 63.50 28.82 4.67
N PRO K 340 64.76 28.89 5.07
CA PRO K 340 65.21 28.10 6.22
C PRO K 340 64.70 28.65 7.53
N ALA K 341 64.72 27.79 8.54
CA ALA K 341 64.29 28.15 9.89
C ALA K 341 65.44 28.87 10.57
N GLU K 342 65.50 30.19 10.38
CA GLU K 342 66.62 30.94 10.94
C GLU K 342 66.49 31.10 12.44
N PHE K 343 65.28 31.29 12.95
CA PHE K 343 65.05 31.54 14.38
C PHE K 343 63.90 30.65 14.83
N ILE K 344 64.19 29.43 15.25
CA ILE K 344 63.14 28.54 15.75
C ILE K 344 62.83 28.94 17.19
N ILE K 345 61.59 29.36 17.43
CA ILE K 345 61.19 29.82 18.75
C ILE K 345 60.19 28.83 19.33
N LEU K 346 60.18 28.75 20.65
CA LEU K 346 59.42 27.73 21.37
C LEU K 346 58.63 28.41 22.46
N GLN K 347 57.31 28.27 22.43
CA GLN K 347 56.41 28.93 23.36
C GLN K 347 55.80 27.89 24.28
N PHE K 348 56.01 28.04 25.58
CA PHE K 348 55.61 27.04 26.55
C PHE K 348 54.49 27.59 27.43
N THR K 349 53.36 26.93 27.37
CA THR K 349 52.18 27.31 28.14
C THR K 349 51.87 26.23 29.14
N GLN K 350 51.27 26.63 30.26
CA GLN K 350 50.78 25.68 31.24
C GLN K 350 49.28 25.48 31.14
N ASP K 351 48.66 25.95 30.06
CA ASP K 351 47.22 25.80 29.83
C ASP K 351 47.03 24.77 28.73
N VAL K 352 46.76 23.53 29.14
CA VAL K 352 46.66 22.42 28.21
C VAL K 352 45.23 22.08 27.81
N GLU K 353 44.25 22.44 28.65
CA GLU K 353 42.86 22.29 28.26
C GLU K 353 42.35 23.50 27.50
N GLN K 354 43.10 24.61 27.56
CA GLN K 354 42.75 25.79 26.78
C GLN K 354 43.04 25.56 25.30
N ARG K 355 44.23 25.02 25.00
CA ARG K 355 44.71 24.72 23.64
C ARG K 355 44.70 25.92 22.71
N THR L 2 -7.79 -6.37 -73.57
CA THR L 2 -6.97 -7.51 -73.19
C THR L 2 -7.55 -8.80 -73.73
N THR L 3 -8.46 -9.41 -72.97
CA THR L 3 -9.08 -10.66 -73.37
C THR L 3 -10.50 -10.40 -73.89
N VAL L 4 -10.88 -11.13 -74.93
CA VAL L 4 -12.22 -11.06 -75.48
C VAL L 4 -12.88 -12.41 -75.24
N THR L 5 -14.13 -12.38 -74.80
CA THR L 5 -14.87 -13.59 -74.48
C THR L 5 -16.01 -13.71 -75.48
N SER L 6 -15.90 -14.66 -76.39
CA SER L 6 -16.87 -14.84 -77.46
C SER L 6 -17.72 -16.08 -77.27
N TYR L 7 -17.11 -17.24 -77.08
CA TYR L 7 -17.83 -18.49 -76.95
C TYR L 7 -17.70 -19.02 -75.53
N PRO L 8 -18.66 -19.81 -75.05
CA PRO L 8 -18.53 -20.40 -73.72
C PRO L 8 -17.46 -21.48 -73.71
N GLY L 9 -16.50 -21.32 -72.80
CA GLY L 9 -15.38 -22.24 -72.76
C GLY L 9 -14.39 -21.79 -71.71
N VAL L 10 -13.22 -22.40 -71.74
CA VAL L 10 -12.14 -22.10 -70.81
C VAL L 10 -11.07 -21.32 -71.56
N TYR L 11 -10.74 -20.13 -71.07
CA TYR L 11 -9.77 -19.26 -71.71
C TYR L 11 -8.52 -19.21 -70.85
N ILE L 12 -7.38 -19.61 -71.43
CA ILE L 12 -6.10 -19.46 -70.77
C ILE L 12 -5.41 -18.24 -71.34
N GLU L 13 -5.11 -17.27 -70.49
CA GLU L 13 -4.29 -16.14 -70.88
C GLU L 13 -3.23 -15.93 -69.82
N GLU L 14 -1.99 -15.77 -70.24
CA GLU L 14 -0.85 -15.69 -69.35
C GLU L 14 -0.37 -14.26 -69.31
N LEU L 15 -0.81 -13.50 -68.31
CA LEU L 15 -0.27 -12.16 -68.09
C LEU L 15 0.99 -12.30 -67.27
N ASN L 16 2.05 -11.63 -67.72
CA ASN L 16 3.34 -11.70 -67.06
C ASN L 16 3.89 -10.30 -66.90
N SER L 17 4.42 -10.01 -65.71
CA SER L 17 5.03 -8.72 -65.44
C SER L 17 6.33 -8.56 -66.22
N LEU L 18 6.82 -7.32 -66.23
CA LEU L 18 8.09 -7.02 -66.88
C LEU L 18 9.23 -7.64 -66.08
N ALA L 19 9.83 -8.69 -66.62
CA ALA L 19 10.97 -9.34 -65.98
C ALA L 19 12.24 -8.70 -66.52
N LEU L 20 12.97 -8.04 -65.64
CA LEU L 20 14.13 -7.27 -66.03
C LEU L 20 15.31 -7.69 -65.17
N SER L 21 16.40 -8.10 -65.80
CA SER L 21 17.62 -8.45 -65.10
C SER L 21 18.80 -7.95 -65.91
N VAL L 22 19.91 -7.70 -65.22
CA VAL L 22 21.07 -7.06 -65.80
C VAL L 22 22.18 -8.09 -65.93
N SER L 23 22.67 -8.29 -67.15
CA SER L 23 23.69 -9.28 -67.45
C SER L 23 25.04 -8.59 -67.57
N ASN L 24 26.06 -9.16 -66.94
CA ASN L 24 27.42 -8.64 -67.01
C ASN L 24 28.27 -9.61 -67.80
N SER L 25 28.78 -9.17 -68.94
CA SER L 25 29.57 -10.04 -69.80
C SER L 25 30.46 -9.20 -70.69
N ALA L 26 31.60 -9.79 -71.07
CA ALA L 26 32.56 -9.26 -72.04
C ALA L 26 33.09 -7.89 -71.59
N THR L 27 33.81 -7.89 -70.48
CA THR L 27 34.32 -6.64 -69.93
C THR L 27 35.47 -6.09 -70.76
N ALA L 28 36.42 -6.94 -71.15
CA ALA L 28 37.59 -6.49 -71.91
C ALA L 28 37.81 -7.42 -73.11
N VAL L 29 37.18 -7.08 -74.22
CA VAL L 29 37.34 -7.75 -75.50
C VAL L 29 37.97 -6.76 -76.46
N PRO L 30 39.23 -6.93 -76.86
CA PRO L 30 39.93 -5.91 -77.63
C PRO L 30 39.78 -6.11 -79.14
N VAL L 31 40.15 -5.08 -79.87
CA VAL L 31 40.34 -5.14 -81.30
C VAL L 31 41.77 -4.71 -81.59
N PHE L 32 42.36 -5.24 -82.65
CA PHE L 32 43.74 -4.93 -83.00
C PHE L 32 43.76 -4.27 -84.37
N ALA L 33 44.13 -3.00 -84.40
CA ALA L 33 44.35 -2.31 -85.66
C ALA L 33 45.60 -2.91 -86.28
N VAL L 34 45.41 -3.77 -87.28
CA VAL L 34 46.55 -4.45 -87.88
C VAL L 34 47.34 -3.47 -88.73
N ASP L 35 48.57 -3.88 -89.06
CA ASP L 35 49.39 -3.12 -89.98
C ASP L 35 48.77 -3.13 -91.36
N GLU L 36 48.87 -2.00 -92.06
CA GLU L 36 48.26 -1.87 -93.37
C GLU L 36 48.95 -2.76 -94.40
N GLN L 37 50.23 -3.05 -94.19
CA GLN L 37 50.99 -3.86 -95.13
C GLN L 37 50.68 -5.35 -95.01
N ASN L 38 50.09 -5.80 -93.90
CA ASN L 38 49.82 -7.22 -93.67
C ASN L 38 48.76 -7.71 -94.65
N GLN L 39 49.18 -8.54 -95.60
CA GLN L 39 48.32 -8.96 -96.70
C GLN L 39 47.32 -10.04 -96.31
N TYR L 40 47.42 -10.59 -95.11
CA TYR L 40 46.59 -11.74 -94.75
C TYR L 40 45.24 -11.32 -94.19
N ILE L 41 45.16 -10.14 -93.57
CA ILE L 41 43.88 -9.62 -93.15
C ILE L 41 43.10 -9.17 -94.37
N SER L 42 41.87 -9.65 -94.50
CA SER L 42 41.03 -9.25 -95.62
C SER L 42 40.59 -7.80 -95.47
N GLU L 43 40.34 -7.15 -96.60
CA GLU L 43 40.01 -5.74 -96.62
C GLU L 43 38.59 -5.52 -96.10
N ASP L 44 38.46 -4.70 -95.06
CA ASP L 44 37.19 -4.26 -94.46
C ASP L 44 36.34 -5.43 -93.97
N ASN L 45 36.95 -6.28 -93.15
CA ASN L 45 36.22 -7.38 -92.52
C ASN L 45 36.89 -7.70 -91.19
N ALA L 46 36.10 -7.67 -90.12
CA ALA L 46 36.61 -7.95 -88.78
C ALA L 46 36.78 -9.46 -88.63
N ILE L 47 37.94 -9.95 -89.06
CA ILE L 47 38.25 -11.36 -88.91
C ILE L 47 38.55 -11.65 -87.45
N ARG L 48 37.84 -12.60 -86.87
CA ARG L 48 37.82 -12.82 -85.44
C ARG L 48 38.58 -14.09 -85.10
N ILE L 49 39.47 -14.00 -84.11
CA ILE L 49 40.28 -15.14 -83.69
C ILE L 49 40.02 -15.41 -82.22
N ASN L 50 40.08 -16.68 -81.82
CA ASN L 50 39.79 -17.09 -80.46
C ASN L 50 41.04 -17.43 -79.66
N SER L 51 41.93 -18.25 -80.21
CA SER L 51 43.15 -18.65 -79.54
C SER L 51 44.28 -18.64 -80.54
N TRP L 52 45.49 -18.93 -80.07
CA TRP L 52 46.64 -18.82 -80.96
C TRP L 52 46.70 -20.00 -81.93
N MET L 53 46.21 -21.16 -81.53
CA MET L 53 46.06 -22.25 -82.50
C MET L 53 44.94 -21.94 -83.49
N ASP L 54 43.95 -21.15 -83.07
CA ASP L 54 42.91 -20.70 -83.99
C ASP L 54 43.44 -19.60 -84.90
N TYR L 55 44.34 -18.77 -84.38
CA TYR L 55 44.96 -17.73 -85.21
C TYR L 55 45.97 -18.32 -86.16
N LEU L 56 46.58 -19.45 -85.81
CA LEU L 56 47.62 -20.04 -86.64
C LEU L 56 47.09 -20.68 -87.91
N ASN L 57 45.77 -20.86 -88.05
CA ASN L 57 45.22 -21.30 -89.32
C ASN L 57 45.19 -20.20 -90.36
N LEU L 58 45.19 -18.93 -89.92
CA LEU L 58 45.37 -17.84 -90.86
C LEU L 58 46.76 -17.88 -91.48
N ILE L 59 47.79 -17.96 -90.63
CA ILE L 59 49.18 -18.03 -91.07
C ILE L 59 49.89 -19.09 -90.23
N GLY L 60 50.45 -20.11 -90.89
CA GLY L 60 51.05 -21.22 -90.16
C GLY L 60 52.45 -20.99 -89.65
N ASN L 61 53.16 -20.00 -90.20
CA ASN L 61 54.55 -19.77 -89.86
C ASN L 61 54.71 -18.30 -89.47
N PHE L 62 55.97 -17.83 -89.44
CA PHE L 62 56.33 -16.41 -89.43
C PHE L 62 55.89 -15.73 -88.13
N ASN L 63 56.17 -16.40 -87.00
CA ASN L 63 55.99 -15.80 -85.69
C ASN L 63 57.06 -14.77 -85.37
N ASN L 64 58.12 -14.68 -86.18
CA ASN L 64 59.38 -14.06 -85.79
C ASN L 64 59.42 -12.55 -86.00
N GLU L 65 58.95 -12.04 -87.14
CA GLU L 65 59.38 -10.73 -87.59
C GLU L 65 58.31 -9.64 -87.54
N ASP L 66 57.15 -9.84 -88.16
CA ASP L 66 56.22 -8.74 -88.38
C ASP L 66 55.53 -8.33 -87.09
N LYS L 67 55.36 -7.01 -86.91
CA LYS L 67 55.03 -6.45 -85.61
C LYS L 67 53.61 -6.75 -85.16
N LEU L 68 52.68 -6.99 -86.09
CA LEU L 68 51.37 -7.46 -85.69
C LEU L 68 51.44 -8.91 -85.22
N ASP L 69 52.22 -9.73 -85.92
CA ASP L 69 52.28 -11.17 -85.65
C ASP L 69 52.91 -11.44 -84.29
N VAL L 70 53.88 -10.63 -83.90
CA VAL L 70 54.49 -10.78 -82.57
C VAL L 70 53.52 -10.31 -81.50
N SER L 71 52.72 -9.28 -81.81
CA SER L 71 51.88 -8.64 -80.80
C SER L 71 50.74 -9.55 -80.36
N VAL L 72 50.09 -10.21 -81.31
CA VAL L 72 48.97 -11.07 -80.96
C VAL L 72 49.48 -12.37 -80.32
N ARG L 73 50.72 -12.76 -80.58
CA ARG L 73 51.32 -13.86 -79.84
C ARG L 73 51.60 -13.46 -78.40
N ALA L 74 52.10 -12.24 -78.20
CA ALA L 74 52.31 -11.73 -76.86
C ALA L 74 51.00 -11.43 -76.15
N TYR L 75 49.92 -11.19 -76.89
CA TYR L 75 48.64 -10.90 -76.27
C TYR L 75 48.03 -12.16 -75.66
N PHE L 76 48.08 -13.28 -76.39
CA PHE L 76 47.50 -14.52 -75.87
C PHE L 76 48.33 -15.12 -74.75
N ALA L 77 49.61 -14.79 -74.68
CA ALA L 77 50.45 -15.33 -73.62
C ALA L 77 50.13 -14.70 -72.27
N ASN L 78 49.86 -13.39 -72.26
CA ASN L 78 49.57 -12.70 -71.01
C ASN L 78 48.17 -13.06 -70.51
N GLY L 79 47.15 -12.71 -71.29
CA GLY L 79 45.78 -12.94 -70.86
C GLY L 79 44.98 -13.57 -71.97
N GLY L 80 43.91 -14.25 -71.57
CA GLY L 80 43.06 -14.96 -72.51
C GLY L 80 41.87 -14.10 -72.92
N GLY L 81 41.63 -14.08 -74.23
CA GLY L 81 40.46 -13.40 -74.76
C GLY L 81 40.33 -13.70 -76.23
N TYR L 82 39.28 -13.17 -76.82
CA TYR L 82 39.08 -13.22 -78.27
C TYR L 82 39.12 -11.80 -78.81
N CYS L 83 39.81 -11.62 -79.93
CA CYS L 83 40.02 -10.28 -80.47
C CYS L 83 39.74 -10.26 -81.95
N TYR L 84 39.22 -9.13 -82.42
CA TYR L 84 39.00 -8.92 -83.84
C TYR L 84 40.23 -8.26 -84.44
N LEU L 85 40.46 -8.53 -85.72
CA LEU L 85 41.60 -7.95 -86.43
C LEU L 85 41.08 -7.16 -87.61
N VAL L 86 41.31 -5.85 -87.60
CA VAL L 86 40.85 -4.97 -88.67
C VAL L 86 42.02 -4.15 -89.17
N LYS L 87 41.95 -3.75 -90.45
CA LYS L 87 42.94 -2.85 -90.97
C LYS L 87 42.65 -1.42 -90.51
N THR L 88 43.72 -0.65 -90.32
CA THR L 88 43.58 0.70 -89.82
C THR L 88 43.01 1.67 -90.84
N THR L 89 42.98 1.30 -92.12
CA THR L 89 42.35 2.14 -93.13
C THR L 89 40.85 2.20 -92.93
N SER L 90 40.22 1.04 -92.72
CA SER L 90 38.79 0.95 -92.49
C SER L 90 38.47 0.74 -91.01
N LEU L 91 39.22 1.38 -90.12
CA LEU L 91 39.02 1.17 -88.70
C LEU L 91 37.75 1.86 -88.21
N GLU L 92 37.45 3.05 -88.74
CA GLU L 92 36.28 3.78 -88.29
C GLU L 92 34.98 3.26 -88.89
N LYS L 93 35.05 2.38 -89.88
CA LYS L 93 33.84 1.87 -90.53
C LYS L 93 33.36 0.57 -89.91
N ILE L 94 34.25 -0.21 -89.31
CA ILE L 94 33.91 -1.53 -88.82
C ILE L 94 33.50 -1.51 -87.35
N ILE L 95 34.20 -0.69 -86.56
CA ILE L 95 33.99 -0.70 -85.10
C ILE L 95 32.59 -0.29 -84.65
N PRO L 96 31.90 0.71 -85.24
CA PRO L 96 30.51 0.96 -84.80
C PRO L 96 29.53 -0.18 -85.05
N THR L 97 29.73 -0.99 -86.08
CA THR L 97 28.85 -2.14 -86.33
C THR L 97 29.48 -3.42 -85.81
N LEU L 98 29.79 -3.45 -84.51
CA LEU L 98 30.33 -4.64 -83.88
C LEU L 98 29.70 -4.82 -82.51
N ASP L 99 29.68 -6.07 -82.04
CA ASP L 99 28.89 -6.43 -80.86
C ASP L 99 29.53 -5.91 -79.58
N ASP L 100 30.72 -6.38 -79.25
CA ASP L 100 31.42 -5.99 -78.02
C ASP L 100 32.87 -5.74 -78.38
N VAL L 101 33.18 -4.50 -78.70
CA VAL L 101 34.55 -4.04 -78.87
C VAL L 101 34.73 -2.90 -77.89
N THR L 102 35.54 -3.12 -76.85
CA THR L 102 35.65 -2.17 -75.77
C THR L 102 37.08 -1.74 -75.48
N LEU L 103 38.07 -2.31 -76.16
CA LEU L 103 39.45 -1.83 -76.08
C LEU L 103 39.96 -1.70 -77.51
N LEU L 104 39.91 -0.50 -78.07
CA LEU L 104 40.50 -0.26 -79.38
C LEU L 104 42.01 -0.17 -79.17
N VAL L 105 42.71 -1.28 -79.42
CA VAL L 105 44.10 -1.43 -79.06
C VAL L 105 44.96 -1.24 -80.30
N ALA L 106 45.87 -0.27 -80.25
CA ALA L 106 46.79 0.02 -81.34
C ALA L 106 48.01 -0.86 -81.19
N ALA L 107 48.22 -1.79 -82.11
CA ALA L 107 49.42 -2.63 -82.09
C ALA L 107 50.55 -1.95 -82.85
N GLY L 108 50.91 -0.76 -82.38
CA GLY L 108 51.95 0.05 -82.98
C GLY L 108 51.62 0.53 -84.37
N GLU L 109 50.59 1.37 -84.51
CA GLU L 109 50.12 1.77 -85.82
C GLU L 109 49.77 3.25 -85.96
N ASP L 110 49.87 4.04 -84.88
CA ASP L 110 49.67 5.50 -84.86
C ASP L 110 48.26 5.87 -85.35
N ILE L 111 47.27 5.49 -84.55
CA ILE L 111 45.88 5.65 -84.92
C ILE L 111 45.16 6.64 -84.00
N LYS L 112 45.88 7.64 -83.51
CA LYS L 112 45.33 8.59 -82.56
C LYS L 112 44.17 9.39 -83.14
N THR L 113 44.23 9.73 -84.42
CA THR L 113 43.14 10.48 -85.05
C THR L 113 41.89 9.63 -85.20
N THR L 114 42.06 8.33 -85.46
CA THR L 114 40.90 7.45 -85.61
C THR L 114 40.21 7.20 -84.27
N VAL L 115 40.99 7.18 -83.19
CA VAL L 115 40.42 6.98 -81.85
C VAL L 115 39.55 8.17 -81.45
N ASP L 116 40.01 9.39 -81.75
CA ASP L 116 39.26 10.59 -81.37
C ASP L 116 37.96 10.71 -82.14
N VAL L 117 37.96 10.29 -83.41
CA VAL L 117 36.73 10.29 -84.19
C VAL L 117 35.76 9.22 -83.67
N LEU L 118 36.30 8.10 -83.17
CA LEU L 118 35.47 6.95 -82.83
C LEU L 118 34.69 7.16 -81.54
N CYS L 119 35.38 7.37 -80.43
CA CYS L 119 34.73 7.29 -79.12
C CYS L 119 34.24 8.68 -78.69
N GLN L 120 32.92 8.86 -78.76
CA GLN L 120 32.23 9.94 -78.09
C GLN L 120 32.10 9.60 -76.61
N PRO L 121 31.64 10.54 -75.76
CA PRO L 121 31.31 10.17 -74.37
C PRO L 121 30.19 9.16 -74.21
N GLY L 122 29.34 8.96 -75.23
CA GLY L 122 28.23 8.03 -75.08
C GLY L 122 28.55 6.60 -75.40
N LYS L 123 29.49 6.36 -76.32
CA LYS L 123 29.72 5.01 -76.83
C LYS L 123 30.44 4.13 -75.81
N GLY L 124 31.56 4.61 -75.29
CA GLY L 124 32.41 3.80 -74.45
C GLY L 124 33.71 3.46 -75.14
N LEU L 125 34.14 2.20 -75.00
CA LEU L 125 35.34 1.62 -75.65
C LEU L 125 36.59 2.44 -75.35
N PHE L 126 36.99 2.37 -74.09
CA PHE L 126 38.28 2.88 -73.64
C PHE L 126 39.42 2.26 -74.43
N ALA L 127 40.24 3.11 -75.06
CA ALA L 127 41.17 2.69 -76.09
C ALA L 127 42.61 2.97 -75.65
N VAL L 128 43.39 1.91 -75.42
CA VAL L 128 44.75 2.09 -74.95
C VAL L 128 45.67 2.44 -76.12
N PHE L 129 46.81 3.04 -75.78
CA PHE L 129 47.81 3.49 -76.74
C PHE L 129 49.15 2.83 -76.42
N ASP L 130 50.14 3.11 -77.25
CA ASP L 130 51.51 2.66 -77.03
C ASP L 130 52.41 3.88 -76.90
N GLY L 131 53.42 3.75 -76.06
CA GLY L 131 54.34 4.84 -75.84
C GLY L 131 55.32 5.00 -76.97
N PRO L 132 56.10 6.07 -76.91
CA PRO L 132 57.12 6.29 -77.93
C PRO L 132 58.27 5.31 -77.78
N GLU L 133 58.68 4.70 -78.89
CA GLU L 133 59.68 3.64 -78.82
C GLU L 133 61.07 4.17 -78.58
N THR L 134 61.29 5.48 -78.73
CA THR L 134 62.60 6.05 -78.52
C THR L 134 62.85 6.32 -77.04
N GLU L 135 64.02 6.89 -76.75
CA GLU L 135 64.40 7.22 -75.38
C GLU L 135 63.63 8.44 -74.90
N LEU L 136 63.20 8.40 -73.64
CA LEU L 136 62.60 9.55 -72.98
C LEU L 136 63.49 10.00 -71.84
N THR L 137 64.15 11.14 -72.01
CA THR L 137 64.91 11.73 -70.93
C THR L 137 63.96 12.48 -70.00
N ILE L 138 64.51 12.95 -68.88
CA ILE L 138 63.67 13.57 -67.87
C ILE L 138 63.39 15.04 -68.20
N ASN L 139 64.36 15.75 -68.75
CA ASN L 139 64.18 17.16 -69.09
C ASN L 139 63.55 17.36 -70.46
N GLY L 140 63.30 16.29 -71.21
CA GLY L 140 62.56 16.38 -72.44
C GLY L 140 61.12 15.95 -72.25
N ALA L 141 60.59 16.20 -71.05
CA ALA L 141 59.25 15.73 -70.71
C ALA L 141 58.16 16.60 -71.32
N GLU L 142 58.45 17.88 -71.55
CA GLU L 142 57.42 18.79 -72.06
C GLU L 142 57.13 18.55 -73.54
N GLU L 143 58.04 17.95 -74.28
CA GLU L 143 57.83 17.68 -75.69
C GLU L 143 57.29 16.28 -75.94
N ALA L 144 57.68 15.30 -75.11
CA ALA L 144 57.23 13.94 -75.32
C ALA L 144 55.74 13.77 -74.98
N LYS L 145 55.20 14.60 -74.11
CA LYS L 145 53.78 14.60 -73.84
C LYS L 145 52.97 15.33 -74.91
N GLN L 146 53.63 16.08 -75.79
CA GLN L 146 52.91 16.98 -76.69
C GLN L 146 52.22 16.22 -77.82
N ALA L 147 52.72 15.04 -78.17
CA ALA L 147 52.15 14.29 -79.29
C ALA L 147 50.77 13.74 -78.95
N TYR L 148 50.58 13.28 -77.72
CA TYR L 148 49.28 12.79 -77.31
C TYR L 148 48.39 13.94 -76.90
N THR L 149 47.11 13.86 -77.27
CA THR L 149 46.13 14.87 -76.93
C THR L 149 45.27 14.35 -75.79
N ALA L 150 45.05 15.19 -74.79
CA ALA L 150 44.44 14.77 -73.53
C ALA L 150 42.96 14.42 -73.74
N THR L 151 42.64 13.14 -73.58
CA THR L 151 41.29 12.64 -73.65
C THR L 151 41.16 11.59 -72.55
N PRO L 152 40.02 11.51 -71.86
CA PRO L 152 39.88 10.54 -70.78
C PRO L 152 39.57 9.11 -71.22
N PHE L 153 39.70 8.80 -72.50
CA PHE L 153 39.48 7.45 -73.01
C PHE L 153 40.77 6.82 -73.53
N ALA L 154 41.89 7.07 -72.88
CA ALA L 154 43.15 6.56 -73.40
C ALA L 154 44.10 6.24 -72.25
N ALA L 155 45.18 5.54 -72.60
CA ALA L 155 46.24 5.22 -71.67
C ALA L 155 47.50 4.94 -72.46
N VAL L 156 48.62 5.48 -72.01
CA VAL L 156 49.90 5.34 -72.70
C VAL L 156 50.85 4.57 -71.79
N TYR L 157 51.63 3.66 -72.39
CA TYR L 157 52.56 2.83 -71.64
C TYR L 157 53.94 2.96 -72.28
N TYR L 158 54.92 3.45 -71.50
CA TYR L 158 56.14 3.97 -72.13
C TYR L 158 57.05 2.89 -72.73
N PRO L 159 57.65 1.98 -71.96
CA PRO L 159 58.77 1.24 -72.56
C PRO L 159 58.29 0.12 -73.48
N TRP L 160 58.68 0.20 -74.74
CA TRP L 160 58.45 -0.89 -75.67
C TRP L 160 59.18 -2.12 -75.17
N LEU L 161 58.54 -3.27 -75.29
CA LEU L 161 59.06 -4.46 -74.64
C LEU L 161 59.86 -5.31 -75.63
N LYS L 162 60.83 -6.03 -75.08
CA LYS L 162 61.73 -6.86 -75.86
C LYS L 162 61.69 -8.26 -75.28
N ALA L 163 61.46 -9.25 -76.12
CA ALA L 163 61.34 -10.63 -75.68
C ALA L 163 62.44 -11.48 -76.28
N ASP L 164 62.54 -12.71 -75.77
CA ASP L 164 63.53 -13.66 -76.29
C ASP L 164 63.14 -14.15 -77.67
N TRP L 165 61.98 -14.80 -77.77
CA TRP L 165 61.41 -15.13 -79.07
C TRP L 165 61.00 -13.85 -79.80
N ALA L 166 61.09 -13.90 -81.13
CA ALA L 166 60.62 -12.85 -82.04
C ALA L 166 61.32 -11.52 -81.75
N ASN L 167 62.61 -11.48 -82.11
CA ASN L 167 63.57 -10.46 -81.71
C ASN L 167 63.20 -9.01 -82.07
N ILE L 168 62.15 -8.78 -82.86
CA ILE L 168 61.68 -7.41 -83.05
C ILE L 168 61.02 -6.92 -81.76
N ASP L 169 60.90 -5.60 -81.64
CA ASP L 169 60.39 -4.99 -80.43
C ASP L 169 58.87 -5.13 -80.36
N ILE L 170 58.39 -5.71 -79.28
CA ILE L 170 56.94 -5.84 -79.06
C ILE L 170 56.39 -4.49 -78.62
N PRO L 171 55.28 -4.02 -79.18
CA PRO L 171 54.67 -2.81 -78.66
C PRO L 171 54.02 -3.08 -77.31
N PRO L 172 54.02 -2.08 -76.42
CA PRO L 172 53.47 -2.32 -75.07
C PRO L 172 51.97 -2.30 -75.02
N SER L 173 51.30 -1.81 -76.06
CA SER L 173 49.86 -1.67 -76.01
C SER L 173 49.16 -3.01 -76.18
N ALA L 174 49.70 -3.88 -77.04
CA ALA L 174 49.11 -5.20 -77.19
C ALA L 174 49.42 -6.10 -76.00
N VAL L 175 50.55 -5.87 -75.35
CA VAL L 175 50.90 -6.62 -74.14
C VAL L 175 49.97 -6.23 -73.00
N MET L 176 49.77 -4.94 -72.80
CA MET L 176 48.90 -4.44 -71.74
C MET L 176 47.43 -4.72 -72.04
N ALA L 177 47.07 -4.98 -73.30
CA ALA L 177 45.70 -5.36 -73.62
C ALA L 177 45.33 -6.70 -73.04
N GLY L 178 46.30 -7.63 -72.93
CA GLY L 178 46.01 -8.91 -72.34
C GLY L 178 45.93 -8.88 -70.83
N VAL L 179 46.66 -7.94 -70.21
CA VAL L 179 46.61 -7.82 -68.75
C VAL L 179 45.28 -7.25 -68.30
N TYR L 180 44.65 -6.43 -69.14
CA TYR L 180 43.32 -5.91 -68.84
C TYR L 180 42.29 -7.03 -68.77
N ALA L 181 42.25 -7.89 -69.79
CA ALA L 181 41.32 -9.01 -69.79
C ALA L 181 41.68 -10.07 -68.75
N SER L 182 42.93 -10.11 -68.30
CA SER L 182 43.31 -11.04 -67.24
C SER L 182 42.93 -10.51 -65.86
N VAL L 183 43.04 -9.20 -65.66
CA VAL L 183 42.66 -8.61 -64.38
C VAL L 183 41.15 -8.53 -64.24
N ASP L 184 40.46 -8.11 -65.31
CA ASP L 184 39.01 -7.98 -65.27
C ASP L 184 38.31 -9.33 -65.11
N LEU L 185 38.96 -10.41 -65.54
CA LEU L 185 38.40 -11.73 -65.30
C LEU L 185 38.70 -12.22 -63.89
N SER L 186 39.91 -11.99 -63.40
CA SER L 186 40.33 -12.60 -62.14
C SER L 186 39.79 -11.84 -60.94
N ARG L 187 39.97 -10.52 -60.90
CA ARG L 187 39.58 -9.72 -59.75
C ARG L 187 38.55 -8.66 -60.06
N GLY L 188 37.91 -8.73 -61.22
CA GLY L 188 36.87 -7.78 -61.56
C GLY L 188 37.42 -6.56 -62.29
N VAL L 189 36.49 -5.72 -62.75
CA VAL L 189 36.86 -4.58 -63.57
C VAL L 189 37.36 -3.42 -62.70
N TRP L 190 36.84 -3.27 -61.48
CA TRP L 190 37.16 -2.10 -60.67
C TRP L 190 38.56 -2.13 -60.09
N LYS L 191 39.22 -3.29 -60.05
CA LYS L 191 40.59 -3.33 -59.58
C LYS L 191 41.51 -2.79 -60.66
N ALA L 192 42.50 -2.00 -60.24
CA ALA L 192 43.35 -1.30 -61.18
C ALA L 192 44.27 -2.28 -61.90
N PRO L 193 44.42 -2.15 -63.22
CA PRO L 193 45.23 -3.12 -63.99
C PRO L 193 46.72 -2.99 -63.78
N ALA L 194 47.21 -2.14 -62.89
CA ALA L 194 48.63 -2.09 -62.59
C ALA L 194 48.95 -3.11 -61.50
N ASN L 195 50.25 -3.21 -61.20
CA ASN L 195 50.82 -4.10 -60.17
C ASN L 195 50.47 -5.56 -60.44
N VAL L 196 50.71 -5.99 -61.67
CA VAL L 196 50.51 -7.37 -62.08
C VAL L 196 51.69 -7.76 -62.96
N ALA L 197 52.37 -8.85 -62.60
CA ALA L 197 53.52 -9.30 -63.36
C ALA L 197 53.10 -9.82 -64.73
N LEU L 198 53.94 -9.58 -65.73
CA LEU L 198 53.65 -10.01 -67.09
C LEU L 198 54.02 -11.48 -67.24
N LYS L 199 53.02 -12.32 -67.56
CA LYS L 199 53.21 -13.76 -67.56
C LYS L 199 54.08 -14.23 -68.73
N GLY L 200 54.11 -13.47 -69.81
CA GLY L 200 55.05 -13.76 -70.88
C GLY L 200 56.46 -13.44 -70.45
N GLY L 201 57.42 -14.07 -71.12
CA GLY L 201 58.80 -13.95 -70.71
C GLY L 201 59.53 -12.73 -71.26
N LEU L 202 58.86 -11.58 -71.27
CA LEU L 202 59.36 -10.39 -71.96
C LEU L 202 59.71 -9.31 -70.95
N GLU L 203 60.88 -8.68 -71.14
CA GLU L 203 61.52 -7.65 -70.35
C GLU L 203 61.40 -6.29 -71.03
N PRO L 204 61.39 -5.19 -70.26
CA PRO L 204 61.39 -3.88 -70.89
C PRO L 204 62.72 -3.57 -71.54
N LYS L 205 62.65 -2.99 -72.73
CA LYS L 205 63.85 -2.64 -73.47
C LYS L 205 64.55 -1.44 -72.85
N PHE L 206 63.80 -0.54 -72.21
CA PHE L 206 64.35 0.64 -71.57
C PHE L 206 64.10 0.56 -70.07
N LEU L 207 65.18 0.70 -69.29
CA LEU L 207 65.05 0.67 -67.84
C LEU L 207 64.46 1.98 -67.34
N VAL L 208 63.72 1.90 -66.23
CA VAL L 208 62.94 3.02 -65.73
C VAL L 208 63.56 3.50 -64.42
N THR L 209 64.03 4.73 -64.42
CA THR L 209 64.43 5.40 -63.20
C THR L 209 63.18 5.86 -62.46
N ASP L 210 63.25 5.86 -61.13
CA ASP L 210 62.11 6.26 -60.34
C ASP L 210 61.88 7.77 -60.39
N GLU L 211 62.96 8.54 -60.52
CA GLU L 211 62.80 9.98 -60.70
C GLU L 211 62.30 10.31 -62.10
N LEU L 212 62.53 9.42 -63.06
CA LEU L 212 62.01 9.60 -64.41
C LEU L 212 60.51 9.44 -64.44
N GLN L 213 59.96 8.57 -63.58
CA GLN L 213 58.52 8.43 -63.48
C GLN L 213 57.87 9.57 -62.71
N GLY L 214 58.66 10.41 -62.03
CA GLY L 214 58.07 11.46 -61.23
C GLY L 214 57.46 12.57 -62.06
N GLU L 215 58.18 13.03 -63.08
CA GLU L 215 57.69 14.11 -63.91
C GLU L 215 56.95 13.63 -65.15
N TYR L 216 56.80 12.31 -65.33
CA TYR L 216 55.96 11.79 -66.39
C TYR L 216 54.59 11.36 -65.91
N ASN L 217 54.46 10.98 -64.64
CA ASN L 217 53.17 10.54 -64.11
C ASN L 217 52.41 11.71 -63.49
N THR L 218 52.27 12.78 -64.28
CA THR L 218 51.45 13.92 -63.92
C THR L 218 51.01 14.59 -65.23
N GLY L 219 49.98 15.43 -65.11
CA GLY L 219 49.38 15.97 -66.32
C GLY L 219 48.69 14.87 -67.09
N ARG L 220 48.76 14.94 -68.42
CA ARG L 220 48.38 13.80 -69.22
C ARG L 220 49.46 12.74 -69.07
N ALA L 221 49.24 11.83 -68.14
CA ALA L 221 50.28 10.94 -67.65
C ALA L 221 50.59 9.84 -68.65
N ILE L 222 51.84 9.38 -68.62
CA ILE L 222 52.27 8.20 -69.33
C ILE L 222 52.61 7.15 -68.28
N ASN L 223 51.81 6.08 -68.24
CA ASN L 223 52.11 4.96 -67.36
C ASN L 223 53.39 4.27 -67.82
N MET L 224 54.13 3.70 -66.87
CA MET L 224 55.46 3.18 -67.16
C MET L 224 55.56 1.76 -66.65
N ILE L 225 55.98 0.85 -67.52
CA ILE L 225 56.24 -0.53 -67.14
C ILE L 225 57.62 -0.61 -66.51
N ARG L 226 57.68 -1.00 -65.25
CA ARG L 226 58.93 -0.99 -64.50
C ARG L 226 59.20 -2.37 -63.96
N ASN L 227 60.45 -2.84 -64.09
CA ASN L 227 60.84 -4.14 -63.58
C ASN L 227 61.65 -3.98 -62.30
N PHE L 228 61.21 -4.64 -61.24
CA PHE L 228 61.99 -4.71 -60.01
C PHE L 228 61.97 -6.15 -59.51
N SER L 229 62.79 -6.40 -58.48
CA SER L 229 63.26 -7.74 -58.18
C SER L 229 62.22 -8.64 -57.54
N ASN L 230 61.20 -8.08 -56.89
CA ASN L 230 60.27 -8.92 -56.12
C ASN L 230 59.33 -9.68 -57.05
N THR L 231 58.74 -9.00 -58.01
CA THR L 231 57.71 -9.60 -58.85
C THR L 231 58.07 -9.65 -60.32
N GLY L 232 59.25 -9.20 -60.69
CA GLY L 232 59.62 -9.18 -62.10
C GLY L 232 59.10 -7.92 -62.78
N THR L 233 58.95 -8.02 -64.09
CA THR L 233 58.51 -6.90 -64.90
C THR L 233 57.01 -6.69 -64.68
N THR L 234 56.65 -5.60 -64.02
CA THR L 234 55.27 -5.31 -63.69
C THR L 234 54.84 -4.00 -64.32
N VAL L 235 53.55 -3.89 -64.59
CA VAL L 235 52.99 -2.61 -64.99
C VAL L 235 52.80 -1.76 -63.74
N TRP L 236 53.04 -0.46 -63.86
CA TRP L 236 53.14 0.39 -62.68
C TRP L 236 52.35 1.69 -62.86
N GLY L 237 51.33 1.69 -63.67
CA GLY L 237 50.52 2.89 -63.83
C GLY L 237 49.07 2.60 -64.11
N ALA L 238 48.18 3.24 -63.37
CA ALA L 238 46.75 3.11 -63.59
C ALA L 238 46.12 4.41 -64.04
N ARG L 239 46.92 5.45 -64.28
CA ARG L 239 46.38 6.72 -64.71
C ARG L 239 46.08 6.72 -66.20
N THR L 240 45.04 7.46 -66.57
CA THR L 240 44.68 7.66 -67.96
C THR L 240 45.36 8.92 -68.47
N LEU L 241 44.96 9.40 -69.64
CA LEU L 241 45.55 10.58 -70.24
C LEU L 241 44.89 11.87 -69.79
N GLU L 242 44.11 11.86 -68.71
CA GLU L 242 43.40 13.03 -68.25
C GLU L 242 43.75 13.33 -66.80
N ASP L 243 44.07 14.58 -66.52
CA ASP L 243 44.39 15.02 -65.16
C ASP L 243 43.26 15.94 -64.69
N LYS L 244 42.22 15.34 -64.13
CA LYS L 244 41.28 16.07 -63.29
C LYS L 244 40.78 15.10 -62.22
N ASP L 245 39.94 15.61 -61.32
CA ASP L 245 39.57 14.84 -60.15
C ASP L 245 38.61 13.70 -60.49
N ASN L 246 37.79 13.86 -61.53
CA ASN L 246 36.73 12.90 -61.81
C ASN L 246 37.27 11.63 -62.45
N TRP L 247 37.98 11.77 -63.56
CA TRP L 247 38.27 10.65 -64.45
C TRP L 247 39.76 10.37 -64.51
N ARG L 248 40.40 10.28 -63.37
CA ARG L 248 41.86 10.20 -63.33
C ARG L 248 42.39 8.80 -63.60
N TYR L 249 41.59 7.76 -63.41
CA TYR L 249 42.11 6.40 -63.35
C TYR L 249 41.44 5.49 -64.37
N VAL L 250 42.21 4.60 -64.97
CA VAL L 250 41.65 3.57 -65.84
C VAL L 250 40.79 2.53 -65.11
N PRO L 251 40.88 2.27 -63.79
CA PRO L 251 39.75 1.52 -63.19
C PRO L 251 38.51 2.35 -62.99
N VAL L 252 38.64 3.63 -62.64
CA VAL L 252 37.45 4.47 -62.46
C VAL L 252 36.83 4.87 -63.79
N ARG L 253 37.57 4.72 -64.89
CA ARG L 253 36.98 4.98 -66.20
C ARG L 253 36.33 3.73 -66.75
N ARG L 254 36.99 2.58 -66.64
CA ARG L 254 36.45 1.37 -67.21
C ARG L 254 35.38 0.72 -66.35
N LEU L 255 35.17 1.18 -65.13
CA LEU L 255 33.98 0.76 -64.41
C LEU L 255 32.76 1.47 -64.94
N PHE L 256 32.89 2.75 -65.27
CA PHE L 256 31.80 3.49 -65.88
C PHE L 256 31.62 3.17 -67.36
N ASN L 257 32.39 2.25 -67.92
CA ASN L 257 32.06 1.72 -69.24
C ASN L 257 31.24 0.46 -69.11
N SER L 258 31.66 -0.45 -68.23
CA SER L 258 30.99 -1.73 -68.09
C SER L 258 29.70 -1.66 -67.30
N VAL L 259 29.45 -0.58 -66.57
CA VAL L 259 28.13 -0.39 -65.97
C VAL L 259 27.17 0.26 -66.96
N GLU L 260 27.68 1.17 -67.78
CA GLU L 260 26.90 1.88 -68.78
C GLU L 260 26.76 1.10 -70.07
N ARG L 261 27.20 -0.16 -70.08
CA ARG L 261 26.93 -1.07 -71.18
C ARG L 261 26.14 -2.28 -70.74
N ASP L 262 26.26 -2.69 -69.47
CA ASP L 262 25.43 -3.77 -68.97
C ASP L 262 24.01 -3.31 -68.73
N ILE L 263 23.82 -2.04 -68.38
CA ILE L 263 22.46 -1.53 -68.20
C ILE L 263 21.83 -1.21 -69.55
N LYS L 264 22.62 -0.75 -70.51
CA LYS L 264 22.07 -0.41 -71.83
C LYS L 264 21.58 -1.64 -72.59
N ARG L 265 22.16 -2.81 -72.32
CA ARG L 265 21.59 -4.03 -72.89
C ARG L 265 20.33 -4.46 -72.18
N ALA L 266 20.20 -4.14 -70.88
CA ALA L 266 18.99 -4.45 -70.16
C ALA L 266 17.87 -3.49 -70.51
N MET L 267 18.19 -2.27 -70.92
CA MET L 267 17.16 -1.31 -71.30
C MET L 267 16.53 -1.62 -72.65
N SER L 268 17.13 -2.50 -73.44
CA SER L 268 16.49 -2.91 -74.68
C SER L 268 15.28 -3.79 -74.44
N PHE L 269 15.22 -4.47 -73.29
CA PHE L 269 14.05 -5.30 -72.98
C PHE L 269 12.87 -4.46 -72.52
N ALA L 270 13.14 -3.35 -71.83
CA ALA L 270 12.11 -2.43 -71.36
C ALA L 270 12.04 -1.22 -72.26
N MET L 271 12.17 -1.42 -73.57
CA MET L 271 12.33 -0.29 -74.48
C MET L 271 11.02 0.44 -74.70
N PHE L 272 10.04 -0.23 -75.33
CA PHE L 272 8.78 0.42 -75.65
C PHE L 272 7.70 0.13 -74.62
N GLU L 273 8.08 -0.20 -73.39
CA GLU L 273 7.11 -0.41 -72.35
C GLU L 273 6.49 0.93 -71.94
N PRO L 274 5.19 0.97 -71.67
CA PRO L 274 4.56 2.24 -71.28
C PRO L 274 4.98 2.65 -69.88
N ASN L 275 5.46 3.88 -69.74
CA ASN L 275 6.06 4.29 -68.48
C ASN L 275 5.01 4.86 -67.54
N ASN L 276 4.70 4.11 -66.50
CA ASN L 276 3.89 4.61 -65.39
C ASN L 276 4.49 4.03 -64.12
N GLN L 277 3.73 4.12 -63.03
CA GLN L 277 4.21 3.60 -61.75
C GLN L 277 4.48 2.10 -61.71
N PRO L 278 3.75 1.20 -62.41
CA PRO L 278 4.21 -0.19 -62.44
C PRO L 278 5.49 -0.41 -63.23
N THR L 279 5.77 0.39 -64.26
CA THR L 279 6.92 0.10 -65.10
C THR L 279 8.22 0.54 -64.46
N TRP L 280 8.32 1.80 -64.04
CA TRP L 280 9.58 2.27 -63.49
C TRP L 280 9.76 1.90 -62.02
N GLU L 281 8.97 0.97 -61.49
CA GLU L 281 9.34 0.27 -60.28
C GLU L 281 10.12 -0.98 -60.59
N ARG L 282 9.86 -1.61 -61.74
CA ARG L 282 10.68 -2.73 -62.16
C ARG L 282 12.06 -2.27 -62.63
N VAL L 283 12.12 -1.13 -63.32
CA VAL L 283 13.40 -0.64 -63.82
C VAL L 283 14.25 -0.10 -62.68
N ARG L 284 13.62 0.48 -61.66
CA ARG L 284 14.38 0.94 -60.51
C ARG L 284 14.88 -0.24 -59.69
N ALA L 285 14.06 -1.28 -59.51
CA ALA L 285 14.47 -2.41 -58.69
C ALA L 285 15.45 -3.33 -59.40
N ALA L 286 15.46 -3.33 -60.73
CA ALA L 286 16.41 -4.20 -61.43
C ALA L 286 17.78 -3.56 -61.56
N ILE L 287 17.82 -2.23 -61.71
CA ILE L 287 19.10 -1.53 -61.77
C ILE L 287 19.74 -1.48 -60.39
N SER L 288 18.93 -1.27 -59.35
CA SER L 288 19.47 -1.15 -58.01
C SER L 288 19.98 -2.47 -57.46
N ASN L 289 19.53 -3.59 -58.02
CA ASN L 289 20.11 -4.87 -57.61
C ASN L 289 21.46 -5.11 -58.28
N TYR L 290 21.68 -4.54 -59.46
CA TYR L 290 22.99 -4.63 -60.08
C TYR L 290 24.00 -3.78 -59.33
N LEU L 291 23.60 -2.56 -58.97
CA LEU L 291 24.48 -1.67 -58.22
C LEU L 291 24.63 -2.10 -56.77
N TYR L 292 23.77 -3.00 -56.29
CA TYR L 292 23.98 -3.59 -54.97
C TYR L 292 24.96 -4.75 -55.04
N SER L 293 24.96 -5.48 -56.15
CA SER L 293 25.86 -6.61 -56.29
C SER L 293 27.30 -6.15 -56.49
N LEU L 294 27.50 -4.98 -57.08
CA LEU L 294 28.85 -4.43 -57.15
C LEU L 294 29.31 -3.95 -55.79
N TRP L 295 28.38 -3.48 -54.96
CA TRP L 295 28.77 -2.97 -53.65
C TRP L 295 29.14 -4.09 -52.70
N GLN L 296 28.50 -5.25 -52.81
CA GLN L 296 28.88 -6.39 -51.98
C GLN L 296 30.20 -6.99 -52.42
N GLN L 297 30.57 -6.82 -53.70
CA GLN L 297 31.87 -7.25 -54.17
C GLN L 297 32.96 -6.24 -53.84
N GLY L 298 32.63 -5.08 -53.31
CA GLY L 298 33.60 -4.08 -52.97
C GLY L 298 33.99 -3.16 -54.10
N GLY L 299 33.23 -3.14 -55.20
CA GLY L 299 33.53 -2.26 -56.30
C GLY L 299 33.16 -0.81 -56.07
N LEU L 300 32.25 -0.55 -55.14
CA LEU L 300 31.82 0.80 -54.83
C LEU L 300 32.17 1.14 -53.39
N ALA L 301 32.66 2.37 -53.18
CA ALA L 301 33.03 2.82 -51.85
C ALA L 301 31.78 3.17 -51.06
N GLY L 302 31.98 3.45 -49.78
CA GLY L 302 30.89 3.84 -48.92
C GLY L 302 30.63 2.83 -47.82
N SER L 303 29.98 3.30 -46.76
CA SER L 303 29.72 2.46 -45.60
C SER L 303 28.48 1.60 -45.75
N LYS L 304 27.35 2.21 -46.10
CA LYS L 304 26.13 1.47 -46.35
C LYS L 304 25.56 1.88 -47.71
N GLU L 305 24.54 1.13 -48.15
CA GLU L 305 24.10 1.20 -49.55
C GLU L 305 23.39 2.49 -49.89
N GLU L 306 22.96 3.27 -48.90
CA GLU L 306 22.39 4.59 -49.20
C GLU L 306 23.44 5.58 -49.67
N ASP L 307 24.71 5.31 -49.39
CA ASP L 307 25.80 6.19 -49.78
C ASP L 307 26.56 5.70 -51.00
N ALA L 308 26.56 4.40 -51.26
CA ALA L 308 27.34 3.87 -52.38
C ALA L 308 26.72 4.21 -53.73
N TYR L 309 25.39 4.29 -53.80
CA TYR L 309 24.70 4.51 -55.06
C TYR L 309 23.32 5.07 -54.78
N PHE L 310 22.68 5.55 -55.83
CA PHE L 310 21.28 5.94 -55.77
C PHE L 310 20.71 5.90 -57.18
N VAL L 311 19.46 5.47 -57.30
CA VAL L 311 18.75 5.43 -58.57
C VAL L 311 17.39 6.07 -58.38
N GLN L 312 16.99 6.93 -59.32
CA GLN L 312 15.79 7.73 -59.16
C GLN L 312 15.02 7.75 -60.47
N ILE L 313 13.86 7.07 -60.51
CA ILE L 313 12.90 7.25 -61.57
C ILE L 313 11.58 7.63 -60.93
N GLY L 314 10.80 8.44 -61.64
CA GLY L 314 9.47 8.79 -61.18
C GLY L 314 9.03 10.13 -61.70
N LYS L 315 7.71 10.26 -61.90
CA LYS L 315 7.10 11.53 -62.23
C LYS L 315 7.28 12.49 -61.07
N GLY L 316 7.75 13.70 -61.37
CA GLY L 316 8.26 14.51 -60.29
C GLY L 316 9.78 14.49 -60.23
N ILE L 317 10.31 13.58 -59.40
CA ILE L 317 11.70 13.48 -58.95
C ILE L 317 12.76 13.71 -60.02
N THR L 318 12.66 13.02 -61.14
CA THR L 318 13.67 13.19 -62.18
C THR L 318 13.14 13.78 -63.47
N MET L 319 11.90 13.47 -63.85
CA MET L 319 11.33 13.99 -65.08
C MET L 319 10.02 14.69 -64.76
N THR L 320 9.67 15.67 -65.56
CA THR L 320 8.44 16.41 -65.36
C THR L 320 7.32 15.75 -66.16
N GLN L 321 6.14 16.37 -66.16
CA GLN L 321 5.01 15.78 -66.87
C GLN L 321 5.14 15.97 -68.36
N GLU L 322 5.67 17.10 -68.81
CA GLU L 322 5.77 17.39 -70.23
C GLU L 322 6.79 16.52 -70.93
N GLN L 323 7.77 15.99 -70.19
CA GLN L 323 8.71 15.05 -70.80
C GLN L 323 8.11 13.66 -70.94
N ILE L 324 7.16 13.31 -70.08
CA ILE L 324 6.42 12.05 -70.25
C ILE L 324 5.56 12.11 -71.50
N ASP L 325 4.98 13.28 -71.79
CA ASP L 325 4.16 13.45 -72.99
C ASP L 325 4.97 13.40 -74.26
N ALA L 326 6.27 13.67 -74.20
CA ALA L 326 7.15 13.44 -75.34
C ALA L 326 7.71 12.03 -75.36
N GLY L 327 7.40 11.22 -74.34
CA GLY L 327 7.78 9.83 -74.32
C GLY L 327 9.26 9.60 -74.07
N GLN L 328 9.82 10.20 -73.04
CA GLN L 328 11.22 9.96 -72.68
C GLN L 328 11.33 9.88 -71.16
N MET L 329 11.55 8.69 -70.63
CA MET L 329 11.77 8.57 -69.20
C MET L 329 13.26 8.61 -68.89
N ILE L 330 13.58 9.26 -67.76
CA ILE L 330 14.93 9.66 -67.41
C ILE L 330 15.35 8.92 -66.16
N VAL L 331 16.50 8.27 -66.20
CA VAL L 331 17.03 7.52 -65.08
C VAL L 331 18.33 8.19 -64.63
N LYS L 332 18.36 8.62 -63.37
CA LYS L 332 19.57 9.13 -62.75
C LYS L 332 20.22 8.03 -61.94
N VAL L 333 21.49 7.77 -62.19
CA VAL L 333 22.23 6.71 -61.54
C VAL L 333 23.51 7.29 -60.97
N GLY L 334 23.73 7.10 -59.68
CA GLY L 334 24.95 7.56 -59.01
C GLY L 334 25.86 6.39 -58.69
N LEU L 335 27.16 6.60 -58.87
CA LEU L 335 28.15 5.59 -58.54
C LEU L 335 29.32 6.24 -57.84
N ALA L 336 29.83 5.57 -56.81
CA ALA L 336 31.05 5.99 -56.11
C ALA L 336 32.09 4.91 -56.34
N ALA L 337 32.78 4.99 -57.46
CA ALA L 337 33.73 3.95 -57.80
C ALA L 337 35.01 4.12 -56.99
N VAL L 338 35.61 3.01 -56.60
CA VAL L 338 36.82 3.04 -55.80
C VAL L 338 38.00 3.39 -56.69
N ARG L 339 38.94 4.11 -56.13
CA ARG L 339 40.12 4.50 -56.85
C ARG L 339 41.34 3.84 -56.23
N PRO L 340 42.35 3.49 -57.00
CA PRO L 340 43.46 2.71 -56.43
C PRO L 340 44.35 3.55 -55.54
N ALA L 341 45.10 2.86 -54.69
CA ALA L 341 46.04 3.50 -53.78
C ALA L 341 47.30 3.81 -54.55
N GLU L 342 47.34 4.98 -55.18
CA GLU L 342 48.50 5.32 -56.00
C GLU L 342 49.70 5.68 -55.15
N PHE L 343 49.50 6.36 -54.03
CA PHE L 343 50.59 6.82 -53.17
C PHE L 343 50.25 6.47 -51.72
N ILE L 344 50.62 5.29 -51.28
CA ILE L 344 50.38 4.90 -49.89
C ILE L 344 51.45 5.55 -49.03
N ILE L 345 51.03 6.41 -48.11
CA ILE L 345 51.97 7.12 -47.26
C ILE L 345 51.81 6.63 -45.83
N LEU L 346 52.90 6.71 -45.07
CA LEU L 346 52.97 6.12 -43.74
C LEU L 346 53.54 7.16 -42.79
N GLN L 347 52.79 7.51 -41.76
CA GLN L 347 53.17 8.55 -40.82
C GLN L 347 53.48 7.91 -39.48
N PHE L 348 54.70 8.11 -39.00
CA PHE L 348 55.17 7.44 -37.80
C PHE L 348 55.38 8.45 -36.69
N THR L 349 54.64 8.25 -35.60
CA THR L 349 54.69 9.13 -34.45
C THR L 349 55.25 8.35 -33.26
N GLN L 350 55.90 9.05 -32.36
CA GLN L 350 56.35 8.46 -31.12
C GLN L 350 55.43 8.81 -29.95
N ASP L 351 54.25 9.36 -30.24
CA ASP L 351 53.28 9.73 -29.21
C ASP L 351 52.13 8.73 -29.28
N VAL L 352 52.18 7.72 -28.41
CA VAL L 352 51.22 6.63 -28.42
C VAL L 352 50.09 6.80 -27.42
N GLU L 353 50.29 7.57 -26.37
CA GLU L 353 49.20 7.92 -25.46
C GLU L 353 48.45 9.14 -25.93
N GLN L 354 49.03 9.90 -26.86
CA GLN L 354 48.32 11.03 -27.46
C GLN L 354 47.21 10.55 -28.38
N ARG L 355 47.53 9.59 -29.25
CA ARG L 355 46.64 8.98 -30.25
C ARG L 355 45.98 10.00 -31.17
#